data_2MUT
#
_entry.id   2MUT
#
loop_
_entity.id
_entity.type
_entity.pdbx_description
1 polymer 'DNA excision repair protein ERCC-1'
2 polymer 'DNA repair endonuclease XPF'
#
loop_
_entity_poly.entity_id
_entity_poly.type
_entity_poly.pdbx_seq_one_letter_code
_entity_poly.pdbx_strand_id
1 'polypeptide(L)'
;RIRRRYNMADLLMEKLEQDLVSRVTECLTTVKSVNKTDSQTLLTTFGSLEQLIAASREDLALCPGLGPQKARRLFDVLHE
PFLKVPGGLEHHHHHH
;
A
2 'polypeptide(L)'
;MDSETLPESEKYNPGPQDFLLKMPGVNAKNCRSLMHHVKNIAELAALSQDELTSILGNAANAKQLYDFIHTSFAEVVSKG
KGKK
;
B
#
# COMPACT_ATOMS: atom_id res chain seq x y z
N ARG A 1 -5.98 -9.21 36.94
CA ARG A 1 -5.12 -10.30 37.41
C ARG A 1 -3.77 -10.27 36.71
N ILE A 2 -3.75 -10.08 35.39
CA ILE A 2 -2.49 -10.00 34.69
C ILE A 2 -2.05 -8.55 34.57
N ARG A 3 -0.82 -8.31 34.92
CA ARG A 3 -0.26 -6.99 34.85
C ARG A 3 0.24 -6.70 33.46
N ARG A 4 -0.70 -6.36 32.63
CA ARG A 4 -0.52 -6.01 31.25
C ARG A 4 -1.83 -5.37 30.87
N ARG A 5 -1.84 -4.49 29.86
CA ARG A 5 -3.06 -3.74 29.48
C ARG A 5 -3.47 -2.84 30.62
N TYR A 6 -2.50 -2.20 31.18
CA TYR A 6 -2.67 -1.41 32.36
C TYR A 6 -2.31 0.04 32.07
N ASN A 7 -1.44 0.22 31.10
CA ASN A 7 -0.97 1.54 30.76
C ASN A 7 -1.64 2.01 29.50
N MET A 8 -1.52 3.28 29.21
CA MET A 8 -2.09 3.85 27.99
C MET A 8 -1.29 3.34 26.80
N ALA A 9 -0.04 2.96 27.09
CA ALA A 9 0.88 2.43 26.10
C ALA A 9 0.34 1.15 25.49
N ASP A 10 -0.34 0.34 26.32
CA ASP A 10 -0.94 -0.92 25.87
C ASP A 10 -1.98 -0.66 24.82
N LEU A 11 -2.81 0.34 25.08
CA LEU A 11 -3.86 0.73 24.17
C LEU A 11 -3.27 1.25 22.87
N LEU A 12 -2.27 2.12 22.98
CA LEU A 12 -1.58 2.67 21.81
C LEU A 12 -1.00 1.53 20.97
N MET A 13 -0.31 0.62 21.64
CA MET A 13 0.30 -0.54 21.04
C MET A 13 -0.73 -1.40 20.32
N GLU A 14 -1.73 -1.84 21.06
CA GLU A 14 -2.77 -2.74 20.56
C GLU A 14 -3.48 -2.18 19.34
N LYS A 15 -3.90 -0.94 19.41
CA LYS A 15 -4.63 -0.38 18.31
C LYS A 15 -3.74 -0.09 17.12
N LEU A 16 -2.48 0.28 17.38
CA LEU A 16 -1.54 0.57 16.31
C LEU A 16 -1.23 -0.70 15.54
N GLU A 17 -0.84 -1.75 16.26
CA GLU A 17 -0.50 -3.03 15.62
C GLU A 17 -1.69 -3.58 14.85
N GLN A 18 -2.87 -3.49 15.46
CA GLN A 18 -4.11 -3.96 14.89
C GLN A 18 -4.43 -3.21 13.61
N ASP A 19 -4.27 -1.91 13.64
CA ASP A 19 -4.58 -1.09 12.48
C ASP A 19 -3.56 -1.36 11.40
N LEU A 20 -2.29 -1.44 11.80
CA LEU A 20 -1.18 -1.74 10.90
C LEU A 20 -1.42 -3.01 10.15
N VAL A 21 -1.64 -4.09 10.86
CA VAL A 21 -1.85 -5.37 10.24
C VAL A 21 -3.12 -5.36 9.39
N SER A 22 -4.13 -4.64 9.83
CA SER A 22 -5.36 -4.54 9.08
C SER A 22 -5.10 -3.89 7.71
N ARG A 23 -4.40 -2.75 7.71
CA ARG A 23 -4.13 -2.02 6.47
C ARG A 23 -3.28 -2.87 5.54
N VAL A 24 -2.24 -3.49 6.09
CA VAL A 24 -1.37 -4.36 5.32
C VAL A 24 -2.16 -5.54 4.75
N THR A 25 -2.98 -6.18 5.55
CA THR A 25 -3.76 -7.30 5.07
C THR A 25 -4.69 -6.81 3.93
N GLU A 26 -5.43 -5.75 4.19
CA GLU A 26 -6.35 -5.15 3.23
C GLU A 26 -5.66 -4.74 1.94
N CYS A 27 -4.51 -4.11 2.04
CA CYS A 27 -3.82 -3.63 0.88
C CYS A 27 -3.47 -4.75 -0.07
N LEU A 28 -3.04 -5.88 0.46
CA LEU A 28 -2.66 -6.99 -0.40
C LEU A 28 -3.94 -7.68 -0.91
N THR A 29 -4.98 -7.55 -0.12
CA THR A 29 -6.31 -8.12 -0.37
C THR A 29 -7.03 -7.42 -1.55
N THR A 30 -6.54 -6.27 -1.95
CA THR A 30 -7.17 -5.51 -3.04
C THR A 30 -7.07 -6.24 -4.40
N VAL A 31 -6.19 -7.21 -4.47
CA VAL A 31 -6.04 -8.02 -5.64
C VAL A 31 -7.14 -9.07 -5.62
N LYS A 32 -7.93 -9.13 -6.68
CA LYS A 32 -9.04 -10.07 -6.83
C LYS A 32 -8.56 -11.54 -6.78
N SER A 33 -7.32 -11.76 -7.13
CA SER A 33 -6.71 -13.07 -7.14
C SER A 33 -6.21 -13.46 -5.75
N VAL A 34 -6.13 -12.48 -4.88
CA VAL A 34 -5.66 -12.69 -3.54
C VAL A 34 -6.86 -12.80 -2.60
N ASN A 35 -6.85 -13.80 -1.77
CA ASN A 35 -7.88 -13.98 -0.78
C ASN A 35 -7.34 -13.43 0.54
N LYS A 36 -8.15 -13.43 1.56
CA LYS A 36 -7.77 -12.85 2.83
C LYS A 36 -6.61 -13.63 3.52
N THR A 37 -6.55 -14.94 3.31
CA THR A 37 -5.54 -15.75 3.94
C THR A 37 -4.27 -15.66 3.11
N ASP A 38 -4.43 -15.29 1.86
CA ASP A 38 -3.35 -15.06 0.96
C ASP A 38 -2.55 -13.87 1.45
N SER A 39 -3.26 -12.80 1.78
CA SER A 39 -2.65 -11.60 2.34
C SER A 39 -1.90 -11.95 3.64
N GLN A 40 -2.52 -12.80 4.45
CA GLN A 40 -1.94 -13.30 5.68
C GLN A 40 -0.59 -13.99 5.41
N THR A 41 -0.50 -14.67 4.28
CA THR A 41 0.69 -15.39 3.95
C THR A 41 1.82 -14.39 3.59
N LEU A 42 1.45 -13.30 2.91
CA LEU A 42 2.41 -12.25 2.61
C LEU A 42 2.86 -11.53 3.88
N LEU A 43 2.00 -11.53 4.86
CA LEU A 43 2.28 -10.95 6.15
C LEU A 43 3.27 -11.78 6.96
N THR A 44 3.14 -13.08 6.92
CA THR A 44 4.06 -13.91 7.66
C THR A 44 5.45 -13.94 6.98
N THR A 45 5.47 -13.75 5.66
CA THR A 45 6.72 -13.72 4.96
C THR A 45 7.40 -12.33 5.08
N PHE A 46 6.71 -11.23 4.74
CA PHE A 46 7.39 -9.93 4.77
C PHE A 46 6.84 -8.98 5.83
N GLY A 47 5.57 -9.17 6.19
CA GLY A 47 4.89 -8.37 7.25
C GLY A 47 4.96 -6.84 7.11
N SER A 48 5.39 -6.35 5.99
CA SER A 48 5.58 -4.93 5.80
C SER A 48 5.26 -4.59 4.35
N LEU A 49 4.81 -3.37 4.11
CA LEU A 49 4.48 -2.96 2.76
C LEU A 49 5.71 -2.78 1.90
N GLU A 50 6.72 -2.08 2.44
CA GLU A 50 7.95 -1.83 1.68
C GLU A 50 8.57 -3.14 1.20
N GLN A 51 8.53 -4.14 2.07
CA GLN A 51 9.07 -5.44 1.76
C GLN A 51 8.25 -6.17 0.68
N LEU A 52 6.99 -5.81 0.55
CA LEU A 52 6.11 -6.42 -0.43
C LEU A 52 6.43 -5.84 -1.80
N ILE A 53 6.43 -4.52 -1.86
CA ILE A 53 6.65 -3.80 -3.10
C ILE A 53 8.11 -3.94 -3.57
N ALA A 54 9.02 -4.09 -2.64
CA ALA A 54 10.43 -4.31 -2.98
C ALA A 54 10.67 -5.77 -3.36
N ALA A 55 9.67 -6.59 -3.19
CA ALA A 55 9.75 -7.98 -3.54
C ALA A 55 9.28 -8.15 -4.96
N SER A 56 9.96 -8.95 -5.72
CA SER A 56 9.58 -9.18 -7.06
C SER A 56 8.58 -10.34 -7.08
N ARG A 57 8.09 -10.66 -8.26
CA ARG A 57 7.16 -11.75 -8.48
C ARG A 57 7.74 -13.05 -7.97
N GLU A 58 9.02 -13.19 -8.15
CA GLU A 58 9.73 -14.39 -7.78
C GLU A 58 9.83 -14.49 -6.25
N ASP A 59 9.86 -13.35 -5.61
CA ASP A 59 9.93 -13.27 -4.14
C ASP A 59 8.57 -13.52 -3.56
N LEU A 60 7.57 -13.02 -4.23
CA LEU A 60 6.19 -13.22 -3.84
C LEU A 60 5.79 -14.70 -4.09
N ALA A 61 6.41 -15.32 -5.09
CA ALA A 61 6.18 -16.73 -5.39
C ALA A 61 6.99 -17.62 -4.45
N LEU A 62 8.04 -17.04 -3.88
CA LEU A 62 8.92 -17.69 -2.92
C LEU A 62 8.19 -17.94 -1.61
N CYS A 63 7.28 -17.04 -1.33
CA CYS A 63 6.42 -17.11 -0.16
C CYS A 63 5.78 -18.50 -0.06
N PRO A 64 5.73 -19.07 1.17
CA PRO A 64 5.35 -20.47 1.38
C PRO A 64 3.97 -20.84 0.84
N GLY A 65 3.98 -21.75 -0.17
CA GLY A 65 2.81 -22.28 -0.85
C GLY A 65 1.70 -21.27 -1.07
N LEU A 66 2.03 -20.06 -1.52
CA LEU A 66 1.02 -19.05 -1.60
C LEU A 66 0.47 -18.89 -3.00
N GLY A 67 1.32 -18.70 -3.96
CA GLY A 67 0.81 -18.54 -5.28
C GLY A 67 1.79 -17.87 -6.20
N PRO A 68 2.37 -18.55 -7.15
CA PRO A 68 3.22 -17.88 -8.13
C PRO A 68 2.37 -16.96 -9.04
N GLN A 69 1.12 -17.36 -9.28
CA GLN A 69 0.24 -16.56 -10.11
C GLN A 69 -0.20 -15.35 -9.32
N LYS A 70 -0.40 -15.56 -8.01
CA LYS A 70 -0.76 -14.46 -7.10
C LYS A 70 0.31 -13.39 -7.12
N ALA A 71 1.57 -13.82 -7.18
CA ALA A 71 2.71 -12.94 -7.28
C ALA A 71 2.61 -12.08 -8.55
N ARG A 72 2.21 -12.72 -9.64
CA ARG A 72 2.05 -12.03 -10.93
C ARG A 72 0.98 -10.95 -10.83
N ARG A 73 -0.07 -11.27 -10.09
CA ARG A 73 -1.20 -10.38 -9.92
C ARG A 73 -0.82 -9.21 -8.98
N LEU A 74 -0.15 -9.55 -7.89
CA LEU A 74 0.37 -8.57 -6.93
C LEU A 74 1.30 -7.57 -7.59
N PHE A 75 2.31 -8.08 -8.30
CA PHE A 75 3.30 -7.23 -8.98
C PHE A 75 2.61 -6.30 -9.96
N ASP A 76 1.58 -6.81 -10.62
CA ASP A 76 0.82 -6.05 -11.59
C ASP A 76 0.18 -4.86 -10.91
N VAL A 77 -0.56 -5.10 -9.83
CA VAL A 77 -1.26 -4.00 -9.14
C VAL A 77 -0.26 -3.03 -8.49
N LEU A 78 0.91 -3.54 -8.16
CA LEU A 78 1.93 -2.72 -7.54
C LEU A 78 2.54 -1.74 -8.53
N HIS A 79 2.56 -2.10 -9.81
CA HIS A 79 3.25 -1.28 -10.79
C HIS A 79 2.33 -0.72 -11.88
N GLU A 80 1.06 -0.95 -11.75
CA GLU A 80 0.07 -0.43 -12.67
C GLU A 80 -0.50 0.88 -12.15
N PRO A 81 -0.83 1.82 -13.05
CA PRO A 81 -1.37 3.11 -12.66
C PRO A 81 -2.80 2.99 -12.14
N PHE A 82 -3.22 3.96 -11.34
CA PHE A 82 -4.54 3.93 -10.75
C PHE A 82 -5.56 4.22 -11.83
N LEU A 83 -5.15 5.09 -12.77
CA LEU A 83 -5.98 5.47 -13.91
C LEU A 83 -6.01 4.34 -14.92
N LYS A 84 -5.22 3.27 -14.66
CA LYS A 84 -5.10 2.05 -15.51
C LYS A 84 -4.33 2.33 -16.79
N VAL A 85 -4.58 3.47 -17.33
CA VAL A 85 -4.03 3.92 -18.55
C VAL A 85 -2.83 4.84 -18.26
N PRO A 86 -1.72 4.66 -18.97
CA PRO A 86 -0.59 5.55 -18.88
C PRO A 86 -0.70 6.67 -19.94
N GLY A 87 0.13 7.69 -19.80
CA GLY A 87 0.14 8.77 -20.76
C GLY A 87 0.83 8.35 -22.03
N GLY A 88 1.74 7.42 -21.89
CA GLY A 88 2.44 6.89 -23.02
C GLY A 88 3.61 6.04 -22.61
N LEU A 89 3.54 4.76 -22.88
CA LEU A 89 4.62 3.85 -22.56
C LEU A 89 5.52 3.73 -23.78
N GLU A 90 5.04 3.02 -24.76
CA GLU A 90 5.75 2.84 -26.01
C GLU A 90 5.09 3.69 -27.09
N HIS A 91 3.82 3.92 -26.91
CA HIS A 91 3.04 4.74 -27.78
C HIS A 91 2.45 5.82 -26.95
N HIS A 92 2.62 7.03 -27.35
CA HIS A 92 2.13 8.15 -26.59
C HIS A 92 0.67 8.37 -26.85
N HIS A 93 -0.07 8.47 -25.78
CA HIS A 93 -1.50 8.61 -25.84
C HIS A 93 -1.86 10.09 -25.83
N HIS A 94 -3.02 10.43 -25.36
CA HIS A 94 -3.48 11.80 -25.41
C HIS A 94 -2.82 12.64 -24.31
N HIS A 95 -2.24 11.97 -23.31
CA HIS A 95 -1.51 12.58 -22.16
C HIS A 95 -2.47 13.21 -21.14
N HIS A 96 -3.43 13.96 -21.63
CA HIS A 96 -4.48 14.51 -20.79
C HIS A 96 -5.55 13.45 -20.65
N MET B 1 -6.62 13.73 -19.93
CA MET B 1 -7.67 12.72 -19.77
C MET B 1 -8.61 12.61 -20.97
N ASP B 2 -7.98 12.27 -22.08
CA ASP B 2 -8.55 12.00 -23.40
C ASP B 2 -9.30 13.13 -24.04
N SER B 3 -9.32 13.11 -25.34
CA SER B 3 -9.99 14.11 -26.14
C SER B 3 -11.47 13.73 -26.33
N GLU B 4 -11.86 12.68 -25.65
CA GLU B 4 -13.23 12.21 -25.65
C GLU B 4 -14.04 13.03 -24.66
N THR B 5 -15.32 12.87 -24.70
CA THR B 5 -16.17 13.60 -23.79
C THR B 5 -16.51 12.71 -22.58
N LEU B 6 -15.87 11.59 -22.51
CA LEU B 6 -16.14 10.63 -21.49
C LEU B 6 -15.26 10.86 -20.27
N PRO B 7 -15.83 10.66 -19.07
CA PRO B 7 -15.09 10.74 -17.83
C PRO B 7 -14.10 9.59 -17.70
N GLU B 8 -13.13 9.72 -16.81
CA GLU B 8 -12.11 8.67 -16.63
C GLU B 8 -12.67 7.44 -15.94
N SER B 9 -13.92 7.49 -15.54
CA SER B 9 -14.57 6.46 -14.73
C SER B 9 -14.38 5.02 -15.25
N GLU B 10 -14.36 4.87 -16.56
CA GLU B 10 -14.16 3.55 -17.16
C GLU B 10 -12.71 3.10 -17.06
N LYS B 11 -11.82 4.05 -16.92
CA LYS B 11 -10.42 3.77 -16.94
C LYS B 11 -9.80 3.99 -15.59
N TYR B 12 -10.03 3.07 -14.74
CA TYR B 12 -9.42 2.99 -13.45
C TYR B 12 -9.13 1.58 -13.20
N ASN B 13 -8.01 1.32 -12.62
CA ASN B 13 -7.63 -0.02 -12.35
C ASN B 13 -7.97 -0.25 -10.89
N PRO B 14 -8.91 -1.16 -10.62
CA PRO B 14 -9.43 -1.40 -9.27
C PRO B 14 -8.35 -1.80 -8.27
N GLY B 15 -7.49 -2.74 -8.67
CA GLY B 15 -6.46 -3.26 -7.78
C GLY B 15 -5.54 -2.20 -7.21
N PRO B 16 -4.73 -1.52 -8.04
CA PRO B 16 -3.76 -0.55 -7.57
C PRO B 16 -4.38 0.67 -6.90
N GLN B 17 -5.58 1.08 -7.35
CA GLN B 17 -6.18 2.22 -6.74
C GLN B 17 -6.61 1.84 -5.35
N ASP B 18 -7.16 0.63 -5.22
CA ASP B 18 -7.71 0.19 -3.96
C ASP B 18 -6.60 0.01 -2.99
N PHE B 19 -5.45 -0.46 -3.49
CA PHE B 19 -4.23 -0.66 -2.72
C PHE B 19 -3.88 0.68 -2.03
N LEU B 20 -3.97 1.77 -2.79
CA LEU B 20 -3.73 3.10 -2.28
C LEU B 20 -4.88 3.59 -1.38
N LEU B 21 -6.09 3.24 -1.73
CA LEU B 21 -7.26 3.63 -0.95
C LEU B 21 -7.34 2.94 0.41
N LYS B 22 -6.58 1.89 0.59
CA LYS B 22 -6.55 1.13 1.83
C LYS B 22 -5.43 1.61 2.74
N MET B 23 -4.67 2.57 2.26
CA MET B 23 -3.53 3.10 2.98
C MET B 23 -4.02 4.03 4.10
N PRO B 24 -3.37 4.00 5.28
CA PRO B 24 -3.77 4.83 6.42
C PRO B 24 -3.41 6.31 6.22
N GLY B 25 -4.31 7.16 6.63
CA GLY B 25 -4.13 8.60 6.50
C GLY B 25 -4.50 9.11 5.14
N VAL B 26 -4.78 8.21 4.22
CA VAL B 26 -5.05 8.58 2.88
C VAL B 26 -6.55 8.66 2.62
N ASN B 27 -7.05 9.86 2.65
CA ASN B 27 -8.43 10.14 2.28
C ASN B 27 -8.50 10.48 0.80
N ALA B 28 -9.71 10.53 0.24
CA ALA B 28 -9.93 10.73 -1.23
C ALA B 28 -9.20 11.94 -1.81
N LYS B 29 -9.02 12.97 -0.99
CA LYS B 29 -8.32 14.21 -1.37
C LYS B 29 -6.91 13.85 -1.78
N ASN B 30 -6.29 13.12 -0.88
CA ASN B 30 -4.93 12.65 -1.00
C ASN B 30 -4.82 11.65 -2.14
N CYS B 31 -5.82 10.78 -2.24
CA CYS B 31 -5.87 9.78 -3.31
C CYS B 31 -5.87 10.45 -4.68
N ARG B 32 -6.66 11.52 -4.83
CA ARG B 32 -6.76 12.20 -6.11
C ARG B 32 -5.44 12.88 -6.45
N SER B 33 -4.84 13.53 -5.46
CA SER B 33 -3.56 14.18 -5.64
C SER B 33 -2.52 13.14 -6.08
N LEU B 34 -2.54 11.99 -5.43
CA LEU B 34 -1.65 10.92 -5.77
C LEU B 34 -1.86 10.39 -7.16
N MET B 35 -3.09 10.24 -7.59
CA MET B 35 -3.35 9.72 -8.94
C MET B 35 -3.08 10.79 -10.01
N HIS B 36 -2.94 12.03 -9.58
CA HIS B 36 -2.62 13.12 -10.46
C HIS B 36 -1.12 13.24 -10.68
N HIS B 37 -0.35 13.09 -9.62
CA HIS B 37 1.11 13.26 -9.69
C HIS B 37 1.84 11.94 -9.78
N VAL B 38 1.27 10.94 -9.21
CA VAL B 38 1.86 9.64 -9.10
C VAL B 38 1.13 8.61 -9.98
N LYS B 39 1.89 7.77 -10.62
CA LYS B 39 1.37 6.71 -11.44
C LYS B 39 0.79 5.59 -10.60
N ASN B 40 1.59 5.12 -9.64
CA ASN B 40 1.28 3.89 -8.91
C ASN B 40 1.89 3.93 -7.54
N ILE B 41 1.40 3.07 -6.65
CA ILE B 41 1.88 2.96 -5.26
C ILE B 41 3.41 2.76 -5.18
N ALA B 42 4.00 2.18 -6.22
CA ALA B 42 5.46 2.01 -6.29
C ALA B 42 6.18 3.36 -6.24
N GLU B 43 5.67 4.37 -6.97
CA GLU B 43 6.27 5.72 -6.97
C GLU B 43 6.13 6.27 -5.58
N LEU B 44 4.94 6.08 -5.04
CA LEU B 44 4.56 6.52 -3.72
C LEU B 44 5.53 6.01 -2.67
N ALA B 45 5.75 4.72 -2.66
CA ALA B 45 6.63 4.11 -1.68
C ALA B 45 8.11 4.48 -1.92
N ALA B 46 8.39 4.95 -3.12
CA ALA B 46 9.73 5.38 -3.48
C ALA B 46 9.92 6.84 -3.10
N LEU B 47 8.83 7.53 -2.81
CA LEU B 47 8.87 8.94 -2.47
C LEU B 47 9.35 9.19 -1.09
N SER B 48 9.94 10.32 -0.93
CA SER B 48 10.42 10.75 0.33
C SER B 48 9.27 11.44 1.05
N GLN B 49 9.42 11.64 2.36
CA GLN B 49 8.37 12.26 3.19
C GLN B 49 7.94 13.59 2.57
N ASP B 50 8.88 14.45 2.28
CA ASP B 50 8.59 15.79 1.72
C ASP B 50 7.83 15.70 0.41
N GLU B 51 8.23 14.77 -0.44
CA GLU B 51 7.59 14.56 -1.74
C GLU B 51 6.13 14.23 -1.57
N LEU B 52 5.86 13.19 -0.80
CA LEU B 52 4.52 12.73 -0.57
C LEU B 52 3.69 13.76 0.23
N THR B 53 4.38 14.53 1.07
CA THR B 53 3.74 15.57 1.85
C THR B 53 3.25 16.71 0.93
N SER B 54 4.04 17.05 -0.08
CA SER B 54 3.67 18.08 -1.03
C SER B 54 2.46 17.64 -1.87
N ILE B 55 2.44 16.38 -2.23
CA ILE B 55 1.35 15.84 -3.01
C ILE B 55 0.07 15.74 -2.15
N LEU B 56 0.19 15.17 -0.98
CA LEU B 56 -0.94 15.00 -0.05
C LEU B 56 -1.46 16.33 0.46
N GLY B 57 -0.57 17.27 0.69
CA GLY B 57 -0.96 18.58 1.14
C GLY B 57 -1.00 18.68 2.65
N ASN B 58 -1.00 17.53 3.32
CA ASN B 58 -1.06 17.47 4.75
C ASN B 58 0.13 16.72 5.31
N ALA B 59 0.82 17.35 6.24
CA ALA B 59 2.00 16.79 6.88
C ALA B 59 1.63 15.57 7.72
N ALA B 60 0.54 15.69 8.49
CA ALA B 60 0.08 14.62 9.35
C ALA B 60 -0.29 13.39 8.56
N ASN B 61 -1.12 13.58 7.54
CA ASN B 61 -1.55 12.49 6.63
C ASN B 61 -0.34 11.79 6.03
N ALA B 62 0.61 12.60 5.60
CA ALA B 62 1.81 12.13 4.98
C ALA B 62 2.62 11.26 5.92
N LYS B 63 2.69 11.64 7.18
CA LYS B 63 3.39 10.88 8.20
C LYS B 63 2.78 9.49 8.35
N GLN B 64 1.46 9.42 8.35
CA GLN B 64 0.73 8.15 8.56
C GLN B 64 1.04 7.20 7.44
N LEU B 65 0.99 7.73 6.24
CA LEU B 65 1.21 7.01 5.05
C LEU B 65 2.67 6.55 4.96
N TYR B 66 3.58 7.50 5.03
CA TYR B 66 5.02 7.26 4.93
C TYR B 66 5.51 6.23 5.94
N ASP B 67 5.14 6.43 7.19
CA ASP B 67 5.57 5.59 8.29
C ASP B 67 5.09 4.19 8.10
N PHE B 68 3.84 4.07 7.67
CA PHE B 68 3.20 2.78 7.41
C PHE B 68 3.97 1.97 6.40
N ILE B 69 4.33 2.62 5.31
CA ILE B 69 5.05 1.99 4.23
C ILE B 69 6.36 1.42 4.74
N HIS B 70 6.96 2.14 5.67
CA HIS B 70 8.27 1.80 6.17
C HIS B 70 8.24 1.05 7.49
N THR B 71 7.07 0.66 7.93
CA THR B 71 6.98 0.00 9.21
C THR B 71 6.32 -1.37 9.04
N SER B 72 6.17 -2.06 10.13
CA SER B 72 5.58 -3.35 10.16
C SER B 72 4.71 -3.46 11.38
N PHE B 73 3.76 -4.35 11.34
CA PHE B 73 2.94 -4.60 12.50
C PHE B 73 3.78 -5.38 13.53
N ALA B 74 4.83 -6.06 13.03
CA ALA B 74 5.73 -6.87 13.86
C ALA B 74 6.40 -6.03 14.92
N GLU B 75 6.73 -4.80 14.54
CA GLU B 75 7.35 -3.81 15.43
C GLU B 75 6.50 -3.62 16.63
N VAL B 76 5.25 -3.43 16.35
CA VAL B 76 4.37 -3.01 17.32
C VAL B 76 3.85 -4.18 18.15
N VAL B 77 3.71 -5.34 17.51
CA VAL B 77 3.26 -6.54 18.23
C VAL B 77 4.32 -7.02 19.22
N SER B 78 5.59 -6.82 18.89
CA SER B 78 6.66 -7.21 19.76
C SER B 78 7.91 -6.41 19.42
N LYS B 79 8.26 -5.50 20.28
CA LYS B 79 9.43 -4.68 20.09
C LYS B 79 10.62 -5.33 20.77
N GLY B 80 11.45 -5.98 20.00
CA GLY B 80 12.64 -6.58 20.54
C GLY B 80 13.87 -5.79 20.15
N LYS B 81 13.88 -5.31 18.93
CA LYS B 81 14.97 -4.53 18.41
C LYS B 81 14.39 -3.44 17.52
N GLY B 82 15.06 -2.32 17.47
CA GLY B 82 14.63 -1.22 16.65
C GLY B 82 14.87 0.07 17.37
N LYS B 83 15.22 1.11 16.66
CA LYS B 83 15.50 2.39 17.30
C LYS B 83 14.25 3.18 17.60
N LYS B 84 13.21 2.69 17.05
CA LYS B 84 11.87 3.19 17.26
C LYS B 84 10.97 2.01 17.15
N ARG A 1 12.16 1.41 40.09
CA ARG A 1 11.78 1.92 38.79
C ARG A 1 12.90 1.68 37.80
N ILE A 2 12.58 0.99 36.72
CA ILE A 2 13.54 0.74 35.68
C ILE A 2 12.95 1.20 34.35
N ARG A 3 12.04 0.42 33.82
CA ARG A 3 11.37 0.73 32.58
C ARG A 3 10.03 1.33 32.97
N ARG A 4 9.73 2.53 32.55
CA ARG A 4 8.49 3.13 33.00
C ARG A 4 7.30 2.78 32.09
N ARG A 5 6.88 1.55 32.16
CA ARG A 5 5.75 1.13 31.41
C ARG A 5 4.51 1.50 32.19
N TYR A 6 4.20 2.76 32.12
CA TYR A 6 3.06 3.31 32.77
C TYR A 6 2.71 4.60 32.07
N ASN A 7 2.06 4.45 30.93
CA ASN A 7 1.63 5.54 30.06
C ASN A 7 0.91 4.92 28.86
N MET A 8 0.59 5.72 27.87
CA MET A 8 -0.20 5.22 26.73
C MET A 8 0.62 4.42 25.70
N ALA A 9 1.93 4.34 25.88
CA ALA A 9 2.84 3.71 24.90
C ALA A 9 2.40 2.33 24.45
N ASP A 10 2.30 1.38 25.37
CA ASP A 10 2.00 0.00 24.98
C ASP A 10 0.54 -0.17 24.57
N LEU A 11 -0.28 0.74 25.01
CA LEU A 11 -1.68 0.73 24.64
C LEU A 11 -1.81 1.17 23.16
N LEU A 12 -1.11 2.24 22.83
CA LEU A 12 -1.10 2.77 21.47
C LEU A 12 -0.37 1.78 20.56
N MET A 13 0.63 1.12 21.12
CA MET A 13 1.40 0.08 20.44
C MET A 13 0.45 -1.04 19.99
N GLU A 14 -0.38 -1.49 20.92
CA GLU A 14 -1.37 -2.55 20.69
C GLU A 14 -2.31 -2.16 19.54
N LYS A 15 -2.80 -0.95 19.59
CA LYS A 15 -3.74 -0.52 18.60
C LYS A 15 -3.06 -0.27 17.27
N LEU A 16 -1.80 0.18 17.32
CA LEU A 16 -1.03 0.47 16.12
C LEU A 16 -0.81 -0.80 15.35
N GLU A 17 -0.26 -1.82 16.01
CA GLU A 17 0.04 -3.09 15.36
C GLU A 17 -1.19 -3.72 14.73
N GLN A 18 -2.33 -3.65 15.43
CA GLN A 18 -3.55 -4.24 14.94
C GLN A 18 -4.12 -3.49 13.75
N ASP A 19 -4.06 -2.17 13.79
CA ASP A 19 -4.56 -1.37 12.66
C ASP A 19 -3.64 -1.58 11.48
N LEU A 20 -2.33 -1.54 11.75
CA LEU A 20 -1.29 -1.75 10.75
C LEU A 20 -1.48 -3.02 9.97
N VAL A 21 -1.56 -4.13 10.67
CA VAL A 21 -1.70 -5.40 10.04
C VAL A 21 -2.98 -5.49 9.22
N SER A 22 -4.06 -4.93 9.74
CA SER A 22 -5.34 -4.96 9.06
C SER A 22 -5.24 -4.17 7.75
N ARG A 23 -4.59 -2.99 7.83
CA ARG A 23 -4.38 -2.14 6.65
C ARG A 23 -3.60 -2.90 5.61
N VAL A 24 -2.46 -3.47 6.03
CA VAL A 24 -1.60 -4.19 5.12
C VAL A 24 -2.36 -5.36 4.49
N THR A 25 -3.15 -6.07 5.31
CA THR A 25 -3.90 -7.22 4.82
C THR A 25 -4.84 -6.75 3.69
N GLU A 26 -5.66 -5.72 3.97
CA GLU A 26 -6.58 -5.18 3.00
C GLU A 26 -5.86 -4.70 1.74
N CYS A 27 -4.72 -4.03 1.92
CA CYS A 27 -3.93 -3.58 0.80
C CYS A 27 -3.52 -4.72 -0.11
N LEU A 28 -3.06 -5.83 0.45
CA LEU A 28 -2.62 -6.96 -0.40
C LEU A 28 -3.87 -7.59 -1.04
N THR A 29 -4.93 -7.57 -0.28
CA THR A 29 -6.24 -8.13 -0.65
C THR A 29 -6.89 -7.38 -1.84
N THR A 30 -6.45 -6.17 -2.11
CA THR A 30 -7.04 -5.40 -3.22
C THR A 30 -6.74 -6.01 -4.60
N VAL A 31 -5.79 -6.95 -4.64
CA VAL A 31 -5.39 -7.57 -5.88
C VAL A 31 -6.44 -8.55 -6.35
N LYS A 32 -6.71 -8.53 -7.65
CA LYS A 32 -7.66 -9.43 -8.33
C LYS A 32 -7.53 -10.92 -7.92
N SER A 33 -6.34 -11.34 -7.56
CA SER A 33 -6.10 -12.73 -7.26
C SER A 33 -5.81 -12.98 -5.78
N VAL A 34 -5.56 -11.95 -5.04
CA VAL A 34 -5.19 -12.12 -3.65
C VAL A 34 -6.43 -12.20 -2.79
N ASN A 35 -6.43 -13.16 -1.91
CA ASN A 35 -7.54 -13.43 -1.03
C ASN A 35 -7.16 -12.90 0.36
N LYS A 36 -8.08 -12.92 1.30
CA LYS A 36 -7.82 -12.33 2.60
C LYS A 36 -6.80 -13.20 3.41
N THR A 37 -6.98 -14.51 3.41
CA THR A 37 -6.05 -15.41 4.09
C THR A 37 -4.73 -15.49 3.28
N ASP A 38 -4.83 -15.16 2.02
CA ASP A 38 -3.70 -15.14 1.12
C ASP A 38 -2.77 -14.00 1.59
N SER A 39 -3.39 -12.87 1.90
CA SER A 39 -2.69 -11.70 2.39
C SER A 39 -2.01 -11.98 3.74
N GLN A 40 -2.68 -12.69 4.66
CA GLN A 40 -2.06 -12.98 5.97
C GLN A 40 -0.83 -13.87 5.83
N THR A 41 -0.83 -14.70 4.79
CA THR A 41 0.30 -15.54 4.48
C THR A 41 1.51 -14.63 4.12
N LEU A 42 1.25 -13.59 3.32
CA LEU A 42 2.28 -12.62 2.97
C LEU A 42 2.71 -11.80 4.18
N LEU A 43 1.83 -11.70 5.13
CA LEU A 43 2.09 -10.97 6.33
C LEU A 43 2.96 -11.73 7.31
N THR A 44 2.84 -13.03 7.33
CA THR A 44 3.68 -13.78 8.19
C THR A 44 5.08 -13.93 7.57
N THR A 45 5.18 -13.76 6.25
CA THR A 45 6.48 -13.82 5.62
C THR A 45 7.17 -12.42 5.58
N PHE A 46 6.49 -11.37 5.10
CA PHE A 46 7.16 -10.07 4.99
C PHE A 46 6.55 -9.02 5.95
N GLY A 47 5.27 -9.19 6.26
CA GLY A 47 4.54 -8.32 7.22
C GLY A 47 4.62 -6.79 6.99
N SER A 48 4.97 -6.37 5.81
CA SER A 48 5.13 -4.96 5.53
C SER A 48 4.74 -4.65 4.10
N LEU A 49 4.58 -3.36 3.81
CA LEU A 49 4.28 -2.92 2.46
C LEU A 49 5.56 -2.84 1.65
N GLU A 50 6.57 -2.13 2.19
CA GLU A 50 7.86 -1.98 1.52
C GLU A 50 8.43 -3.34 1.19
N GLN A 51 8.38 -4.23 2.16
CA GLN A 51 8.89 -5.59 2.00
C GLN A 51 8.16 -6.34 0.86
N LEU A 52 6.89 -5.98 0.65
CA LEU A 52 6.06 -6.60 -0.39
C LEU A 52 6.39 -6.02 -1.77
N ILE A 53 6.36 -4.69 -1.86
CA ILE A 53 6.53 -3.99 -3.13
C ILE A 53 7.99 -4.05 -3.59
N ALA A 54 8.92 -4.15 -2.66
CA ALA A 54 10.32 -4.30 -2.99
C ALA A 54 10.61 -5.73 -3.42
N ALA A 55 9.70 -6.61 -3.13
CA ALA A 55 9.82 -7.99 -3.48
C ALA A 55 9.37 -8.18 -4.91
N SER A 56 10.06 -9.00 -5.64
CA SER A 56 9.73 -9.22 -7.01
C SER A 56 8.76 -10.42 -7.11
N ARG A 57 8.30 -10.76 -8.31
CA ARG A 57 7.37 -11.89 -8.51
C ARG A 57 7.95 -13.19 -7.95
N GLU A 58 9.23 -13.38 -8.09
CA GLU A 58 9.91 -14.54 -7.54
C GLU A 58 9.96 -14.51 -6.01
N ASP A 59 10.06 -13.32 -5.43
CA ASP A 59 10.10 -13.17 -3.97
C ASP A 59 8.71 -13.38 -3.41
N LEU A 60 7.74 -12.89 -4.12
CA LEU A 60 6.35 -13.03 -3.73
C LEU A 60 5.89 -14.48 -3.91
N ALA A 61 6.46 -15.15 -4.91
CA ALA A 61 6.16 -16.57 -5.15
C ALA A 61 6.97 -17.46 -4.21
N LEU A 62 7.96 -16.86 -3.59
CA LEU A 62 8.81 -17.52 -2.62
C LEU A 62 8.03 -17.74 -1.33
N CYS A 63 7.11 -16.82 -1.05
CA CYS A 63 6.18 -16.87 0.10
C CYS A 63 5.65 -18.31 0.31
N PRO A 64 5.67 -18.82 1.56
CA PRO A 64 5.38 -20.23 1.84
C PRO A 64 4.02 -20.73 1.31
N GLY A 65 4.12 -21.68 0.35
CA GLY A 65 2.96 -22.33 -0.29
C GLY A 65 1.77 -21.42 -0.51
N LEU A 66 1.97 -20.31 -1.17
CA LEU A 66 0.90 -19.36 -1.26
C LEU A 66 0.33 -19.22 -2.68
N GLY A 67 1.17 -19.00 -3.65
CA GLY A 67 0.69 -18.87 -4.99
C GLY A 67 1.69 -18.17 -5.89
N PRO A 68 2.18 -18.79 -6.94
CA PRO A 68 3.09 -18.11 -7.85
C PRO A 68 2.35 -17.08 -8.73
N GLN A 69 1.11 -17.39 -9.08
CA GLN A 69 0.34 -16.51 -9.92
C GLN A 69 -0.07 -15.30 -9.12
N LYS A 70 -0.21 -15.46 -7.80
CA LYS A 70 -0.56 -14.35 -6.93
C LYS A 70 0.52 -13.30 -7.03
N ALA A 71 1.76 -13.75 -7.04
CA ALA A 71 2.93 -12.91 -7.18
C ALA A 71 2.87 -12.11 -8.48
N ARG A 72 2.43 -12.79 -9.53
CA ARG A 72 2.30 -12.17 -10.84
C ARG A 72 1.29 -11.02 -10.79
N ARG A 73 0.20 -11.26 -10.09
CA ARG A 73 -0.92 -10.32 -10.03
C ARG A 73 -0.64 -9.19 -9.02
N LEU A 74 0.13 -9.50 -7.99
CA LEU A 74 0.60 -8.51 -7.04
C LEU A 74 1.48 -7.50 -7.74
N PHE A 75 2.50 -8.00 -8.42
CA PHE A 75 3.47 -7.18 -9.15
C PHE A 75 2.71 -6.34 -10.21
N ASP A 76 1.66 -6.94 -10.73
CA ASP A 76 0.80 -6.32 -11.72
C ASP A 76 0.19 -5.06 -11.15
N VAL A 77 -0.48 -5.18 -9.99
CA VAL A 77 -1.16 -4.02 -9.40
C VAL A 77 -0.17 -3.02 -8.82
N LEU A 78 0.98 -3.52 -8.40
CA LEU A 78 2.01 -2.68 -7.83
C LEU A 78 2.59 -1.75 -8.89
N HIS A 79 2.51 -2.17 -10.16
CA HIS A 79 3.03 -1.37 -11.27
C HIS A 79 1.92 -0.80 -12.15
N GLU A 80 0.70 -1.22 -11.92
CA GLU A 80 -0.44 -0.73 -12.62
C GLU A 80 -0.80 0.65 -12.13
N PRO A 81 -0.98 1.60 -13.04
CA PRO A 81 -1.41 2.91 -12.68
C PRO A 81 -2.83 2.87 -12.16
N PHE A 82 -3.15 3.79 -11.27
CA PHE A 82 -4.50 3.83 -10.71
C PHE A 82 -5.48 4.21 -11.83
N LEU A 83 -4.98 4.99 -12.77
CA LEU A 83 -5.74 5.53 -13.88
C LEU A 83 -5.82 4.50 -15.03
N LYS A 84 -5.17 3.34 -14.84
CA LYS A 84 -5.09 2.24 -15.83
C LYS A 84 -4.12 2.59 -16.97
N VAL A 85 -4.31 3.76 -17.51
CA VAL A 85 -3.53 4.28 -18.60
C VAL A 85 -2.10 4.60 -18.12
N PRO A 86 -1.08 4.15 -18.88
CA PRO A 86 0.34 4.38 -18.54
C PRO A 86 0.72 5.85 -18.47
N GLY A 87 -0.03 6.65 -19.17
CA GLY A 87 0.27 8.06 -19.27
C GLY A 87 1.30 8.29 -20.34
N GLY A 88 2.43 7.66 -20.19
CA GLY A 88 3.49 7.72 -21.15
C GLY A 88 4.40 6.52 -21.02
N LEU A 89 4.26 5.57 -21.94
CA LEU A 89 5.11 4.36 -21.93
C LEU A 89 6.54 4.69 -22.33
N GLU A 90 6.71 5.11 -23.56
CA GLU A 90 8.02 5.49 -24.05
C GLU A 90 8.12 7.00 -24.04
N HIS A 91 7.04 7.63 -23.58
CA HIS A 91 6.91 9.09 -23.42
C HIS A 91 6.81 9.84 -24.75
N HIS A 92 6.82 9.12 -25.84
CA HIS A 92 6.65 9.74 -27.13
C HIS A 92 5.18 9.93 -27.42
N HIS A 93 4.58 10.82 -26.68
CA HIS A 93 3.18 11.11 -26.83
C HIS A 93 3.02 12.55 -27.27
N HIS A 94 2.45 12.73 -28.43
CA HIS A 94 2.20 14.06 -28.95
C HIS A 94 0.94 14.59 -28.30
N HIS A 95 0.05 13.69 -28.00
CA HIS A 95 -1.20 13.97 -27.37
C HIS A 95 -1.03 13.91 -25.86
N HIS A 96 -1.40 14.97 -25.18
CA HIS A 96 -1.36 14.97 -23.73
C HIS A 96 -2.65 14.30 -23.25
N MET B 1 -2.58 13.56 -22.13
CA MET B 1 -3.68 12.75 -21.57
C MET B 1 -5.05 13.40 -21.70
N ASP B 2 -5.86 12.81 -22.57
CA ASP B 2 -7.27 13.15 -22.78
C ASP B 2 -7.51 14.58 -23.25
N SER B 3 -7.86 14.71 -24.52
CA SER B 3 -8.21 15.99 -25.10
C SER B 3 -9.73 15.98 -25.30
N GLU B 4 -10.33 14.96 -24.74
CA GLU B 4 -11.74 14.72 -24.82
C GLU B 4 -12.36 15.11 -23.51
N THR B 5 -13.64 15.40 -23.53
CA THR B 5 -14.36 15.75 -22.32
C THR B 5 -14.80 14.46 -21.59
N LEU B 6 -14.52 13.32 -22.23
CA LEU B 6 -14.82 12.00 -21.68
C LEU B 6 -14.09 11.82 -20.36
N PRO B 7 -14.83 11.62 -19.26
CA PRO B 7 -14.23 11.48 -17.94
C PRO B 7 -13.43 10.19 -17.82
N GLU B 8 -12.32 10.28 -17.13
CA GLU B 8 -11.41 9.16 -16.94
C GLU B 8 -12.02 8.11 -16.02
N SER B 9 -13.19 8.39 -15.48
CA SER B 9 -13.88 7.51 -14.53
C SER B 9 -14.11 6.10 -15.09
N GLU B 10 -14.13 5.99 -16.41
CA GLU B 10 -14.28 4.71 -17.09
C GLU B 10 -13.01 3.85 -16.96
N LYS B 11 -11.89 4.51 -16.75
CA LYS B 11 -10.61 3.86 -16.77
C LYS B 11 -9.85 4.02 -15.46
N TYR B 12 -10.12 3.14 -14.56
CA TYR B 12 -9.43 3.07 -13.30
C TYR B 12 -9.21 1.64 -12.94
N ASN B 13 -7.98 1.32 -12.59
CA ASN B 13 -7.63 -0.04 -12.22
C ASN B 13 -8.03 -0.31 -10.81
N PRO B 14 -8.97 -1.24 -10.58
CA PRO B 14 -9.52 -1.52 -9.26
C PRO B 14 -8.49 -1.97 -8.25
N GLY B 15 -7.55 -2.78 -8.67
CA GLY B 15 -6.54 -3.30 -7.79
C GLY B 15 -5.65 -2.22 -7.19
N PRO B 16 -4.80 -1.58 -7.98
CA PRO B 16 -3.85 -0.60 -7.48
C PRO B 16 -4.49 0.64 -6.88
N GLN B 17 -5.66 1.05 -7.41
CA GLN B 17 -6.32 2.23 -6.84
C GLN B 17 -6.68 1.89 -5.46
N ASP B 18 -7.19 0.68 -5.27
CA ASP B 18 -7.69 0.31 -4.00
C ASP B 18 -6.56 0.06 -3.05
N PHE B 19 -5.43 -0.45 -3.58
CA PHE B 19 -4.21 -0.67 -2.80
C PHE B 19 -3.81 0.65 -2.12
N LEU B 20 -3.89 1.74 -2.89
CA LEU B 20 -3.62 3.08 -2.42
C LEU B 20 -4.79 3.61 -1.54
N LEU B 21 -5.97 3.24 -1.89
CA LEU B 21 -7.17 3.68 -1.19
C LEU B 21 -7.25 3.16 0.24
N LYS B 22 -6.60 2.04 0.45
CA LYS B 22 -6.59 1.36 1.73
C LYS B 22 -5.45 1.86 2.62
N MET B 23 -4.65 2.76 2.09
CA MET B 23 -3.49 3.29 2.82
C MET B 23 -3.97 4.21 3.96
N PRO B 24 -3.37 4.10 5.15
CA PRO B 24 -3.79 4.87 6.32
C PRO B 24 -3.42 6.35 6.23
N GLY B 25 -4.37 7.19 6.57
CA GLY B 25 -4.17 8.62 6.53
C GLY B 25 -4.52 9.20 5.18
N VAL B 26 -4.77 8.33 4.24
CA VAL B 26 -5.03 8.75 2.90
C VAL B 26 -6.53 8.81 2.65
N ASN B 27 -7.06 10.01 2.75
CA ASN B 27 -8.47 10.28 2.46
C ASN B 27 -8.66 10.37 0.95
N ALA B 28 -9.88 10.63 0.51
CA ALA B 28 -10.21 10.62 -0.93
C ALA B 28 -9.49 11.71 -1.69
N LYS B 29 -9.36 12.84 -1.03
CA LYS B 29 -8.72 14.03 -1.58
C LYS B 29 -7.25 13.71 -1.80
N ASN B 30 -6.67 13.08 -0.79
CA ASN B 30 -5.29 12.62 -0.83
C ASN B 30 -5.10 11.57 -1.89
N CYS B 31 -6.04 10.62 -1.98
CA CYS B 31 -5.99 9.56 -3.01
C CYS B 31 -5.99 10.21 -4.39
N ARG B 32 -6.80 11.26 -4.52
CA ARG B 32 -6.86 12.03 -5.74
C ARG B 32 -5.54 12.69 -6.06
N SER B 33 -4.95 13.37 -5.08
CA SER B 33 -3.69 14.05 -5.29
C SER B 33 -2.61 13.03 -5.69
N LEU B 34 -2.68 11.87 -5.07
CA LEU B 34 -1.73 10.82 -5.27
C LEU B 34 -1.85 10.26 -6.69
N MET B 35 -3.07 10.03 -7.15
CA MET B 35 -3.28 9.46 -8.51
C MET B 35 -3.16 10.54 -9.59
N HIS B 36 -3.09 11.78 -9.18
CA HIS B 36 -2.92 12.87 -10.10
C HIS B 36 -1.44 13.13 -10.36
N HIS B 37 -0.63 13.02 -9.33
CA HIS B 37 0.81 13.23 -9.47
C HIS B 37 1.53 11.91 -9.72
N VAL B 38 1.11 10.90 -9.00
CA VAL B 38 1.73 9.61 -9.00
C VAL B 38 0.93 8.61 -9.85
N LYS B 39 1.66 7.74 -10.52
CA LYS B 39 1.10 6.76 -11.39
C LYS B 39 0.67 5.55 -10.59
N ASN B 40 1.55 5.07 -9.71
CA ASN B 40 1.31 3.81 -9.02
C ASN B 40 1.97 3.80 -7.67
N ILE B 41 1.46 2.95 -6.78
CA ILE B 41 1.95 2.81 -5.39
C ILE B 41 3.47 2.57 -5.34
N ALA B 42 4.03 1.98 -6.39
CA ALA B 42 5.45 1.75 -6.49
C ALA B 42 6.24 3.08 -6.39
N GLU B 43 5.83 4.10 -7.17
CA GLU B 43 6.47 5.42 -7.12
C GLU B 43 6.34 5.98 -5.73
N LEU B 44 5.14 5.85 -5.20
CA LEU B 44 4.76 6.26 -3.87
C LEU B 44 5.70 5.68 -2.80
N ALA B 45 5.99 4.41 -2.91
CA ALA B 45 6.81 3.78 -1.92
C ALA B 45 8.31 4.00 -2.20
N ALA B 46 8.62 4.59 -3.34
CA ALA B 46 9.99 4.93 -3.70
C ALA B 46 10.30 6.38 -3.36
N LEU B 47 9.28 7.21 -3.31
CA LEU B 47 9.45 8.63 -3.05
C LEU B 47 9.63 8.92 -1.55
N SER B 48 10.20 10.06 -1.28
CA SER B 48 10.52 10.45 0.07
C SER B 48 9.32 11.16 0.74
N GLN B 49 9.41 11.36 2.04
CA GLN B 49 8.35 11.98 2.80
C GLN B 49 7.99 13.37 2.31
N ASP B 50 8.96 14.19 2.02
CA ASP B 50 8.69 15.55 1.53
C ASP B 50 7.89 15.52 0.24
N GLU B 51 8.14 14.51 -0.60
CA GLU B 51 7.42 14.35 -1.85
C GLU B 51 5.94 14.10 -1.55
N LEU B 52 5.65 13.07 -0.78
CA LEU B 52 4.26 12.73 -0.44
C LEU B 52 3.59 13.82 0.39
N THR B 53 4.36 14.53 1.18
CA THR B 53 3.85 15.60 1.99
C THR B 53 3.40 16.78 1.09
N SER B 54 4.15 17.04 0.03
CA SER B 54 3.80 18.11 -0.90
C SER B 54 2.57 17.72 -1.73
N ILE B 55 2.45 16.43 -2.02
CA ILE B 55 1.34 15.90 -2.78
C ILE B 55 0.04 15.93 -1.94
N LEU B 56 0.09 15.33 -0.76
CA LEU B 56 -1.07 15.24 0.13
C LEU B 56 -1.45 16.60 0.70
N GLY B 57 -0.46 17.39 1.04
CA GLY B 57 -0.71 18.72 1.56
C GLY B 57 -0.80 18.74 3.07
N ASN B 58 -1.24 17.66 3.63
CA ASN B 58 -1.41 17.53 5.07
C ASN B 58 -0.24 16.77 5.64
N ALA B 59 0.35 17.32 6.67
CA ALA B 59 1.53 16.75 7.29
C ALA B 59 1.25 15.45 8.02
N ALA B 60 0.17 15.45 8.79
CA ALA B 60 -0.22 14.28 9.58
C ALA B 60 -0.50 13.10 8.67
N ASN B 61 -1.31 13.35 7.66
CA ASN B 61 -1.68 12.36 6.65
C ASN B 61 -0.44 11.77 6.03
N ALA B 62 0.46 12.65 5.64
CA ALA B 62 1.70 12.29 5.02
C ALA B 62 2.53 11.45 5.94
N LYS B 63 2.54 11.79 7.20
CA LYS B 63 3.25 11.00 8.17
C LYS B 63 2.65 9.61 8.30
N GLN B 64 1.31 9.52 8.34
CA GLN B 64 0.62 8.25 8.52
C GLN B 64 0.96 7.32 7.36
N LEU B 65 0.94 7.89 6.18
CA LEU B 65 1.23 7.22 4.97
C LEU B 65 2.70 6.78 4.93
N TYR B 66 3.58 7.74 5.13
CA TYR B 66 5.02 7.52 5.09
C TYR B 66 5.45 6.45 6.08
N ASP B 67 5.05 6.60 7.35
CA ASP B 67 5.41 5.67 8.41
C ASP B 67 4.97 4.28 8.06
N PHE B 68 3.73 4.15 7.57
CA PHE B 68 3.15 2.87 7.19
C PHE B 68 4.00 2.15 6.16
N ILE B 69 4.38 2.87 5.13
CA ILE B 69 5.16 2.32 4.04
C ILE B 69 6.52 1.84 4.56
N HIS B 70 7.01 2.53 5.54
CA HIS B 70 8.33 2.27 6.08
C HIS B 70 8.30 1.43 7.34
N THR B 71 7.14 0.95 7.71
CA THR B 71 7.03 0.19 8.91
C THR B 71 6.47 -1.19 8.59
N SER B 72 6.30 -1.98 9.60
CA SER B 72 5.79 -3.30 9.52
C SER B 72 4.91 -3.43 10.74
N PHE B 73 3.98 -4.34 10.76
CA PHE B 73 3.16 -4.47 11.96
C PHE B 73 3.95 -5.20 13.04
N ALA B 74 4.79 -6.12 12.60
CA ALA B 74 5.57 -6.97 13.48
C ALA B 74 6.72 -6.22 14.15
N GLU B 75 7.04 -5.06 13.65
CA GLU B 75 8.10 -4.28 14.24
C GLU B 75 7.54 -3.41 15.37
N VAL B 76 6.23 -3.21 15.34
CA VAL B 76 5.56 -2.41 16.35
C VAL B 76 5.24 -3.26 17.55
N VAL B 77 4.86 -4.51 17.30
CA VAL B 77 4.52 -5.46 18.36
C VAL B 77 5.71 -5.65 19.29
N SER B 78 5.44 -5.94 20.53
CA SER B 78 6.49 -6.21 21.47
C SER B 78 6.90 -7.68 21.29
N LYS B 79 7.85 -7.90 20.40
CA LYS B 79 8.21 -9.23 20.04
C LYS B 79 9.47 -9.69 20.74
N GLY B 80 9.45 -10.93 21.07
CA GLY B 80 10.53 -11.63 21.61
C GLY B 80 10.14 -13.06 21.57
N LYS B 81 9.99 -13.65 22.71
CA LYS B 81 9.41 -14.93 22.79
C LYS B 81 8.62 -15.01 24.07
N GLY B 82 7.33 -15.18 23.94
CA GLY B 82 6.50 -15.33 25.09
C GLY B 82 6.12 -14.01 25.73
N LYS B 83 7.04 -13.43 26.47
CA LYS B 83 6.78 -12.20 27.21
C LYS B 83 8.06 -11.38 27.35
N LYS B 84 8.98 -11.60 26.39
CA LYS B 84 10.36 -11.05 26.40
C LYS B 84 11.26 -11.91 27.24
N ARG A 1 -7.30 11.71 25.96
CA ARG A 1 -6.37 11.44 24.86
C ARG A 1 -5.06 10.97 25.46
N ILE A 2 -4.39 11.88 26.13
CA ILE A 2 -3.16 11.58 26.80
C ILE A 2 -3.42 11.66 28.28
N ARG A 3 -2.54 11.03 29.07
CA ARG A 3 -2.71 10.90 30.53
C ARG A 3 -3.98 10.11 30.82
N ARG A 4 -4.35 10.02 32.12
CA ARG A 4 -5.56 9.33 32.61
C ARG A 4 -5.39 7.81 32.49
N ARG A 5 -5.07 7.38 31.30
CA ARG A 5 -4.78 6.02 31.01
C ARG A 5 -3.39 5.76 31.53
N TYR A 6 -3.23 4.77 32.32
CA TYR A 6 -1.95 4.48 32.88
C TYR A 6 -1.15 3.63 31.89
N ASN A 7 -0.14 4.28 31.30
CA ASN A 7 0.72 3.76 30.22
C ASN A 7 0.11 3.96 28.86
N MET A 8 0.30 5.15 28.32
CA MET A 8 -0.22 5.52 27.01
C MET A 8 0.55 4.82 25.90
N ALA A 9 1.77 4.38 26.19
CA ALA A 9 2.64 3.73 25.21
C ALA A 9 1.99 2.48 24.63
N ASP A 10 1.22 1.77 25.44
CA ASP A 10 0.53 0.55 24.99
C ASP A 10 -0.57 0.86 24.02
N LEU A 11 -1.14 2.04 24.15
CA LEU A 11 -2.23 2.47 23.28
C LEU A 11 -1.71 2.77 21.91
N LEU A 12 -0.68 3.61 21.84
CA LEU A 12 -0.06 3.97 20.56
C LEU A 12 0.43 2.72 19.84
N MET A 13 0.98 1.80 20.62
CA MET A 13 1.46 0.51 20.15
C MET A 13 0.30 -0.31 19.56
N GLU A 14 -0.75 -0.51 20.37
CA GLU A 14 -1.92 -1.30 20.00
C GLU A 14 -2.54 -0.78 18.71
N LYS A 15 -2.79 0.51 18.66
CA LYS A 15 -3.42 1.10 17.49
C LYS A 15 -2.49 1.11 16.30
N LEU A 16 -1.21 1.11 16.53
CA LEU A 16 -0.28 1.07 15.45
C LEU A 16 -0.29 -0.32 14.83
N GLU A 17 -0.02 -1.33 15.65
CA GLU A 17 0.08 -2.70 15.15
C GLU A 17 -1.23 -3.20 14.56
N GLN A 18 -2.35 -2.90 15.23
CA GLN A 18 -3.61 -3.41 14.79
C GLN A 18 -4.12 -2.72 13.55
N ASP A 19 -3.86 -1.44 13.42
CA ASP A 19 -4.27 -0.74 12.22
C ASP A 19 -3.37 -1.21 11.08
N LEU A 20 -2.07 -1.32 11.39
CA LEU A 20 -1.04 -1.82 10.46
C LEU A 20 -1.41 -3.15 9.84
N VAL A 21 -1.61 -4.17 10.69
CA VAL A 21 -1.94 -5.51 10.21
C VAL A 21 -3.20 -5.51 9.35
N SER A 22 -4.19 -4.74 9.76
CA SER A 22 -5.44 -4.67 9.05
C SER A 22 -5.25 -4.02 7.66
N ARG A 23 -4.51 -2.92 7.61
CA ARG A 23 -4.30 -2.21 6.33
C ARG A 23 -3.48 -3.06 5.39
N VAL A 24 -2.39 -3.65 5.90
CA VAL A 24 -1.53 -4.50 5.08
C VAL A 24 -2.35 -5.65 4.49
N THR A 25 -3.20 -6.27 5.30
CA THR A 25 -4.02 -7.37 4.83
C THR A 25 -4.94 -6.89 3.69
N GLU A 26 -5.68 -5.80 3.93
CA GLU A 26 -6.61 -5.28 2.93
C GLU A 26 -5.91 -4.86 1.65
N CYS A 27 -4.76 -4.19 1.79
CA CYS A 27 -4.01 -3.72 0.64
C CYS A 27 -3.65 -4.84 -0.32
N LEU A 28 -3.19 -5.98 0.18
CA LEU A 28 -2.80 -7.07 -0.72
C LEU A 28 -4.07 -7.76 -1.25
N THR A 29 -5.10 -7.72 -0.43
CA THR A 29 -6.42 -8.29 -0.70
C THR A 29 -7.20 -7.52 -1.80
N THR A 30 -6.75 -6.33 -2.15
CA THR A 30 -7.41 -5.53 -3.17
C THR A 30 -7.32 -6.22 -4.54
N VAL A 31 -6.36 -7.12 -4.66
CA VAL A 31 -6.19 -7.91 -5.82
C VAL A 31 -7.17 -9.07 -5.70
N LYS A 32 -8.03 -9.21 -6.68
CA LYS A 32 -9.06 -10.25 -6.68
C LYS A 32 -8.47 -11.68 -6.55
N SER A 33 -7.23 -11.83 -6.95
CA SER A 33 -6.54 -13.09 -6.91
C SER A 33 -5.94 -13.36 -5.52
N VAL A 34 -5.94 -12.36 -4.65
CA VAL A 34 -5.40 -12.49 -3.31
C VAL A 34 -6.53 -12.47 -2.29
N ASN A 35 -6.80 -13.61 -1.73
CA ASN A 35 -7.84 -13.79 -0.72
C ASN A 35 -7.27 -13.43 0.66
N LYS A 36 -8.07 -13.53 1.71
CA LYS A 36 -7.65 -13.17 3.05
C LYS A 36 -6.55 -14.09 3.58
N THR A 37 -6.60 -15.35 3.20
CA THR A 37 -5.63 -16.30 3.69
C THR A 37 -4.35 -16.07 2.92
N ASP A 38 -4.50 -15.51 1.76
CA ASP A 38 -3.41 -15.25 0.91
C ASP A 38 -2.62 -14.09 1.43
N SER A 39 -3.31 -12.99 1.63
CA SER A 39 -2.69 -11.78 2.09
C SER A 39 -1.98 -11.97 3.42
N GLN A 40 -2.64 -12.58 4.38
CA GLN A 40 -2.03 -12.81 5.70
C GLN A 40 -0.78 -13.70 5.59
N THR A 41 -0.75 -14.60 4.62
CA THR A 41 0.44 -15.39 4.41
C THR A 41 1.60 -14.48 3.90
N LEU A 42 1.26 -13.45 3.12
CA LEU A 42 2.24 -12.46 2.72
C LEU A 42 2.65 -11.62 3.93
N LEU A 43 1.74 -11.50 4.89
CA LEU A 43 2.03 -10.79 6.13
C LEU A 43 2.99 -11.59 7.01
N THR A 44 2.84 -12.90 7.04
CA THR A 44 3.71 -13.71 7.86
C THR A 44 5.09 -13.88 7.20
N THR A 45 5.19 -13.63 5.89
CA THR A 45 6.46 -13.70 5.24
C THR A 45 7.19 -12.34 5.24
N PHE A 46 6.53 -11.24 4.84
CA PHE A 46 7.25 -9.96 4.77
C PHE A 46 6.74 -8.94 5.78
N GLY A 47 5.47 -9.08 6.19
CA GLY A 47 4.84 -8.24 7.22
C GLY A 47 4.97 -6.72 7.09
N SER A 48 5.33 -6.26 5.93
CA SER A 48 5.57 -4.87 5.71
C SER A 48 5.14 -4.49 4.33
N LEU A 49 4.87 -3.22 4.13
CA LEU A 49 4.44 -2.71 2.86
C LEU A 49 5.64 -2.61 1.94
N GLU A 50 6.72 -1.96 2.43
CA GLU A 50 7.94 -1.81 1.63
C GLU A 50 8.52 -3.15 1.25
N GLN A 51 8.50 -4.09 2.17
CA GLN A 51 9.03 -5.41 1.91
C GLN A 51 8.24 -6.13 0.82
N LEU A 52 6.98 -5.76 0.66
CA LEU A 52 6.11 -6.35 -0.35
C LEU A 52 6.44 -5.73 -1.71
N ILE A 53 6.38 -4.41 -1.75
CA ILE A 53 6.57 -3.67 -2.97
C ILE A 53 8.02 -3.78 -3.50
N ALA A 54 8.98 -3.96 -2.58
CA ALA A 54 10.38 -4.14 -2.96
C ALA A 54 10.65 -5.61 -3.31
N ALA A 55 9.65 -6.43 -3.19
CA ALA A 55 9.75 -7.81 -3.54
C ALA A 55 9.33 -7.96 -4.99
N SER A 56 10.03 -8.79 -5.71
CA SER A 56 9.71 -9.01 -7.10
C SER A 56 8.56 -10.03 -7.21
N ARG A 57 8.16 -10.34 -8.44
CA ARG A 57 7.18 -11.42 -8.71
C ARG A 57 7.75 -12.71 -8.11
N GLU A 58 9.07 -12.82 -8.14
CA GLU A 58 9.77 -13.99 -7.64
C GLU A 58 9.79 -13.97 -6.13
N ASP A 59 10.15 -12.83 -5.55
CA ASP A 59 10.19 -12.69 -4.08
C ASP A 59 8.82 -12.86 -3.49
N LEU A 60 7.82 -12.34 -4.16
CA LEU A 60 6.45 -12.47 -3.71
C LEU A 60 5.97 -13.92 -3.88
N ALA A 61 6.54 -14.65 -4.85
CA ALA A 61 6.18 -16.06 -5.08
C ALA A 61 6.98 -16.97 -4.18
N LEU A 62 7.96 -16.37 -3.52
CA LEU A 62 8.81 -17.02 -2.56
C LEU A 62 8.05 -17.33 -1.27
N CYS A 63 6.89 -16.74 -1.15
CA CYS A 63 5.98 -16.99 -0.05
C CYS A 63 5.77 -18.50 0.14
N PRO A 64 5.91 -19.00 1.37
CA PRO A 64 5.84 -20.43 1.65
C PRO A 64 4.47 -21.02 1.30
N GLY A 65 4.46 -21.92 0.31
CA GLY A 65 3.27 -22.63 -0.17
C GLY A 65 2.01 -21.77 -0.26
N LEU A 66 2.12 -20.56 -0.79
CA LEU A 66 0.95 -19.70 -0.79
C LEU A 66 0.33 -19.60 -2.18
N GLY A 67 1.10 -19.26 -3.16
CA GLY A 67 0.56 -19.17 -4.48
C GLY A 67 1.44 -18.35 -5.37
N PRO A 68 1.98 -18.90 -6.45
CA PRO A 68 2.86 -18.14 -7.33
C PRO A 68 2.09 -17.05 -8.13
N GLN A 69 0.82 -17.33 -8.45
CA GLN A 69 0.04 -16.41 -9.25
C GLN A 69 -0.27 -15.16 -8.44
N LYS A 70 -0.34 -15.31 -7.12
CA LYS A 70 -0.63 -14.18 -6.22
C LYS A 70 0.46 -13.13 -6.35
N ALA A 71 1.71 -13.58 -6.42
CA ALA A 71 2.86 -12.74 -6.58
C ALA A 71 2.78 -12.00 -7.88
N ARG A 72 2.38 -12.73 -8.92
CA ARG A 72 2.29 -12.17 -10.24
C ARG A 72 1.28 -11.03 -10.21
N ARG A 73 0.12 -11.31 -9.65
CA ARG A 73 -0.97 -10.36 -9.56
C ARG A 73 -0.64 -9.16 -8.66
N LEU A 74 0.05 -9.42 -7.55
CA LEU A 74 0.48 -8.37 -6.63
C LEU A 74 1.42 -7.40 -7.30
N PHE A 75 2.50 -7.91 -7.87
CA PHE A 75 3.51 -7.07 -8.51
C PHE A 75 2.88 -6.29 -9.65
N ASP A 76 1.92 -6.93 -10.30
CA ASP A 76 1.24 -6.35 -11.44
C ASP A 76 0.51 -5.09 -11.03
N VAL A 77 -0.33 -5.18 -9.97
CA VAL A 77 -1.07 -4.01 -9.49
C VAL A 77 -0.15 -2.97 -8.88
N LEU A 78 0.95 -3.42 -8.30
CA LEU A 78 1.93 -2.52 -7.70
C LEU A 78 2.57 -1.63 -8.76
N HIS A 79 2.62 -2.16 -9.99
CA HIS A 79 3.25 -1.46 -11.09
C HIS A 79 2.23 -1.04 -12.13
N GLU A 80 0.99 -1.03 -11.76
CA GLU A 80 -0.05 -0.56 -12.61
C GLU A 80 -0.62 0.74 -12.07
N PRO A 81 -0.79 1.75 -12.93
CA PRO A 81 -1.31 3.02 -12.50
C PRO A 81 -2.78 2.95 -12.11
N PHE A 82 -3.18 3.86 -11.24
CA PHE A 82 -4.56 3.88 -10.75
C PHE A 82 -5.47 4.27 -11.89
N LEU A 83 -4.97 5.19 -12.69
CA LEU A 83 -5.70 5.77 -13.81
C LEU A 83 -5.67 4.84 -15.02
N LYS A 84 -5.06 3.65 -14.84
CA LYS A 84 -4.89 2.62 -15.89
C LYS A 84 -3.81 3.00 -16.91
N VAL A 85 -3.76 4.28 -17.21
CA VAL A 85 -2.89 4.87 -18.21
C VAL A 85 -1.43 4.80 -17.77
N PRO A 86 -0.62 3.97 -18.41
CA PRO A 86 0.79 3.84 -18.09
C PRO A 86 1.65 4.92 -18.75
N GLY A 87 2.85 5.03 -18.27
CA GLY A 87 3.82 5.93 -18.84
C GLY A 87 4.68 5.16 -19.81
N GLY A 88 4.54 3.85 -19.80
CA GLY A 88 5.29 2.99 -20.69
C GLY A 88 4.58 2.77 -22.00
N LEU A 89 3.67 3.67 -22.31
CA LEU A 89 2.96 3.64 -23.56
C LEU A 89 3.87 4.14 -24.66
N GLU A 90 4.16 5.42 -24.61
CA GLU A 90 5.05 6.05 -25.55
C GLU A 90 6.12 6.77 -24.80
N HIS A 91 7.32 6.68 -25.26
CA HIS A 91 8.43 7.44 -24.70
C HIS A 91 8.68 8.67 -25.56
N HIS A 92 7.94 8.73 -26.63
CA HIS A 92 7.87 9.86 -27.51
C HIS A 92 6.45 10.38 -27.40
N HIS A 93 6.06 11.27 -28.25
CA HIS A 93 4.69 11.72 -28.27
C HIS A 93 4.21 11.78 -29.70
N HIS A 94 3.67 10.69 -30.16
CA HIS A 94 3.11 10.65 -31.50
C HIS A 94 1.61 10.59 -31.40
N HIS A 95 1.14 9.81 -30.48
CA HIS A 95 -0.27 9.65 -30.27
C HIS A 95 -0.61 10.34 -28.97
N HIS A 96 -1.86 10.35 -28.61
CA HIS A 96 -2.27 10.83 -27.31
C HIS A 96 -3.49 10.09 -26.87
N MET B 1 -3.53 9.73 -25.61
CA MET B 1 -4.62 8.92 -25.07
C MET B 1 -5.91 9.71 -24.99
N ASP B 2 -5.86 10.87 -24.38
CA ASP B 2 -7.07 11.63 -24.11
C ASP B 2 -7.43 12.58 -25.22
N SER B 3 -8.13 12.06 -26.19
CA SER B 3 -8.70 12.88 -27.22
C SER B 3 -10.12 13.27 -26.81
N GLU B 4 -10.49 12.79 -25.64
CA GLU B 4 -11.79 13.00 -25.09
C GLU B 4 -11.75 14.10 -24.05
N THR B 5 -12.89 14.56 -23.68
CA THR B 5 -13.02 15.53 -22.62
C THR B 5 -13.65 14.84 -21.40
N LEU B 6 -13.84 13.53 -21.55
CA LEU B 6 -14.44 12.67 -20.53
C LEU B 6 -13.64 12.71 -19.23
N PRO B 7 -14.32 12.54 -18.10
CA PRO B 7 -13.68 12.45 -16.80
C PRO B 7 -12.82 11.19 -16.73
N GLU B 8 -11.91 11.14 -15.79
CA GLU B 8 -10.98 10.02 -15.66
C GLU B 8 -11.68 8.71 -15.33
N SER B 9 -12.93 8.79 -14.93
CA SER B 9 -13.75 7.65 -14.56
C SER B 9 -13.80 6.56 -15.66
N GLU B 10 -13.46 6.92 -16.89
CA GLU B 10 -13.46 5.96 -17.99
C GLU B 10 -12.16 5.15 -18.01
N LYS B 11 -11.23 5.51 -17.16
CA LYS B 11 -9.94 4.90 -17.18
C LYS B 11 -9.39 4.67 -15.74
N TYR B 12 -9.74 3.56 -15.14
CA TYR B 12 -9.25 3.22 -13.82
C TYR B 12 -8.97 1.75 -13.66
N ASN B 13 -7.95 1.44 -12.90
CA ASN B 13 -7.67 0.07 -12.53
C ASN B 13 -8.01 -0.06 -11.07
N PRO B 14 -9.04 -0.86 -10.72
CA PRO B 14 -9.48 -1.01 -9.33
C PRO B 14 -8.39 -1.58 -8.43
N GLY B 15 -7.71 -2.63 -8.88
CA GLY B 15 -6.67 -3.29 -8.08
C GLY B 15 -5.66 -2.32 -7.45
N PRO B 16 -4.85 -1.62 -8.26
CA PRO B 16 -3.86 -0.68 -7.73
C PRO B 16 -4.45 0.53 -7.02
N GLN B 17 -5.63 1.00 -7.47
CA GLN B 17 -6.21 2.17 -6.83
C GLN B 17 -6.64 1.79 -5.44
N ASP B 18 -7.19 0.59 -5.33
CA ASP B 18 -7.64 0.08 -4.07
C ASP B 18 -6.49 -0.13 -3.13
N PHE B 19 -5.37 -0.59 -3.68
CA PHE B 19 -4.14 -0.80 -2.91
C PHE B 19 -3.77 0.51 -2.17
N LEU B 20 -3.91 1.62 -2.88
CA LEU B 20 -3.66 2.96 -2.33
C LEU B 20 -4.81 3.41 -1.42
N LEU B 21 -6.02 3.11 -1.80
CA LEU B 21 -7.18 3.51 -1.04
C LEU B 21 -7.32 2.80 0.30
N LYS B 22 -6.56 1.76 0.49
CA LYS B 22 -6.57 1.02 1.72
C LYS B 22 -5.46 1.46 2.67
N MET B 23 -4.65 2.42 2.23
CA MET B 23 -3.50 2.90 2.98
C MET B 23 -3.96 3.76 4.19
N PRO B 24 -3.17 3.85 5.26
CA PRO B 24 -3.52 4.66 6.41
C PRO B 24 -3.27 6.14 6.18
N GLY B 25 -4.16 6.96 6.70
CA GLY B 25 -4.02 8.40 6.58
C GLY B 25 -4.59 8.93 5.29
N VAL B 26 -4.93 8.04 4.37
CA VAL B 26 -5.41 8.45 3.10
C VAL B 26 -6.90 8.79 3.16
N ASN B 27 -7.23 9.89 2.58
CA ASN B 27 -8.60 10.32 2.43
C ASN B 27 -8.80 10.68 0.99
N ALA B 28 -10.04 10.82 0.55
CA ALA B 28 -10.39 11.04 -0.88
C ALA B 28 -9.56 12.12 -1.53
N LYS B 29 -9.35 13.18 -0.79
CA LYS B 29 -8.61 14.36 -1.25
C LYS B 29 -7.18 13.98 -1.61
N ASN B 30 -6.66 13.02 -0.87
CA ASN B 30 -5.29 12.56 -0.98
C ASN B 30 -5.18 11.54 -2.05
N CYS B 31 -6.17 10.64 -2.13
CA CYS B 31 -6.22 9.62 -3.19
C CYS B 31 -6.18 10.33 -4.54
N ARG B 32 -6.92 11.43 -4.62
CA ARG B 32 -6.97 12.26 -5.79
C ARG B 32 -5.60 12.86 -6.13
N SER B 33 -4.96 13.49 -5.15
CA SER B 33 -3.65 14.10 -5.36
C SER B 33 -2.62 13.05 -5.75
N LEU B 34 -2.74 11.91 -5.13
CA LEU B 34 -1.84 10.83 -5.32
C LEU B 34 -1.95 10.29 -6.74
N MET B 35 -3.16 10.22 -7.26
CA MET B 35 -3.36 9.73 -8.63
C MET B 35 -3.14 10.85 -9.66
N HIS B 36 -3.00 12.06 -9.17
CA HIS B 36 -2.69 13.19 -10.03
C HIS B 36 -1.19 13.28 -10.28
N HIS B 37 -0.42 13.17 -9.21
CA HIS B 37 1.03 13.31 -9.28
C HIS B 37 1.72 11.96 -9.45
N VAL B 38 1.16 10.96 -8.87
CA VAL B 38 1.75 9.65 -8.85
C VAL B 38 1.03 8.66 -9.76
N LYS B 39 1.83 7.92 -10.50
CA LYS B 39 1.36 6.89 -11.41
C LYS B 39 0.73 5.71 -10.63
N ASN B 40 1.49 5.17 -9.68
CA ASN B 40 1.12 3.96 -8.96
C ASN B 40 1.81 3.89 -7.62
N ILE B 41 1.32 3.03 -6.75
CA ILE B 41 1.85 2.83 -5.39
C ILE B 41 3.38 2.59 -5.37
N ALA B 42 3.94 2.03 -6.45
CA ALA B 42 5.39 1.82 -6.55
C ALA B 42 6.16 3.15 -6.47
N GLU B 43 5.65 4.18 -7.16
CA GLU B 43 6.30 5.50 -7.17
C GLU B 43 6.17 6.06 -5.76
N LEU B 44 4.96 5.91 -5.23
CA LEU B 44 4.60 6.33 -3.87
C LEU B 44 5.56 5.77 -2.83
N ALA B 45 5.79 4.48 -2.91
CA ALA B 45 6.61 3.82 -1.94
C ALA B 45 8.09 4.14 -2.12
N ALA B 46 8.44 4.63 -3.30
CA ALA B 46 9.80 5.05 -3.59
C ALA B 46 9.99 6.53 -3.26
N LEU B 47 8.91 7.20 -2.93
CA LEU B 47 8.95 8.59 -2.56
C LEU B 47 9.41 8.77 -1.14
N SER B 48 9.90 9.94 -0.87
CA SER B 48 10.28 10.28 0.44
C SER B 48 9.16 11.14 1.04
N GLN B 49 9.29 11.48 2.31
CA GLN B 49 8.26 12.19 3.07
C GLN B 49 7.89 13.51 2.40
N ASP B 50 8.87 14.39 2.18
CA ASP B 50 8.62 15.74 1.58
C ASP B 50 7.85 15.65 0.29
N GLU B 51 8.17 14.63 -0.49
CA GLU B 51 7.56 14.42 -1.77
C GLU B 51 6.08 14.15 -1.61
N LEU B 52 5.78 13.13 -0.85
CA LEU B 52 4.41 12.70 -0.64
C LEU B 52 3.61 13.71 0.19
N THR B 53 4.29 14.40 1.09
CA THR B 53 3.71 15.42 1.91
C THR B 53 3.23 16.60 1.04
N SER B 54 4.03 16.97 0.04
CA SER B 54 3.65 18.06 -0.84
C SER B 54 2.46 17.64 -1.69
N ILE B 55 2.46 16.38 -2.11
CA ILE B 55 1.39 15.83 -2.90
C ILE B 55 0.08 15.80 -2.11
N LEU B 56 0.12 15.22 -0.92
CA LEU B 56 -1.07 15.06 -0.09
C LEU B 56 -1.54 16.37 0.50
N GLY B 57 -0.60 17.23 0.85
CA GLY B 57 -0.94 18.49 1.44
C GLY B 57 -0.83 18.43 2.95
N ASN B 58 -1.45 17.42 3.52
CA ASN B 58 -1.47 17.22 4.96
C ASN B 58 -0.25 16.45 5.43
N ALA B 59 0.47 17.02 6.37
CA ALA B 59 1.68 16.43 6.92
C ALA B 59 1.37 15.16 7.69
N ALA B 60 0.33 15.19 8.52
CA ALA B 60 -0.06 14.03 9.32
C ALA B 60 -0.42 12.86 8.43
N ASN B 61 -1.27 13.12 7.43
CA ASN B 61 -1.71 12.10 6.45
C ASN B 61 -0.51 11.48 5.80
N ALA B 62 0.41 12.34 5.41
CA ALA B 62 1.63 11.96 4.74
C ALA B 62 2.48 11.10 5.62
N LYS B 63 2.60 11.50 6.86
CA LYS B 63 3.38 10.76 7.82
C LYS B 63 2.82 9.37 8.05
N GLN B 64 1.50 9.27 8.17
CA GLN B 64 0.85 8.00 8.45
C GLN B 64 1.15 7.02 7.33
N LEU B 65 0.98 7.53 6.12
CA LEU B 65 1.16 6.75 4.93
C LEU B 65 2.65 6.37 4.78
N TYR B 66 3.52 7.36 4.89
CA TYR B 66 4.97 7.18 4.75
C TYR B 66 5.52 6.17 5.74
N ASP B 67 5.24 6.38 7.03
CA ASP B 67 5.71 5.48 8.06
C ASP B 67 5.20 4.08 7.87
N PHE B 68 3.94 3.96 7.44
CA PHE B 68 3.31 2.67 7.17
C PHE B 68 4.09 1.88 6.15
N ILE B 69 4.43 2.56 5.06
CA ILE B 69 5.18 1.97 3.98
C ILE B 69 6.48 1.44 4.51
N HIS B 70 7.05 2.19 5.40
CA HIS B 70 8.36 1.92 5.93
C HIS B 70 8.31 1.18 7.26
N THR B 71 7.21 0.55 7.57
CA THR B 71 7.09 -0.12 8.82
C THR B 71 6.41 -1.49 8.63
N SER B 72 6.58 -2.32 9.60
CA SER B 72 6.00 -3.62 9.63
C SER B 72 5.02 -3.70 10.79
N PHE B 73 3.96 -4.46 10.68
CA PHE B 73 3.08 -4.64 11.82
C PHE B 73 3.79 -5.51 12.85
N ALA B 74 4.62 -6.41 12.31
CA ALA B 74 5.35 -7.38 13.08
C ALA B 74 6.40 -6.75 13.98
N GLU B 75 6.88 -5.58 13.60
CA GLU B 75 7.90 -4.92 14.38
C GLU B 75 7.26 -4.25 15.61
N VAL B 76 5.99 -3.91 15.47
CA VAL B 76 5.26 -3.23 16.54
C VAL B 76 4.69 -4.24 17.54
N VAL B 77 4.15 -5.34 17.01
CA VAL B 77 3.48 -6.39 17.82
C VAL B 77 4.40 -7.00 18.89
N SER B 78 3.76 -7.52 19.92
CA SER B 78 4.38 -8.19 21.08
C SER B 78 5.22 -7.27 21.96
N LYS B 79 6.28 -6.75 21.43
CA LYS B 79 7.19 -5.89 22.15
C LYS B 79 7.92 -5.02 21.17
N GLY B 80 7.76 -3.72 21.32
CA GLY B 80 8.45 -2.78 20.48
C GLY B 80 9.94 -2.92 20.67
N LYS B 81 10.65 -2.97 19.58
CA LYS B 81 12.07 -3.21 19.58
C LYS B 81 12.83 -1.99 20.06
N GLY B 82 13.86 -2.23 20.86
CA GLY B 82 14.71 -1.19 21.37
C GLY B 82 13.97 -0.24 22.28
N LYS B 83 13.88 0.98 21.86
CA LYS B 83 13.23 2.01 22.59
C LYS B 83 12.32 2.78 21.66
N LYS B 84 11.16 3.14 22.13
CA LYS B 84 10.29 3.99 21.38
C LYS B 84 10.32 5.33 22.06
N ARG A 1 7.03 -9.92 26.36
CA ARG A 1 7.00 -11.11 25.46
C ARG A 1 6.62 -12.38 26.20
N ILE A 2 7.15 -12.56 27.41
CA ILE A 2 6.82 -13.72 28.21
C ILE A 2 5.41 -13.52 28.73
N ARG A 3 5.26 -12.46 29.46
CA ARG A 3 3.99 -11.99 29.91
C ARG A 3 3.81 -10.60 29.35
N ARG A 4 2.79 -9.92 29.77
CA ARG A 4 2.49 -8.65 29.20
C ARG A 4 1.79 -7.77 30.21
N ARG A 5 2.26 -6.55 30.34
CA ARG A 5 1.63 -5.59 31.19
C ARG A 5 0.71 -4.77 30.35
N TYR A 6 -0.50 -4.57 30.80
CA TYR A 6 -1.44 -3.79 30.05
C TYR A 6 -1.31 -2.32 30.39
N ASN A 7 -0.15 -1.82 30.06
CA ASN A 7 0.22 -0.44 30.24
C ASN A 7 -0.25 0.32 29.02
N MET A 8 -0.63 1.58 29.20
CA MET A 8 -1.19 2.37 28.10
C MET A 8 -0.26 2.43 26.88
N ALA A 9 1.05 2.37 27.12
CA ALA A 9 2.02 2.40 26.04
C ALA A 9 1.96 1.11 25.24
N ASP A 10 1.99 0.00 25.94
CA ASP A 10 1.97 -1.34 25.34
C ASP A 10 0.60 -1.59 24.68
N LEU A 11 -0.44 -1.16 25.38
CA LEU A 11 -1.81 -1.32 24.90
C LEU A 11 -2.05 -0.48 23.64
N LEU A 12 -1.51 0.73 23.62
CA LEU A 12 -1.63 1.59 22.46
C LEU A 12 -0.87 0.97 21.31
N MET A 13 0.29 0.42 21.62
CA MET A 13 1.15 -0.21 20.64
C MET A 13 0.43 -1.43 20.03
N GLU A 14 -0.38 -2.10 20.84
CA GLU A 14 -1.25 -3.20 20.40
C GLU A 14 -2.17 -2.72 19.31
N LYS A 15 -2.73 -1.53 19.50
CA LYS A 15 -3.58 -0.93 18.49
C LYS A 15 -2.81 -0.55 17.24
N LEU A 16 -1.56 -0.14 17.41
CA LEU A 16 -0.68 0.15 16.26
C LEU A 16 -0.53 -1.07 15.39
N GLU A 17 0.01 -2.15 15.97
CA GLU A 17 0.22 -3.38 15.22
C GLU A 17 -1.08 -3.95 14.67
N GLN A 18 -2.17 -3.76 15.41
CA GLN A 18 -3.49 -4.24 15.02
C GLN A 18 -3.96 -3.54 13.74
N ASP A 19 -3.88 -2.22 13.74
CA ASP A 19 -4.34 -1.45 12.59
C ASP A 19 -3.39 -1.63 11.44
N LEU A 20 -2.11 -1.65 11.76
CA LEU A 20 -1.07 -1.89 10.77
C LEU A 20 -1.31 -3.17 10.01
N VAL A 21 -1.47 -4.26 10.73
CA VAL A 21 -1.66 -5.53 10.08
C VAL A 21 -2.94 -5.57 9.29
N SER A 22 -4.04 -5.07 9.85
CA SER A 22 -5.31 -5.06 9.16
C SER A 22 -5.24 -4.24 7.86
N ARG A 23 -4.58 -3.09 7.91
CA ARG A 23 -4.41 -2.25 6.73
C ARG A 23 -3.57 -2.95 5.70
N VAL A 24 -2.42 -3.51 6.11
CA VAL A 24 -1.56 -4.22 5.16
C VAL A 24 -2.33 -5.40 4.55
N THR A 25 -3.10 -6.10 5.39
CA THR A 25 -3.91 -7.23 4.94
C THR A 25 -4.86 -6.76 3.83
N GLU A 26 -5.57 -5.64 4.10
CA GLU A 26 -6.48 -5.05 3.14
C GLU A 26 -5.78 -4.72 1.85
N CYS A 27 -4.64 -4.04 1.98
CA CYS A 27 -3.86 -3.62 0.84
C CYS A 27 -3.50 -4.78 -0.08
N LEU A 28 -3.09 -5.90 0.48
CA LEU A 28 -2.66 -7.03 -0.36
C LEU A 28 -3.89 -7.75 -0.93
N THR A 29 -4.97 -7.72 -0.16
CA THR A 29 -6.18 -8.45 -0.51
C THR A 29 -7.12 -7.58 -1.38
N THR A 30 -6.64 -6.39 -1.76
CA THR A 30 -7.39 -5.54 -2.67
C THR A 30 -7.49 -6.19 -4.03
N VAL A 31 -6.51 -7.02 -4.32
CA VAL A 31 -6.46 -7.73 -5.54
C VAL A 31 -7.48 -8.85 -5.46
N LYS A 32 -8.33 -8.94 -6.46
CA LYS A 32 -9.39 -9.96 -6.58
C LYS A 32 -8.82 -11.40 -6.67
N SER A 33 -7.52 -11.50 -6.68
CA SER A 33 -6.84 -12.75 -6.75
C SER A 33 -6.29 -13.11 -5.37
N VAL A 34 -6.27 -12.15 -4.46
CA VAL A 34 -5.69 -12.36 -3.14
C VAL A 34 -6.77 -12.35 -2.05
N ASN A 35 -6.90 -13.46 -1.36
CA ASN A 35 -7.87 -13.65 -0.27
C ASN A 35 -7.22 -13.23 1.07
N LYS A 36 -7.96 -13.28 2.17
CA LYS A 36 -7.39 -12.85 3.45
C LYS A 36 -6.33 -13.82 3.96
N THR A 37 -6.59 -15.12 3.92
CA THR A 37 -5.59 -16.11 4.34
C THR A 37 -4.36 -16.05 3.40
N ASP A 38 -4.60 -15.60 2.21
CA ASP A 38 -3.62 -15.48 1.17
C ASP A 38 -2.71 -14.28 1.53
N SER A 39 -3.35 -13.16 1.78
CA SER A 39 -2.72 -11.93 2.21
C SER A 39 -1.94 -12.13 3.54
N GLN A 40 -2.53 -12.89 4.48
CA GLN A 40 -1.90 -13.10 5.77
C GLN A 40 -0.61 -13.93 5.59
N THR A 41 -0.59 -14.77 4.55
CA THR A 41 0.59 -15.53 4.24
C THR A 41 1.72 -14.57 3.79
N LEU A 42 1.35 -13.55 3.02
CA LEU A 42 2.32 -12.50 2.64
C LEU A 42 2.78 -11.72 3.88
N LEU A 43 1.94 -11.68 4.86
CA LEU A 43 2.21 -11.00 6.09
C LEU A 43 3.12 -11.78 7.03
N THR A 44 3.17 -13.07 6.89
CA THR A 44 4.09 -13.84 7.68
C THR A 44 5.50 -13.81 7.04
N THR A 45 5.53 -13.74 5.70
CA THR A 45 6.77 -13.71 4.98
C THR A 45 7.42 -12.31 4.99
N PHE A 46 6.67 -11.25 4.68
CA PHE A 46 7.29 -9.94 4.62
C PHE A 46 6.78 -9.00 5.72
N GLY A 47 5.55 -9.24 6.18
CA GLY A 47 4.93 -8.48 7.29
C GLY A 47 4.98 -6.96 7.20
N SER A 48 5.19 -6.43 6.03
CA SER A 48 5.40 -5.02 5.86
C SER A 48 4.85 -4.57 4.52
N LEU A 49 4.78 -3.25 4.34
CA LEU A 49 4.34 -2.68 3.11
C LEU A 49 5.57 -2.57 2.20
N GLU A 50 6.63 -1.93 2.71
CA GLU A 50 7.88 -1.75 1.96
C GLU A 50 8.48 -3.06 1.47
N GLN A 51 8.45 -4.06 2.30
CA GLN A 51 8.96 -5.39 1.93
C GLN A 51 8.16 -6.02 0.78
N LEU A 52 6.87 -5.70 0.69
CA LEU A 52 6.00 -6.27 -0.33
C LEU A 52 6.25 -5.61 -1.65
N ILE A 53 6.24 -4.29 -1.62
CA ILE A 53 6.41 -3.50 -2.82
C ILE A 53 7.83 -3.66 -3.38
N ALA A 54 8.80 -3.85 -2.49
CA ALA A 54 10.18 -4.06 -2.90
C ALA A 54 10.43 -5.53 -3.25
N ALA A 55 9.38 -6.33 -3.25
CA ALA A 55 9.48 -7.72 -3.60
C ALA A 55 9.13 -7.93 -5.06
N SER A 56 9.86 -8.78 -5.72
CA SER A 56 9.63 -9.09 -7.10
C SER A 56 8.72 -10.33 -7.19
N ARG A 57 8.33 -10.76 -8.42
CA ARG A 57 7.50 -11.98 -8.57
C ARG A 57 8.12 -13.16 -7.84
N GLU A 58 9.41 -13.36 -8.00
CA GLU A 58 10.11 -14.46 -7.36
C GLU A 58 10.06 -14.40 -5.85
N ASP A 59 10.05 -13.20 -5.31
CA ASP A 59 10.02 -13.01 -3.85
C ASP A 59 8.62 -13.29 -3.35
N LEU A 60 7.64 -12.76 -4.06
CA LEU A 60 6.24 -12.94 -3.71
C LEU A 60 5.81 -14.40 -3.89
N ALA A 61 6.39 -15.08 -4.85
CA ALA A 61 6.10 -16.50 -5.09
C ALA A 61 6.91 -17.40 -4.17
N LEU A 62 7.95 -16.84 -3.57
CA LEU A 62 8.81 -17.54 -2.63
C LEU A 62 8.05 -17.81 -1.34
N CYS A 63 7.15 -16.89 -1.04
CA CYS A 63 6.20 -16.97 0.06
C CYS A 63 5.66 -18.41 0.18
N PRO A 64 5.65 -18.99 1.41
CA PRO A 64 5.36 -20.43 1.63
C PRO A 64 4.02 -20.89 1.06
N GLY A 65 4.12 -21.80 0.06
CA GLY A 65 2.98 -22.41 -0.64
C GLY A 65 1.85 -21.46 -0.89
N LEU A 66 2.15 -20.27 -1.35
CA LEU A 66 1.12 -19.28 -1.42
C LEU A 66 0.55 -19.12 -2.82
N GLY A 67 1.36 -18.90 -3.81
CA GLY A 67 0.81 -18.74 -5.12
C GLY A 67 1.75 -18.05 -6.07
N PRO A 68 2.14 -18.65 -7.19
CA PRO A 68 2.94 -17.94 -8.17
C PRO A 68 2.11 -16.86 -8.90
N GLN A 69 0.81 -17.12 -9.06
CA GLN A 69 -0.07 -16.19 -9.73
C GLN A 69 -0.36 -15.00 -8.87
N LYS A 70 -0.27 -15.20 -7.57
CA LYS A 70 -0.48 -14.12 -6.62
C LYS A 70 0.60 -13.08 -6.80
N ALA A 71 1.82 -13.57 -6.94
CA ALA A 71 2.99 -12.76 -7.19
C ALA A 71 2.79 -11.94 -8.45
N ARG A 72 2.24 -12.58 -9.47
CA ARG A 72 1.94 -11.93 -10.73
C ARG A 72 0.97 -10.77 -10.52
N ARG A 73 -0.17 -11.07 -9.89
CA ARG A 73 -1.23 -10.09 -9.67
C ARG A 73 -0.76 -8.94 -8.79
N LEU A 74 -0.10 -9.28 -7.69
CA LEU A 74 0.44 -8.30 -6.78
C LEU A 74 1.43 -7.37 -7.46
N PHE A 75 2.40 -7.94 -8.15
CA PHE A 75 3.42 -7.14 -8.83
C PHE A 75 2.76 -6.24 -9.87
N ASP A 76 1.76 -6.80 -10.55
CA ASP A 76 1.02 -6.08 -11.58
C ASP A 76 0.35 -4.87 -10.99
N VAL A 77 -0.43 -5.05 -9.93
CA VAL A 77 -1.15 -3.94 -9.31
C VAL A 77 -0.21 -2.93 -8.67
N LEU A 78 0.97 -3.39 -8.28
CA LEU A 78 1.96 -2.51 -7.70
C LEU A 78 2.54 -1.57 -8.74
N HIS A 79 2.62 -2.02 -9.99
CA HIS A 79 3.23 -1.22 -11.05
C HIS A 79 2.20 -0.64 -12.00
N GLU A 80 0.98 -1.06 -11.85
CA GLU A 80 -0.11 -0.56 -12.63
C GLU A 80 -0.57 0.78 -12.13
N PRO A 81 -0.72 1.74 -13.03
CA PRO A 81 -1.20 3.05 -12.68
C PRO A 81 -2.67 3.00 -12.25
N PHE A 82 -3.07 3.92 -11.40
CA PHE A 82 -4.42 3.95 -10.89
C PHE A 82 -5.40 4.31 -12.00
N LEU A 83 -4.95 5.16 -12.91
CA LEU A 83 -5.76 5.58 -14.07
C LEU A 83 -5.64 4.59 -15.19
N LYS A 84 -4.98 3.46 -14.94
CA LYS A 84 -4.73 2.38 -15.91
C LYS A 84 -3.73 2.79 -16.99
N VAL A 85 -3.71 4.05 -17.33
CA VAL A 85 -2.90 4.58 -18.37
C VAL A 85 -1.50 4.99 -17.89
N PRO A 86 -0.45 4.28 -18.34
CA PRO A 86 0.90 4.63 -18.05
C PRO A 86 1.46 5.58 -19.10
N GLY A 87 2.75 5.76 -19.09
CA GLY A 87 3.38 6.65 -20.02
C GLY A 87 3.71 5.99 -21.34
N GLY A 88 3.23 4.78 -21.52
CA GLY A 88 3.49 4.11 -22.77
C GLY A 88 3.16 2.62 -22.74
N LEU A 89 2.29 2.21 -23.62
CA LEU A 89 1.94 0.81 -23.79
C LEU A 89 1.92 0.46 -25.26
N GLU A 90 0.75 0.55 -25.86
CA GLU A 90 0.60 0.31 -27.29
C GLU A 90 0.61 1.66 -27.98
N HIS A 91 0.48 2.65 -27.15
CA HIS A 91 0.51 4.04 -27.56
C HIS A 91 1.52 4.74 -26.67
N HIS A 92 1.95 5.89 -27.08
CA HIS A 92 2.90 6.67 -26.31
C HIS A 92 2.14 7.61 -25.38
N HIS A 93 2.85 8.36 -24.58
CA HIS A 93 2.20 9.29 -23.69
C HIS A 93 1.96 10.58 -24.46
N HIS A 94 0.85 10.60 -25.14
CA HIS A 94 0.47 11.69 -26.02
C HIS A 94 -0.26 12.81 -25.29
N HIS A 95 -0.37 13.94 -25.96
CA HIS A 95 -1.02 15.11 -25.42
C HIS A 95 -2.53 15.01 -25.60
N HIS A 96 -2.97 14.45 -26.72
CA HIS A 96 -4.41 14.29 -26.96
C HIS A 96 -4.97 13.11 -26.19
N MET B 1 -5.12 13.29 -24.90
CA MET B 1 -5.63 12.25 -24.04
C MET B 1 -7.11 12.10 -24.23
N ASP B 2 -7.80 13.22 -24.39
CA ASP B 2 -9.23 13.16 -24.63
C ASP B 2 -9.50 13.25 -26.10
N SER B 3 -8.72 12.55 -26.91
CA SER B 3 -8.96 12.54 -28.34
C SER B 3 -10.34 11.93 -28.62
N GLU B 4 -10.82 11.17 -27.66
CA GLU B 4 -12.08 10.52 -27.74
C GLU B 4 -13.13 11.17 -26.87
N THR B 5 -12.85 12.38 -26.41
CA THR B 5 -13.76 13.20 -25.56
C THR B 5 -14.31 12.42 -24.30
N LEU B 6 -13.58 11.41 -23.87
CA LEU B 6 -14.00 10.57 -22.76
C LEU B 6 -13.41 11.09 -21.47
N PRO B 7 -14.20 11.13 -20.39
CA PRO B 7 -13.70 11.51 -19.07
C PRO B 7 -12.76 10.43 -18.54
N GLU B 8 -11.82 10.82 -17.68
CA GLU B 8 -10.83 9.87 -17.18
C GLU B 8 -11.43 8.79 -16.30
N SER B 9 -12.61 9.04 -15.76
CA SER B 9 -13.30 8.08 -14.90
C SER B 9 -13.56 6.72 -15.61
N GLU B 10 -13.48 6.70 -16.94
CA GLU B 10 -13.70 5.46 -17.68
C GLU B 10 -12.41 4.63 -17.72
N LYS B 11 -11.30 5.26 -17.39
CA LYS B 11 -10.03 4.62 -17.45
C LYS B 11 -9.35 4.62 -16.07
N TYR B 12 -9.69 3.63 -15.29
CA TYR B 12 -9.07 3.42 -13.98
C TYR B 12 -8.89 1.95 -13.71
N ASN B 13 -7.82 1.63 -13.01
CA ASN B 13 -7.54 0.26 -12.61
C ASN B 13 -8.01 0.07 -11.18
N PRO B 14 -8.93 -0.87 -10.94
CA PRO B 14 -9.48 -1.13 -9.60
C PRO B 14 -8.42 -1.64 -8.62
N GLY B 15 -7.64 -2.64 -9.05
CA GLY B 15 -6.64 -3.28 -8.18
C GLY B 15 -5.68 -2.30 -7.51
N PRO B 16 -4.84 -1.61 -8.27
CA PRO B 16 -3.87 -0.66 -7.70
C PRO B 16 -4.53 0.52 -7.00
N GLN B 17 -5.72 0.94 -7.47
CA GLN B 17 -6.37 2.06 -6.85
C GLN B 17 -6.78 1.65 -5.45
N ASP B 18 -7.33 0.44 -5.31
CA ASP B 18 -7.74 -0.08 -4.04
C ASP B 18 -6.58 -0.20 -3.10
N PHE B 19 -5.44 -0.63 -3.64
CA PHE B 19 -4.21 -0.80 -2.86
C PHE B 19 -3.87 0.53 -2.16
N LEU B 20 -4.02 1.62 -2.89
CA LEU B 20 -3.79 2.96 -2.37
C LEU B 20 -4.96 3.42 -1.48
N LEU B 21 -6.15 3.10 -1.88
CA LEU B 21 -7.35 3.49 -1.16
C LEU B 21 -7.54 2.77 0.18
N LYS B 22 -6.68 1.84 0.46
CA LYS B 22 -6.68 1.15 1.73
C LYS B 22 -5.56 1.66 2.64
N MET B 23 -4.72 2.52 2.11
CA MET B 23 -3.56 3.04 2.84
C MET B 23 -4.02 4.03 3.92
N PRO B 24 -3.42 3.99 5.12
CA PRO B 24 -3.79 4.90 6.20
C PRO B 24 -3.32 6.32 5.93
N GLY B 25 -4.15 7.28 6.26
CA GLY B 25 -3.84 8.66 6.02
C GLY B 25 -4.35 9.09 4.67
N VAL B 26 -4.53 8.14 3.78
CA VAL B 26 -4.95 8.42 2.47
C VAL B 26 -6.47 8.46 2.36
N ASN B 27 -6.96 9.61 2.58
CA ASN B 27 -8.36 9.97 2.39
C ASN B 27 -8.56 10.37 0.93
N ALA B 28 -9.80 10.58 0.50
CA ALA B 28 -10.16 10.69 -0.95
C ALA B 28 -9.39 11.79 -1.65
N LYS B 29 -9.34 12.92 -0.99
CA LYS B 29 -8.60 14.10 -1.42
C LYS B 29 -7.12 13.76 -1.75
N ASN B 30 -6.54 12.88 -0.94
CA ASN B 30 -5.14 12.52 -1.05
C ASN B 30 -4.96 11.40 -2.05
N CYS B 31 -5.97 10.53 -2.16
CA CYS B 31 -5.98 9.46 -3.16
C CYS B 31 -5.90 10.11 -4.53
N ARG B 32 -6.69 11.16 -4.70
CA ARG B 32 -6.70 11.90 -5.92
C ARG B 32 -5.39 12.63 -6.18
N SER B 33 -4.85 13.29 -5.16
CA SER B 33 -3.55 13.94 -5.28
C SER B 33 -2.49 12.94 -5.74
N LEU B 34 -2.45 11.79 -5.10
CA LEU B 34 -1.51 10.76 -5.43
C LEU B 34 -1.66 10.23 -6.82
N MET B 35 -2.86 9.99 -7.28
CA MET B 35 -3.05 9.45 -8.64
C MET B 35 -2.82 10.51 -9.70
N HIS B 36 -2.86 11.77 -9.30
CA HIS B 36 -2.63 12.87 -10.22
C HIS B 36 -1.15 13.20 -10.37
N HIS B 37 -0.37 12.92 -9.35
CA HIS B 37 1.07 13.21 -9.41
C HIS B 37 1.87 11.92 -9.55
N VAL B 38 1.38 10.88 -8.97
CA VAL B 38 2.03 9.59 -8.92
C VAL B 38 1.31 8.55 -9.79
N LYS B 39 2.10 7.77 -10.50
CA LYS B 39 1.60 6.72 -11.36
C LYS B 39 0.95 5.58 -10.56
N ASN B 40 1.69 5.04 -9.61
CA ASN B 40 1.24 3.85 -8.88
C ASN B 40 1.78 3.81 -7.46
N ILE B 41 1.32 2.86 -6.68
CA ILE B 41 1.76 2.69 -5.30
C ILE B 41 3.26 2.44 -5.19
N ALA B 42 3.86 1.86 -6.23
CA ALA B 42 5.29 1.61 -6.27
C ALA B 42 6.07 2.94 -6.25
N GLU B 43 5.65 3.89 -7.10
CA GLU B 43 6.26 5.22 -7.14
C GLU B 43 6.03 5.92 -5.82
N LEU B 44 4.85 5.71 -5.26
CA LEU B 44 4.45 6.23 -3.97
C LEU B 44 5.40 5.76 -2.87
N ALA B 45 5.58 4.47 -2.79
CA ALA B 45 6.42 3.89 -1.77
C ALA B 45 7.89 4.22 -2.00
N ALA B 46 8.20 4.64 -3.22
CA ALA B 46 9.53 5.05 -3.60
C ALA B 46 9.76 6.50 -3.21
N LEU B 47 8.69 7.21 -2.93
CA LEU B 47 8.76 8.59 -2.55
C LEU B 47 9.30 8.77 -1.17
N SER B 48 9.77 9.95 -0.93
CA SER B 48 10.26 10.33 0.33
C SER B 48 9.18 11.14 1.05
N GLN B 49 9.36 11.37 2.34
CA GLN B 49 8.37 12.02 3.19
C GLN B 49 8.02 13.40 2.68
N ASP B 50 9.03 14.20 2.37
CA ASP B 50 8.81 15.58 1.92
C ASP B 50 8.04 15.60 0.60
N GLU B 51 8.19 14.54 -0.14
CA GLU B 51 7.60 14.43 -1.46
C GLU B 51 6.14 14.13 -1.34
N LEU B 52 5.82 13.09 -0.60
CA LEU B 52 4.44 12.71 -0.37
C LEU B 52 3.67 13.80 0.38
N THR B 53 4.37 14.52 1.23
CA THR B 53 3.80 15.64 1.94
C THR B 53 3.36 16.73 0.97
N SER B 54 4.20 17.04 0.00
CA SER B 54 3.92 18.05 -0.98
C SER B 54 2.78 17.63 -1.91
N ILE B 55 2.75 16.36 -2.29
CA ILE B 55 1.72 15.83 -3.16
C ILE B 55 0.36 15.78 -2.46
N LEU B 56 0.34 15.21 -1.26
CA LEU B 56 -0.89 15.09 -0.46
C LEU B 56 -1.43 16.44 -0.08
N GLY B 57 -0.56 17.28 0.44
CA GLY B 57 -0.97 18.58 0.87
C GLY B 57 -1.26 18.60 2.36
N ASN B 58 -1.22 17.44 2.97
CA ASN B 58 -1.52 17.33 4.37
C ASN B 58 -0.35 16.67 5.06
N ALA B 59 0.29 17.38 5.96
CA ALA B 59 1.46 16.84 6.66
C ALA B 59 1.08 15.70 7.59
N ALA B 60 -0.09 15.81 8.20
CA ALA B 60 -0.60 14.77 9.09
C ALA B 60 -0.83 13.48 8.35
N ASN B 61 -1.55 13.59 7.22
CA ASN B 61 -1.83 12.41 6.38
C ASN B 61 -0.55 11.81 5.88
N ALA B 62 0.38 12.69 5.55
CA ALA B 62 1.67 12.31 5.04
C ALA B 62 2.44 11.50 6.06
N LYS B 63 2.33 11.88 7.32
CA LYS B 63 2.99 11.18 8.40
C LYS B 63 2.47 9.75 8.51
N GLN B 64 1.16 9.62 8.44
CA GLN B 64 0.51 8.33 8.64
C GLN B 64 0.85 7.39 7.50
N LEU B 65 0.88 7.95 6.31
CA LEU B 65 1.17 7.23 5.13
C LEU B 65 2.64 6.83 5.10
N TYR B 66 3.52 7.82 5.29
CA TYR B 66 4.97 7.62 5.32
C TYR B 66 5.37 6.55 6.33
N ASP B 67 4.81 6.67 7.52
CA ASP B 67 5.14 5.78 8.63
C ASP B 67 4.79 4.36 8.24
N PHE B 68 3.58 4.18 7.73
CA PHE B 68 3.05 2.88 7.32
C PHE B 68 3.91 2.22 6.28
N ILE B 69 4.25 2.98 5.26
CA ILE B 69 5.04 2.49 4.15
C ILE B 69 6.40 2.03 4.63
N HIS B 70 6.90 2.68 5.65
CA HIS B 70 8.23 2.41 6.14
C HIS B 70 8.22 1.61 7.43
N THR B 71 7.09 1.05 7.78
CA THR B 71 6.99 0.31 8.99
C THR B 71 6.37 -1.05 8.71
N SER B 72 6.48 -1.92 9.66
CA SER B 72 5.93 -3.23 9.56
C SER B 72 5.06 -3.46 10.77
N PHE B 73 4.13 -4.38 10.71
CA PHE B 73 3.37 -4.66 11.90
C PHE B 73 4.21 -5.60 12.74
N ALA B 74 5.04 -6.37 12.03
CA ALA B 74 5.91 -7.37 12.62
C ALA B 74 6.99 -6.73 13.46
N GLU B 75 7.26 -5.46 13.23
CA GLU B 75 8.25 -4.78 14.01
C GLU B 75 7.60 -4.22 15.27
N VAL B 76 6.30 -3.98 15.18
CA VAL B 76 5.54 -3.39 16.27
C VAL B 76 5.10 -4.44 17.28
N VAL B 77 4.80 -5.64 16.77
CA VAL B 77 4.39 -6.78 17.63
C VAL B 77 5.49 -7.16 18.64
N SER B 78 6.71 -6.76 18.36
CA SER B 78 7.82 -7.07 19.23
C SER B 78 8.31 -5.85 20.01
N LYS B 79 7.62 -4.73 19.96
CA LYS B 79 8.08 -3.56 20.69
C LYS B 79 6.97 -2.86 21.48
N GLY B 80 6.82 -3.20 22.74
CA GLY B 80 5.86 -2.52 23.60
C GLY B 80 6.50 -1.27 24.19
N LYS B 81 7.00 -0.46 23.30
CA LYS B 81 7.78 0.72 23.61
C LYS B 81 6.92 1.86 24.12
N GLY B 82 7.33 2.45 25.20
CA GLY B 82 6.70 3.62 25.69
C GLY B 82 7.71 4.60 26.17
N LYS B 83 8.07 4.50 27.42
CA LYS B 83 9.03 5.40 28.00
C LYS B 83 9.66 4.72 29.19
N LYS B 84 10.58 5.40 29.81
CA LYS B 84 11.11 4.99 31.05
C LYS B 84 10.60 5.96 32.09
N ARG A 1 -10.18 0.15 31.52
CA ARG A 1 -10.98 0.63 32.64
C ARG A 1 -10.47 1.98 33.13
N ILE A 2 -9.20 2.06 33.47
CA ILE A 2 -8.63 3.30 33.97
C ILE A 2 -7.87 3.99 32.84
N ARG A 3 -8.18 5.26 32.62
CA ARG A 3 -7.55 6.02 31.56
C ARG A 3 -6.18 6.56 31.97
N ARG A 4 -5.95 6.66 33.27
CA ARG A 4 -4.62 6.97 33.78
C ARG A 4 -3.73 5.78 33.51
N ARG A 5 -2.82 5.96 32.61
CA ARG A 5 -1.95 4.90 32.17
C ARG A 5 -0.61 5.52 31.86
N TYR A 6 0.39 5.20 32.64
CA TYR A 6 1.71 5.75 32.38
C TYR A 6 2.32 5.07 31.18
N ASN A 7 2.10 3.77 31.07
CA ASN A 7 2.57 3.05 29.92
C ASN A 7 1.68 3.29 28.75
N MET A 8 1.95 4.36 28.07
CA MET A 8 1.21 4.73 26.90
C MET A 8 1.71 3.94 25.71
N ALA A 9 2.87 3.30 25.88
CA ALA A 9 3.41 2.39 24.89
C ALA A 9 2.52 1.16 24.82
N ASP A 10 1.95 0.79 25.96
CA ASP A 10 1.02 -0.34 26.06
C ASP A 10 -0.20 -0.08 25.17
N LEU A 11 -0.69 1.15 25.25
CA LEU A 11 -1.80 1.62 24.44
C LEU A 11 -1.37 1.69 22.98
N LEU A 12 -0.30 2.43 22.72
CA LEU A 12 0.21 2.69 21.38
C LEU A 12 0.50 1.41 20.62
N MET A 13 1.29 0.53 21.21
CA MET A 13 1.68 -0.73 20.59
C MET A 13 0.48 -1.58 20.21
N GLU A 14 -0.50 -1.70 21.12
CA GLU A 14 -1.67 -2.52 20.83
C GLU A 14 -2.47 -1.93 19.66
N LYS A 15 -2.74 -0.64 19.76
CA LYS A 15 -3.62 0.01 18.81
C LYS A 15 -2.97 0.24 17.46
N LEU A 16 -1.68 0.53 17.46
CA LEU A 16 -0.97 0.76 16.23
C LEU A 16 -0.96 -0.51 15.43
N GLU A 17 -0.75 -1.64 16.12
CA GLU A 17 -0.79 -2.97 15.51
C GLU A 17 -2.11 -3.20 14.81
N GLN A 18 -3.21 -2.85 15.49
CA GLN A 18 -4.56 -3.03 14.97
C GLN A 18 -4.70 -2.40 13.60
N ASP A 19 -4.25 -1.17 13.48
CA ASP A 19 -4.35 -0.49 12.19
C ASP A 19 -3.29 -0.99 11.23
N LEU A 20 -2.10 -1.23 11.75
CA LEU A 20 -0.97 -1.74 10.96
C LEU A 20 -1.35 -2.99 10.21
N VAL A 21 -1.85 -3.97 10.93
CA VAL A 21 -2.17 -5.23 10.33
C VAL A 21 -3.44 -5.14 9.45
N SER A 22 -4.44 -4.37 9.86
CA SER A 22 -5.66 -4.30 9.07
C SER A 22 -5.41 -3.67 7.70
N ARG A 23 -4.60 -2.62 7.69
CA ARG A 23 -4.28 -1.92 6.45
C ARG A 23 -3.48 -2.80 5.51
N VAL A 24 -2.38 -3.36 6.02
CA VAL A 24 -1.51 -4.20 5.20
C VAL A 24 -2.26 -5.37 4.62
N THR A 25 -3.01 -6.05 5.46
CA THR A 25 -3.79 -7.20 5.01
C THR A 25 -4.74 -6.78 3.88
N GLU A 26 -5.48 -5.69 4.07
CA GLU A 26 -6.41 -5.19 3.05
C GLU A 26 -5.69 -4.83 1.77
N CYS A 27 -4.58 -4.12 1.89
CA CYS A 27 -3.83 -3.67 0.74
C CYS A 27 -3.42 -4.81 -0.16
N LEU A 28 -2.95 -5.90 0.40
CA LEU A 28 -2.50 -7.03 -0.43
C LEU A 28 -3.75 -7.72 -1.03
N THR A 29 -4.80 -7.66 -0.25
CA THR A 29 -6.11 -8.29 -0.52
C THR A 29 -6.88 -7.58 -1.67
N THR A 30 -6.46 -6.38 -2.01
CA THR A 30 -7.13 -5.61 -3.06
C THR A 30 -6.98 -6.24 -4.43
N VAL A 31 -6.06 -7.16 -4.54
CA VAL A 31 -5.87 -7.90 -5.73
C VAL A 31 -6.89 -9.02 -5.76
N LYS A 32 -7.64 -9.12 -6.83
CA LYS A 32 -8.70 -10.12 -6.98
C LYS A 32 -8.20 -11.56 -6.74
N SER A 33 -6.99 -11.84 -7.12
CA SER A 33 -6.42 -13.16 -6.96
C SER A 33 -5.89 -13.36 -5.51
N VAL A 34 -5.79 -12.29 -4.74
CA VAL A 34 -5.27 -12.36 -3.39
C VAL A 34 -6.40 -12.21 -2.37
N ASN A 35 -6.52 -13.18 -1.50
CA ASN A 35 -7.55 -13.14 -0.46
C ASN A 35 -6.88 -12.80 0.86
N LYS A 36 -7.65 -12.68 1.92
CA LYS A 36 -7.13 -12.34 3.25
C LYS A 36 -6.14 -13.38 3.76
N THR A 37 -6.28 -14.61 3.29
CA THR A 37 -5.43 -15.67 3.78
C THR A 37 -4.12 -15.65 2.98
N ASP A 38 -4.20 -15.13 1.79
CA ASP A 38 -3.06 -14.94 0.96
C ASP A 38 -2.23 -13.84 1.58
N SER A 39 -2.91 -12.76 1.90
CA SER A 39 -2.31 -11.61 2.51
C SER A 39 -1.63 -11.95 3.84
N GLN A 40 -2.28 -12.78 4.68
CA GLN A 40 -1.66 -13.14 5.95
C GLN A 40 -0.37 -13.96 5.72
N THR A 41 -0.34 -14.70 4.61
CA THR A 41 0.84 -15.45 4.23
C THR A 41 1.99 -14.47 3.86
N LEU A 42 1.68 -13.40 3.13
CA LEU A 42 2.67 -12.39 2.79
C LEU A 42 3.08 -11.61 4.04
N LEU A 43 2.16 -11.52 4.95
CA LEU A 43 2.38 -10.83 6.20
C LEU A 43 3.29 -11.60 7.14
N THR A 44 3.24 -12.91 7.09
CA THR A 44 4.12 -13.68 7.93
C THR A 44 5.52 -13.78 7.30
N THR A 45 5.61 -13.61 5.97
CA THR A 45 6.89 -13.67 5.34
C THR A 45 7.63 -12.29 5.36
N PHE A 46 6.94 -11.21 4.97
CA PHE A 46 7.64 -9.91 4.90
C PHE A 46 7.12 -8.91 5.94
N GLY A 47 5.87 -9.09 6.35
CA GLY A 47 5.21 -8.25 7.38
C GLY A 47 5.17 -6.74 7.13
N SER A 48 5.54 -6.30 5.95
CA SER A 48 5.65 -4.90 5.67
C SER A 48 5.24 -4.62 4.24
N LEU A 49 4.76 -3.41 3.98
CA LEU A 49 4.36 -3.02 2.65
C LEU A 49 5.59 -2.73 1.78
N GLU A 50 6.55 -2.00 2.32
CA GLU A 50 7.79 -1.70 1.61
C GLU A 50 8.44 -2.97 1.11
N GLN A 51 8.51 -3.93 1.99
CA GLN A 51 9.09 -5.23 1.68
C GLN A 51 8.29 -5.96 0.60
N LEU A 52 7.01 -5.66 0.50
CA LEU A 52 6.14 -6.31 -0.49
C LEU A 52 6.37 -5.68 -1.85
N ILE A 53 6.35 -4.35 -1.89
CA ILE A 53 6.50 -3.62 -3.13
C ILE A 53 7.95 -3.73 -3.66
N ALA A 54 8.90 -3.88 -2.76
CA ALA A 54 10.29 -4.03 -3.15
C ALA A 54 10.60 -5.50 -3.49
N ALA A 55 9.58 -6.33 -3.41
CA ALA A 55 9.70 -7.73 -3.70
C ALA A 55 9.31 -7.98 -5.15
N SER A 56 9.98 -8.91 -5.78
CA SER A 56 9.67 -9.25 -7.13
C SER A 56 8.65 -10.39 -7.16
N ARG A 57 8.18 -10.76 -8.35
CA ARG A 57 7.23 -11.88 -8.54
C ARG A 57 7.80 -13.19 -7.99
N GLU A 58 9.10 -13.26 -7.91
CA GLU A 58 9.81 -14.40 -7.36
C GLU A 58 9.65 -14.41 -5.85
N ASP A 59 9.91 -13.28 -5.23
CA ASP A 59 9.84 -13.10 -3.78
C ASP A 59 8.41 -13.26 -3.32
N LEU A 60 7.49 -12.73 -4.08
CA LEU A 60 6.09 -12.83 -3.76
C LEU A 60 5.58 -14.27 -3.89
N ALA A 61 6.21 -15.05 -4.77
CA ALA A 61 5.87 -16.48 -4.90
C ALA A 61 6.70 -17.32 -3.93
N LEU A 62 7.67 -16.69 -3.30
CA LEU A 62 8.55 -17.30 -2.32
C LEU A 62 7.81 -17.52 -1.00
N CYS A 63 6.82 -16.68 -0.77
CA CYS A 63 5.91 -16.81 0.36
C CYS A 63 5.44 -18.27 0.43
N PRO A 64 5.54 -18.92 1.61
CA PRO A 64 5.32 -20.37 1.74
C PRO A 64 3.98 -20.85 1.16
N GLY A 65 4.09 -21.66 0.10
CA GLY A 65 2.95 -22.24 -0.62
C GLY A 65 1.84 -21.24 -0.89
N LEU A 66 2.18 -20.06 -1.38
CA LEU A 66 1.18 -19.04 -1.49
C LEU A 66 0.58 -18.88 -2.89
N GLY A 67 1.40 -18.73 -3.89
CA GLY A 67 0.84 -18.56 -5.18
C GLY A 67 1.78 -17.93 -6.15
N PRO A 68 2.16 -18.58 -7.24
CA PRO A 68 2.96 -17.93 -8.25
C PRO A 68 2.13 -16.85 -8.99
N GLN A 69 0.84 -17.17 -9.20
CA GLN A 69 -0.07 -16.27 -9.88
C GLN A 69 -0.42 -15.11 -9.06
N LYS A 70 -0.46 -15.31 -7.77
CA LYS A 70 -0.77 -14.23 -6.90
C LYS A 70 0.32 -13.17 -7.01
N ALA A 71 1.57 -13.64 -7.08
CA ALA A 71 2.73 -12.81 -7.22
C ALA A 71 2.69 -12.02 -8.52
N ARG A 72 2.20 -12.66 -9.58
CA ARG A 72 2.12 -12.02 -10.88
C ARG A 72 1.16 -10.83 -10.78
N ARG A 73 -0.03 -11.10 -10.24
CA ARG A 73 -1.07 -10.10 -10.05
C ARG A 73 -0.66 -8.98 -9.09
N LEU A 74 0.01 -9.34 -8.01
CA LEU A 74 0.51 -8.37 -7.05
C LEU A 74 1.44 -7.39 -7.70
N PHE A 75 2.43 -7.88 -8.40
CA PHE A 75 3.41 -7.04 -9.06
C PHE A 75 2.72 -6.19 -10.14
N ASP A 76 1.67 -6.74 -10.74
CA ASP A 76 0.90 -6.05 -11.76
C ASP A 76 0.27 -4.82 -11.16
N VAL A 77 -0.48 -5.00 -10.07
CA VAL A 77 -1.18 -3.87 -9.44
C VAL A 77 -0.20 -2.88 -8.82
N LEU A 78 0.97 -3.36 -8.42
CA LEU A 78 1.98 -2.49 -7.85
C LEU A 78 2.55 -1.54 -8.90
N HIS A 79 2.60 -1.99 -10.15
CA HIS A 79 3.19 -1.19 -11.22
C HIS A 79 2.15 -0.54 -12.11
N GLU A 80 0.94 -0.98 -11.98
CA GLU A 80 -0.16 -0.46 -12.74
C GLU A 80 -0.65 0.85 -12.18
N PRO A 81 -0.78 1.86 -13.02
CA PRO A 81 -1.28 3.15 -12.60
C PRO A 81 -2.74 3.05 -12.19
N PHE A 82 -3.17 3.92 -11.28
CA PHE A 82 -4.55 3.86 -10.78
C PHE A 82 -5.54 4.14 -11.90
N LEU A 83 -5.12 4.95 -12.87
CA LEU A 83 -5.96 5.29 -14.01
C LEU A 83 -5.79 4.28 -15.13
N LYS A 84 -5.02 3.22 -14.86
CA LYS A 84 -4.73 2.14 -15.85
C LYS A 84 -3.77 2.63 -16.96
N VAL A 85 -4.04 3.80 -17.44
CA VAL A 85 -3.34 4.42 -18.48
C VAL A 85 -2.03 5.04 -17.97
N PRO A 86 -0.92 4.69 -18.60
CA PRO A 86 0.36 5.31 -18.32
C PRO A 86 0.54 6.57 -19.18
N GLY A 87 1.70 7.15 -19.15
CA GLY A 87 1.95 8.32 -19.96
C GLY A 87 2.59 7.95 -21.29
N GLY A 88 2.67 6.67 -21.56
CA GLY A 88 3.23 6.25 -22.81
C GLY A 88 3.58 4.78 -22.84
N LEU A 89 3.16 4.12 -23.90
CA LEU A 89 3.49 2.72 -24.15
C LEU A 89 3.90 2.55 -25.58
N GLU A 90 3.00 2.89 -26.48
CA GLU A 90 3.28 2.84 -27.91
C GLU A 90 3.99 4.11 -28.29
N HIS A 91 3.50 5.18 -27.75
CA HIS A 91 4.04 6.49 -27.97
C HIS A 91 4.07 7.18 -26.64
N HIS A 92 4.86 8.19 -26.50
CA HIS A 92 4.95 8.90 -25.26
C HIS A 92 4.11 10.16 -25.34
N HIS A 93 3.08 10.19 -24.57
CA HIS A 93 2.15 11.30 -24.53
C HIS A 93 2.28 12.07 -23.22
N HIS A 94 3.30 11.69 -22.45
CA HIS A 94 3.70 12.34 -21.21
C HIS A 94 2.68 12.20 -20.09
N HIS A 95 1.58 12.91 -20.20
CA HIS A 95 0.57 12.94 -19.15
C HIS A 95 -0.82 13.28 -19.73
N HIS A 96 -0.85 13.79 -20.95
CA HIS A 96 -2.13 14.12 -21.57
C HIS A 96 -2.59 12.91 -22.34
N MET B 1 -3.83 12.84 -22.70
CA MET B 1 -4.30 11.72 -23.50
C MET B 1 -5.21 12.21 -24.59
N ASP B 2 -4.63 12.42 -25.76
CA ASP B 2 -5.34 12.87 -26.97
C ASP B 2 -5.91 14.29 -26.75
N SER B 3 -6.62 14.80 -27.70
CA SER B 3 -7.25 16.09 -27.59
C SER B 3 -8.74 15.90 -27.34
N GLU B 4 -9.17 14.64 -27.40
CA GLU B 4 -10.53 14.27 -27.08
C GLU B 4 -10.79 14.42 -25.58
N THR B 5 -12.03 14.56 -25.22
CA THR B 5 -12.44 14.84 -23.84
C THR B 5 -12.72 13.52 -23.07
N LEU B 6 -12.18 12.41 -23.57
CA LEU B 6 -12.42 11.05 -23.04
C LEU B 6 -12.29 11.00 -21.51
N PRO B 7 -13.42 10.81 -20.80
CA PRO B 7 -13.47 10.84 -19.33
C PRO B 7 -12.52 9.83 -18.71
N GLU B 8 -11.91 10.18 -17.62
CA GLU B 8 -10.96 9.29 -16.99
C GLU B 8 -11.67 8.12 -16.35
N SER B 9 -12.91 8.31 -15.99
CA SER B 9 -13.70 7.30 -15.33
C SER B 9 -13.79 5.94 -16.12
N GLU B 10 -13.58 5.98 -17.43
CA GLU B 10 -13.59 4.75 -18.24
C GLU B 10 -12.29 4.01 -18.08
N LYS B 11 -11.31 4.69 -17.56
CA LYS B 11 -9.99 4.17 -17.48
C LYS B 11 -9.42 4.24 -16.07
N TYR B 12 -9.73 3.23 -15.29
CA TYR B 12 -9.16 3.05 -13.97
C TYR B 12 -8.92 1.59 -13.71
N ASN B 13 -7.96 1.31 -12.88
CA ASN B 13 -7.68 -0.04 -12.45
C ASN B 13 -8.09 -0.19 -10.99
N PRO B 14 -9.09 -1.04 -10.71
CA PRO B 14 -9.61 -1.21 -9.36
C PRO B 14 -8.57 -1.76 -8.38
N GLY B 15 -7.72 -2.67 -8.86
CA GLY B 15 -6.71 -3.30 -8.01
C GLY B 15 -5.78 -2.30 -7.34
N PRO B 16 -4.91 -1.61 -8.10
CA PRO B 16 -3.95 -0.68 -7.54
C PRO B 16 -4.57 0.52 -6.86
N GLN B 17 -5.74 0.96 -7.34
CA GLN B 17 -6.36 2.11 -6.73
C GLN B 17 -6.85 1.72 -5.37
N ASP B 18 -7.39 0.51 -5.27
CA ASP B 18 -7.96 0.06 -4.03
C ASP B 18 -6.84 -0.15 -3.05
N PHE B 19 -5.71 -0.68 -3.56
CA PHE B 19 -4.47 -0.90 -2.78
C PHE B 19 -4.13 0.37 -2.01
N LEU B 20 -4.17 1.50 -2.72
CA LEU B 20 -3.89 2.81 -2.15
C LEU B 20 -5.04 3.29 -1.26
N LEU B 21 -6.25 3.10 -1.70
CA LEU B 21 -7.42 3.52 -0.95
C LEU B 21 -7.54 2.84 0.41
N LYS B 22 -6.93 1.68 0.53
CA LYS B 22 -6.91 0.90 1.75
C LYS B 22 -5.82 1.38 2.69
N MET B 23 -4.88 2.15 2.17
CA MET B 23 -3.73 2.62 2.93
C MET B 23 -4.19 3.66 3.95
N PRO B 24 -3.56 3.72 5.13
CA PRO B 24 -3.96 4.62 6.21
C PRO B 24 -3.65 6.09 5.91
N GLY B 25 -4.51 6.96 6.42
CA GLY B 25 -4.34 8.38 6.24
C GLY B 25 -4.85 8.89 4.89
N VAL B 26 -5.16 7.98 4.00
CA VAL B 26 -5.55 8.33 2.65
C VAL B 26 -7.06 8.55 2.54
N ASN B 27 -7.43 9.80 2.52
CA ASN B 27 -8.80 10.22 2.27
C ASN B 27 -8.94 10.49 0.78
N ALA B 28 -10.15 10.78 0.32
CA ALA B 28 -10.44 10.94 -1.12
C ALA B 28 -9.63 12.06 -1.76
N LYS B 29 -9.36 13.08 -0.99
CA LYS B 29 -8.61 14.24 -1.44
C LYS B 29 -7.18 13.80 -1.70
N ASN B 30 -6.65 13.03 -0.75
CA ASN B 30 -5.30 12.46 -0.84
C ASN B 30 -5.23 11.46 -1.98
N CYS B 31 -6.28 10.62 -2.13
CA CYS B 31 -6.38 9.66 -3.24
C CYS B 31 -6.21 10.37 -4.55
N ARG B 32 -6.95 11.48 -4.69
CA ARG B 32 -6.90 12.29 -5.87
C ARG B 32 -5.52 12.88 -6.12
N SER B 33 -4.96 13.53 -5.13
CA SER B 33 -3.64 14.12 -5.27
C SER B 33 -2.59 13.07 -5.67
N LEU B 34 -2.68 11.89 -5.07
CA LEU B 34 -1.78 10.83 -5.38
C LEU B 34 -1.94 10.32 -6.79
N MET B 35 -3.15 10.16 -7.27
CA MET B 35 -3.32 9.63 -8.63
C MET B 35 -3.06 10.72 -9.68
N HIS B 36 -2.97 11.94 -9.23
CA HIS B 36 -2.72 13.07 -10.10
C HIS B 36 -1.23 13.39 -10.21
N HIS B 37 -0.46 12.97 -9.22
CA HIS B 37 1.00 13.22 -9.23
C HIS B 37 1.79 11.92 -9.32
N VAL B 38 1.22 10.88 -8.81
CA VAL B 38 1.82 9.58 -8.74
C VAL B 38 1.17 8.61 -9.72
N LYS B 39 1.98 7.75 -10.33
CA LYS B 39 1.49 6.75 -11.25
C LYS B 39 0.79 5.61 -10.48
N ASN B 40 1.51 5.04 -9.53
CA ASN B 40 1.06 3.86 -8.79
C ASN B 40 1.64 3.85 -7.38
N ILE B 41 1.19 2.90 -6.57
CA ILE B 41 1.67 2.73 -5.20
C ILE B 41 3.19 2.52 -5.14
N ALA B 42 3.78 1.97 -6.21
CA ALA B 42 5.23 1.75 -6.28
C ALA B 42 5.99 3.09 -6.25
N GLU B 43 5.50 4.06 -7.03
CA GLU B 43 6.09 5.41 -7.06
C GLU B 43 5.97 6.02 -5.69
N LEU B 44 4.78 5.91 -5.15
CA LEU B 44 4.41 6.37 -3.82
C LEU B 44 5.36 5.82 -2.76
N ALA B 45 5.51 4.55 -2.73
CA ALA B 45 6.34 3.91 -1.74
C ALA B 45 7.84 4.16 -1.98
N ALA B 46 8.20 4.59 -3.17
CA ALA B 46 9.60 4.85 -3.49
C ALA B 46 9.94 6.32 -3.32
N LEU B 47 8.95 7.14 -3.05
CA LEU B 47 9.18 8.54 -2.88
C LEU B 47 9.37 8.96 -1.41
N SER B 48 10.01 10.08 -1.23
CA SER B 48 10.41 10.58 0.05
C SER B 48 9.24 11.19 0.79
N GLN B 49 9.43 11.41 2.09
CA GLN B 49 8.46 11.99 2.96
C GLN B 49 8.05 13.37 2.43
N ASP B 50 9.02 14.16 2.05
CA ASP B 50 8.75 15.51 1.54
C ASP B 50 7.96 15.47 0.23
N GLU B 51 8.19 14.44 -0.57
CA GLU B 51 7.49 14.28 -1.84
C GLU B 51 6.01 14.03 -1.58
N LEU B 52 5.73 13.00 -0.79
CA LEU B 52 4.37 12.65 -0.46
C LEU B 52 3.66 13.76 0.33
N THR B 53 4.42 14.47 1.15
CA THR B 53 3.89 15.58 1.90
C THR B 53 3.46 16.73 0.97
N SER B 54 4.28 17.03 -0.03
CA SER B 54 3.97 18.07 -1.00
C SER B 54 2.74 17.71 -1.83
N ILE B 55 2.52 16.43 -2.03
CA ILE B 55 1.39 15.94 -2.78
C ILE B 55 0.11 15.96 -1.93
N LEU B 56 0.17 15.35 -0.76
CA LEU B 56 -1.00 15.20 0.13
C LEU B 56 -1.39 16.50 0.81
N GLY B 57 -0.43 17.34 1.07
CA GLY B 57 -0.70 18.60 1.72
C GLY B 57 -0.54 18.51 3.21
N ASN B 58 -1.12 17.48 3.78
CA ASN B 58 -1.07 17.24 5.19
C ASN B 58 0.15 16.47 5.58
N ALA B 59 0.93 17.06 6.44
CA ALA B 59 2.14 16.46 6.97
C ALA B 59 1.82 15.20 7.79
N ALA B 60 0.71 15.25 8.52
CA ALA B 60 0.27 14.13 9.34
C ALA B 60 -0.08 12.95 8.47
N ASN B 61 -0.93 13.19 7.47
CA ASN B 61 -1.37 12.15 6.50
C ASN B 61 -0.18 11.54 5.83
N ALA B 62 0.75 12.41 5.47
CA ALA B 62 1.98 12.05 4.85
C ALA B 62 2.75 11.08 5.73
N LYS B 63 2.87 11.42 6.98
CA LYS B 63 3.54 10.58 7.93
C LYS B 63 2.84 9.23 8.09
N GLN B 64 1.50 9.26 8.13
CA GLN B 64 0.69 8.05 8.32
C GLN B 64 1.07 7.02 7.26
N LEU B 65 1.12 7.49 6.02
CA LEU B 65 1.52 6.66 4.89
C LEU B 65 2.95 6.25 5.02
N TYR B 66 3.83 7.23 5.03
CA TYR B 66 5.27 7.03 5.04
C TYR B 66 5.70 5.99 6.06
N ASP B 67 5.27 6.18 7.30
CA ASP B 67 5.61 5.26 8.38
C ASP B 67 5.07 3.88 8.11
N PHE B 68 3.78 3.79 7.76
CA PHE B 68 3.12 2.51 7.50
C PHE B 68 3.82 1.73 6.40
N ILE B 69 4.11 2.42 5.32
CA ILE B 69 4.75 1.82 4.16
C ILE B 69 6.09 1.24 4.58
N HIS B 70 6.76 1.95 5.44
CA HIS B 70 8.12 1.59 5.84
C HIS B 70 8.16 0.90 7.20
N THR B 71 7.06 0.32 7.61
CA THR B 71 7.02 -0.31 8.90
C THR B 71 6.37 -1.71 8.79
N SER B 72 6.48 -2.46 9.85
CA SER B 72 5.91 -3.77 9.96
C SER B 72 4.99 -3.77 11.16
N PHE B 73 3.99 -4.61 11.13
CA PHE B 73 3.11 -4.74 12.28
C PHE B 73 3.83 -5.56 13.35
N ALA B 74 4.83 -6.31 12.91
CA ALA B 74 5.59 -7.18 13.76
C ALA B 74 6.68 -6.41 14.48
N GLU B 75 6.98 -5.22 14.01
CA GLU B 75 8.00 -4.44 14.67
C GLU B 75 7.38 -3.63 15.80
N VAL B 76 6.07 -3.40 15.72
CA VAL B 76 5.39 -2.62 16.77
C VAL B 76 5.17 -3.52 17.96
N VAL B 77 4.88 -4.76 17.70
CA VAL B 77 4.78 -5.74 18.74
C VAL B 77 6.15 -6.04 19.30
N SER B 78 6.40 -5.47 20.46
CA SER B 78 7.65 -5.58 21.16
C SER B 78 7.88 -7.04 21.56
N LYS B 79 9.09 -7.50 21.41
CA LYS B 79 9.41 -8.88 21.71
C LYS B 79 9.70 -9.02 23.18
N GLY B 80 9.10 -10.00 23.79
CA GLY B 80 9.32 -10.26 25.17
C GLY B 80 9.28 -11.74 25.43
N LYS B 81 9.21 -12.13 26.68
CA LYS B 81 9.14 -13.52 27.04
C LYS B 81 7.75 -14.07 26.75
N GLY B 82 7.66 -15.36 26.73
CA GLY B 82 6.38 -15.99 26.50
C GLY B 82 5.64 -16.12 27.80
N LYS B 83 4.33 -16.06 27.73
CA LYS B 83 3.48 -16.11 28.92
C LYS B 83 3.30 -17.55 29.39
N LYS B 84 3.87 -18.43 28.65
CA LYS B 84 3.83 -19.82 28.94
C LYS B 84 5.25 -20.27 29.16
N ARG A 1 0.49 -12.74 41.48
CA ARG A 1 -0.53 -11.93 40.82
C ARG A 1 -0.57 -12.26 39.34
N ILE A 2 -1.67 -11.99 38.71
CA ILE A 2 -1.84 -12.28 37.31
C ILE A 2 -1.34 -11.11 36.49
N ARG A 3 -0.62 -11.40 35.43
CA ARG A 3 -0.09 -10.37 34.57
C ARG A 3 -1.12 -9.93 33.58
N ARG A 4 -1.86 -8.93 33.95
CA ARG A 4 -2.82 -8.32 33.09
C ARG A 4 -2.11 -7.19 32.39
N ARG A 5 -2.63 -6.74 31.29
CA ARG A 5 -2.03 -5.63 30.60
C ARG A 5 -2.56 -4.35 31.21
N TYR A 6 -1.80 -3.79 32.12
CA TYR A 6 -2.24 -2.59 32.82
C TYR A 6 -1.48 -1.38 32.31
N ASN A 7 -0.29 -1.61 31.82
CA ASN A 7 0.54 -0.54 31.31
C ASN A 7 0.03 -0.08 29.95
N MET A 8 0.07 1.22 29.73
CA MET A 8 -0.49 1.84 28.54
C MET A 8 0.20 1.40 27.25
N ALA A 9 1.46 0.97 27.34
CA ALA A 9 2.19 0.57 26.15
C ALA A 9 1.56 -0.67 25.53
N ASP A 10 1.01 -1.55 26.37
CA ASP A 10 0.35 -2.77 25.90
C ASP A 10 -0.89 -2.42 25.10
N LEU A 11 -1.56 -1.35 25.52
CA LEU A 11 -2.76 -0.85 24.85
C LEU A 11 -2.36 -0.20 23.54
N LEU A 12 -1.32 0.64 23.60
CA LEU A 12 -0.83 1.35 22.42
C LEU A 12 -0.37 0.38 21.36
N MET A 13 0.44 -0.59 21.75
CA MET A 13 0.93 -1.61 20.83
C MET A 13 -0.23 -2.34 20.18
N GLU A 14 -1.28 -2.62 20.97
CA GLU A 14 -2.46 -3.32 20.47
C GLU A 14 -3.17 -2.53 19.37
N LYS A 15 -3.34 -1.26 19.60
CA LYS A 15 -4.01 -0.42 18.63
C LYS A 15 -3.16 -0.21 17.39
N LEU A 16 -1.87 -0.04 17.59
CA LEU A 16 -0.98 0.11 16.47
C LEU A 16 -0.91 -1.16 15.63
N GLU A 17 -0.72 -2.31 16.29
CA GLU A 17 -0.59 -3.58 15.58
C GLU A 17 -1.83 -3.92 14.79
N GLN A 18 -3.01 -3.72 15.38
CA GLN A 18 -4.25 -4.08 14.72
C GLN A 18 -4.47 -3.27 13.46
N ASP A 19 -4.22 -1.97 13.52
CA ASP A 19 -4.40 -1.15 12.33
C ASP A 19 -3.33 -1.48 11.31
N LEU A 20 -2.08 -1.60 11.77
CA LEU A 20 -0.96 -1.94 10.91
C LEU A 20 -1.23 -3.19 10.10
N VAL A 21 -1.57 -4.26 10.79
CA VAL A 21 -1.79 -5.50 10.12
C VAL A 21 -3.01 -5.46 9.21
N SER A 22 -4.10 -4.89 9.68
CA SER A 22 -5.33 -4.86 8.91
C SER A 22 -5.18 -4.02 7.65
N ARG A 23 -4.46 -2.89 7.75
CA ARG A 23 -4.17 -2.04 6.60
C ARG A 23 -3.37 -2.80 5.57
N VAL A 24 -2.24 -3.39 6.01
CA VAL A 24 -1.40 -4.14 5.11
C VAL A 24 -2.20 -5.30 4.48
N THR A 25 -3.01 -6.00 5.29
CA THR A 25 -3.84 -7.10 4.80
C THR A 25 -4.73 -6.60 3.66
N GLU A 26 -5.44 -5.47 3.90
CA GLU A 26 -6.30 -4.85 2.91
C GLU A 26 -5.54 -4.56 1.63
N CYS A 27 -4.42 -3.88 1.78
CA CYS A 27 -3.62 -3.46 0.68
C CYS A 27 -3.22 -4.63 -0.22
N LEU A 28 -2.81 -5.75 0.37
CA LEU A 28 -2.35 -6.88 -0.45
C LEU A 28 -3.55 -7.58 -1.07
N THR A 29 -4.66 -7.57 -0.35
CA THR A 29 -5.85 -8.34 -0.73
C THR A 29 -6.77 -7.52 -1.67
N THR A 30 -6.32 -6.35 -2.06
CA THR A 30 -7.06 -5.51 -2.98
C THR A 30 -7.16 -6.15 -4.35
N VAL A 31 -6.17 -7.00 -4.65
CA VAL A 31 -6.14 -7.69 -5.91
C VAL A 31 -7.18 -8.78 -5.85
N LYS A 32 -7.98 -8.89 -6.89
CA LYS A 32 -9.08 -9.87 -6.95
C LYS A 32 -8.61 -11.31 -6.75
N SER A 33 -7.37 -11.55 -7.04
CA SER A 33 -6.76 -12.85 -6.89
C SER A 33 -6.36 -13.12 -5.42
N VAL A 34 -6.09 -12.07 -4.68
CA VAL A 34 -5.59 -12.19 -3.31
C VAL A 34 -6.74 -12.13 -2.29
N ASN A 35 -6.87 -13.20 -1.52
CA ASN A 35 -7.91 -13.33 -0.49
C ASN A 35 -7.25 -13.03 0.87
N LYS A 36 -7.99 -13.03 1.97
CA LYS A 36 -7.40 -12.66 3.27
C LYS A 36 -6.31 -13.63 3.75
N THR A 37 -6.54 -14.93 3.67
CA THR A 37 -5.53 -15.91 4.07
C THR A 37 -4.30 -15.83 3.13
N ASP A 38 -4.53 -15.34 1.96
CA ASP A 38 -3.52 -15.21 0.93
C ASP A 38 -2.61 -14.04 1.37
N SER A 39 -3.25 -12.93 1.66
CA SER A 39 -2.60 -11.72 2.15
C SER A 39 -1.89 -11.98 3.51
N GLN A 40 -2.52 -12.74 4.41
CA GLN A 40 -1.94 -13.00 5.73
C GLN A 40 -0.66 -13.80 5.58
N THR A 41 -0.58 -14.62 4.53
CA THR A 41 0.62 -15.37 4.25
C THR A 41 1.76 -14.40 3.87
N LEU A 42 1.45 -13.39 3.09
CA LEU A 42 2.43 -12.35 2.77
C LEU A 42 2.84 -11.57 4.02
N LEU A 43 1.93 -11.47 4.94
CA LEU A 43 2.17 -10.81 6.19
C LEU A 43 3.08 -11.61 7.12
N THR A 44 2.98 -12.91 7.09
CA THR A 44 3.85 -13.70 7.94
C THR A 44 5.25 -13.81 7.31
N THR A 45 5.35 -13.60 6.01
CA THR A 45 6.64 -13.63 5.37
C THR A 45 7.35 -12.25 5.44
N PHE A 46 6.69 -11.17 5.02
CA PHE A 46 7.39 -9.88 5.01
C PHE A 46 6.80 -8.89 6.02
N GLY A 47 5.51 -9.05 6.33
CA GLY A 47 4.80 -8.24 7.34
C GLY A 47 4.87 -6.73 7.15
N SER A 48 5.28 -6.29 6.00
CA SER A 48 5.58 -4.90 5.77
C SER A 48 5.20 -4.53 4.35
N LEU A 49 5.01 -3.25 4.07
CA LEU A 49 4.68 -2.81 2.72
C LEU A 49 5.91 -2.59 1.84
N GLU A 50 6.93 -1.90 2.36
CA GLU A 50 8.10 -1.56 1.55
C GLU A 50 8.77 -2.83 1.04
N GLN A 51 8.78 -3.84 1.88
CA GLN A 51 9.30 -5.15 1.56
C GLN A 51 8.51 -5.82 0.44
N LEU A 52 7.22 -5.53 0.37
CA LEU A 52 6.33 -6.17 -0.60
C LEU A 52 6.56 -5.56 -1.97
N ILE A 53 6.66 -4.24 -2.01
CA ILE A 53 6.84 -3.52 -3.27
C ILE A 53 8.29 -3.68 -3.79
N ALA A 54 9.22 -3.92 -2.88
CA ALA A 54 10.60 -4.16 -3.26
C ALA A 54 10.78 -5.61 -3.69
N ALA A 55 9.84 -6.43 -3.30
CA ALA A 55 9.84 -7.82 -3.62
C ALA A 55 9.42 -8.01 -5.06
N SER A 56 10.11 -8.86 -5.75
CA SER A 56 9.78 -9.12 -7.12
C SER A 56 8.79 -10.30 -7.14
N ARG A 57 8.34 -10.68 -8.33
CA ARG A 57 7.42 -11.80 -8.49
C ARG A 57 7.98 -13.11 -7.90
N GLU A 58 9.28 -13.29 -7.94
CA GLU A 58 9.89 -14.45 -7.30
C GLU A 58 9.81 -14.36 -5.78
N ASP A 59 10.00 -13.18 -5.25
CA ASP A 59 9.97 -12.96 -3.80
C ASP A 59 8.56 -13.12 -3.29
N LEU A 60 7.62 -12.61 -4.04
CA LEU A 60 6.22 -12.72 -3.68
C LEU A 60 5.71 -14.16 -3.85
N ALA A 61 6.36 -14.94 -4.71
CA ALA A 61 6.00 -16.34 -4.92
C ALA A 61 6.73 -17.24 -3.93
N LEU A 62 7.70 -16.65 -3.24
CA LEU A 62 8.51 -17.31 -2.25
C LEU A 62 7.69 -17.63 -1.01
N CYS A 63 6.71 -16.77 -0.73
CA CYS A 63 5.75 -16.92 0.37
C CYS A 63 5.29 -18.39 0.49
N PRO A 64 5.31 -18.96 1.72
CA PRO A 64 5.05 -20.39 1.93
C PRO A 64 3.69 -20.86 1.38
N GLY A 65 3.79 -21.76 0.38
CA GLY A 65 2.64 -22.41 -0.28
C GLY A 65 1.51 -21.47 -0.59
N LEU A 66 1.80 -20.31 -1.17
CA LEU A 66 0.78 -19.32 -1.29
C LEU A 66 0.24 -19.18 -2.72
N GLY A 67 1.10 -18.96 -3.67
CA GLY A 67 0.63 -18.81 -5.02
C GLY A 67 1.61 -18.10 -5.89
N PRO A 68 2.19 -18.73 -6.89
CA PRO A 68 3.12 -18.02 -7.78
C PRO A 68 2.37 -17.00 -8.66
N GLN A 69 1.10 -17.31 -8.99
CA GLN A 69 0.31 -16.42 -9.83
C GLN A 69 -0.07 -15.18 -9.06
N LYS A 70 -0.12 -15.30 -7.74
CA LYS A 70 -0.49 -14.17 -6.90
C LYS A 70 0.60 -13.12 -6.98
N ALA A 71 1.83 -13.60 -6.98
CA ALA A 71 3.00 -12.77 -7.12
C ALA A 71 2.96 -12.02 -8.44
N ARG A 72 2.53 -12.72 -9.49
CA ARG A 72 2.38 -12.15 -10.82
C ARG A 72 1.41 -10.98 -10.75
N ARG A 73 0.24 -11.25 -10.18
CA ARG A 73 -0.85 -10.28 -10.04
C ARG A 73 -0.44 -9.07 -9.21
N LEU A 74 0.17 -9.35 -8.07
CA LEU A 74 0.65 -8.34 -7.15
C LEU A 74 1.62 -7.38 -7.79
N PHE A 75 2.68 -7.91 -8.40
CA PHE A 75 3.70 -7.04 -9.03
C PHE A 75 3.04 -6.12 -10.03
N ASP A 76 2.08 -6.68 -10.74
CA ASP A 76 1.35 -5.95 -11.72
C ASP A 76 0.60 -4.79 -11.15
N VAL A 77 -0.22 -5.02 -10.10
CA VAL A 77 -0.99 -3.92 -9.51
C VAL A 77 -0.07 -2.90 -8.87
N LEU A 78 1.11 -3.33 -8.52
CA LEU A 78 2.09 -2.46 -7.92
C LEU A 78 2.64 -1.49 -8.97
N HIS A 79 2.64 -1.94 -10.22
CA HIS A 79 3.16 -1.16 -11.34
C HIS A 79 2.06 -0.77 -12.33
N GLU A 80 0.84 -0.85 -11.88
CA GLU A 80 -0.31 -0.44 -12.64
C GLU A 80 -0.81 0.87 -12.09
N PRO A 81 -1.00 1.86 -12.95
CA PRO A 81 -1.51 3.15 -12.54
C PRO A 81 -2.95 3.04 -12.09
N PHE A 82 -3.35 3.92 -11.20
CA PHE A 82 -4.70 3.90 -10.65
C PHE A 82 -5.68 4.23 -11.76
N LEU A 83 -5.29 5.19 -12.60
CA LEU A 83 -6.11 5.69 -13.71
C LEU A 83 -6.02 4.75 -14.90
N LYS A 84 -5.32 3.62 -14.71
CA LYS A 84 -5.07 2.60 -15.73
C LYS A 84 -4.04 3.06 -16.77
N VAL A 85 -4.10 4.31 -17.09
CA VAL A 85 -3.29 4.95 -18.10
C VAL A 85 -1.90 5.30 -17.56
N PRO A 86 -0.84 4.61 -18.01
CA PRO A 86 0.51 4.90 -17.61
C PRO A 86 1.15 5.91 -18.55
N GLY A 87 1.97 6.77 -18.00
CA GLY A 87 2.67 7.74 -18.82
C GLY A 87 3.74 7.10 -19.68
N GLY A 88 4.40 6.09 -19.14
CA GLY A 88 5.51 5.47 -19.83
C GLY A 88 5.14 4.38 -20.82
N LEU A 89 4.16 4.66 -21.64
CA LEU A 89 3.77 3.74 -22.69
C LEU A 89 4.55 4.00 -23.96
N GLU A 90 4.20 5.09 -24.62
CA GLU A 90 4.76 5.42 -25.91
C GLU A 90 4.70 6.90 -26.07
N HIS A 91 5.21 7.37 -27.18
CA HIS A 91 5.05 8.76 -27.55
C HIS A 91 3.90 8.89 -28.54
N HIS A 92 3.28 7.77 -28.82
CA HIS A 92 2.12 7.71 -29.67
C HIS A 92 0.89 7.94 -28.81
N HIS A 93 0.01 8.79 -29.27
CA HIS A 93 -1.15 9.16 -28.52
C HIS A 93 -2.35 8.41 -29.04
N HIS A 94 -3.24 8.04 -28.16
CA HIS A 94 -4.40 7.25 -28.53
C HIS A 94 -5.65 8.13 -28.69
N HIS A 95 -6.18 8.62 -27.59
CA HIS A 95 -7.43 9.36 -27.64
C HIS A 95 -7.12 10.86 -27.79
N HIS A 96 -7.03 11.28 -29.02
CA HIS A 96 -6.63 12.64 -29.36
C HIS A 96 -7.83 13.59 -29.43
N MET B 1 -7.52 14.87 -29.63
CA MET B 1 -8.47 15.98 -29.80
C MET B 1 -9.14 16.44 -28.52
N ASP B 2 -9.89 15.58 -27.90
CA ASP B 2 -10.67 15.97 -26.73
C ASP B 2 -10.79 14.77 -25.79
N SER B 3 -11.63 14.87 -24.79
CA SER B 3 -11.87 13.79 -23.88
C SER B 3 -13.21 13.13 -24.22
N GLU B 4 -13.99 13.78 -25.11
CA GLU B 4 -15.26 13.26 -25.65
C GLU B 4 -16.20 12.80 -24.53
N THR B 5 -16.32 13.66 -23.51
CA THR B 5 -17.18 13.48 -22.31
C THR B 5 -16.88 12.18 -21.51
N LEU B 6 -15.73 11.58 -21.75
CA LEU B 6 -15.33 10.40 -21.04
C LEU B 6 -14.78 10.79 -19.68
N PRO B 7 -15.31 10.22 -18.60
CA PRO B 7 -14.81 10.49 -17.28
C PRO B 7 -13.55 9.66 -17.04
N GLU B 8 -12.75 10.02 -16.09
CA GLU B 8 -11.61 9.21 -15.76
C GLU B 8 -12.06 8.00 -15.01
N SER B 9 -13.20 8.12 -14.33
CA SER B 9 -13.84 7.03 -13.58
C SER B 9 -14.12 5.78 -14.47
N GLU B 10 -14.10 6.01 -15.78
CA GLU B 10 -14.20 4.98 -16.80
C GLU B 10 -12.99 4.04 -16.72
N LYS B 11 -11.87 4.61 -16.43
CA LYS B 11 -10.61 3.97 -16.53
C LYS B 11 -9.88 3.96 -15.23
N TYR B 12 -10.14 2.97 -14.46
CA TYR B 12 -9.48 2.75 -13.20
C TYR B 12 -9.25 1.31 -13.00
N ASN B 13 -8.10 1.01 -12.50
CA ASN B 13 -7.77 -0.34 -12.18
C ASN B 13 -8.10 -0.54 -10.72
N PRO B 14 -9.09 -1.42 -10.43
CA PRO B 14 -9.56 -1.64 -9.06
C PRO B 14 -8.46 -2.10 -8.12
N GLY B 15 -7.58 -2.97 -8.60
CA GLY B 15 -6.49 -3.49 -7.80
C GLY B 15 -5.59 -2.42 -7.21
N PRO B 16 -4.82 -1.71 -8.05
CA PRO B 16 -3.91 -0.69 -7.56
C PRO B 16 -4.58 0.52 -6.93
N GLN B 17 -5.79 0.88 -7.39
CA GLN B 17 -6.46 2.03 -6.81
C GLN B 17 -6.82 1.68 -5.39
N ASP B 18 -7.27 0.44 -5.19
CA ASP B 18 -7.74 0.04 -3.90
C ASP B 18 -6.56 -0.11 -2.98
N PHE B 19 -5.42 -0.56 -3.57
CA PHE B 19 -4.14 -0.71 -2.85
C PHE B 19 -3.79 0.62 -2.17
N LEU B 20 -4.02 1.71 -2.88
CA LEU B 20 -3.80 3.05 -2.36
C LEU B 20 -4.96 3.52 -1.45
N LEU B 21 -6.18 3.23 -1.84
CA LEU B 21 -7.35 3.65 -1.07
C LEU B 21 -7.44 3.05 0.33
N LYS B 22 -6.82 1.91 0.51
CA LYS B 22 -6.81 1.22 1.80
C LYS B 22 -5.70 1.73 2.71
N MET B 23 -4.79 2.51 2.13
CA MET B 23 -3.63 3.04 2.85
C MET B 23 -4.06 4.02 3.94
N PRO B 24 -3.38 4.03 5.09
CA PRO B 24 -3.75 4.90 6.20
C PRO B 24 -3.41 6.36 5.92
N GLY B 25 -4.35 7.23 6.22
CA GLY B 25 -4.15 8.64 6.04
C GLY B 25 -4.63 9.12 4.70
N VAL B 26 -4.96 8.21 3.81
CA VAL B 26 -5.35 8.58 2.47
C VAL B 26 -6.87 8.73 2.33
N ASN B 27 -7.31 9.97 2.26
CA ASN B 27 -8.72 10.30 1.95
C ASN B 27 -8.88 10.44 0.44
N ALA B 28 -10.06 10.84 -0.03
CA ALA B 28 -10.35 10.91 -1.48
C ALA B 28 -9.59 12.04 -2.15
N LYS B 29 -9.39 13.11 -1.41
CA LYS B 29 -8.68 14.29 -1.89
C LYS B 29 -7.23 13.89 -2.09
N ASN B 30 -6.73 13.15 -1.10
CA ASN B 30 -5.38 12.60 -1.14
C ASN B 30 -5.23 11.63 -2.29
N CYS B 31 -6.23 10.75 -2.48
CA CYS B 31 -6.22 9.80 -3.59
C CYS B 31 -6.08 10.54 -4.91
N ARG B 32 -6.92 11.56 -5.10
CA ARG B 32 -6.89 12.37 -6.32
C ARG B 32 -5.55 13.06 -6.53
N SER B 33 -4.99 13.61 -5.48
CA SER B 33 -3.75 14.31 -5.56
C SER B 33 -2.65 13.32 -5.91
N LEU B 34 -2.70 12.17 -5.30
CA LEU B 34 -1.68 11.20 -5.48
C LEU B 34 -1.74 10.62 -6.86
N MET B 35 -2.91 10.38 -7.37
CA MET B 35 -3.04 9.84 -8.73
C MET B 35 -2.76 10.90 -9.81
N HIS B 36 -2.76 12.16 -9.40
CA HIS B 36 -2.43 13.27 -10.28
C HIS B 36 -0.94 13.59 -10.27
N HIS B 37 -0.24 13.09 -9.28
CA HIS B 37 1.21 13.26 -9.20
C HIS B 37 1.92 11.94 -9.43
N VAL B 38 1.36 10.91 -8.88
CA VAL B 38 1.89 9.59 -8.87
C VAL B 38 1.06 8.63 -9.72
N LYS B 39 1.74 7.91 -10.54
CA LYS B 39 1.17 6.90 -11.40
C LYS B 39 0.63 5.70 -10.60
N ASN B 40 1.48 5.13 -9.76
CA ASN B 40 1.16 3.89 -9.05
C ASN B 40 1.84 3.86 -7.71
N ILE B 41 1.30 3.06 -6.79
CA ILE B 41 1.82 2.91 -5.41
C ILE B 41 3.35 2.68 -5.37
N ALA B 42 3.93 2.08 -6.42
CA ALA B 42 5.37 1.86 -6.52
C ALA B 42 6.17 3.19 -6.48
N GLU B 43 5.63 4.23 -7.12
CA GLU B 43 6.28 5.54 -7.16
C GLU B 43 6.22 6.11 -5.75
N LEU B 44 5.02 6.00 -5.20
CA LEU B 44 4.68 6.39 -3.83
C LEU B 44 5.64 5.81 -2.82
N ALA B 45 5.81 4.52 -2.87
CA ALA B 45 6.64 3.85 -1.90
C ALA B 45 8.13 4.13 -2.15
N ALA B 46 8.47 4.54 -3.36
CA ALA B 46 9.84 4.85 -3.70
C ALA B 46 10.19 6.31 -3.42
N LEU B 47 9.19 7.11 -3.13
CA LEU B 47 9.42 8.52 -2.88
C LEU B 47 9.54 8.82 -1.39
N SER B 48 10.16 9.92 -1.08
CA SER B 48 10.43 10.32 0.27
C SER B 48 9.22 11.05 0.86
N GLN B 49 9.21 11.26 2.19
CA GLN B 49 8.09 11.89 2.85
C GLN B 49 7.81 13.27 2.28
N ASP B 50 8.85 14.05 2.07
CA ASP B 50 8.71 15.42 1.53
C ASP B 50 7.91 15.45 0.24
N GLU B 51 8.11 14.43 -0.57
CA GLU B 51 7.43 14.27 -1.83
C GLU B 51 5.93 14.05 -1.59
N LEU B 52 5.61 13.00 -0.83
CA LEU B 52 4.21 12.66 -0.54
C LEU B 52 3.48 13.75 0.26
N THR B 53 4.21 14.39 1.15
CA THR B 53 3.71 15.49 1.94
C THR B 53 3.27 16.65 1.03
N SER B 54 4.09 16.96 0.03
CA SER B 54 3.78 18.04 -0.90
C SER B 54 2.56 17.67 -1.76
N ILE B 55 2.43 16.39 -2.05
CA ILE B 55 1.34 15.89 -2.86
C ILE B 55 0.00 15.88 -2.07
N LEU B 56 0.04 15.35 -0.87
CA LEU B 56 -1.16 15.20 -0.04
C LEU B 56 -1.56 16.50 0.63
N GLY B 57 -0.59 17.32 0.91
CA GLY B 57 -0.84 18.59 1.56
C GLY B 57 -0.72 18.46 3.06
N ASN B 58 -1.39 17.48 3.60
CA ASN B 58 -1.40 17.21 5.02
C ASN B 58 -0.17 16.48 5.48
N ALA B 59 0.49 17.04 6.46
CA ALA B 59 1.68 16.48 7.05
C ALA B 59 1.35 15.19 7.80
N ALA B 60 0.24 15.19 8.51
CA ALA B 60 -0.21 14.03 9.28
C ALA B 60 -0.51 12.87 8.38
N ASN B 61 -1.32 13.15 7.34
CA ASN B 61 -1.69 12.13 6.33
C ASN B 61 -0.45 11.53 5.71
N ALA B 62 0.47 12.40 5.37
CA ALA B 62 1.73 12.04 4.78
C ALA B 62 2.53 11.16 5.72
N LYS B 63 2.54 11.56 6.97
CA LYS B 63 3.21 10.84 8.00
C LYS B 63 2.64 9.43 8.14
N GLN B 64 1.32 9.33 8.07
CA GLN B 64 0.64 8.06 8.21
C GLN B 64 1.13 7.10 7.16
N LEU B 65 1.24 7.59 5.94
CA LEU B 65 1.78 6.80 4.84
C LEU B 65 3.21 6.45 5.09
N TYR B 66 4.03 7.47 5.18
CA TYR B 66 5.47 7.34 5.31
C TYR B 66 5.88 6.32 6.39
N ASP B 67 5.37 6.52 7.59
CA ASP B 67 5.64 5.61 8.71
C ASP B 67 5.21 4.18 8.40
N PHE B 68 3.96 4.04 7.92
CA PHE B 68 3.36 2.74 7.59
C PHE B 68 4.14 1.99 6.52
N ILE B 69 4.41 2.68 5.44
CA ILE B 69 5.13 2.13 4.31
C ILE B 69 6.49 1.59 4.75
N HIS B 70 7.08 2.24 5.75
CA HIS B 70 8.39 1.85 6.24
C HIS B 70 8.32 1.10 7.57
N THR B 71 7.20 0.48 7.89
CA THR B 71 7.10 -0.19 9.16
C THR B 71 6.41 -1.57 9.00
N SER B 72 6.71 -2.46 9.91
CA SER B 72 6.15 -3.79 9.94
C SER B 72 5.06 -3.83 10.98
N PHE B 73 4.07 -4.68 10.80
CA PHE B 73 3.07 -4.82 11.85
C PHE B 73 3.66 -5.66 12.98
N ALA B 74 4.56 -6.55 12.60
CA ALA B 74 5.15 -7.52 13.49
C ALA B 74 6.23 -6.93 14.36
N GLU B 75 6.62 -5.73 14.08
CA GLU B 75 7.66 -5.12 14.88
C GLU B 75 7.03 -4.52 16.13
N VAL B 76 5.80 -4.10 16.02
CA VAL B 76 5.14 -3.42 17.13
C VAL B 76 4.51 -4.42 18.09
N VAL B 77 4.19 -5.60 17.58
CA VAL B 77 3.51 -6.67 18.35
C VAL B 77 4.35 -7.27 19.50
N SER B 78 5.58 -6.79 19.62
CA SER B 78 6.57 -7.26 20.59
C SER B 78 6.04 -7.32 22.05
N LYS B 79 5.62 -8.52 22.42
CA LYS B 79 5.05 -8.87 23.71
C LYS B 79 5.39 -10.35 23.87
N GLY B 80 4.50 -11.13 24.46
CA GLY B 80 4.67 -12.57 24.47
C GLY B 80 4.32 -13.14 23.11
N LYS B 81 5.15 -12.85 22.15
CA LYS B 81 4.97 -13.23 20.77
C LYS B 81 6.26 -13.85 20.29
N GLY B 82 6.20 -15.10 19.89
CA GLY B 82 7.39 -15.80 19.46
C GLY B 82 8.13 -16.38 20.64
N LYS B 83 8.42 -15.53 21.59
CA LYS B 83 9.06 -15.90 22.82
C LYS B 83 8.14 -15.51 23.96
N LYS B 84 8.19 -16.25 25.03
CA LYS B 84 7.34 -16.01 26.16
C LYS B 84 8.07 -15.17 27.18
N ARG A 1 0.64 -13.54 39.81
CA ARG A 1 1.51 -12.38 39.70
C ARG A 1 0.74 -11.10 39.33
N ILE A 2 -0.13 -11.18 38.33
CA ILE A 2 -0.84 -9.99 37.89
C ILE A 2 -2.35 -10.21 37.96
N ARG A 3 -3.03 -9.25 38.53
CA ARG A 3 -4.47 -9.21 38.56
C ARG A 3 -4.87 -8.00 37.75
N ARG A 4 -6.04 -8.05 37.11
CA ARG A 4 -6.48 -7.02 36.17
C ARG A 4 -5.55 -7.02 34.97
N ARG A 5 -5.58 -6.00 34.15
CA ARG A 5 -4.67 -5.96 33.04
C ARG A 5 -3.47 -5.11 33.37
N TYR A 6 -3.76 -3.85 33.75
CA TYR A 6 -2.76 -2.80 34.00
C TYR A 6 -2.11 -2.41 32.64
N ASN A 7 -1.38 -1.32 32.61
CA ASN A 7 -0.65 -0.88 31.38
C ASN A 7 -1.59 -0.36 30.29
N MET A 8 -1.67 0.95 30.14
CA MET A 8 -2.47 1.51 29.08
C MET A 8 -1.61 1.63 27.82
N ALA A 9 -0.30 1.59 28.02
CA ALA A 9 0.64 1.58 26.93
C ALA A 9 0.48 0.28 26.14
N ASP A 10 0.06 -0.77 26.86
CA ASP A 10 -0.24 -2.09 26.28
C ASP A 10 -1.39 -1.94 25.30
N LEU A 11 -2.39 -1.16 25.71
CA LEU A 11 -3.56 -0.88 24.91
C LEU A 11 -3.19 -0.11 23.65
N LEU A 12 -2.40 0.94 23.83
CA LEU A 12 -1.94 1.77 22.72
C LEU A 12 -1.13 0.93 21.74
N MET A 13 -0.27 0.10 22.29
CA MET A 13 0.60 -0.82 21.57
C MET A 13 -0.25 -1.78 20.72
N GLU A 14 -1.29 -2.36 21.35
CA GLU A 14 -2.25 -3.23 20.67
C GLU A 14 -2.94 -2.52 19.50
N LYS A 15 -3.42 -1.31 19.75
CA LYS A 15 -4.09 -0.55 18.69
C LYS A 15 -3.13 -0.18 17.54
N LEU A 16 -1.84 -0.11 17.84
CA LEU A 16 -0.84 0.12 16.82
C LEU A 16 -0.72 -1.10 15.92
N GLU A 17 -0.33 -2.23 16.53
CA GLU A 17 -0.13 -3.48 15.78
C GLU A 17 -1.41 -3.94 15.08
N GLN A 18 -2.55 -3.76 15.72
CA GLN A 18 -3.82 -4.13 15.15
C GLN A 18 -4.19 -3.28 13.94
N ASP A 19 -3.92 -1.99 13.98
CA ASP A 19 -4.27 -1.15 12.85
C ASP A 19 -3.34 -1.45 11.69
N LEU A 20 -2.07 -1.67 12.03
CA LEU A 20 -1.05 -2.05 11.06
C LEU A 20 -1.46 -3.32 10.31
N VAL A 21 -1.76 -4.37 11.06
CA VAL A 21 -2.11 -5.65 10.46
C VAL A 21 -3.39 -5.53 9.62
N SER A 22 -4.35 -4.74 10.07
CA SER A 22 -5.58 -4.60 9.35
C SER A 22 -5.40 -3.87 8.00
N ARG A 23 -4.60 -2.80 7.99
CA ARG A 23 -4.37 -2.00 6.76
C ARG A 23 -3.65 -2.82 5.73
N VAL A 24 -2.52 -3.39 6.14
CA VAL A 24 -1.64 -4.13 5.24
C VAL A 24 -2.37 -5.30 4.61
N THR A 25 -3.14 -6.00 5.40
CA THR A 25 -3.92 -7.12 4.91
C THR A 25 -4.91 -6.64 3.82
N GLU A 26 -5.66 -5.56 4.11
CA GLU A 26 -6.62 -5.03 3.15
C GLU A 26 -5.92 -4.65 1.86
N CYS A 27 -4.83 -3.90 1.99
CA CYS A 27 -4.09 -3.44 0.85
C CYS A 27 -3.70 -4.55 -0.10
N LEU A 28 -3.25 -5.69 0.41
CA LEU A 28 -2.79 -6.75 -0.50
C LEU A 28 -3.99 -7.50 -1.09
N THR A 29 -5.05 -7.59 -0.31
CA THR A 29 -6.20 -8.38 -0.69
C THR A 29 -7.16 -7.59 -1.59
N THR A 30 -6.78 -6.38 -1.92
CA THR A 30 -7.54 -5.58 -2.87
C THR A 30 -7.47 -6.23 -4.27
N VAL A 31 -6.44 -7.05 -4.49
CA VAL A 31 -6.21 -7.68 -5.76
C VAL A 31 -7.21 -8.80 -5.98
N LYS A 32 -7.79 -8.83 -7.18
CA LYS A 32 -8.77 -9.80 -7.63
C LYS A 32 -8.33 -11.27 -7.41
N SER A 33 -7.04 -11.50 -7.39
CA SER A 33 -6.49 -12.83 -7.25
C SER A 33 -5.96 -13.09 -5.84
N VAL A 34 -6.02 -12.09 -4.98
CA VAL A 34 -5.45 -12.21 -3.64
C VAL A 34 -6.54 -12.19 -2.57
N ASN A 35 -6.67 -13.30 -1.89
CA ASN A 35 -7.65 -13.48 -0.82
C ASN A 35 -7.05 -12.94 0.50
N LYS A 36 -7.82 -12.91 1.56
CA LYS A 36 -7.36 -12.30 2.79
C LYS A 36 -6.34 -13.20 3.52
N THR A 37 -6.56 -14.52 3.49
CA THR A 37 -5.61 -15.45 4.08
C THR A 37 -4.32 -15.47 3.21
N ASP A 38 -4.49 -15.08 1.97
CA ASP A 38 -3.41 -15.00 1.01
C ASP A 38 -2.55 -13.82 1.43
N SER A 39 -3.21 -12.69 1.69
CA SER A 39 -2.55 -11.47 2.14
C SER A 39 -1.78 -11.67 3.45
N GLN A 40 -2.40 -12.32 4.44
CA GLN A 40 -1.72 -12.55 5.73
C GLN A 40 -0.47 -13.41 5.53
N THR A 41 -0.49 -14.25 4.52
CA THR A 41 0.67 -15.03 4.18
C THR A 41 1.82 -14.07 3.70
N LEU A 42 1.46 -13.06 2.91
CA LEU A 42 2.42 -12.02 2.53
C LEU A 42 2.85 -11.20 3.75
N LEU A 43 1.94 -11.09 4.72
CA LEU A 43 2.22 -10.40 5.96
C LEU A 43 3.26 -11.13 6.79
N THR A 44 3.14 -12.42 6.89
CA THR A 44 4.06 -13.16 7.69
C THR A 44 5.44 -13.24 7.02
N THR A 45 5.50 -13.12 5.69
CA THR A 45 6.76 -13.13 5.01
C THR A 45 7.41 -11.72 4.96
N PHE A 46 6.65 -10.67 4.58
CA PHE A 46 7.27 -9.32 4.46
C PHE A 46 6.74 -8.30 5.47
N GLY A 47 5.52 -8.50 5.93
CA GLY A 47 4.83 -7.65 6.95
C GLY A 47 4.82 -6.14 6.75
N SER A 48 5.24 -5.68 5.62
CA SER A 48 5.30 -4.27 5.32
C SER A 48 5.00 -4.03 3.89
N LEU A 49 4.59 -2.82 3.57
CA LEU A 49 4.34 -2.47 2.20
C LEU A 49 5.63 -2.36 1.43
N GLU A 50 6.63 -1.65 2.01
CA GLU A 50 7.92 -1.48 1.34
C GLU A 50 8.52 -2.83 0.98
N GLN A 51 8.44 -3.77 1.89
CA GLN A 51 8.99 -5.09 1.71
C GLN A 51 8.24 -5.90 0.67
N LEU A 52 6.98 -5.56 0.46
CA LEU A 52 6.13 -6.24 -0.52
C LEU A 52 6.52 -5.77 -1.90
N ILE A 53 6.50 -4.46 -2.06
CA ILE A 53 6.79 -3.85 -3.35
C ILE A 53 8.27 -3.99 -3.72
N ALA A 54 9.14 -4.02 -2.73
CA ALA A 54 10.57 -4.22 -2.96
C ALA A 54 10.87 -5.67 -3.30
N ALA A 55 9.89 -6.51 -3.13
CA ALA A 55 10.01 -7.90 -3.44
C ALA A 55 9.59 -8.14 -4.88
N SER A 56 10.39 -8.87 -5.61
CA SER A 56 10.06 -9.21 -6.97
C SER A 56 8.98 -10.28 -6.98
N ARG A 57 8.43 -10.55 -8.16
CA ARG A 57 7.44 -11.63 -8.36
C ARG A 57 8.06 -12.94 -7.90
N GLU A 58 9.36 -12.99 -8.02
CA GLU A 58 10.24 -14.04 -7.53
C GLU A 58 10.01 -14.23 -6.05
N ASP A 59 10.29 -13.17 -5.32
CA ASP A 59 10.18 -13.12 -3.85
C ASP A 59 8.74 -13.34 -3.40
N LEU A 60 7.82 -12.76 -4.14
CA LEU A 60 6.40 -12.92 -3.84
C LEU A 60 5.94 -14.38 -4.07
N ALA A 61 6.61 -15.07 -4.99
CA ALA A 61 6.32 -16.48 -5.25
C ALA A 61 7.16 -17.37 -4.33
N LEU A 62 8.19 -16.79 -3.77
CA LEU A 62 9.11 -17.44 -2.86
C LEU A 62 8.41 -17.70 -1.56
N CYS A 63 7.50 -16.82 -1.24
CA CYS A 63 6.62 -16.90 -0.07
C CYS A 63 6.07 -18.31 0.11
N PRO A 64 5.94 -18.78 1.36
CA PRO A 64 5.59 -20.18 1.61
C PRO A 64 4.20 -20.57 1.10
N GLY A 65 4.21 -21.48 0.10
CA GLY A 65 3.00 -22.02 -0.53
C GLY A 65 1.92 -20.98 -0.74
N LEU A 66 2.25 -19.88 -1.39
CA LEU A 66 1.29 -18.82 -1.48
C LEU A 66 0.77 -18.60 -2.89
N GLY A 67 1.63 -18.44 -3.86
CA GLY A 67 1.07 -18.22 -5.14
C GLY A 67 2.00 -17.59 -6.13
N PRO A 68 2.46 -18.29 -7.15
CA PRO A 68 3.26 -17.67 -8.18
C PRO A 68 2.42 -16.68 -9.02
N GLN A 69 1.15 -17.02 -9.23
CA GLN A 69 0.23 -16.17 -9.98
C GLN A 69 -0.15 -14.95 -9.18
N LYS A 70 -0.22 -15.13 -7.86
CA LYS A 70 -0.54 -14.03 -6.96
C LYS A 70 0.57 -13.01 -7.04
N ALA A 71 1.81 -13.50 -7.04
CA ALA A 71 3.00 -12.70 -7.18
C ALA A 71 2.94 -11.85 -8.43
N ARG A 72 2.43 -12.43 -9.50
CA ARG A 72 2.31 -11.72 -10.76
C ARG A 72 1.32 -10.57 -10.60
N ARG A 73 0.15 -10.86 -10.06
CA ARG A 73 -0.91 -9.89 -9.87
C ARG A 73 -0.51 -8.78 -8.91
N LEU A 74 0.12 -9.15 -7.81
CA LEU A 74 0.63 -8.20 -6.83
C LEU A 74 1.58 -7.22 -7.47
N PHE A 75 2.63 -7.74 -8.12
CA PHE A 75 3.63 -6.89 -8.77
C PHE A 75 2.96 -5.99 -9.81
N ASP A 76 1.97 -6.57 -10.47
CA ASP A 76 1.21 -5.89 -11.50
C ASP A 76 0.49 -4.70 -10.91
N VAL A 77 -0.31 -4.93 -9.87
CA VAL A 77 -1.09 -3.83 -9.26
C VAL A 77 -0.19 -2.80 -8.61
N LEU A 78 0.96 -3.24 -8.14
CA LEU A 78 1.92 -2.35 -7.50
C LEU A 78 2.50 -1.40 -8.54
N HIS A 79 2.57 -1.87 -9.78
CA HIS A 79 3.17 -1.10 -10.85
C HIS A 79 2.14 -0.74 -11.94
N GLU A 80 0.88 -0.81 -11.59
CA GLU A 80 -0.22 -0.43 -12.46
C GLU A 80 -0.82 0.87 -11.98
N PRO A 81 -1.12 1.79 -12.89
CA PRO A 81 -1.68 3.06 -12.52
C PRO A 81 -3.12 2.91 -12.01
N PHE A 82 -3.54 3.82 -11.15
CA PHE A 82 -4.86 3.76 -10.54
C PHE A 82 -5.90 4.03 -11.61
N LEU A 83 -5.51 4.85 -12.57
CA LEU A 83 -6.35 5.23 -13.70
C LEU A 83 -6.38 4.10 -14.74
N LYS A 84 -5.60 3.02 -14.49
CA LYS A 84 -5.45 1.84 -15.38
C LYS A 84 -4.67 2.17 -16.66
N VAL A 85 -4.88 3.35 -17.15
CA VAL A 85 -4.34 3.80 -18.39
C VAL A 85 -2.99 4.54 -18.23
N PRO A 86 -1.97 4.08 -18.97
CA PRO A 86 -0.69 4.76 -19.07
C PRO A 86 -0.83 6.13 -19.76
N GLY A 87 0.16 6.97 -19.57
CA GLY A 87 0.16 8.29 -20.18
C GLY A 87 0.99 8.32 -21.45
N GLY A 88 1.17 7.16 -22.04
CA GLY A 88 1.92 7.02 -23.25
C GLY A 88 1.14 6.23 -24.25
N LEU A 89 0.90 4.96 -23.89
CA LEU A 89 0.10 4.03 -24.67
C LEU A 89 0.77 3.63 -25.96
N GLU A 90 0.57 4.42 -26.97
CA GLU A 90 1.08 4.12 -28.27
C GLU A 90 1.82 5.29 -28.82
N HIS A 91 3.09 5.09 -28.93
CA HIS A 91 3.99 6.10 -29.38
C HIS A 91 4.26 5.93 -30.85
N HIS A 92 3.55 6.68 -31.65
CA HIS A 92 3.74 6.62 -33.09
C HIS A 92 4.58 7.78 -33.57
N HIS A 93 4.59 8.82 -32.77
CA HIS A 93 5.24 10.09 -33.08
C HIS A 93 5.06 10.97 -31.86
N HIS A 94 3.91 10.82 -31.26
CA HIS A 94 3.58 11.48 -30.05
C HIS A 94 2.73 10.50 -29.27
N HIS A 95 2.36 10.86 -28.07
CA HIS A 95 1.54 10.01 -27.21
C HIS A 95 0.10 10.27 -27.54
N HIS A 96 -0.60 9.32 -28.13
CA HIS A 96 -2.02 9.55 -28.32
C HIS A 96 -2.81 9.11 -27.10
N MET B 1 -2.71 9.91 -26.09
CA MET B 1 -3.35 9.71 -24.82
C MET B 1 -4.61 10.57 -24.76
N ASP B 2 -5.15 10.77 -23.55
CA ASP B 2 -6.37 11.56 -23.38
C ASP B 2 -6.22 12.97 -23.80
N SER B 3 -6.72 13.23 -24.96
CA SER B 3 -6.77 14.55 -25.49
C SER B 3 -8.25 14.89 -25.64
N GLU B 4 -9.03 14.33 -24.74
CA GLU B 4 -10.47 14.44 -24.77
C GLU B 4 -10.96 14.99 -23.44
N THR B 5 -12.21 15.40 -23.42
CA THR B 5 -12.82 15.95 -22.23
C THR B 5 -13.58 14.84 -21.47
N LEU B 6 -13.39 13.62 -21.90
CA LEU B 6 -14.06 12.49 -21.30
C LEU B 6 -13.41 12.16 -19.96
N PRO B 7 -14.22 11.97 -18.92
CA PRO B 7 -13.73 11.63 -17.59
C PRO B 7 -13.10 10.24 -17.55
N GLU B 8 -12.12 10.10 -16.69
CA GLU B 8 -11.39 8.86 -16.51
C GLU B 8 -12.23 7.82 -15.76
N SER B 9 -13.38 8.22 -15.28
CA SER B 9 -14.26 7.38 -14.43
C SER B 9 -14.61 5.99 -15.05
N GLU B 10 -14.53 5.87 -16.35
CA GLU B 10 -14.79 4.60 -17.03
C GLU B 10 -13.55 3.71 -16.98
N LYS B 11 -12.43 4.27 -16.60
CA LYS B 11 -11.19 3.59 -16.65
C LYS B 11 -10.39 3.79 -15.37
N TYR B 12 -10.58 2.91 -14.47
CA TYR B 12 -9.85 2.85 -13.25
C TYR B 12 -9.53 1.44 -12.99
N ASN B 13 -8.41 1.21 -12.39
CA ASN B 13 -8.00 -0.13 -12.13
C ASN B 13 -8.25 -0.41 -10.67
N PRO B 14 -9.18 -1.33 -10.38
CA PRO B 14 -9.61 -1.64 -9.01
C PRO B 14 -8.46 -2.06 -8.11
N GLY B 15 -7.60 -2.93 -8.61
CA GLY B 15 -6.49 -3.47 -7.83
C GLY B 15 -5.62 -2.40 -7.18
N PRO B 16 -4.89 -1.61 -7.97
CA PRO B 16 -4.03 -0.60 -7.41
C PRO B 16 -4.77 0.56 -6.78
N GLN B 17 -5.98 0.90 -7.28
CA GLN B 17 -6.69 2.02 -6.69
C GLN B 17 -7.04 1.65 -5.26
N ASP B 18 -7.52 0.42 -5.08
CA ASP B 18 -7.95 -0.05 -3.81
C ASP B 18 -6.79 -0.19 -2.90
N PHE B 19 -5.66 -0.62 -3.45
CA PHE B 19 -4.42 -0.81 -2.69
C PHE B 19 -4.08 0.50 -1.94
N LEU B 20 -4.17 1.62 -2.67
CA LEU B 20 -3.92 2.96 -2.11
C LEU B 20 -5.09 3.44 -1.25
N LEU B 21 -6.28 3.14 -1.66
CA LEU B 21 -7.46 3.55 -0.94
C LEU B 21 -7.60 2.91 0.44
N LYS B 22 -6.99 1.77 0.60
CA LYS B 22 -6.98 1.05 1.86
C LYS B 22 -5.85 1.51 2.77
N MET B 23 -5.04 2.43 2.29
CA MET B 23 -3.91 2.92 3.03
C MET B 23 -4.37 3.95 4.08
N PRO B 24 -3.72 4.00 5.26
CA PRO B 24 -4.15 4.88 6.34
C PRO B 24 -3.86 6.37 6.07
N GLY B 25 -4.83 7.22 6.39
CA GLY B 25 -4.68 8.65 6.23
C GLY B 25 -4.97 9.14 4.83
N VAL B 26 -5.40 8.24 3.97
CA VAL B 26 -5.65 8.60 2.60
C VAL B 26 -7.11 8.91 2.33
N ASN B 27 -7.42 10.18 2.29
CA ASN B 27 -8.75 10.66 1.92
C ASN B 27 -8.85 10.78 0.40
N ALA B 28 -10.02 11.11 -0.12
CA ALA B 28 -10.27 11.13 -1.57
C ALA B 28 -9.47 12.21 -2.29
N LYS B 29 -9.25 13.30 -1.60
CA LYS B 29 -8.50 14.44 -2.11
C LYS B 29 -7.06 13.97 -2.31
N ASN B 30 -6.55 13.29 -1.28
CA ASN B 30 -5.22 12.69 -1.31
C ASN B 30 -5.12 11.65 -2.39
N CYS B 31 -6.16 10.81 -2.53
CA CYS B 31 -6.21 9.80 -3.59
C CYS B 31 -6.06 10.46 -4.96
N ARG B 32 -6.72 11.60 -5.13
CA ARG B 32 -6.70 12.29 -6.40
C ARG B 32 -5.31 12.87 -6.69
N SER B 33 -4.73 13.54 -5.70
CA SER B 33 -3.40 14.12 -5.84
C SER B 33 -2.39 13.01 -6.11
N LEU B 34 -2.57 11.90 -5.42
CA LEU B 34 -1.71 10.76 -5.51
C LEU B 34 -1.79 10.18 -6.92
N MET B 35 -3.00 10.06 -7.47
CA MET B 35 -3.17 9.46 -8.82
C MET B 35 -2.75 10.43 -9.92
N HIS B 36 -2.62 11.69 -9.59
CA HIS B 36 -2.24 12.72 -10.53
C HIS B 36 -0.73 12.89 -10.60
N HIS B 37 -0.08 12.74 -9.48
CA HIS B 37 1.37 12.87 -9.45
C HIS B 37 2.03 11.53 -9.60
N VAL B 38 1.44 10.57 -8.96
CA VAL B 38 1.95 9.25 -8.89
C VAL B 38 1.16 8.28 -9.77
N LYS B 39 1.88 7.48 -10.52
CA LYS B 39 1.28 6.47 -11.35
C LYS B 39 0.62 5.39 -10.48
N ASN B 40 1.40 4.86 -9.56
CA ASN B 40 1.02 3.69 -8.79
C ASN B 40 1.69 3.67 -7.43
N ILE B 41 1.14 2.88 -6.52
CA ILE B 41 1.65 2.73 -5.14
C ILE B 41 3.17 2.45 -5.07
N ALA B 42 3.74 1.83 -6.13
CA ALA B 42 5.20 1.60 -6.18
C ALA B 42 5.99 2.91 -6.07
N GLU B 43 5.58 3.91 -6.85
CA GLU B 43 6.23 5.22 -6.85
C GLU B 43 6.10 5.82 -5.47
N LEU B 44 4.90 5.67 -4.94
CA LEU B 44 4.51 6.14 -3.62
C LEU B 44 5.41 5.58 -2.53
N ALA B 45 5.65 4.30 -2.59
CA ALA B 45 6.43 3.66 -1.57
C ALA B 45 7.93 3.93 -1.77
N ALA B 46 8.28 4.36 -2.97
CA ALA B 46 9.66 4.72 -3.28
C ALA B 46 9.87 6.21 -2.99
N LEU B 47 8.80 6.89 -2.64
CA LEU B 47 8.85 8.29 -2.30
C LEU B 47 9.46 8.49 -0.96
N SER B 48 9.99 9.65 -0.78
CA SER B 48 10.53 10.02 0.46
C SER B 48 9.45 10.82 1.20
N GLN B 49 9.69 11.14 2.46
CA GLN B 49 8.68 11.79 3.30
C GLN B 49 8.29 13.14 2.72
N ASP B 50 9.26 13.98 2.45
CA ASP B 50 8.99 15.31 1.90
C ASP B 50 8.32 15.23 0.52
N GLU B 51 8.52 14.09 -0.16
CA GLU B 51 7.95 13.89 -1.49
C GLU B 51 6.47 13.60 -1.37
N LEU B 52 6.14 12.59 -0.58
CA LEU B 52 4.76 12.21 -0.35
C LEU B 52 3.97 13.35 0.31
N THR B 53 4.63 14.10 1.15
CA THR B 53 4.06 15.27 1.78
C THR B 53 3.66 16.32 0.72
N SER B 54 4.53 16.54 -0.25
CA SER B 54 4.32 17.53 -1.28
C SER B 54 3.16 17.14 -2.19
N ILE B 55 2.93 15.86 -2.33
CA ILE B 55 1.86 15.35 -3.18
C ILE B 55 0.52 15.36 -2.45
N LEU B 56 0.49 14.81 -1.25
CA LEU B 56 -0.74 14.75 -0.45
C LEU B 56 -1.16 16.14 -0.01
N GLY B 57 -0.20 16.94 0.35
CA GLY B 57 -0.45 18.28 0.77
C GLY B 57 -0.41 18.41 2.27
N ASN B 58 -0.73 17.34 2.95
CA ASN B 58 -0.77 17.32 4.40
C ASN B 58 0.34 16.49 4.98
N ALA B 59 1.10 17.10 5.87
CA ALA B 59 2.21 16.47 6.55
C ALA B 59 1.73 15.37 7.49
N ALA B 60 0.60 15.62 8.14
CA ALA B 60 0.00 14.63 9.04
C ALA B 60 -0.38 13.38 8.26
N ASN B 61 -1.08 13.59 7.16
CA ASN B 61 -1.50 12.50 6.26
C ASN B 61 -0.29 11.77 5.72
N ALA B 62 0.71 12.56 5.39
CA ALA B 62 1.97 12.07 4.89
C ALA B 62 2.63 11.14 5.88
N LYS B 63 2.57 11.51 7.14
CA LYS B 63 3.13 10.72 8.20
C LYS B 63 2.48 9.35 8.27
N GLN B 64 1.17 9.34 8.12
CA GLN B 64 0.36 8.13 8.24
C GLN B 64 0.83 7.12 7.21
N LEU B 65 1.03 7.60 5.99
CA LEU B 65 1.54 6.76 4.94
C LEU B 65 2.96 6.38 5.19
N TYR B 66 3.81 7.38 5.33
CA TYR B 66 5.25 7.21 5.50
C TYR B 66 5.58 6.16 6.56
N ASP B 67 5.04 6.34 7.75
CA ASP B 67 5.25 5.42 8.85
C ASP B 67 4.79 4.02 8.50
N PHE B 68 3.54 3.90 8.03
CA PHE B 68 2.95 2.60 7.67
C PHE B 68 3.77 1.87 6.63
N ILE B 69 4.09 2.58 5.57
CA ILE B 69 4.84 2.04 4.45
C ILE B 69 6.19 1.52 4.92
N HIS B 70 6.74 2.17 5.93
CA HIS B 70 8.06 1.83 6.46
C HIS B 70 8.02 0.96 7.72
N THR B 71 6.85 0.50 8.11
CA THR B 71 6.76 -0.26 9.33
C THR B 71 6.08 -1.63 9.10
N SER B 72 6.39 -2.54 9.98
CA SER B 72 5.83 -3.87 9.99
C SER B 72 4.89 -4.00 11.17
N PHE B 73 3.80 -4.68 10.99
CA PHE B 73 2.91 -4.96 12.11
C PHE B 73 3.64 -5.84 13.11
N ALA B 74 4.43 -6.77 12.58
CA ALA B 74 5.14 -7.76 13.38
C ALA B 74 6.29 -7.16 14.17
N GLU B 75 6.66 -5.96 13.86
CA GLU B 75 7.71 -5.34 14.63
C GLU B 75 7.09 -4.68 15.85
N VAL B 76 5.82 -4.31 15.71
CA VAL B 76 5.08 -3.65 16.76
C VAL B 76 4.48 -4.68 17.70
N VAL B 77 4.10 -5.84 17.13
CA VAL B 77 3.48 -6.91 17.92
C VAL B 77 4.33 -7.26 19.13
N SER B 78 3.76 -7.09 20.27
CA SER B 78 4.47 -7.35 21.48
C SER B 78 3.75 -8.39 22.32
N LYS B 79 2.95 -9.19 21.67
CA LYS B 79 2.25 -10.28 22.35
C LYS B 79 2.51 -11.59 21.63
N GLY B 80 3.42 -11.56 20.64
CA GLY B 80 3.59 -12.71 19.76
C GLY B 80 2.33 -12.92 18.97
N LYS B 81 1.84 -11.81 18.46
CA LYS B 81 0.55 -11.72 17.82
C LYS B 81 0.53 -12.39 16.46
N GLY B 82 -0.64 -12.85 16.07
CA GLY B 82 -0.84 -13.39 14.77
C GLY B 82 -0.26 -14.79 14.64
N LYS B 83 0.98 -14.84 14.26
CA LYS B 83 1.68 -16.09 14.08
C LYS B 83 3.16 -15.82 14.06
N LYS B 84 3.94 -16.85 14.01
CA LYS B 84 5.34 -16.74 13.85
C LYS B 84 5.76 -17.68 12.74
N ARG A 1 -0.98 10.80 40.51
CA ARG A 1 0.36 10.20 40.56
C ARG A 1 0.42 8.97 41.46
N ILE A 2 0.73 7.82 40.89
CA ILE A 2 0.91 6.56 41.61
C ILE A 2 1.94 5.74 40.86
N ARG A 3 2.34 4.62 41.42
CA ARG A 3 3.20 3.70 40.69
C ARG A 3 2.34 2.73 39.93
N ARG A 4 2.08 3.03 38.70
CA ARG A 4 1.33 2.12 37.90
C ARG A 4 2.07 1.84 36.64
N ARG A 5 2.61 0.67 36.55
CA ARG A 5 3.34 0.28 35.37
C ARG A 5 2.35 -0.21 34.34
N TYR A 6 1.88 0.72 33.56
CA TYR A 6 0.91 0.47 32.54
C TYR A 6 1.30 1.29 31.33
N ASN A 7 1.24 2.63 31.48
CA ASN A 7 1.63 3.62 30.46
C ASN A 7 0.64 3.62 29.26
N MET A 8 0.50 4.77 28.61
CA MET A 8 -0.43 4.88 27.48
C MET A 8 0.04 4.08 26.27
N ALA A 9 1.26 3.53 26.33
CA ALA A 9 1.80 2.65 25.31
C ALA A 9 0.90 1.45 25.12
N ASP A 10 0.21 1.05 26.19
CA ASP A 10 -0.75 -0.07 26.15
C ASP A 10 -1.84 0.22 25.12
N LEU A 11 -2.43 1.40 25.24
CA LEU A 11 -3.50 1.83 24.35
C LEU A 11 -2.96 2.15 22.97
N LEU A 12 -1.81 2.80 22.94
CA LEU A 12 -1.17 3.20 21.70
C LEU A 12 -0.83 1.98 20.85
N MET A 13 -0.14 1.03 21.46
CA MET A 13 0.31 -0.18 20.80
C MET A 13 -0.84 -0.92 20.18
N GLU A 14 -1.90 -1.15 20.96
CA GLU A 14 -3.07 -1.89 20.48
C GLU A 14 -3.65 -1.27 19.22
N LYS A 15 -3.92 0.03 19.27
CA LYS A 15 -4.53 0.67 18.11
C LYS A 15 -3.58 0.75 16.93
N LEU A 16 -2.30 0.83 17.21
CA LEU A 16 -1.29 0.81 16.16
C LEU A 16 -1.24 -0.53 15.49
N GLU A 17 -1.06 -1.59 16.27
CA GLU A 17 -0.88 -2.92 15.71
C GLU A 17 -2.12 -3.49 15.06
N GLN A 18 -3.27 -3.16 15.63
CA GLN A 18 -4.54 -3.60 15.08
C GLN A 18 -4.74 -2.99 13.70
N ASP A 19 -4.51 -1.69 13.59
CA ASP A 19 -4.71 -1.01 12.33
C ASP A 19 -3.61 -1.37 11.36
N LEU A 20 -2.39 -1.48 11.86
CA LEU A 20 -1.17 -1.77 11.09
C LEU A 20 -1.39 -3.02 10.24
N VAL A 21 -1.73 -4.12 10.91
CA VAL A 21 -1.93 -5.38 10.23
C VAL A 21 -3.17 -5.34 9.32
N SER A 22 -4.26 -4.77 9.81
CA SER A 22 -5.51 -4.76 9.07
C SER A 22 -5.36 -3.97 7.76
N ARG A 23 -4.62 -2.86 7.81
CA ARG A 23 -4.37 -2.05 6.63
C ARG A 23 -3.57 -2.83 5.61
N VAL A 24 -2.43 -3.40 6.05
CA VAL A 24 -1.57 -4.14 5.13
C VAL A 24 -2.34 -5.33 4.54
N THR A 25 -3.14 -6.02 5.38
CA THR A 25 -3.94 -7.15 4.93
C THR A 25 -4.85 -6.73 3.76
N GLU A 26 -5.60 -5.64 3.94
CA GLU A 26 -6.49 -5.18 2.90
C GLU A 26 -5.76 -4.72 1.66
N CYS A 27 -4.66 -4.00 1.85
CA CYS A 27 -3.87 -3.51 0.73
C CYS A 27 -3.49 -4.62 -0.23
N LEU A 28 -3.00 -5.74 0.29
CA LEU A 28 -2.56 -6.84 -0.57
C LEU A 28 -3.81 -7.53 -1.18
N THR A 29 -4.84 -7.55 -0.38
CA THR A 29 -6.14 -8.19 -0.68
C THR A 29 -6.99 -7.40 -1.73
N THR A 30 -6.54 -6.22 -2.08
CA THR A 30 -7.26 -5.42 -3.07
C THR A 30 -7.23 -6.07 -4.45
N VAL A 31 -6.29 -6.97 -4.64
CA VAL A 31 -6.17 -7.72 -5.85
C VAL A 31 -7.19 -8.85 -5.82
N LYS A 32 -7.91 -9.04 -6.91
CA LYS A 32 -8.96 -10.06 -7.00
C LYS A 32 -8.42 -11.49 -6.78
N SER A 33 -7.13 -11.67 -6.97
CA SER A 33 -6.52 -12.96 -6.84
C SER A 33 -5.92 -13.17 -5.44
N VAL A 34 -5.82 -12.12 -4.68
CA VAL A 34 -5.23 -12.19 -3.35
C VAL A 34 -6.30 -12.15 -2.27
N ASN A 35 -6.60 -13.31 -1.75
CA ASN A 35 -7.60 -13.49 -0.70
C ASN A 35 -7.01 -13.02 0.62
N LYS A 36 -7.84 -12.97 1.64
CA LYS A 36 -7.39 -12.63 2.97
C LYS A 36 -6.41 -13.71 3.50
N THR A 37 -6.48 -14.92 2.94
CA THR A 37 -5.59 -15.98 3.39
C THR A 37 -4.23 -15.72 2.74
N ASP A 38 -4.29 -15.19 1.55
CA ASP A 38 -3.13 -14.89 0.79
C ASP A 38 -2.37 -13.76 1.42
N SER A 39 -3.06 -12.68 1.69
CA SER A 39 -2.47 -11.49 2.26
C SER A 39 -1.82 -11.76 3.61
N GLN A 40 -2.48 -12.56 4.45
CA GLN A 40 -1.91 -12.87 5.76
C GLN A 40 -0.64 -13.71 5.61
N THR A 41 -0.57 -14.48 4.55
CA THR A 41 0.62 -15.25 4.28
C THR A 41 1.78 -14.30 3.91
N LEU A 42 1.49 -13.26 3.11
CA LEU A 42 2.48 -12.24 2.78
C LEU A 42 2.87 -11.45 4.03
N LEU A 43 1.97 -11.40 4.97
CA LEU A 43 2.19 -10.73 6.20
C LEU A 43 3.11 -11.50 7.13
N THR A 44 2.97 -12.79 7.17
CA THR A 44 3.83 -13.56 8.01
C THR A 44 5.25 -13.63 7.40
N THR A 45 5.35 -13.50 6.07
CA THR A 45 6.64 -13.53 5.43
C THR A 45 7.33 -12.14 5.42
N PHE A 46 6.65 -11.09 4.95
CA PHE A 46 7.32 -9.78 4.86
C PHE A 46 6.71 -8.77 5.83
N GLY A 47 5.43 -8.96 6.15
CA GLY A 47 4.69 -8.15 7.15
C GLY A 47 4.77 -6.63 6.99
N SER A 48 5.11 -6.16 5.83
CA SER A 48 5.34 -4.76 5.62
C SER A 48 4.91 -4.34 4.24
N LEU A 49 4.81 -3.04 4.03
CA LEU A 49 4.41 -2.49 2.76
C LEU A 49 5.66 -2.44 1.86
N GLU A 50 6.71 -1.77 2.35
CA GLU A 50 7.97 -1.63 1.61
C GLU A 50 8.54 -2.97 1.19
N GLN A 51 8.49 -3.93 2.09
CA GLN A 51 9.01 -5.25 1.83
C GLN A 51 8.22 -5.96 0.72
N LEU A 52 6.95 -5.61 0.58
CA LEU A 52 6.11 -6.23 -0.43
C LEU A 52 6.41 -5.60 -1.78
N ILE A 53 6.38 -4.27 -1.80
CA ILE A 53 6.57 -3.52 -3.02
C ILE A 53 8.00 -3.69 -3.55
N ALA A 54 8.96 -3.85 -2.64
CA ALA A 54 10.34 -4.06 -3.03
C ALA A 54 10.61 -5.54 -3.33
N ALA A 55 9.58 -6.34 -3.30
CA ALA A 55 9.68 -7.73 -3.64
C ALA A 55 9.30 -7.91 -5.10
N SER A 56 9.95 -8.82 -5.76
CA SER A 56 9.69 -9.07 -7.16
C SER A 56 8.63 -10.18 -7.28
N ARG A 57 8.27 -10.53 -8.52
CA ARG A 57 7.33 -11.64 -8.80
C ARG A 57 7.87 -12.92 -8.11
N GLU A 58 9.16 -13.17 -8.29
CA GLU A 58 9.79 -14.35 -7.68
C GLU A 58 9.83 -14.26 -6.15
N ASP A 59 9.90 -13.04 -5.62
CA ASP A 59 10.00 -12.85 -4.17
C ASP A 59 8.65 -13.03 -3.53
N LEU A 60 7.63 -12.61 -4.22
CA LEU A 60 6.27 -12.76 -3.76
C LEU A 60 5.84 -14.23 -3.88
N ALA A 61 6.41 -14.93 -4.85
CA ALA A 61 6.15 -16.36 -5.02
C ALA A 61 7.03 -17.18 -4.10
N LEU A 62 8.04 -16.52 -3.53
CA LEU A 62 8.97 -17.10 -2.60
C LEU A 62 8.26 -17.37 -1.28
N CYS A 63 7.27 -16.52 -1.00
CA CYS A 63 6.39 -16.64 0.15
C CYS A 63 5.93 -18.10 0.30
N PRO A 64 6.02 -18.66 1.53
CA PRO A 64 5.77 -20.08 1.76
C PRO A 64 4.37 -20.51 1.35
N GLY A 65 4.32 -21.39 0.34
CA GLY A 65 3.10 -21.97 -0.20
C GLY A 65 2.00 -20.97 -0.40
N LEU A 66 2.24 -19.95 -1.19
CA LEU A 66 1.25 -18.93 -1.28
C LEU A 66 0.66 -18.80 -2.69
N GLY A 67 1.47 -18.66 -3.69
CA GLY A 67 0.90 -18.51 -4.99
C GLY A 67 1.82 -17.89 -5.98
N PRO A 68 2.22 -18.58 -7.03
CA PRO A 68 3.01 -17.94 -8.08
C PRO A 68 2.18 -16.88 -8.82
N GLN A 69 0.89 -17.18 -8.98
CA GLN A 69 -0.05 -16.29 -9.64
C GLN A 69 -0.37 -15.11 -8.80
N LYS A 70 -0.29 -15.30 -7.52
CA LYS A 70 -0.58 -14.23 -6.63
C LYS A 70 0.51 -13.18 -6.74
N ALA A 71 1.76 -13.63 -6.89
CA ALA A 71 2.91 -12.80 -7.09
C ALA A 71 2.77 -12.03 -8.39
N ARG A 72 2.23 -12.71 -9.40
CA ARG A 72 2.02 -12.11 -10.70
C ARG A 72 1.09 -10.91 -10.55
N ARG A 73 -0.04 -11.13 -9.93
CA ARG A 73 -1.04 -10.08 -9.79
C ARG A 73 -0.62 -9.00 -8.78
N LEU A 74 0.05 -9.38 -7.72
CA LEU A 74 0.57 -8.39 -6.76
C LEU A 74 1.50 -7.44 -7.42
N PHE A 75 2.52 -7.97 -8.10
CA PHE A 75 3.49 -7.14 -8.79
C PHE A 75 2.79 -6.29 -9.85
N ASP A 76 1.74 -6.87 -10.44
CA ASP A 76 0.96 -6.21 -11.46
C ASP A 76 0.32 -4.95 -10.91
N VAL A 77 -0.40 -5.08 -9.81
CA VAL A 77 -1.09 -3.93 -9.24
C VAL A 77 -0.10 -2.92 -8.67
N LEU A 78 1.06 -3.39 -8.29
CA LEU A 78 2.09 -2.52 -7.79
C LEU A 78 2.65 -1.63 -8.91
N HIS A 79 2.66 -2.15 -10.14
CA HIS A 79 3.24 -1.42 -11.28
C HIS A 79 2.17 -0.88 -12.22
N GLU A 80 0.96 -1.21 -11.97
CA GLU A 80 -0.16 -0.72 -12.73
C GLU A 80 -0.60 0.63 -12.19
N PRO A 81 -0.70 1.62 -13.07
CA PRO A 81 -1.17 2.93 -12.67
C PRO A 81 -2.63 2.89 -12.25
N PHE A 82 -3.02 3.80 -11.37
CA PHE A 82 -4.40 3.80 -10.84
C PHE A 82 -5.41 4.10 -11.93
N LEU A 83 -4.97 4.77 -12.97
CA LEU A 83 -5.82 5.14 -14.09
C LEU A 83 -5.71 4.13 -15.23
N LYS A 84 -4.99 3.01 -14.98
CA LYS A 84 -4.68 1.93 -15.97
C LYS A 84 -3.68 2.41 -17.02
N VAL A 85 -3.95 3.59 -17.51
CA VAL A 85 -3.29 4.17 -18.62
C VAL A 85 -1.82 4.51 -18.29
N PRO A 86 -0.88 3.96 -19.06
CA PRO A 86 0.55 4.19 -18.84
C PRO A 86 1.00 5.57 -19.30
N GLY A 87 0.15 6.23 -20.05
CA GLY A 87 0.48 7.53 -20.58
C GLY A 87 1.03 7.43 -21.97
N GLY A 88 1.63 6.30 -22.26
CA GLY A 88 2.16 6.08 -23.58
C GLY A 88 3.02 4.84 -23.65
N LEU A 89 2.69 3.98 -24.59
CA LEU A 89 3.46 2.76 -24.87
C LEU A 89 3.59 2.62 -26.36
N GLU A 90 3.39 3.71 -27.03
CA GLU A 90 3.33 3.74 -28.45
C GLU A 90 4.38 4.69 -28.98
N HIS A 91 4.68 4.57 -30.24
CA HIS A 91 5.69 5.41 -30.88
C HIS A 91 5.09 6.06 -32.10
N HIS A 92 5.75 7.12 -32.56
CA HIS A 92 5.33 7.91 -33.73
C HIS A 92 4.01 8.62 -33.46
N HIS A 93 4.10 9.64 -32.58
CA HIS A 93 2.96 10.42 -32.07
C HIS A 93 2.17 9.61 -31.06
N HIS A 94 1.11 10.18 -30.52
CA HIS A 94 0.26 9.45 -29.61
C HIS A 94 -1.14 9.33 -30.18
N HIS A 95 -1.50 8.13 -30.50
CA HIS A 95 -2.78 7.85 -31.05
C HIS A 95 -3.70 7.32 -29.97
N HIS A 96 -3.09 6.63 -29.00
CA HIS A 96 -3.79 6.05 -27.85
C HIS A 96 -4.85 5.04 -28.28
N MET B 1 -5.73 4.70 -27.37
CA MET B 1 -6.79 3.75 -27.66
C MET B 1 -7.97 4.46 -28.31
N ASP B 2 -8.02 5.75 -28.13
CA ASP B 2 -9.06 6.58 -28.69
C ASP B 2 -8.46 7.92 -29.06
N SER B 3 -9.19 8.68 -29.83
CA SER B 3 -8.73 9.97 -30.30
C SER B 3 -9.64 11.06 -29.76
N GLU B 4 -10.39 10.69 -28.77
CA GLU B 4 -11.40 11.52 -28.21
C GLU B 4 -10.87 12.28 -27.01
N THR B 5 -11.73 12.93 -26.28
CA THR B 5 -11.34 13.64 -25.08
C THR B 5 -12.04 12.98 -23.87
N LEU B 6 -12.30 11.70 -24.00
CA LEU B 6 -13.05 10.94 -23.01
C LEU B 6 -12.37 10.98 -21.62
N PRO B 7 -13.19 11.14 -20.56
CA PRO B 7 -12.70 11.34 -19.20
C PRO B 7 -11.93 10.15 -18.64
N GLU B 8 -11.19 10.41 -17.61
CA GLU B 8 -10.39 9.40 -16.96
C GLU B 8 -11.25 8.49 -16.11
N SER B 9 -12.40 8.96 -15.73
CA SER B 9 -13.32 8.26 -14.84
C SER B 9 -13.70 6.83 -15.33
N GLU B 10 -13.63 6.59 -16.64
CA GLU B 10 -13.92 5.26 -17.18
C GLU B 10 -12.67 4.37 -17.10
N LYS B 11 -11.53 5.00 -17.00
CA LYS B 11 -10.27 4.31 -17.01
C LYS B 11 -9.56 4.44 -15.69
N TYR B 12 -9.95 3.59 -14.82
CA TYR B 12 -9.33 3.45 -13.54
C TYR B 12 -9.16 1.99 -13.29
N ASN B 13 -8.14 1.65 -12.57
CA ASN B 13 -7.76 0.28 -12.37
C ASN B 13 -8.07 -0.08 -10.93
N PRO B 14 -9.02 -1.01 -10.73
CA PRO B 14 -9.57 -1.34 -9.42
C PRO B 14 -8.55 -1.89 -8.42
N GLY B 15 -7.66 -2.73 -8.89
CA GLY B 15 -6.67 -3.32 -8.03
C GLY B 15 -5.74 -2.30 -7.39
N PRO B 16 -4.91 -1.61 -8.17
CA PRO B 16 -3.94 -0.67 -7.62
C PRO B 16 -4.57 0.55 -6.99
N GLN B 17 -5.74 0.98 -7.49
CA GLN B 17 -6.38 2.16 -6.93
C GLN B 17 -6.79 1.82 -5.50
N ASP B 18 -7.30 0.62 -5.31
CA ASP B 18 -7.83 0.23 -4.05
C ASP B 18 -6.71 0.04 -3.06
N PHE B 19 -5.58 -0.47 -3.56
CA PHE B 19 -4.36 -0.68 -2.77
C PHE B 19 -4.00 0.65 -2.07
N LEU B 20 -4.07 1.74 -2.84
CA LEU B 20 -3.81 3.08 -2.35
C LEU B 20 -4.96 3.58 -1.46
N LEU B 21 -6.16 3.27 -1.84
CA LEU B 21 -7.33 3.69 -1.09
C LEU B 21 -7.47 3.05 0.28
N LYS B 22 -6.71 2.01 0.51
CA LYS B 22 -6.71 1.31 1.79
C LYS B 22 -5.61 1.84 2.71
N MET B 23 -4.72 2.64 2.16
CA MET B 23 -3.56 3.16 2.88
C MET B 23 -4.00 4.12 4.01
N PRO B 24 -3.40 3.99 5.21
CA PRO B 24 -3.78 4.79 6.37
C PRO B 24 -3.37 6.26 6.24
N GLY B 25 -4.28 7.14 6.55
CA GLY B 25 -4.03 8.53 6.45
C GLY B 25 -4.47 9.07 5.11
N VAL B 26 -4.67 8.16 4.19
CA VAL B 26 -4.99 8.51 2.84
C VAL B 26 -6.49 8.45 2.59
N ASN B 27 -7.11 9.59 2.74
CA ASN B 27 -8.52 9.77 2.41
C ASN B 27 -8.64 10.10 0.93
N ALA B 28 -9.85 10.09 0.38
CA ALA B 28 -10.07 10.21 -1.09
C ALA B 28 -9.43 11.46 -1.71
N LYS B 29 -9.36 12.53 -0.93
CA LYS B 29 -8.74 13.78 -1.39
C LYS B 29 -7.27 13.52 -1.70
N ASN B 30 -6.66 12.81 -0.79
CA ASN B 30 -5.26 12.41 -0.84
C ASN B 30 -5.06 11.36 -1.92
N CYS B 31 -6.02 10.44 -2.03
CA CYS B 31 -5.99 9.42 -3.06
C CYS B 31 -5.96 10.07 -4.44
N ARG B 32 -6.85 11.06 -4.64
CA ARG B 32 -6.93 11.77 -5.91
C ARG B 32 -5.62 12.52 -6.19
N SER B 33 -5.07 13.13 -5.16
CA SER B 33 -3.81 13.83 -5.25
C SER B 33 -2.70 12.86 -5.70
N LEU B 34 -2.64 11.72 -5.03
CA LEU B 34 -1.68 10.71 -5.33
C LEU B 34 -1.82 10.12 -6.70
N MET B 35 -3.03 9.91 -7.15
CA MET B 35 -3.24 9.34 -8.49
C MET B 35 -2.97 10.39 -9.58
N HIS B 36 -2.94 11.64 -9.19
CA HIS B 36 -2.67 12.73 -10.10
C HIS B 36 -1.18 13.03 -10.21
N HIS B 37 -0.46 12.86 -9.12
CA HIS B 37 0.98 13.11 -9.14
C HIS B 37 1.76 11.82 -9.34
N VAL B 38 1.22 10.76 -8.81
CA VAL B 38 1.85 9.46 -8.80
C VAL B 38 1.10 8.45 -9.68
N LYS B 39 1.87 7.64 -10.37
CA LYS B 39 1.37 6.60 -11.26
C LYS B 39 0.72 5.45 -10.47
N ASN B 40 1.48 4.88 -9.53
CA ASN B 40 1.05 3.72 -8.78
C ASN B 40 1.65 3.71 -7.40
N ILE B 41 1.22 2.78 -6.58
CA ILE B 41 1.71 2.62 -5.22
C ILE B 41 3.23 2.38 -5.17
N ALA B 42 3.80 1.79 -6.24
CA ALA B 42 5.24 1.55 -6.31
C ALA B 42 5.99 2.87 -6.33
N GLU B 43 5.54 3.81 -7.18
CA GLU B 43 6.15 5.14 -7.25
C GLU B 43 6.03 5.80 -5.88
N LEU B 44 4.84 5.69 -5.32
CA LEU B 44 4.50 6.19 -4.00
C LEU B 44 5.49 5.71 -2.94
N ALA B 45 5.66 4.42 -2.89
CA ALA B 45 6.52 3.80 -1.90
C ALA B 45 8.00 4.06 -2.18
N ALA B 46 8.33 4.43 -3.41
CA ALA B 46 9.69 4.75 -3.77
C ALA B 46 9.99 6.21 -3.43
N LEU B 47 8.95 6.96 -3.17
CA LEU B 47 9.05 8.37 -2.84
C LEU B 47 9.59 8.59 -1.46
N SER B 48 10.12 9.75 -1.28
CA SER B 48 10.55 10.17 0.01
C SER B 48 9.39 10.91 0.69
N GLN B 49 9.50 11.14 1.99
CA GLN B 49 8.41 11.75 2.74
C GLN B 49 8.04 13.13 2.23
N ASP B 50 9.01 13.96 1.92
CA ASP B 50 8.75 15.32 1.43
C ASP B 50 7.90 15.29 0.18
N GLU B 51 8.19 14.34 -0.69
CA GLU B 51 7.48 14.14 -1.94
C GLU B 51 6.02 13.87 -1.69
N LEU B 52 5.74 12.83 -0.91
CA LEU B 52 4.38 12.45 -0.61
C LEU B 52 3.65 13.51 0.23
N THR B 53 4.40 14.20 1.07
CA THR B 53 3.88 15.28 1.87
C THR B 53 3.41 16.43 0.95
N SER B 54 4.23 16.75 -0.06
CA SER B 54 3.94 17.79 -1.02
C SER B 54 2.67 17.44 -1.83
N ILE B 55 2.50 16.17 -2.10
CA ILE B 55 1.38 15.69 -2.86
C ILE B 55 0.09 15.73 -2.02
N LEU B 56 0.17 15.24 -0.81
CA LEU B 56 -0.99 15.14 0.06
C LEU B 56 -1.41 16.48 0.64
N GLY B 57 -0.45 17.30 0.94
CA GLY B 57 -0.72 18.59 1.49
C GLY B 57 -0.64 18.58 3.00
N ASN B 58 -1.02 17.48 3.59
CA ASN B 58 -1.00 17.31 5.02
C ASN B 58 0.22 16.58 5.47
N ALA B 59 0.89 17.14 6.44
CA ALA B 59 2.06 16.53 7.01
C ALA B 59 1.69 15.32 7.83
N ALA B 60 0.58 15.42 8.57
CA ALA B 60 0.10 14.32 9.41
C ALA B 60 -0.29 13.13 8.56
N ASN B 61 -1.10 13.38 7.54
CA ASN B 61 -1.54 12.33 6.59
C ASN B 61 -0.35 11.66 5.97
N ALA B 62 0.60 12.48 5.56
CA ALA B 62 1.81 12.02 4.93
C ALA B 62 2.64 11.19 5.89
N LYS B 63 2.68 11.60 7.14
CA LYS B 63 3.38 10.84 8.15
C LYS B 63 2.74 9.46 8.34
N GLN B 64 1.40 9.42 8.36
CA GLN B 64 0.68 8.17 8.58
C GLN B 64 1.03 7.20 7.48
N LEU B 65 1.01 7.71 6.27
CA LEU B 65 1.26 6.96 5.09
C LEU B 65 2.73 6.52 5.03
N TYR B 66 3.63 7.49 5.12
CA TYR B 66 5.07 7.26 5.05
C TYR B 66 5.53 6.21 6.05
N ASP B 67 5.15 6.39 7.32
CA ASP B 67 5.54 5.48 8.38
C ASP B 67 5.08 4.08 8.07
N PHE B 68 3.82 3.97 7.65
CA PHE B 68 3.19 2.70 7.31
C PHE B 68 3.96 1.95 6.24
N ILE B 69 4.30 2.67 5.20
CA ILE B 69 5.03 2.12 4.09
C ILE B 69 6.35 1.54 4.57
N HIS B 70 6.94 2.24 5.51
CA HIS B 70 8.27 1.91 5.99
C HIS B 70 8.23 1.17 7.31
N THR B 71 7.12 0.54 7.63
CA THR B 71 7.02 -0.15 8.87
C THR B 71 6.36 -1.52 8.66
N SER B 72 6.54 -2.40 9.60
CA SER B 72 5.92 -3.68 9.56
C SER B 72 4.95 -3.82 10.73
N PHE B 73 4.03 -4.78 10.66
CA PHE B 73 3.12 -4.98 11.76
C PHE B 73 3.82 -5.81 12.82
N ALA B 74 4.79 -6.59 12.36
CA ALA B 74 5.56 -7.44 13.22
C ALA B 74 6.43 -6.61 14.14
N GLU B 75 6.89 -5.47 13.64
CA GLU B 75 7.75 -4.65 14.45
C GLU B 75 6.95 -3.84 15.47
N VAL B 76 5.66 -3.62 15.23
CA VAL B 76 4.87 -2.94 16.24
C VAL B 76 4.42 -3.92 17.32
N VAL B 77 4.05 -5.11 16.90
CA VAL B 77 3.64 -6.17 17.82
C VAL B 77 4.82 -6.71 18.63
N SER B 78 5.96 -6.83 17.99
CA SER B 78 7.11 -7.36 18.61
C SER B 78 8.23 -6.35 18.48
N LYS B 79 8.57 -5.70 19.57
CA LYS B 79 9.59 -4.67 19.52
C LYS B 79 10.90 -5.15 20.11
N GLY B 80 10.87 -6.27 20.80
CA GLY B 80 12.08 -6.80 21.44
C GLY B 80 12.36 -6.10 22.77
N LYS B 81 12.28 -4.78 22.76
CA LYS B 81 12.42 -3.94 23.94
C LYS B 81 11.28 -4.23 24.90
N GLY B 82 10.11 -4.43 24.34
CA GLY B 82 8.94 -4.73 25.08
C GLY B 82 7.97 -5.41 24.18
N LYS B 83 7.43 -6.53 24.63
CA LYS B 83 6.51 -7.36 23.86
C LYS B 83 7.23 -8.08 22.73
N LYS B 84 7.46 -9.35 22.92
CA LYS B 84 8.05 -10.16 21.90
C LYS B 84 6.93 -10.96 21.28
N ARG A 1 -10.37 10.72 29.09
CA ARG A 1 -9.60 10.73 30.33
C ARG A 1 -9.98 9.56 31.19
N ILE A 2 -9.06 8.66 31.41
CA ILE A 2 -9.27 7.53 32.29
C ILE A 2 -8.15 7.49 33.28
N ARG A 3 -8.42 6.97 34.44
CA ARG A 3 -7.38 6.82 35.40
C ARG A 3 -7.39 5.42 35.98
N ARG A 4 -6.98 4.51 35.14
CA ARG A 4 -6.79 3.12 35.52
C ARG A 4 -5.31 2.83 35.46
N ARG A 5 -4.71 3.43 34.48
CA ARG A 5 -3.30 3.37 34.20
C ARG A 5 -2.97 4.64 33.48
N TYR A 6 -1.73 5.06 33.53
CA TYR A 6 -1.33 6.28 32.86
C TYR A 6 -0.57 5.97 31.57
N ASN A 7 -0.30 4.68 31.36
CA ASN A 7 0.37 4.19 30.17
C ASN A 7 -0.53 4.30 28.96
N MET A 8 -0.41 5.39 28.27
CA MET A 8 -1.14 5.62 27.05
C MET A 8 -0.33 5.10 25.87
N ALA A 9 0.97 4.95 26.09
CA ALA A 9 1.92 4.54 25.05
C ALA A 9 1.57 3.19 24.44
N ASP A 10 1.29 2.20 25.27
CA ASP A 10 0.98 0.88 24.75
C ASP A 10 -0.44 0.83 24.20
N LEU A 11 -1.27 1.76 24.66
CA LEU A 11 -2.63 1.87 24.16
C LEU A 11 -2.57 2.46 22.74
N LEU A 12 -1.65 3.39 22.55
CA LEU A 12 -1.41 3.98 21.25
C LEU A 12 -0.85 2.91 20.31
N MET A 13 0.12 2.15 20.82
CA MET A 13 0.72 1.05 20.03
C MET A 13 -0.33 -0.01 19.68
N GLU A 14 -1.32 -0.18 20.56
CA GLU A 14 -2.46 -1.08 20.34
C GLU A 14 -3.19 -0.65 19.07
N LYS A 15 -3.40 0.65 18.95
CA LYS A 15 -4.09 1.16 17.80
C LYS A 15 -3.22 1.06 16.56
N LEU A 16 -1.91 1.26 16.75
CA LEU A 16 -0.95 1.11 15.67
C LEU A 16 -1.00 -0.28 15.09
N GLU A 17 -0.68 -1.29 15.91
CA GLU A 17 -0.63 -2.69 15.45
C GLU A 17 -1.95 -3.12 14.80
N GLN A 18 -3.05 -2.69 15.40
CA GLN A 18 -4.38 -3.00 14.96
C GLN A 18 -4.64 -2.50 13.55
N ASP A 19 -4.41 -1.22 13.34
CA ASP A 19 -4.68 -0.63 12.04
C ASP A 19 -3.65 -1.09 11.04
N LEU A 20 -2.40 -1.21 11.49
CA LEU A 20 -1.28 -1.66 10.65
C LEU A 20 -1.59 -2.95 9.96
N VAL A 21 -1.91 -3.97 10.72
CA VAL A 21 -2.17 -5.25 10.14
C VAL A 21 -3.40 -5.20 9.24
N SER A 22 -4.41 -4.46 9.66
CA SER A 22 -5.62 -4.33 8.87
C SER A 22 -5.32 -3.72 7.50
N ARG A 23 -4.53 -2.64 7.50
CA ARG A 23 -4.18 -1.93 6.28
C ARG A 23 -3.39 -2.82 5.36
N VAL A 24 -2.30 -3.41 5.89
CA VAL A 24 -1.42 -4.23 5.07
C VAL A 24 -2.20 -5.38 4.44
N THR A 25 -3.02 -6.08 5.25
CA THR A 25 -3.79 -7.21 4.74
C THR A 25 -4.69 -6.74 3.58
N GLU A 26 -5.46 -5.67 3.81
CA GLU A 26 -6.35 -5.10 2.80
C GLU A 26 -5.60 -4.73 1.53
N CYS A 27 -4.47 -4.06 1.69
CA CYS A 27 -3.67 -3.63 0.58
C CYS A 27 -3.26 -4.79 -0.31
N LEU A 28 -2.82 -5.88 0.27
CA LEU A 28 -2.39 -7.04 -0.53
C LEU A 28 -3.65 -7.68 -1.18
N THR A 29 -4.74 -7.57 -0.45
CA THR A 29 -6.06 -8.14 -0.77
C THR A 29 -6.74 -7.41 -1.95
N THR A 30 -6.27 -6.24 -2.30
CA THR A 30 -6.89 -5.43 -3.34
C THR A 30 -6.80 -6.06 -4.74
N VAL A 31 -5.99 -7.08 -4.86
CA VAL A 31 -5.86 -7.84 -6.07
C VAL A 31 -6.97 -8.88 -6.09
N LYS A 32 -7.77 -8.92 -7.15
CA LYS A 32 -8.89 -9.89 -7.28
C LYS A 32 -8.48 -11.35 -6.97
N SER A 33 -7.28 -11.71 -7.35
CA SER A 33 -6.76 -13.04 -7.15
C SER A 33 -6.32 -13.29 -5.69
N VAL A 34 -6.01 -12.23 -5.00
CA VAL A 34 -5.47 -12.33 -3.65
C VAL A 34 -6.59 -12.25 -2.61
N ASN A 35 -6.61 -13.21 -1.73
CA ASN A 35 -7.54 -13.25 -0.64
C ASN A 35 -6.85 -12.85 0.64
N LYS A 36 -7.58 -12.87 1.74
CA LYS A 36 -7.04 -12.56 3.04
C LYS A 36 -6.07 -13.64 3.47
N THR A 37 -6.29 -14.86 2.95
CA THR A 37 -5.46 -15.99 3.34
C THR A 37 -4.11 -15.85 2.65
N ASP A 38 -4.18 -15.28 1.47
CA ASP A 38 -3.02 -14.99 0.69
C ASP A 38 -2.23 -13.89 1.38
N SER A 39 -2.95 -12.84 1.72
CA SER A 39 -2.39 -11.67 2.36
C SER A 39 -1.71 -12.00 3.68
N GLN A 40 -2.35 -12.85 4.50
CA GLN A 40 -1.76 -13.19 5.79
C GLN A 40 -0.48 -14.01 5.62
N THR A 41 -0.41 -14.79 4.54
CA THR A 41 0.78 -15.54 4.25
C THR A 41 1.95 -14.55 3.92
N LEU A 42 1.63 -13.46 3.23
CA LEU A 42 2.62 -12.43 2.95
C LEU A 42 2.97 -11.65 4.21
N LEU A 43 2.03 -11.61 5.13
CA LEU A 43 2.24 -10.96 6.39
C LEU A 43 3.11 -11.79 7.32
N THR A 44 2.97 -13.09 7.28
CA THR A 44 3.78 -13.93 8.11
C THR A 44 5.22 -14.01 7.55
N THR A 45 5.39 -13.72 6.26
CA THR A 45 6.73 -13.69 5.71
C THR A 45 7.37 -12.29 5.82
N PHE A 46 6.71 -11.22 5.33
CA PHE A 46 7.37 -9.91 5.38
C PHE A 46 6.66 -8.94 6.34
N GLY A 47 5.34 -9.15 6.52
CA GLY A 47 4.53 -8.32 7.45
C GLY A 47 4.65 -6.81 7.30
N SER A 48 5.06 -6.36 6.14
CA SER A 48 5.37 -4.97 5.93
C SER A 48 5.02 -4.62 4.47
N LEU A 49 4.78 -3.35 4.16
CA LEU A 49 4.42 -3.01 2.79
C LEU A 49 5.61 -2.77 1.87
N GLU A 50 6.64 -2.05 2.34
CA GLU A 50 7.81 -1.73 1.49
C GLU A 50 8.45 -3.02 0.97
N GLN A 51 8.46 -4.01 1.82
CA GLN A 51 8.98 -5.34 1.51
C GLN A 51 8.24 -5.97 0.34
N LEU A 52 6.96 -5.67 0.22
CA LEU A 52 6.13 -6.24 -0.83
C LEU A 52 6.38 -5.54 -2.15
N ILE A 53 6.38 -4.21 -2.11
CA ILE A 53 6.56 -3.41 -3.31
C ILE A 53 7.99 -3.55 -3.85
N ALA A 54 8.93 -3.74 -2.93
CA ALA A 54 10.32 -3.93 -3.29
C ALA A 54 10.62 -5.40 -3.57
N ALA A 55 9.59 -6.23 -3.59
CA ALA A 55 9.72 -7.64 -3.87
C ALA A 55 9.46 -7.89 -5.33
N SER A 56 10.11 -8.85 -5.88
CA SER A 56 9.87 -9.22 -7.24
C SER A 56 8.82 -10.33 -7.23
N ARG A 57 8.29 -10.71 -8.38
CA ARG A 57 7.30 -11.79 -8.48
C ARG A 57 7.81 -13.07 -7.82
N GLU A 58 9.06 -13.37 -7.99
CA GLU A 58 9.66 -14.53 -7.37
C GLU A 58 9.83 -14.35 -5.85
N ASP A 59 10.01 -13.13 -5.41
CA ASP A 59 10.20 -12.86 -3.97
C ASP A 59 8.83 -12.87 -3.29
N LEU A 60 7.81 -12.52 -4.05
CA LEU A 60 6.43 -12.60 -3.60
C LEU A 60 5.94 -14.06 -3.64
N ALA A 61 6.47 -14.85 -4.57
CA ALA A 61 6.13 -16.28 -4.67
C ALA A 61 6.98 -17.11 -3.72
N LEU A 62 7.96 -16.46 -3.13
CA LEU A 62 8.85 -17.05 -2.16
C LEU A 62 8.12 -17.35 -0.85
N CYS A 63 7.10 -16.55 -0.58
CA CYS A 63 6.20 -16.74 0.56
C CYS A 63 5.79 -18.22 0.63
N PRO A 64 5.91 -18.85 1.81
CA PRO A 64 5.75 -20.31 1.96
C PRO A 64 4.39 -20.80 1.46
N GLY A 65 4.44 -21.63 0.41
CA GLY A 65 3.26 -22.25 -0.19
C GLY A 65 2.12 -21.29 -0.43
N LEU A 66 2.38 -20.20 -1.11
CA LEU A 66 1.34 -19.22 -1.24
C LEU A 66 0.79 -19.15 -2.65
N GLY A 67 1.61 -18.99 -3.64
CA GLY A 67 1.08 -18.88 -4.95
C GLY A 67 2.03 -18.24 -5.93
N PRO A 68 2.25 -18.80 -7.10
CA PRO A 68 3.06 -18.12 -8.09
C PRO A 68 2.25 -17.04 -8.84
N GLN A 69 0.97 -17.31 -9.11
CA GLN A 69 0.17 -16.40 -9.88
C GLN A 69 -0.17 -15.18 -9.06
N LYS A 70 -0.29 -15.36 -7.76
CA LYS A 70 -0.60 -14.25 -6.87
C LYS A 70 0.46 -13.20 -6.95
N ALA A 71 1.71 -13.64 -6.99
CA ALA A 71 2.85 -12.78 -7.11
C ALA A 71 2.81 -12.01 -8.42
N ARG A 72 2.38 -12.70 -9.48
CA ARG A 72 2.24 -12.06 -10.80
C ARG A 72 1.24 -10.92 -10.71
N ARG A 73 0.10 -11.21 -10.12
CA ARG A 73 -1.01 -10.28 -10.03
C ARG A 73 -0.69 -9.12 -9.09
N LEU A 74 0.04 -9.41 -8.03
CA LEU A 74 0.52 -8.38 -7.10
C LEU A 74 1.45 -7.42 -7.79
N PHE A 75 2.45 -7.96 -8.48
CA PHE A 75 3.44 -7.14 -9.19
C PHE A 75 2.73 -6.29 -10.26
N ASP A 76 1.65 -6.84 -10.78
CA ASP A 76 0.86 -6.20 -11.80
C ASP A 76 0.23 -4.93 -11.25
N VAL A 77 -0.48 -5.06 -10.12
CA VAL A 77 -1.14 -3.90 -9.51
C VAL A 77 -0.14 -2.88 -8.98
N LEU A 78 1.01 -3.36 -8.56
CA LEU A 78 2.06 -2.49 -8.04
C LEU A 78 2.61 -1.58 -9.13
N HIS A 79 2.60 -2.06 -10.38
CA HIS A 79 3.16 -1.31 -11.50
C HIS A 79 2.07 -0.87 -12.49
N GLU A 80 0.84 -0.88 -12.05
CA GLU A 80 -0.28 -0.45 -12.85
C GLU A 80 -0.82 0.86 -12.31
N PRO A 81 -1.13 1.83 -13.19
CA PRO A 81 -1.62 3.11 -12.78
C PRO A 81 -3.04 3.01 -12.24
N PHE A 82 -3.37 3.89 -11.31
CA PHE A 82 -4.68 3.88 -10.67
C PHE A 82 -5.77 4.14 -11.70
N LEU A 83 -5.47 5.01 -12.65
CA LEU A 83 -6.42 5.38 -13.69
C LEU A 83 -6.37 4.39 -14.85
N LYS A 84 -5.63 3.28 -14.68
CA LYS A 84 -5.45 2.22 -15.72
C LYS A 84 -4.53 2.73 -16.86
N VAL A 85 -4.73 3.96 -17.24
CA VAL A 85 -4.00 4.62 -18.27
C VAL A 85 -2.71 5.24 -17.69
N PRO A 86 -1.53 4.84 -18.17
CA PRO A 86 -0.28 5.39 -17.72
C PRO A 86 0.06 6.68 -18.48
N GLY A 87 0.39 7.72 -17.73
CA GLY A 87 0.73 8.99 -18.34
C GLY A 87 2.17 9.02 -18.80
N GLY A 88 2.55 8.00 -19.54
CA GLY A 88 3.88 7.92 -20.08
C GLY A 88 3.95 6.96 -21.24
N LEU A 89 2.82 6.75 -21.88
CA LEU A 89 2.75 5.92 -23.08
C LEU A 89 3.42 6.64 -24.20
N GLU A 90 3.29 7.94 -24.15
CA GLU A 90 3.88 8.87 -25.06
C GLU A 90 4.13 10.11 -24.27
N HIS A 91 4.37 11.20 -24.95
CA HIS A 91 4.42 12.50 -24.32
C HIS A 91 2.98 12.98 -24.11
N HIS A 92 2.05 12.29 -24.81
CA HIS A 92 0.61 12.55 -24.80
C HIS A 92 0.30 13.90 -25.46
N HIS A 93 -0.91 14.38 -25.31
CA HIS A 93 -1.31 15.63 -25.95
C HIS A 93 -0.46 16.79 -25.46
N HIS A 94 0.37 17.30 -26.35
CA HIS A 94 1.22 18.44 -26.06
C HIS A 94 0.37 19.66 -25.86
N HIS A 95 -0.56 19.83 -26.77
CA HIS A 95 -1.46 20.94 -26.74
C HIS A 95 -2.61 20.63 -25.81
N HIS A 96 -3.47 21.58 -25.62
CA HIS A 96 -4.58 21.39 -24.75
C HIS A 96 -5.64 20.56 -25.40
N MET B 1 -6.24 19.73 -24.60
CA MET B 1 -7.25 18.84 -25.05
C MET B 1 -8.44 19.03 -24.17
N ASP B 2 -9.57 18.63 -24.66
CA ASP B 2 -10.77 18.65 -23.88
C ASP B 2 -10.95 17.23 -23.37
N SER B 3 -11.98 16.95 -22.68
CA SER B 3 -12.19 15.62 -22.18
C SER B 3 -13.49 15.07 -22.73
N GLU B 4 -14.13 15.86 -23.62
CA GLU B 4 -15.41 15.51 -24.27
C GLU B 4 -16.46 15.24 -23.23
N THR B 5 -16.38 15.99 -22.12
CA THR B 5 -17.26 15.89 -20.96
C THR B 5 -17.29 14.44 -20.39
N LEU B 6 -16.21 13.72 -20.62
CA LEU B 6 -16.07 12.38 -20.11
C LEU B 6 -15.19 12.39 -18.88
N PRO B 7 -15.63 11.71 -17.81
CA PRO B 7 -14.89 11.61 -16.57
C PRO B 7 -13.85 10.48 -16.61
N GLU B 8 -12.90 10.53 -15.70
CA GLU B 8 -11.86 9.53 -15.60
C GLU B 8 -12.44 8.25 -15.04
N SER B 9 -13.62 8.34 -14.43
CA SER B 9 -14.29 7.22 -13.77
C SER B 9 -14.45 5.97 -14.69
N GLU B 10 -14.39 6.19 -16.00
CA GLU B 10 -14.47 5.12 -16.99
C GLU B 10 -13.16 4.29 -16.98
N LYS B 11 -12.10 4.93 -16.57
CA LYS B 11 -10.78 4.41 -16.68
C LYS B 11 -10.07 4.40 -15.34
N TYR B 12 -10.27 3.34 -14.61
CA TYR B 12 -9.61 3.10 -13.35
C TYR B 12 -9.30 1.65 -13.22
N ASN B 13 -8.21 1.37 -12.59
CA ASN B 13 -7.79 0.00 -12.41
C ASN B 13 -8.04 -0.35 -10.95
N PRO B 14 -8.96 -1.31 -10.71
CA PRO B 14 -9.44 -1.66 -9.36
C PRO B 14 -8.35 -2.10 -8.41
N GLY B 15 -7.39 -2.83 -8.91
CA GLY B 15 -6.32 -3.35 -8.07
C GLY B 15 -5.48 -2.24 -7.43
N PRO B 16 -4.70 -1.48 -8.23
CA PRO B 16 -3.80 -0.48 -7.70
C PRO B 16 -4.51 0.69 -7.04
N GLN B 17 -5.69 1.07 -7.55
CA GLN B 17 -6.40 2.18 -6.96
C GLN B 17 -6.79 1.79 -5.58
N ASP B 18 -7.26 0.57 -5.42
CA ASP B 18 -7.74 0.12 -4.15
C ASP B 18 -6.59 -0.03 -3.19
N PHE B 19 -5.45 -0.53 -3.70
CA PHE B 19 -4.21 -0.70 -2.93
C PHE B 19 -3.87 0.62 -2.23
N LEU B 20 -3.96 1.70 -2.99
CA LEU B 20 -3.73 3.06 -2.51
C LEU B 20 -4.90 3.53 -1.61
N LEU B 21 -6.09 3.18 -1.98
CA LEU B 21 -7.28 3.63 -1.27
C LEU B 21 -7.37 3.06 0.14
N LYS B 22 -6.73 1.95 0.35
CA LYS B 22 -6.75 1.26 1.62
C LYS B 22 -5.65 1.79 2.55
N MET B 23 -4.73 2.58 1.99
CA MET B 23 -3.56 3.10 2.71
C MET B 23 -4.01 4.06 3.82
N PRO B 24 -3.39 4.00 5.01
CA PRO B 24 -3.78 4.86 6.14
C PRO B 24 -3.33 6.30 5.92
N GLY B 25 -4.18 7.23 6.32
CA GLY B 25 -3.90 8.63 6.12
C GLY B 25 -4.45 9.12 4.80
N VAL B 26 -4.67 8.18 3.89
CA VAL B 26 -5.11 8.50 2.56
C VAL B 26 -6.63 8.55 2.47
N ASN B 27 -7.13 9.74 2.60
CA ASN B 27 -8.54 10.05 2.45
C ASN B 27 -8.79 10.33 0.96
N ALA B 28 -10.03 10.58 0.57
CA ALA B 28 -10.38 10.71 -0.87
C ALA B 28 -9.71 11.90 -1.53
N LYS B 29 -9.46 12.92 -0.75
CA LYS B 29 -8.79 14.12 -1.22
C LYS B 29 -7.35 13.73 -1.56
N ASN B 30 -6.76 12.98 -0.65
CA ASN B 30 -5.40 12.46 -0.79
C ASN B 30 -5.31 11.40 -1.88
N CYS B 31 -6.35 10.54 -1.99
CA CYS B 31 -6.41 9.53 -3.06
C CYS B 31 -6.29 10.22 -4.40
N ARG B 32 -6.98 11.35 -4.50
CA ARG B 32 -6.91 12.18 -5.67
C ARG B 32 -5.49 12.71 -5.89
N SER B 33 -4.90 13.30 -4.85
CA SER B 33 -3.56 13.85 -4.93
C SER B 33 -2.55 12.79 -5.42
N LEU B 34 -2.67 11.57 -4.91
CA LEU B 34 -1.79 10.51 -5.33
C LEU B 34 -2.00 10.16 -6.77
N MET B 35 -3.22 10.04 -7.21
CA MET B 35 -3.47 9.62 -8.60
C MET B 35 -3.20 10.77 -9.60
N HIS B 36 -3.02 11.95 -9.09
CA HIS B 36 -2.69 13.09 -9.91
C HIS B 36 -1.17 13.23 -10.07
N HIS B 37 -0.44 12.97 -9.00
CA HIS B 37 1.03 13.08 -9.03
C HIS B 37 1.69 11.74 -9.32
N VAL B 38 1.08 10.71 -8.82
CA VAL B 38 1.59 9.37 -8.88
C VAL B 38 0.80 8.48 -9.84
N LYS B 39 1.52 7.63 -10.51
CA LYS B 39 1.01 6.68 -11.44
C LYS B 39 0.48 5.49 -10.68
N ASN B 40 1.35 4.93 -9.83
CA ASN B 40 1.08 3.68 -9.14
C ASN B 40 1.76 3.65 -7.81
N ILE B 41 1.25 2.81 -6.91
CA ILE B 41 1.77 2.69 -5.54
C ILE B 41 3.29 2.49 -5.48
N ALA B 42 3.87 1.88 -6.53
CA ALA B 42 5.31 1.70 -6.64
C ALA B 42 6.06 3.03 -6.41
N GLU B 43 5.58 4.09 -7.09
CA GLU B 43 6.18 5.41 -6.96
C GLU B 43 6.03 5.91 -5.53
N LEU B 44 4.80 5.85 -5.05
CA LEU B 44 4.41 6.27 -3.69
C LEU B 44 5.27 5.63 -2.60
N ALA B 45 5.57 4.38 -2.78
CA ALA B 45 6.33 3.64 -1.81
C ALA B 45 7.84 3.75 -2.02
N ALA B 46 8.22 4.27 -3.15
CA ALA B 46 9.64 4.46 -3.45
C ALA B 46 10.07 5.90 -3.21
N LEU B 47 9.12 6.80 -3.19
CA LEU B 47 9.40 8.18 -2.97
C LEU B 47 9.59 8.50 -1.49
N SER B 48 10.24 9.60 -1.24
CA SER B 48 10.59 10.04 0.09
C SER B 48 9.43 10.77 0.75
N GLN B 49 9.54 10.99 2.06
CA GLN B 49 8.51 11.65 2.81
C GLN B 49 8.24 13.06 2.31
N ASP B 50 9.27 13.80 2.01
CA ASP B 50 9.12 15.18 1.53
C ASP B 50 8.31 15.20 0.23
N GLU B 51 8.48 14.17 -0.58
CA GLU B 51 7.71 14.01 -1.81
C GLU B 51 6.24 13.81 -1.53
N LEU B 52 5.93 12.82 -0.71
CA LEU B 52 4.53 12.51 -0.38
C LEU B 52 3.86 13.62 0.44
N THR B 53 4.63 14.29 1.25
CA THR B 53 4.15 15.38 2.06
C THR B 53 3.64 16.53 1.19
N SER B 54 4.35 16.83 0.11
CA SER B 54 3.91 17.85 -0.82
C SER B 54 2.68 17.40 -1.62
N ILE B 55 2.62 16.11 -1.94
CA ILE B 55 1.50 15.56 -2.70
C ILE B 55 0.21 15.64 -1.88
N LEU B 56 0.27 15.14 -0.66
CA LEU B 56 -0.88 15.09 0.23
C LEU B 56 -1.18 16.46 0.82
N GLY B 57 -0.16 17.27 0.98
CA GLY B 57 -0.33 18.62 1.49
C GLY B 57 -0.37 18.67 3.01
N ASN B 58 -0.86 17.61 3.61
CA ASN B 58 -0.96 17.52 5.04
C ASN B 58 0.16 16.69 5.60
N ALA B 59 0.92 17.28 6.50
CA ALA B 59 2.05 16.63 7.14
C ALA B 59 1.60 15.41 7.94
N ALA B 60 0.50 15.55 8.67
CA ALA B 60 -0.06 14.47 9.48
C ALA B 60 -0.40 13.28 8.63
N ASN B 61 -1.14 13.53 7.57
CA ASN B 61 -1.55 12.48 6.60
C ASN B 61 -0.33 11.79 6.06
N ALA B 62 0.62 12.60 5.67
CA ALA B 62 1.86 12.15 5.09
C ALA B 62 2.65 11.30 6.05
N LYS B 63 2.60 11.63 7.33
CA LYS B 63 3.29 10.85 8.34
C LYS B 63 2.71 9.44 8.42
N GLN B 64 1.39 9.35 8.40
CA GLN B 64 0.70 8.07 8.57
C GLN B 64 1.04 7.16 7.43
N LEU B 65 0.99 7.73 6.26
CA LEU B 65 1.27 7.07 5.04
C LEU B 65 2.76 6.64 4.99
N TYR B 66 3.66 7.59 5.23
CA TYR B 66 5.10 7.34 5.21
C TYR B 66 5.51 6.25 6.18
N ASP B 67 5.15 6.42 7.46
CA ASP B 67 5.49 5.45 8.48
C ASP B 67 5.00 4.08 8.15
N PHE B 68 3.75 4.01 7.68
CA PHE B 68 3.10 2.76 7.32
C PHE B 68 3.88 1.97 6.29
N ILE B 69 4.26 2.64 5.22
CA ILE B 69 5.00 2.00 4.14
C ILE B 69 6.30 1.43 4.66
N HIS B 70 6.86 2.12 5.62
CA HIS B 70 8.17 1.76 6.15
C HIS B 70 8.06 0.99 7.47
N THR B 71 6.90 0.48 7.78
CA THR B 71 6.73 -0.18 9.02
C THR B 71 6.02 -1.52 8.86
N SER B 72 6.36 -2.41 9.72
CA SER B 72 5.80 -3.69 9.79
C SER B 72 4.82 -3.70 10.97
N PHE B 73 3.83 -4.56 10.94
CA PHE B 73 2.89 -4.60 12.07
C PHE B 73 3.51 -5.36 13.25
N ALA B 74 4.40 -6.27 12.92
CA ALA B 74 5.02 -7.15 13.90
C ALA B 74 6.20 -6.49 14.61
N GLU B 75 6.60 -5.34 14.13
CA GLU B 75 7.70 -4.63 14.78
C GLU B 75 7.13 -3.80 15.92
N VAL B 76 5.85 -3.54 15.87
CA VAL B 76 5.19 -2.74 16.87
C VAL B 76 4.81 -3.61 18.07
N VAL B 77 4.63 -4.88 17.79
CA VAL B 77 4.27 -5.83 18.82
C VAL B 77 5.55 -6.34 19.53
N SER B 78 5.84 -5.78 20.68
CA SER B 78 7.03 -6.16 21.40
C SER B 78 6.69 -7.06 22.58
N LYS B 79 6.82 -8.35 22.36
CA LYS B 79 6.61 -9.31 23.41
C LYS B 79 7.87 -9.35 24.25
N GLY B 80 7.75 -8.96 25.50
CA GLY B 80 8.88 -8.88 26.40
C GLY B 80 9.55 -10.21 26.64
N LYS B 81 8.76 -11.27 26.58
CA LYS B 81 9.26 -12.62 26.78
C LYS B 81 10.13 -13.01 25.61
N GLY B 82 9.62 -12.74 24.43
CA GLY B 82 10.25 -13.15 23.22
C GLY B 82 9.27 -13.92 22.41
N LYS B 83 9.70 -14.46 21.28
CA LYS B 83 8.83 -15.25 20.42
C LYS B 83 8.19 -16.42 21.18
N LYS B 84 6.94 -16.66 20.89
CA LYS B 84 6.25 -17.78 21.39
C LYS B 84 6.48 -18.89 20.36
N ARG A 1 -5.34 4.56 35.78
CA ARG A 1 -4.58 3.45 36.33
C ARG A 1 -3.17 3.94 36.62
N ILE A 2 -2.75 3.91 37.88
CA ILE A 2 -1.44 4.43 38.25
C ILE A 2 -0.38 3.35 38.09
N ARG A 3 -0.45 2.32 38.90
CA ARG A 3 0.56 1.31 38.91
C ARG A 3 -0.06 -0.07 38.96
N ARG A 4 -0.02 -0.73 37.84
CA ARG A 4 -0.55 -2.07 37.68
C ARG A 4 0.17 -2.65 36.45
N ARG A 5 -0.07 -3.90 36.11
CA ARG A 5 0.60 -4.47 34.95
C ARG A 5 -0.06 -4.03 33.68
N TYR A 6 0.75 -3.82 32.65
CA TYR A 6 0.32 -3.37 31.32
C TYR A 6 -0.26 -1.96 31.38
N ASN A 7 0.53 -1.01 30.96
CA ASN A 7 0.14 0.39 30.98
C ASN A 7 -0.10 0.86 29.52
N MET A 8 -0.15 2.15 29.29
CA MET A 8 -0.45 2.73 27.98
C MET A 8 0.59 2.33 26.93
N ALA A 9 1.82 2.05 27.36
CA ALA A 9 2.88 1.66 26.43
C ALA A 9 2.51 0.37 25.70
N ASP A 10 1.97 -0.60 26.44
CA ASP A 10 1.55 -1.86 25.84
C ASP A 10 0.29 -1.65 25.03
N LEU A 11 -0.58 -0.78 25.52
CA LEU A 11 -1.81 -0.45 24.82
C LEU A 11 -1.48 0.12 23.44
N LEU A 12 -0.52 1.04 23.40
CA LEU A 12 -0.08 1.67 22.16
C LEU A 12 0.49 0.64 21.22
N MET A 13 1.30 -0.27 21.74
CA MET A 13 1.90 -1.33 20.92
C MET A 13 0.83 -2.26 20.33
N GLU A 14 -0.29 -2.37 21.02
CA GLU A 14 -1.41 -3.14 20.52
C GLU A 14 -2.07 -2.38 19.37
N LYS A 15 -2.22 -1.09 19.57
CA LYS A 15 -2.87 -0.22 18.61
C LYS A 15 -2.04 -0.14 17.34
N LEU A 16 -0.73 -0.08 17.51
CA LEU A 16 0.19 -0.08 16.39
C LEU A 16 0.02 -1.32 15.54
N GLU A 17 0.19 -2.50 16.13
CA GLU A 17 0.12 -3.72 15.33
C GLU A 17 -1.26 -3.91 14.72
N GLN A 18 -2.33 -3.53 15.46
CA GLN A 18 -3.70 -3.71 14.98
C GLN A 18 -3.91 -2.99 13.66
N ASP A 19 -3.65 -1.71 13.68
CA ASP A 19 -3.88 -0.87 12.51
C ASP A 19 -2.85 -1.12 11.44
N LEU A 20 -1.67 -1.53 11.85
CA LEU A 20 -0.64 -1.91 10.90
C LEU A 20 -1.06 -3.13 10.11
N VAL A 21 -1.38 -4.21 10.81
CA VAL A 21 -1.73 -5.46 10.15
C VAL A 21 -3.00 -5.32 9.31
N SER A 22 -4.03 -4.72 9.88
CA SER A 22 -5.32 -4.58 9.20
C SER A 22 -5.19 -3.83 7.88
N ARG A 23 -4.45 -2.72 7.89
CA ARG A 23 -4.25 -1.95 6.68
C ARG A 23 -3.41 -2.72 5.66
N VAL A 24 -2.28 -3.31 6.09
CA VAL A 24 -1.41 -4.04 5.16
C VAL A 24 -2.19 -5.21 4.53
N THR A 25 -2.94 -5.93 5.36
CA THR A 25 -3.73 -7.07 4.91
C THR A 25 -4.65 -6.65 3.77
N GLU A 26 -5.45 -5.61 4.00
CA GLU A 26 -6.41 -5.16 3.02
C GLU A 26 -5.74 -4.64 1.76
N CYS A 27 -4.60 -3.97 1.93
CA CYS A 27 -3.86 -3.45 0.81
C CYS A 27 -3.45 -4.57 -0.14
N LEU A 28 -2.97 -5.69 0.39
CA LEU A 28 -2.52 -6.78 -0.49
C LEU A 28 -3.77 -7.48 -1.07
N THR A 29 -4.82 -7.46 -0.28
CA THR A 29 -6.13 -8.04 -0.59
C THR A 29 -6.92 -7.24 -1.67
N THR A 30 -6.45 -6.06 -2.01
CA THR A 30 -7.13 -5.26 -3.03
C THR A 30 -7.06 -5.91 -4.39
N VAL A 31 -6.09 -6.78 -4.57
CA VAL A 31 -6.00 -7.58 -5.73
C VAL A 31 -7.07 -8.62 -5.59
N LYS A 32 -8.00 -8.65 -6.54
CA LYS A 32 -9.14 -9.55 -6.48
C LYS A 32 -8.75 -11.03 -6.34
N SER A 33 -7.55 -11.35 -6.72
CA SER A 33 -7.04 -12.69 -6.63
C SER A 33 -6.64 -13.02 -5.17
N VAL A 34 -6.33 -12.00 -4.39
CA VAL A 34 -5.82 -12.17 -3.02
C VAL A 34 -6.96 -12.07 -1.98
N ASN A 35 -6.99 -13.00 -1.05
CA ASN A 35 -7.99 -13.05 0.02
C ASN A 35 -7.33 -12.56 1.33
N LYS A 36 -8.09 -12.57 2.43
CA LYS A 36 -7.60 -12.16 3.77
C LYS A 36 -6.45 -13.06 4.19
N THR A 37 -6.75 -14.33 4.16
CA THR A 37 -5.86 -15.38 4.51
C THR A 37 -4.61 -15.39 3.59
N ASP A 38 -4.85 -14.97 2.38
CA ASP A 38 -3.88 -14.97 1.34
C ASP A 38 -2.85 -13.86 1.62
N SER A 39 -3.35 -12.67 1.87
CA SER A 39 -2.50 -11.53 2.21
C SER A 39 -1.80 -11.77 3.55
N GLN A 40 -2.49 -12.45 4.46
CA GLN A 40 -1.94 -12.88 5.73
C GLN A 40 -0.68 -13.72 5.51
N THR A 41 -0.67 -14.50 4.47
CA THR A 41 0.48 -15.31 4.19
C THR A 41 1.65 -14.42 3.65
N LEU A 42 1.31 -13.37 2.90
CA LEU A 42 2.33 -12.40 2.49
C LEU A 42 2.83 -11.62 3.72
N LEU A 43 2.00 -11.53 4.71
CA LEU A 43 2.32 -10.86 5.94
C LEU A 43 3.26 -11.67 6.81
N THR A 44 3.19 -12.98 6.73
CA THR A 44 4.12 -13.77 7.50
C THR A 44 5.48 -13.86 6.80
N THR A 45 5.50 -13.65 5.49
CA THR A 45 6.76 -13.63 4.77
C THR A 45 7.43 -12.23 4.79
N PHE A 46 6.67 -11.16 4.51
CA PHE A 46 7.30 -9.83 4.44
C PHE A 46 6.82 -8.88 5.56
N GLY A 47 5.62 -9.12 6.05
CA GLY A 47 5.03 -8.35 7.19
C GLY A 47 4.97 -6.82 7.06
N SER A 48 5.26 -6.31 5.90
CA SER A 48 5.35 -4.88 5.69
C SER A 48 4.90 -4.56 4.28
N LEU A 49 4.65 -3.30 4.02
CA LEU A 49 4.34 -2.86 2.69
C LEU A 49 5.62 -2.65 1.91
N GLU A 50 6.62 -1.98 2.51
CA GLU A 50 7.87 -1.70 1.79
C GLU A 50 8.52 -2.98 1.34
N GLN A 51 8.45 -3.98 2.18
CA GLN A 51 9.00 -5.29 1.88
C GLN A 51 8.25 -5.99 0.75
N LEU A 52 6.98 -5.63 0.57
CA LEU A 52 6.15 -6.23 -0.48
C LEU A 52 6.52 -5.59 -1.81
N ILE A 53 6.48 -4.27 -1.83
CA ILE A 53 6.74 -3.50 -3.03
C ILE A 53 8.21 -3.58 -3.46
N ALA A 54 9.11 -3.76 -2.50
CA ALA A 54 10.52 -3.93 -2.81
C ALA A 54 10.84 -5.39 -3.16
N ALA A 55 9.84 -6.24 -3.12
CA ALA A 55 10.02 -7.63 -3.44
C ALA A 55 9.68 -7.86 -4.91
N SER A 56 10.35 -8.79 -5.52
CA SER A 56 10.10 -9.10 -6.89
C SER A 56 9.06 -10.23 -6.94
N ARG A 57 8.56 -10.55 -8.13
CA ARG A 57 7.60 -11.66 -8.30
C ARG A 57 8.17 -12.95 -7.76
N GLU A 58 9.47 -13.11 -7.84
CA GLU A 58 10.15 -14.30 -7.34
C GLU A 58 10.02 -14.36 -5.83
N ASP A 59 10.23 -13.23 -5.19
CA ASP A 59 10.13 -13.09 -3.74
C ASP A 59 8.69 -13.28 -3.32
N LEU A 60 7.81 -12.63 -4.03
CA LEU A 60 6.38 -12.73 -3.74
C LEU A 60 5.88 -14.16 -3.97
N ALA A 61 6.55 -14.89 -4.87
CA ALA A 61 6.23 -16.28 -5.15
C ALA A 61 7.00 -17.25 -4.25
N LEU A 62 7.99 -16.76 -3.51
CA LEU A 62 8.78 -17.63 -2.65
C LEU A 62 8.04 -17.90 -1.36
N CYS A 63 6.92 -17.20 -1.20
CA CYS A 63 6.03 -17.34 -0.07
C CYS A 63 5.66 -18.81 0.14
N PRO A 64 5.66 -19.29 1.39
CA PRO A 64 5.37 -20.69 1.67
C PRO A 64 3.93 -21.05 1.27
N GLY A 65 3.84 -21.95 0.28
CA GLY A 65 2.57 -22.47 -0.23
C GLY A 65 1.45 -21.45 -0.35
N LEU A 66 1.69 -20.32 -1.01
CA LEU A 66 0.63 -19.34 -1.08
C LEU A 66 0.16 -19.11 -2.51
N GLY A 67 1.05 -18.81 -3.41
CA GLY A 67 0.63 -18.60 -4.74
C GLY A 67 1.62 -17.83 -5.58
N PRO A 68 2.27 -18.44 -6.55
CA PRO A 68 3.15 -17.68 -7.45
C PRO A 68 2.32 -16.79 -8.39
N GLN A 69 1.05 -17.19 -8.58
CA GLN A 69 0.12 -16.46 -9.42
C GLN A 69 -0.17 -15.13 -8.75
N LYS A 70 -0.17 -15.14 -7.43
CA LYS A 70 -0.41 -13.94 -6.64
C LYS A 70 0.71 -12.96 -6.79
N ALA A 71 1.93 -13.46 -6.84
CA ALA A 71 3.11 -12.66 -7.10
C ALA A 71 2.94 -11.87 -8.39
N ARG A 72 2.40 -12.53 -9.41
CA ARG A 72 2.19 -11.92 -10.72
C ARG A 72 1.19 -10.78 -10.58
N ARG A 73 0.12 -11.04 -9.83
CA ARG A 73 -0.98 -10.09 -9.66
C ARG A 73 -0.53 -8.89 -8.84
N LEU A 74 0.14 -9.17 -7.75
CA LEU A 74 0.69 -8.17 -6.85
C LEU A 74 1.64 -7.25 -7.57
N PHE A 75 2.62 -7.82 -8.25
CA PHE A 75 3.63 -7.03 -8.94
C PHE A 75 2.95 -6.15 -10.00
N ASP A 76 1.92 -6.71 -10.63
CA ASP A 76 1.19 -5.99 -11.66
C ASP A 76 0.52 -4.77 -11.07
N VAL A 77 -0.27 -4.96 -10.02
CA VAL A 77 -0.99 -3.84 -9.39
C VAL A 77 -0.05 -2.82 -8.78
N LEU A 78 1.12 -3.27 -8.37
CA LEU A 78 2.10 -2.40 -7.80
C LEU A 78 2.68 -1.47 -8.86
N HIS A 79 2.72 -1.93 -10.11
CA HIS A 79 3.29 -1.15 -11.19
C HIS A 79 2.23 -0.58 -12.13
N GLU A 80 1.02 -0.99 -11.94
CA GLU A 80 -0.09 -0.51 -12.72
C GLU A 80 -0.54 0.84 -12.24
N PRO A 81 -0.71 1.77 -13.16
CA PRO A 81 -1.19 3.09 -12.82
C PRO A 81 -2.64 3.02 -12.40
N PHE A 82 -3.05 3.92 -11.52
CA PHE A 82 -4.42 3.90 -11.00
C PHE A 82 -5.43 4.17 -12.11
N LEU A 83 -5.00 4.84 -13.16
CA LEU A 83 -5.87 5.15 -14.29
C LEU A 83 -5.69 4.13 -15.41
N LYS A 84 -4.87 3.09 -15.17
CA LYS A 84 -4.47 2.03 -16.16
C LYS A 84 -3.56 2.59 -17.25
N VAL A 85 -3.90 3.76 -17.69
CA VAL A 85 -3.31 4.38 -18.83
C VAL A 85 -1.87 4.91 -18.61
N PRO A 86 -0.88 4.32 -19.30
CA PRO A 86 0.45 4.87 -19.36
C PRO A 86 0.48 5.93 -20.43
N GLY A 87 1.43 6.82 -20.34
CA GLY A 87 1.52 7.90 -21.27
C GLY A 87 1.86 7.45 -22.68
N GLY A 88 2.63 6.39 -22.79
CA GLY A 88 3.04 5.96 -24.10
C GLY A 88 3.55 4.54 -24.17
N LEU A 89 2.66 3.62 -24.45
CA LEU A 89 3.06 2.25 -24.71
C LEU A 89 3.30 2.14 -26.21
N GLU A 90 2.18 2.10 -26.90
CA GLU A 90 2.07 2.07 -28.34
C GLU A 90 0.70 2.63 -28.59
N HIS A 91 -0.26 1.93 -28.03
CA HIS A 91 -1.65 2.34 -28.00
C HIS A 91 -2.21 1.84 -26.68
N HIS A 92 -3.15 2.53 -26.13
CA HIS A 92 -3.82 2.08 -24.94
C HIS A 92 -5.16 1.52 -25.38
N HIS A 93 -5.66 0.53 -24.66
CA HIS A 93 -6.91 -0.12 -25.05
C HIS A 93 -8.11 0.82 -24.91
N HIS A 94 -9.21 0.45 -25.58
CA HIS A 94 -10.47 1.23 -25.73
C HIS A 94 -10.37 2.17 -26.92
N HIS A 95 -9.20 2.12 -27.59
CA HIS A 95 -8.86 2.87 -28.80
C HIS A 95 -8.68 4.37 -28.59
N HIS A 96 -7.78 4.94 -29.37
CA HIS A 96 -7.51 6.36 -29.33
C HIS A 96 -8.43 7.06 -30.31
N MET B 1 -9.57 7.47 -29.84
CA MET B 1 -10.56 8.13 -30.67
C MET B 1 -11.11 9.30 -29.91
N ASP B 2 -11.19 10.43 -30.54
CA ASP B 2 -11.77 11.58 -29.91
C ASP B 2 -12.76 12.25 -30.79
N SER B 3 -13.95 12.25 -30.33
CA SER B 3 -15.05 12.95 -30.93
C SER B 3 -15.91 13.37 -29.76
N GLU B 4 -15.26 13.41 -28.63
CA GLU B 4 -15.87 13.60 -27.36
C GLU B 4 -14.84 14.37 -26.54
N THR B 5 -15.17 14.73 -25.34
CA THR B 5 -14.26 15.41 -24.45
C THR B 5 -13.30 14.41 -23.79
N LEU B 6 -13.82 13.24 -23.56
CA LEU B 6 -13.17 12.13 -22.91
C LEU B 6 -12.67 12.40 -21.50
N PRO B 7 -13.44 11.97 -20.50
CA PRO B 7 -13.02 12.00 -19.12
C PRO B 7 -12.22 10.73 -18.83
N GLU B 8 -11.46 10.72 -17.76
CA GLU B 8 -10.67 9.54 -17.38
C GLU B 8 -11.53 8.43 -16.75
N SER B 9 -12.82 8.68 -16.61
CA SER B 9 -13.73 7.81 -15.89
C SER B 9 -13.83 6.34 -16.40
N GLU B 10 -13.49 6.07 -17.65
CA GLU B 10 -13.54 4.69 -18.15
C GLU B 10 -12.24 3.99 -17.83
N LYS B 11 -11.25 4.77 -17.52
CA LYS B 11 -9.94 4.25 -17.33
C LYS B 11 -9.43 4.46 -15.93
N TYR B 12 -9.85 3.58 -15.08
CA TYR B 12 -9.38 3.50 -13.73
C TYR B 12 -9.26 2.05 -13.34
N ASN B 13 -8.10 1.70 -12.87
CA ASN B 13 -7.74 0.32 -12.57
C ASN B 13 -8.08 0.02 -11.13
N PRO B 14 -8.99 -0.94 -10.89
CA PRO B 14 -9.48 -1.28 -9.54
C PRO B 14 -8.38 -1.70 -8.59
N GLY B 15 -7.53 -2.64 -9.02
CA GLY B 15 -6.50 -3.22 -8.18
C GLY B 15 -5.58 -2.19 -7.51
N PRO B 16 -4.77 -1.45 -8.29
CA PRO B 16 -3.83 -0.49 -7.72
C PRO B 16 -4.51 0.69 -7.05
N GLN B 17 -5.69 1.08 -7.55
CA GLN B 17 -6.36 2.22 -6.96
C GLN B 17 -6.79 1.82 -5.59
N ASP B 18 -7.30 0.60 -5.47
CA ASP B 18 -7.78 0.11 -4.21
C ASP B 18 -6.67 -0.01 -3.23
N PHE B 19 -5.52 -0.46 -3.72
CA PHE B 19 -4.31 -0.59 -2.90
C PHE B 19 -4.03 0.75 -2.22
N LEU B 20 -4.10 1.82 -3.01
CA LEU B 20 -3.90 3.19 -2.54
C LEU B 20 -5.07 3.68 -1.65
N LEU B 21 -6.26 3.31 -2.01
CA LEU B 21 -7.45 3.70 -1.27
C LEU B 21 -7.58 3.01 0.09
N LYS B 22 -6.79 1.99 0.31
CA LYS B 22 -6.78 1.29 1.57
C LYS B 22 -5.66 1.79 2.46
N MET B 23 -4.83 2.68 1.92
CA MET B 23 -3.68 3.23 2.64
C MET B 23 -4.14 4.20 3.73
N PRO B 24 -3.54 4.13 4.93
CA PRO B 24 -3.95 4.95 6.07
C PRO B 24 -3.58 6.42 5.90
N GLY B 25 -4.51 7.30 6.23
CA GLY B 25 -4.28 8.73 6.12
C GLY B 25 -4.71 9.24 4.76
N VAL B 26 -4.83 8.33 3.83
CA VAL B 26 -5.18 8.67 2.49
C VAL B 26 -6.69 8.67 2.35
N ASN B 27 -7.24 9.85 2.37
CA ASN B 27 -8.67 10.05 2.19
C ASN B 27 -8.88 10.22 0.70
N ALA B 28 -10.12 10.42 0.27
CA ALA B 28 -10.43 10.50 -1.17
C ALA B 28 -9.65 11.62 -1.84
N LYS B 29 -9.59 12.74 -1.15
CA LYS B 29 -8.78 13.91 -1.53
C LYS B 29 -7.33 13.52 -1.83
N ASN B 30 -6.75 12.78 -0.92
CA ASN B 30 -5.36 12.35 -1.00
C ASN B 30 -5.18 11.24 -2.01
N CYS B 31 -6.22 10.40 -2.16
CA CYS B 31 -6.22 9.37 -3.19
C CYS B 31 -6.10 10.04 -4.55
N ARG B 32 -6.89 11.11 -4.73
CA ARG B 32 -6.86 11.89 -5.95
C ARG B 32 -5.51 12.55 -6.16
N SER B 33 -4.98 13.18 -5.13
CA SER B 33 -3.65 13.81 -5.18
C SER B 33 -2.61 12.81 -5.69
N LEU B 34 -2.60 11.65 -5.10
CA LEU B 34 -1.68 10.63 -5.46
C LEU B 34 -1.89 10.05 -6.84
N MET B 35 -3.12 9.90 -7.27
CA MET B 35 -3.36 9.36 -8.63
C MET B 35 -3.19 10.42 -9.71
N HIS B 36 -3.17 11.67 -9.29
CA HIS B 36 -2.96 12.77 -10.20
C HIS B 36 -1.47 13.04 -10.39
N HIS B 37 -0.70 12.90 -9.34
CA HIS B 37 0.75 13.14 -9.40
C HIS B 37 1.52 11.84 -9.64
N VAL B 38 1.10 10.81 -8.97
CA VAL B 38 1.79 9.55 -8.93
C VAL B 38 1.11 8.51 -9.81
N LYS B 39 1.91 7.72 -10.48
CA LYS B 39 1.44 6.69 -11.37
C LYS B 39 0.80 5.54 -10.58
N ASN B 40 1.56 5.01 -9.63
CA ASN B 40 1.15 3.82 -8.88
C ASN B 40 1.72 3.84 -7.48
N ILE B 41 1.24 2.93 -6.65
CA ILE B 41 1.69 2.79 -5.27
C ILE B 41 3.20 2.54 -5.17
N ALA B 42 3.80 1.95 -6.21
CA ALA B 42 5.23 1.69 -6.24
C ALA B 42 6.02 2.99 -6.21
N GLU B 43 5.62 3.96 -7.05
CA GLU B 43 6.29 5.26 -7.10
C GLU B 43 6.14 5.92 -5.75
N LEU B 44 4.93 5.84 -5.22
CA LEU B 44 4.56 6.32 -3.89
C LEU B 44 5.50 5.77 -2.81
N ALA B 45 5.63 4.48 -2.77
CA ALA B 45 6.43 3.85 -1.74
C ALA B 45 7.92 4.05 -1.98
N ALA B 46 8.29 4.47 -3.17
CA ALA B 46 9.67 4.70 -3.50
C ALA B 46 10.03 6.17 -3.39
N LEU B 47 9.06 7.00 -3.11
CA LEU B 47 9.33 8.41 -2.95
C LEU B 47 9.47 8.78 -1.48
N SER B 48 10.12 9.87 -1.22
CA SER B 48 10.42 10.27 0.13
C SER B 48 9.24 11.02 0.74
N GLN B 49 9.32 11.25 2.06
CA GLN B 49 8.25 11.88 2.80
C GLN B 49 7.93 13.27 2.31
N ASP B 50 8.93 14.07 2.02
CA ASP B 50 8.72 15.44 1.53
C ASP B 50 7.89 15.43 0.24
N GLU B 51 8.13 14.44 -0.60
CA GLU B 51 7.39 14.29 -1.84
C GLU B 51 5.91 14.01 -1.55
N LEU B 52 5.64 12.96 -0.79
CA LEU B 52 4.25 12.59 -0.48
C LEU B 52 3.53 13.68 0.32
N THR B 53 4.27 14.34 1.19
CA THR B 53 3.76 15.43 1.99
C THR B 53 3.33 16.60 1.10
N SER B 54 4.12 16.88 0.08
CA SER B 54 3.81 17.95 -0.85
C SER B 54 2.62 17.59 -1.73
N ILE B 55 2.57 16.34 -2.19
CA ILE B 55 1.49 15.84 -3.02
C ILE B 55 0.15 15.87 -2.25
N LEU B 56 0.16 15.35 -1.05
CA LEU B 56 -1.05 15.30 -0.23
C LEU B 56 -1.40 16.67 0.31
N GLY B 57 -0.44 17.30 0.92
CA GLY B 57 -0.64 18.59 1.52
C GLY B 57 -0.56 18.49 3.02
N ASN B 58 -1.36 17.61 3.58
CA ASN B 58 -1.44 17.44 5.03
C ASN B 58 -0.27 16.61 5.54
N ALA B 59 0.45 17.15 6.50
CA ALA B 59 1.60 16.48 7.09
C ALA B 59 1.19 15.23 7.86
N ALA B 60 0.09 15.31 8.61
CA ALA B 60 -0.41 14.17 9.39
C ALA B 60 -0.73 12.99 8.49
N ASN B 61 -1.48 13.27 7.43
CA ASN B 61 -1.88 12.27 6.42
C ASN B 61 -0.64 11.61 5.87
N ALA B 62 0.31 12.44 5.52
CA ALA B 62 1.57 12.04 4.94
C ALA B 62 2.33 11.15 5.89
N LYS B 63 2.35 11.52 7.15
CA LYS B 63 3.02 10.75 8.16
C LYS B 63 2.41 9.36 8.30
N GLN B 64 1.07 9.30 8.33
CA GLN B 64 0.37 8.04 8.53
C GLN B 64 0.73 7.08 7.41
N LEU B 65 0.71 7.62 6.21
CA LEU B 65 1.00 6.91 4.99
C LEU B 65 2.46 6.43 5.01
N TYR B 66 3.36 7.40 5.13
CA TYR B 66 4.80 7.18 5.08
C TYR B 66 5.28 6.16 6.10
N ASP B 67 4.89 6.35 7.36
CA ASP B 67 5.31 5.45 8.43
C ASP B 67 4.84 4.05 8.17
N PHE B 68 3.59 3.92 7.73
CA PHE B 68 2.97 2.64 7.41
C PHE B 68 3.76 1.86 6.39
N ILE B 69 4.16 2.53 5.32
CA ILE B 69 4.94 1.91 4.27
C ILE B 69 6.24 1.38 4.86
N HIS B 70 6.78 2.15 5.78
CA HIS B 70 8.08 1.90 6.33
C HIS B 70 8.04 1.19 7.68
N THR B 71 6.94 0.53 7.97
CA THR B 71 6.84 -0.16 9.20
C THR B 71 6.26 -1.56 8.96
N SER B 72 6.43 -2.42 9.92
CA SER B 72 5.92 -3.75 9.86
C SER B 72 5.08 -4.00 11.09
N PHE B 73 4.02 -4.77 10.95
CA PHE B 73 3.24 -5.13 12.13
C PHE B 73 4.05 -6.17 12.92
N ALA B 74 4.85 -6.93 12.16
CA ALA B 74 5.64 -8.02 12.67
C ALA B 74 6.80 -7.54 13.51
N GLU B 75 7.13 -6.27 13.41
CA GLU B 75 8.22 -5.74 14.18
C GLU B 75 7.70 -5.34 15.55
N VAL B 76 6.41 -5.02 15.60
CA VAL B 76 5.76 -4.54 16.80
C VAL B 76 5.33 -5.72 17.68
N VAL B 77 5.08 -6.86 17.05
CA VAL B 77 4.62 -8.05 17.74
C VAL B 77 5.75 -8.78 18.46
N SER B 78 6.95 -8.36 18.20
CA SER B 78 8.12 -9.00 18.77
C SER B 78 8.89 -8.00 19.64
N LYS B 79 10.19 -8.29 19.86
CA LYS B 79 11.14 -7.45 20.59
C LYS B 79 11.03 -7.58 22.10
N GLY B 80 9.87 -7.29 22.62
CA GLY B 80 9.69 -7.32 24.04
C GLY B 80 8.55 -8.19 24.48
N LYS B 81 7.38 -7.93 23.95
CA LYS B 81 6.17 -8.64 24.38
C LYS B 81 6.02 -9.97 23.64
N GLY B 82 6.79 -10.14 22.60
CA GLY B 82 6.69 -11.31 21.79
C GLY B 82 8.00 -11.60 21.14
N LYS B 83 8.12 -12.75 20.54
CA LYS B 83 9.32 -13.13 19.86
C LYS B 83 8.99 -14.14 18.79
N LYS B 84 9.68 -14.07 17.69
CA LYS B 84 9.58 -15.07 16.68
C LYS B 84 10.57 -16.14 17.05
N ARG A 1 -4.73 2.71 32.78
CA ARG A 1 -5.69 1.64 33.01
C ARG A 1 -5.39 1.06 34.39
N ILE A 2 -6.34 1.16 35.32
CA ILE A 2 -6.12 0.69 36.67
C ILE A 2 -6.13 -0.84 36.70
N ARG A 3 -7.27 -1.43 36.42
CA ARG A 3 -7.35 -2.86 36.34
C ARG A 3 -7.10 -3.31 34.94
N ARG A 4 -6.16 -4.24 34.79
CA ARG A 4 -5.69 -4.81 33.53
C ARG A 4 -4.71 -3.89 32.83
N ARG A 5 -3.69 -4.48 32.23
CA ARG A 5 -2.63 -3.82 31.45
C ARG A 5 -1.85 -2.82 32.31
N TYR A 6 -0.66 -3.21 32.69
CA TYR A 6 0.14 -2.40 33.59
C TYR A 6 0.63 -1.12 32.95
N ASN A 7 1.21 -1.25 31.79
CA ASN A 7 1.83 -0.11 31.12
C ASN A 7 1.02 0.31 29.90
N MET A 8 0.91 1.63 29.72
CA MET A 8 0.17 2.23 28.60
C MET A 8 0.78 1.86 27.24
N ALA A 9 2.04 1.42 27.28
CA ALA A 9 2.77 0.97 26.09
C ALA A 9 1.99 -0.11 25.36
N ASP A 10 1.33 -0.98 26.14
CA ASP A 10 0.53 -2.08 25.59
C ASP A 10 -0.57 -1.55 24.71
N LEU A 11 -1.33 -0.60 25.24
CA LEU A 11 -2.44 0.00 24.51
C LEU A 11 -1.95 0.68 23.23
N LEU A 12 -0.81 1.35 23.32
CA LEU A 12 -0.23 2.01 22.17
C LEU A 12 0.19 0.99 21.09
N MET A 13 1.04 0.03 21.48
CA MET A 13 1.57 -0.97 20.55
C MET A 13 0.47 -1.84 19.95
N GLU A 14 -0.51 -2.18 20.77
CA GLU A 14 -1.60 -3.03 20.36
C GLU A 14 -2.42 -2.40 19.27
N LYS A 15 -2.83 -1.16 19.48
CA LYS A 15 -3.70 -0.51 18.54
C LYS A 15 -2.93 -0.07 17.30
N LEU A 16 -1.61 0.11 17.46
CA LEU A 16 -0.75 0.46 16.35
C LEU A 16 -0.71 -0.72 15.40
N GLU A 17 -0.29 -1.85 15.93
CA GLU A 17 -0.18 -3.09 15.18
C GLU A 17 -1.51 -3.51 14.61
N GLN A 18 -2.56 -3.34 15.40
CA GLN A 18 -3.92 -3.67 15.00
C GLN A 18 -4.29 -2.96 13.69
N ASP A 19 -3.98 -1.67 13.61
CA ASP A 19 -4.32 -0.92 12.41
C ASP A 19 -3.36 -1.29 11.30
N LEU A 20 -2.08 -1.38 11.66
CA LEU A 20 -1.01 -1.72 10.73
C LEU A 20 -1.31 -3.00 9.98
N VAL A 21 -1.50 -4.07 10.70
CA VAL A 21 -1.74 -5.35 10.10
C VAL A 21 -3.02 -5.33 9.28
N SER A 22 -4.09 -4.79 9.82
CA SER A 22 -5.36 -4.80 9.16
C SER A 22 -5.31 -4.02 7.82
N ARG A 23 -4.60 -2.90 7.80
CA ARG A 23 -4.51 -2.11 6.58
C ARG A 23 -3.61 -2.77 5.56
N VAL A 24 -2.47 -3.31 6.03
CA VAL A 24 -1.57 -4.01 5.11
C VAL A 24 -2.32 -5.19 4.50
N THR A 25 -3.11 -5.91 5.33
CA THR A 25 -3.91 -7.03 4.87
C THR A 25 -4.83 -6.56 3.73
N GLU A 26 -5.54 -5.43 3.96
CA GLU A 26 -6.44 -4.86 2.97
C GLU A 26 -5.72 -4.59 1.66
N CYS A 27 -4.57 -3.92 1.77
CA CYS A 27 -3.80 -3.54 0.62
C CYS A 27 -3.42 -4.74 -0.22
N LEU A 28 -3.00 -5.81 0.41
CA LEU A 28 -2.54 -6.97 -0.32
C LEU A 28 -3.75 -7.68 -0.94
N THR A 29 -4.84 -7.68 -0.21
CA THR A 29 -6.02 -8.41 -0.59
C THR A 29 -6.93 -7.56 -1.53
N THR A 30 -6.45 -6.41 -1.96
CA THR A 30 -7.17 -5.60 -2.93
C THR A 30 -7.26 -6.32 -4.27
N VAL A 31 -6.33 -7.21 -4.49
CA VAL A 31 -6.29 -8.01 -5.67
C VAL A 31 -7.30 -9.12 -5.53
N LYS A 32 -8.15 -9.29 -6.53
CA LYS A 32 -9.18 -10.33 -6.56
C LYS A 32 -8.59 -11.74 -6.28
N SER A 33 -7.39 -11.98 -6.79
CA SER A 33 -6.71 -13.25 -6.67
C SER A 33 -6.08 -13.44 -5.29
N VAL A 34 -5.97 -12.36 -4.53
CA VAL A 34 -5.34 -12.40 -3.23
C VAL A 34 -6.38 -12.23 -2.15
N ASN A 35 -6.63 -13.26 -1.43
CA ASN A 35 -7.63 -13.22 -0.38
C ASN A 35 -6.98 -12.95 0.98
N LYS A 36 -7.71 -13.21 2.07
CA LYS A 36 -7.20 -12.91 3.39
C LYS A 36 -6.15 -13.94 3.84
N THR A 37 -6.28 -15.19 3.40
CA THR A 37 -5.30 -16.18 3.80
C THR A 37 -4.03 -15.93 2.98
N ASP A 38 -4.25 -15.41 1.79
CA ASP A 38 -3.20 -15.00 0.89
C ASP A 38 -2.43 -13.82 1.48
N SER A 39 -3.15 -12.78 1.82
CA SER A 39 -2.56 -11.58 2.36
C SER A 39 -1.87 -11.80 3.71
N GLN A 40 -2.44 -12.66 4.57
CA GLN A 40 -1.80 -12.90 5.85
C GLN A 40 -0.50 -13.68 5.66
N THR A 41 -0.43 -14.48 4.61
CA THR A 41 0.78 -15.20 4.27
C THR A 41 1.88 -14.19 3.94
N LEU A 42 1.52 -13.15 3.24
CA LEU A 42 2.43 -12.09 2.89
C LEU A 42 2.83 -11.28 4.09
N LEU A 43 1.98 -11.26 5.07
CA LEU A 43 2.23 -10.59 6.29
C LEU A 43 3.19 -11.37 7.18
N THR A 44 3.16 -12.68 7.13
CA THR A 44 4.12 -13.45 7.89
C THR A 44 5.48 -13.55 7.16
N THR A 45 5.46 -13.45 5.83
CA THR A 45 6.71 -13.48 5.07
C THR A 45 7.41 -12.10 5.06
N PHE A 46 6.69 -11.02 4.73
CA PHE A 46 7.36 -9.72 4.66
C PHE A 46 6.87 -8.73 5.74
N GLY A 47 5.63 -8.92 6.18
CA GLY A 47 5.01 -8.10 7.26
C GLY A 47 4.97 -6.59 7.04
N SER A 48 5.24 -6.14 5.85
CA SER A 48 5.36 -4.72 5.55
C SER A 48 4.85 -4.46 4.15
N LEU A 49 4.43 -3.23 3.87
CA LEU A 49 3.99 -2.88 2.54
C LEU A 49 5.24 -2.59 1.68
N GLU A 50 6.24 -1.96 2.30
CA GLU A 50 7.53 -1.69 1.66
C GLU A 50 8.12 -2.97 1.12
N GLN A 51 8.24 -3.93 1.98
CA GLN A 51 8.80 -5.23 1.63
C GLN A 51 7.94 -5.96 0.58
N LEU A 52 6.67 -5.62 0.52
CA LEU A 52 5.75 -6.17 -0.47
C LEU A 52 5.99 -5.55 -1.86
N ILE A 53 6.15 -4.24 -1.90
CA ILE A 53 6.38 -3.53 -3.16
C ILE A 53 7.82 -3.77 -3.64
N ALA A 54 8.70 -4.06 -2.71
CA ALA A 54 10.08 -4.38 -3.01
C ALA A 54 10.20 -5.86 -3.38
N ALA A 55 9.10 -6.56 -3.30
CA ALA A 55 9.06 -7.95 -3.63
C ALA A 55 8.59 -8.13 -5.06
N SER A 56 9.35 -8.85 -5.83
CA SER A 56 9.01 -9.13 -7.19
C SER A 56 8.22 -10.45 -7.24
N ARG A 57 7.83 -10.91 -8.44
CA ARG A 57 7.04 -12.17 -8.60
C ARG A 57 7.73 -13.29 -7.87
N GLU A 58 8.99 -13.38 -8.12
CA GLU A 58 9.86 -14.37 -7.56
C GLU A 58 9.88 -14.36 -6.01
N ASP A 59 9.83 -13.18 -5.41
CA ASP A 59 9.81 -13.05 -3.94
C ASP A 59 8.47 -13.51 -3.41
N LEU A 60 7.43 -13.05 -4.07
CA LEU A 60 6.05 -13.32 -3.70
C LEU A 60 5.71 -14.81 -3.90
N ALA A 61 6.27 -15.41 -4.90
CA ALA A 61 6.06 -16.82 -5.17
C ALA A 61 6.91 -17.68 -4.24
N LEU A 62 7.98 -17.09 -3.73
CA LEU A 62 8.88 -17.76 -2.80
C LEU A 62 8.25 -17.94 -1.42
N CYS A 63 7.22 -17.18 -1.16
CA CYS A 63 6.46 -17.24 0.07
C CYS A 63 5.85 -18.65 0.23
N PRO A 64 5.60 -19.12 1.47
CA PRO A 64 5.11 -20.48 1.68
C PRO A 64 3.69 -20.69 1.12
N GLY A 65 3.62 -21.57 0.09
CA GLY A 65 2.38 -21.95 -0.58
C GLY A 65 1.40 -20.82 -0.77
N LEU A 66 1.82 -19.75 -1.41
CA LEU A 66 0.94 -18.61 -1.51
C LEU A 66 0.36 -18.45 -2.91
N GLY A 67 1.20 -18.40 -3.90
CA GLY A 67 0.67 -18.26 -5.21
C GLY A 67 1.65 -17.74 -6.21
N PRO A 68 2.04 -18.49 -7.22
CA PRO A 68 2.89 -17.95 -8.25
C PRO A 68 2.12 -16.92 -9.11
N GLN A 69 0.82 -17.17 -9.31
CA GLN A 69 0.03 -16.24 -10.09
C GLN A 69 -0.37 -15.06 -9.21
N LYS A 70 -0.49 -15.30 -7.90
CA LYS A 70 -0.77 -14.23 -6.94
C LYS A 70 0.34 -13.21 -7.03
N ALA A 71 1.56 -13.73 -7.07
CA ALA A 71 2.78 -12.96 -7.24
C ALA A 71 2.70 -12.09 -8.48
N ARG A 72 2.25 -12.68 -9.57
CA ARG A 72 2.08 -11.97 -10.85
C ARG A 72 1.11 -10.79 -10.66
N ARG A 73 -0.09 -11.09 -10.16
CA ARG A 73 -1.14 -10.10 -9.92
C ARG A 73 -0.67 -9.00 -9.02
N LEU A 74 -0.07 -9.37 -7.91
CA LEU A 74 0.46 -8.41 -6.97
C LEU A 74 1.44 -7.49 -7.62
N PHE A 75 2.39 -8.07 -8.36
CA PHE A 75 3.40 -7.31 -9.08
C PHE A 75 2.73 -6.32 -10.05
N ASP A 76 1.71 -6.80 -10.76
CA ASP A 76 0.93 -5.98 -11.69
C ASP A 76 0.34 -4.81 -10.95
N VAL A 77 -0.37 -5.16 -9.92
CA VAL A 77 -1.09 -4.26 -9.06
C VAL A 77 -0.15 -3.29 -8.31
N LEU A 78 1.10 -3.63 -8.24
CA LEU A 78 2.09 -2.81 -7.59
C LEU A 78 2.75 -1.81 -8.54
N HIS A 79 2.78 -2.15 -9.83
CA HIS A 79 3.52 -1.33 -10.80
C HIS A 79 2.63 -0.66 -11.84
N GLU A 80 1.36 -0.91 -11.78
CA GLU A 80 0.42 -0.35 -12.71
C GLU A 80 -0.12 0.98 -12.22
N PRO A 81 -0.33 1.93 -13.13
CA PRO A 81 -0.90 3.21 -12.78
C PRO A 81 -2.36 3.06 -12.41
N PHE A 82 -2.83 3.92 -11.53
CA PHE A 82 -4.20 3.80 -11.02
C PHE A 82 -5.22 4.07 -12.13
N LEU A 83 -4.84 4.91 -13.08
CA LEU A 83 -5.70 5.25 -14.20
C LEU A 83 -5.47 4.30 -15.37
N LYS A 84 -4.66 3.26 -15.16
CA LYS A 84 -4.24 2.24 -16.18
C LYS A 84 -3.33 2.83 -17.26
N VAL A 85 -3.59 4.07 -17.59
CA VAL A 85 -3.00 4.71 -18.72
C VAL A 85 -1.48 4.95 -18.55
N PRO A 86 -0.65 4.35 -19.42
CA PRO A 86 0.82 4.49 -19.38
C PRO A 86 1.32 5.73 -20.08
N GLY A 87 0.42 6.62 -20.39
CA GLY A 87 0.77 7.81 -21.12
C GLY A 87 0.68 7.56 -22.60
N GLY A 88 1.21 6.44 -23.02
CA GLY A 88 1.16 6.09 -24.41
C GLY A 88 2.05 4.93 -24.74
N LEU A 89 1.52 4.01 -25.52
CA LEU A 89 2.26 2.84 -26.00
C LEU A 89 2.04 2.71 -27.48
N GLU A 90 0.78 2.77 -27.87
CA GLU A 90 0.41 2.63 -29.24
C GLU A 90 0.49 3.94 -29.93
N HIS A 91 0.42 3.88 -31.22
CA HIS A 91 0.43 5.06 -32.04
C HIS A 91 -0.94 5.25 -32.66
N HIS A 92 -1.76 4.23 -32.56
CA HIS A 92 -3.08 4.27 -33.14
C HIS A 92 -4.10 3.78 -32.12
N HIS A 93 -5.09 4.57 -31.89
CA HIS A 93 -6.17 4.22 -30.98
C HIS A 93 -7.46 4.16 -31.77
N HIS A 94 -7.76 3.00 -32.31
CA HIS A 94 -8.87 2.83 -33.25
C HIS A 94 -10.26 2.86 -32.65
N HIS A 95 -10.36 3.22 -31.37
CA HIS A 95 -11.67 3.42 -30.76
C HIS A 95 -12.36 4.61 -31.43
N HIS A 96 -11.57 5.65 -31.72
CA HIS A 96 -12.06 6.85 -32.42
C HIS A 96 -10.88 7.83 -32.72
N MET B 1 -9.66 7.35 -32.47
CA MET B 1 -8.38 8.06 -32.70
C MET B 1 -8.30 9.46 -32.09
N ASP B 2 -8.12 9.47 -30.77
CA ASP B 2 -7.92 10.65 -29.92
C ASP B 2 -8.08 10.16 -28.50
N SER B 3 -8.01 11.01 -27.51
CA SER B 3 -8.30 10.59 -26.16
C SER B 3 -9.80 10.80 -25.92
N GLU B 4 -10.39 11.65 -26.77
CA GLU B 4 -11.78 11.99 -26.80
C GLU B 4 -12.19 12.82 -25.59
N THR B 5 -13.43 13.23 -25.56
CA THR B 5 -13.97 14.01 -24.46
C THR B 5 -14.43 13.07 -23.33
N LEU B 6 -13.95 11.84 -23.37
CA LEU B 6 -14.28 10.83 -22.40
C LEU B 6 -13.63 11.17 -21.08
N PRO B 7 -14.40 11.19 -19.98
CA PRO B 7 -13.86 11.41 -18.64
C PRO B 7 -12.90 10.28 -18.26
N GLU B 8 -11.91 10.57 -17.43
CA GLU B 8 -10.93 9.55 -17.10
C GLU B 8 -11.51 8.52 -16.14
N SER B 9 -12.72 8.75 -15.68
CA SER B 9 -13.38 7.88 -14.72
C SER B 9 -13.50 6.42 -15.19
N GLU B 10 -13.52 6.22 -16.51
CA GLU B 10 -13.58 4.89 -17.07
C GLU B 10 -12.23 4.18 -16.91
N LYS B 11 -11.17 4.94 -16.94
CA LYS B 11 -9.85 4.38 -16.96
C LYS B 11 -9.27 4.33 -15.58
N TYR B 12 -9.72 3.39 -14.82
CA TYR B 12 -9.22 3.15 -13.49
C TYR B 12 -9.18 1.67 -13.25
N ASN B 13 -8.17 1.24 -12.57
CA ASN B 13 -8.03 -0.16 -12.24
C ASN B 13 -8.22 -0.38 -10.76
N PRO B 14 -9.12 -1.30 -10.39
CA PRO B 14 -9.50 -1.53 -9.00
C PRO B 14 -8.35 -2.01 -8.13
N GLY B 15 -7.54 -2.91 -8.66
CA GLY B 15 -6.43 -3.49 -7.91
C GLY B 15 -5.49 -2.47 -7.33
N PRO B 16 -4.70 -1.81 -8.16
CA PRO B 16 -3.70 -0.89 -7.69
C PRO B 16 -4.28 0.35 -7.01
N GLN B 17 -5.42 0.83 -7.48
CA GLN B 17 -5.97 2.02 -6.88
C GLN B 17 -6.45 1.71 -5.48
N ASP B 18 -7.01 0.52 -5.30
CA ASP B 18 -7.56 0.14 -4.02
C ASP B 18 -6.43 -0.03 -3.05
N PHE B 19 -5.30 -0.55 -3.56
CA PHE B 19 -4.08 -0.75 -2.78
C PHE B 19 -3.73 0.56 -2.07
N LEU B 20 -3.76 1.64 -2.84
CA LEU B 20 -3.51 2.99 -2.33
C LEU B 20 -4.68 3.52 -1.48
N LEU B 21 -5.88 3.29 -1.92
CA LEU B 21 -7.07 3.74 -1.20
C LEU B 21 -7.21 3.14 0.20
N LYS B 22 -6.55 2.03 0.41
CA LYS B 22 -6.55 1.34 1.68
C LYS B 22 -5.44 1.85 2.59
N MET B 23 -4.56 2.67 2.05
CA MET B 23 -3.43 3.17 2.79
C MET B 23 -3.88 4.28 3.74
N PRO B 24 -3.50 4.20 5.03
CA PRO B 24 -3.92 5.16 6.04
C PRO B 24 -3.32 6.53 5.81
N GLY B 25 -4.11 7.54 6.09
CA GLY B 25 -3.70 8.90 5.86
C GLY B 25 -4.24 9.38 4.54
N VAL B 26 -4.37 8.44 3.63
CA VAL B 26 -4.85 8.71 2.32
C VAL B 26 -6.37 8.59 2.28
N ASN B 27 -7.03 9.71 2.32
CA ASN B 27 -8.48 9.77 2.24
C ASN B 27 -8.83 10.02 0.79
N ALA B 28 -10.09 10.13 0.45
CA ALA B 28 -10.54 10.32 -0.95
C ALA B 28 -9.83 11.51 -1.63
N LYS B 29 -9.64 12.57 -0.85
CA LYS B 29 -8.98 13.78 -1.30
C LYS B 29 -7.55 13.43 -1.68
N ASN B 30 -6.87 12.86 -0.71
CA ASN B 30 -5.47 12.44 -0.82
C ASN B 30 -5.25 11.43 -1.94
N CYS B 31 -6.20 10.51 -2.10
CA CYS B 31 -6.14 9.49 -3.17
C CYS B 31 -6.09 10.15 -4.53
N ARG B 32 -6.89 11.20 -4.72
CA ARG B 32 -6.99 11.85 -6.01
C ARG B 32 -5.69 12.61 -6.32
N SER B 33 -5.11 13.20 -5.31
CA SER B 33 -3.87 13.92 -5.47
C SER B 33 -2.76 12.95 -5.77
N LEU B 34 -2.79 11.83 -5.09
CA LEU B 34 -1.80 10.82 -5.21
C LEU B 34 -1.84 10.22 -6.61
N MET B 35 -3.03 9.92 -7.10
CA MET B 35 -3.18 9.33 -8.44
C MET B 35 -2.87 10.34 -9.55
N HIS B 36 -2.94 11.61 -9.23
CA HIS B 36 -2.65 12.65 -10.18
C HIS B 36 -1.17 12.91 -10.32
N HIS B 37 -0.46 12.88 -9.21
CA HIS B 37 0.97 13.14 -9.22
C HIS B 37 1.74 11.86 -9.38
N VAL B 38 1.27 10.84 -8.73
CA VAL B 38 1.93 9.57 -8.71
C VAL B 38 1.24 8.57 -9.63
N LYS B 39 2.04 7.83 -10.34
CA LYS B 39 1.59 6.83 -11.27
C LYS B 39 1.10 5.62 -10.51
N ASN B 40 1.90 5.16 -9.57
CA ASN B 40 1.62 3.91 -8.90
C ASN B 40 2.24 3.90 -7.53
N ILE B 41 1.68 3.06 -6.67
CA ILE B 41 2.13 2.88 -5.28
C ILE B 41 3.66 2.63 -5.19
N ALA B 42 4.25 2.06 -6.27
CA ALA B 42 5.70 1.84 -6.34
C ALA B 42 6.47 3.15 -6.21
N GLU B 43 6.08 4.18 -6.98
CA GLU B 43 6.75 5.48 -6.92
C GLU B 43 6.57 6.07 -5.55
N LEU B 44 5.36 5.95 -5.06
CA LEU B 44 4.93 6.40 -3.76
C LEU B 44 5.83 5.85 -2.65
N ALA B 45 6.01 4.56 -2.63
CA ALA B 45 6.79 3.93 -1.60
C ALA B 45 8.28 4.23 -1.77
N ALA B 46 8.66 4.61 -2.97
CA ALA B 46 10.04 4.91 -3.26
C ALA B 46 10.36 6.38 -3.01
N LEU B 47 9.34 7.21 -2.90
CA LEU B 47 9.55 8.62 -2.73
C LEU B 47 9.61 9.02 -1.27
N SER B 48 10.24 10.12 -1.03
CA SER B 48 10.52 10.61 0.28
C SER B 48 9.26 11.24 0.91
N GLN B 49 9.28 11.42 2.23
CA GLN B 49 8.13 11.95 2.92
C GLN B 49 7.80 13.34 2.45
N ASP B 50 8.80 14.16 2.21
CA ASP B 50 8.57 15.54 1.77
C ASP B 50 7.85 15.60 0.42
N GLU B 51 8.11 14.58 -0.41
CA GLU B 51 7.44 14.47 -1.70
C GLU B 51 5.94 14.25 -1.50
N LEU B 52 5.61 13.19 -0.78
CA LEU B 52 4.22 12.81 -0.53
C LEU B 52 3.50 13.84 0.34
N THR B 53 4.23 14.53 1.17
CA THR B 53 3.69 15.57 1.99
C THR B 53 3.15 16.71 1.12
N SER B 54 3.88 17.05 0.06
CA SER B 54 3.44 18.09 -0.83
C SER B 54 2.25 17.61 -1.64
N ILE B 55 2.32 16.35 -2.10
CA ILE B 55 1.26 15.75 -2.91
C ILE B 55 -0.07 15.76 -2.14
N LEU B 56 -0.03 15.25 -0.91
CA LEU B 56 -1.19 15.16 -0.05
C LEU B 56 -1.62 16.54 0.47
N GLY B 57 -0.67 17.31 0.94
CA GLY B 57 -0.97 18.61 1.47
C GLY B 57 -0.83 18.66 2.96
N ASN B 58 -1.23 17.58 3.61
CA ASN B 58 -1.21 17.47 5.09
C ASN B 58 -0.05 16.62 5.55
N ALA B 59 0.74 17.14 6.47
CA ALA B 59 1.90 16.44 7.01
C ALA B 59 1.49 15.25 7.87
N ALA B 60 0.40 15.38 8.60
CA ALA B 60 -0.10 14.29 9.45
C ALA B 60 -0.48 13.10 8.60
N ASN B 61 -1.28 13.38 7.58
CA ASN B 61 -1.73 12.36 6.61
C ASN B 61 -0.53 11.68 6.00
N ALA B 62 0.42 12.51 5.62
CA ALA B 62 1.63 12.08 4.99
C ALA B 62 2.46 11.22 5.91
N LYS B 63 2.50 11.58 7.16
CA LYS B 63 3.20 10.84 8.18
C LYS B 63 2.58 9.47 8.34
N GLN B 64 1.25 9.42 8.41
CA GLN B 64 0.53 8.17 8.60
C GLN B 64 0.88 7.22 7.47
N LEU B 65 0.80 7.75 6.27
CA LEU B 65 1.06 7.05 5.06
C LEU B 65 2.52 6.58 5.01
N TYR B 66 3.43 7.54 5.05
CA TYR B 66 4.87 7.29 4.97
C TYR B 66 5.33 6.25 5.97
N ASP B 67 4.92 6.43 7.22
CA ASP B 67 5.31 5.54 8.30
C ASP B 67 4.84 4.14 8.02
N PHE B 68 3.57 4.04 7.63
CA PHE B 68 2.91 2.77 7.36
C PHE B 68 3.60 1.99 6.26
N ILE B 69 3.95 2.67 5.19
CA ILE B 69 4.62 2.05 4.07
C ILE B 69 5.93 1.47 4.53
N HIS B 70 6.62 2.23 5.32
CA HIS B 70 7.98 1.94 5.71
C HIS B 70 8.07 1.22 7.03
N THR B 71 6.96 0.69 7.48
CA THR B 71 6.93 0.02 8.73
C THR B 71 6.34 -1.38 8.55
N SER B 72 6.48 -2.19 9.54
CA SER B 72 5.93 -3.50 9.58
C SER B 72 4.99 -3.59 10.77
N PHE B 73 4.04 -4.48 10.76
CA PHE B 73 3.17 -4.60 11.92
C PHE B 73 3.90 -5.40 13.00
N ALA B 74 4.72 -6.35 12.55
CA ALA B 74 5.40 -7.26 13.44
C ALA B 74 6.52 -6.61 14.20
N GLU B 75 6.99 -5.45 13.72
CA GLU B 75 8.07 -4.75 14.40
C GLU B 75 7.54 -4.09 15.68
N VAL B 76 6.22 -3.90 15.73
CA VAL B 76 5.59 -3.33 16.88
C VAL B 76 5.35 -4.43 17.91
N VAL B 77 5.22 -5.65 17.40
CA VAL B 77 5.02 -6.81 18.19
C VAL B 77 6.36 -7.28 18.76
N SER B 78 7.22 -7.79 17.87
CA SER B 78 8.53 -8.38 18.17
C SER B 78 8.44 -9.67 19.01
N LYS B 79 7.68 -9.63 20.07
CA LYS B 79 7.54 -10.73 21.00
C LYS B 79 6.17 -11.34 20.80
N GLY B 80 6.12 -12.64 20.65
CA GLY B 80 4.85 -13.31 20.54
C GLY B 80 4.35 -13.65 21.92
N LYS B 81 3.86 -14.84 22.09
CA LYS B 81 3.43 -15.26 23.40
C LYS B 81 4.61 -15.86 24.15
N GLY B 82 5.54 -16.42 23.38
CA GLY B 82 6.76 -16.95 23.95
C GLY B 82 6.59 -18.24 24.71
N LYS B 83 7.55 -18.52 25.56
CA LYS B 83 7.59 -19.72 26.34
C LYS B 83 6.74 -19.57 27.58
N LYS B 84 5.52 -20.08 27.48
CA LYS B 84 4.50 -20.18 28.53
C LYS B 84 3.22 -20.60 27.88
N ARG A 1 9.76 -6.27 37.55
CA ARG A 1 8.31 -6.44 37.59
C ARG A 1 7.86 -7.18 36.35
N ILE A 2 7.24 -8.33 36.54
CA ILE A 2 6.62 -9.02 35.43
C ILE A 2 5.35 -8.26 35.12
N ARG A 3 5.13 -7.96 33.84
CA ARG A 3 4.07 -7.06 33.40
C ARG A 3 4.43 -5.66 33.84
N ARG A 4 5.54 -5.21 33.31
CA ARG A 4 6.07 -3.91 33.55
C ARG A 4 5.59 -3.01 32.45
N ARG A 5 4.94 -1.91 32.81
CA ARG A 5 4.33 -1.01 31.85
C ARG A 5 3.28 -1.72 31.04
N TYR A 6 2.13 -1.82 31.60
CA TYR A 6 1.04 -2.51 30.99
C TYR A 6 -0.18 -1.62 31.10
N ASN A 7 -1.31 -2.14 30.68
CA ASN A 7 -2.61 -1.47 30.77
C ASN A 7 -2.74 -0.39 29.73
N MET A 8 -2.13 0.76 29.96
CA MET A 8 -2.22 1.85 28.99
C MET A 8 -1.27 1.52 27.87
N ALA A 9 -0.21 0.79 28.23
CA ALA A 9 0.78 0.39 27.27
C ALA A 9 0.23 -0.68 26.36
N ASP A 10 -0.54 -1.61 26.94
CA ASP A 10 -1.19 -2.67 26.18
C ASP A 10 -2.20 -2.07 25.25
N LEU A 11 -2.94 -1.08 25.78
CA LEU A 11 -3.99 -0.39 25.04
C LEU A 11 -3.40 0.27 23.79
N LEU A 12 -2.37 1.09 23.99
CA LEU A 12 -1.73 1.80 22.88
C LEU A 12 -1.19 0.83 21.84
N MET A 13 -0.47 -0.19 22.31
CA MET A 13 0.11 -1.22 21.45
C MET A 13 -0.96 -1.88 20.60
N GLU A 14 -2.03 -2.29 21.26
CA GLU A 14 -3.15 -3.00 20.64
C GLU A 14 -3.75 -2.18 19.51
N LYS A 15 -3.96 -0.91 19.73
CA LYS A 15 -4.61 -0.09 18.74
C LYS A 15 -3.67 0.19 17.57
N LEU A 16 -2.40 0.39 17.89
CA LEU A 16 -1.38 0.64 16.87
C LEU A 16 -1.23 -0.56 15.96
N GLU A 17 -1.08 -1.74 16.55
CA GLU A 17 -0.89 -2.96 15.78
C GLU A 17 -2.13 -3.29 14.97
N GLN A 18 -3.31 -3.08 15.58
CA GLN A 18 -4.58 -3.41 14.95
C GLN A 18 -4.78 -2.67 13.64
N ASP A 19 -4.48 -1.38 13.63
CA ASP A 19 -4.64 -0.61 12.40
C ASP A 19 -3.63 -1.07 11.37
N LEU A 20 -2.38 -1.20 11.80
CA LEU A 20 -1.27 -1.66 10.95
C LEU A 20 -1.59 -2.96 10.26
N VAL A 21 -1.97 -3.94 11.03
CA VAL A 21 -2.24 -5.26 10.49
C VAL A 21 -3.46 -5.26 9.58
N SER A 22 -4.47 -4.52 9.92
CA SER A 22 -5.66 -4.49 9.12
C SER A 22 -5.40 -3.77 7.80
N ARG A 23 -4.63 -2.68 7.84
CA ARG A 23 -4.29 -1.91 6.65
C ARG A 23 -3.54 -2.75 5.65
N VAL A 24 -2.47 -3.38 6.10
CA VAL A 24 -1.63 -4.17 5.24
C VAL A 24 -2.40 -5.32 4.61
N THR A 25 -3.13 -6.02 5.43
CA THR A 25 -3.94 -7.14 4.98
C THR A 25 -4.95 -6.67 3.89
N GLU A 26 -5.69 -5.57 4.16
CA GLU A 26 -6.64 -5.00 3.19
C GLU A 26 -5.95 -4.68 1.87
N CYS A 27 -4.80 -4.00 1.97
CA CYS A 27 -4.06 -3.53 0.80
C CYS A 27 -3.73 -4.67 -0.15
N LEU A 28 -3.19 -5.76 0.36
CA LEU A 28 -2.78 -6.85 -0.52
C LEU A 28 -4.03 -7.58 -1.02
N THR A 29 -5.04 -7.62 -0.17
CA THR A 29 -6.34 -8.25 -0.41
C THR A 29 -7.19 -7.53 -1.49
N THR A 30 -6.78 -6.33 -1.87
CA THR A 30 -7.50 -5.61 -2.91
C THR A 30 -7.35 -6.32 -4.26
N VAL A 31 -6.31 -7.14 -4.36
CA VAL A 31 -6.08 -7.94 -5.53
C VAL A 31 -7.04 -9.10 -5.54
N LYS A 32 -7.72 -9.28 -6.65
CA LYS A 32 -8.70 -10.35 -6.86
C LYS A 32 -8.17 -11.71 -6.41
N SER A 33 -6.99 -12.01 -6.82
CA SER A 33 -6.39 -13.27 -6.58
C SER A 33 -5.84 -13.41 -5.15
N VAL A 34 -5.80 -12.32 -4.40
CA VAL A 34 -5.26 -12.36 -3.06
C VAL A 34 -6.37 -12.34 -2.02
N ASN A 35 -6.60 -13.48 -1.43
CA ASN A 35 -7.57 -13.64 -0.34
C ASN A 35 -7.01 -13.07 0.93
N LYS A 36 -7.78 -13.11 1.99
CA LYS A 36 -7.31 -12.63 3.28
C LYS A 36 -6.34 -13.64 3.87
N THR A 37 -6.43 -14.87 3.41
CA THR A 37 -5.54 -15.88 3.89
C THR A 37 -4.23 -15.71 3.12
N ASP A 38 -4.36 -15.22 1.91
CA ASP A 38 -3.25 -14.99 1.06
C ASP A 38 -2.47 -13.80 1.55
N SER A 39 -3.15 -12.71 1.80
CA SER A 39 -2.53 -11.50 2.24
C SER A 39 -1.78 -11.69 3.56
N GLN A 40 -2.38 -12.37 4.53
CA GLN A 40 -1.70 -12.62 5.80
C GLN A 40 -0.47 -13.51 5.57
N THR A 41 -0.51 -14.36 4.54
CA THR A 41 0.65 -15.15 4.20
C THR A 41 1.79 -14.21 3.69
N LEU A 42 1.42 -13.14 2.99
CA LEU A 42 2.40 -12.11 2.60
C LEU A 42 2.89 -11.37 3.85
N LEU A 43 2.04 -11.30 4.86
CA LEU A 43 2.41 -10.69 6.12
C LEU A 43 3.42 -11.55 6.87
N THR A 44 3.20 -12.83 6.91
CA THR A 44 4.09 -13.73 7.62
C THR A 44 5.46 -13.87 6.90
N THR A 45 5.49 -13.57 5.61
CA THR A 45 6.74 -13.61 4.88
C THR A 45 7.48 -12.25 4.92
N PHE A 46 6.80 -11.14 4.59
CA PHE A 46 7.51 -9.84 4.52
C PHE A 46 7.04 -8.85 5.59
N GLY A 47 5.81 -9.00 6.04
CA GLY A 47 5.20 -8.16 7.10
C GLY A 47 5.25 -6.64 6.92
N SER A 48 5.66 -6.17 5.79
CA SER A 48 5.78 -4.76 5.53
C SER A 48 5.43 -4.49 4.10
N LEU A 49 4.81 -3.34 3.83
CA LEU A 49 4.41 -3.02 2.48
C LEU A 49 5.64 -2.66 1.65
N GLU A 50 6.61 -1.96 2.26
CA GLU A 50 7.87 -1.62 1.59
C GLU A 50 8.57 -2.87 1.07
N GLN A 51 8.50 -3.93 1.85
CA GLN A 51 9.12 -5.21 1.51
C GLN A 51 8.35 -5.89 0.39
N LEU A 52 7.05 -5.68 0.36
CA LEU A 52 6.16 -6.31 -0.63
C LEU A 52 6.48 -5.74 -2.00
N ILE A 53 6.51 -4.43 -2.05
CA ILE A 53 6.74 -3.71 -3.29
C ILE A 53 8.21 -3.80 -3.74
N ALA A 54 9.10 -3.94 -2.77
CA ALA A 54 10.53 -4.09 -3.08
C ALA A 54 10.79 -5.47 -3.64
N ALA A 55 9.95 -6.41 -3.28
CA ALA A 55 10.06 -7.76 -3.71
C ALA A 55 9.56 -7.87 -5.14
N SER A 56 10.18 -8.69 -5.91
CA SER A 56 9.78 -8.88 -7.26
C SER A 56 8.92 -10.13 -7.33
N ARG A 57 8.41 -10.47 -8.51
CA ARG A 57 7.55 -11.65 -8.70
C ARG A 57 8.20 -12.93 -8.19
N GLU A 58 9.51 -13.01 -8.25
CA GLU A 58 10.22 -14.17 -7.75
C GLU A 58 10.17 -14.28 -6.23
N ASP A 59 10.38 -13.19 -5.56
CA ASP A 59 10.43 -13.16 -4.12
C ASP A 59 9.01 -13.22 -3.56
N LEU A 60 8.08 -12.67 -4.32
CA LEU A 60 6.67 -12.74 -3.98
C LEU A 60 6.14 -14.19 -4.15
N ALA A 61 6.71 -14.93 -5.09
CA ALA A 61 6.32 -16.33 -5.30
C ALA A 61 7.11 -17.26 -4.39
N LEU A 62 8.13 -16.69 -3.76
CA LEU A 62 8.97 -17.40 -2.81
C LEU A 62 8.23 -17.73 -1.53
N CYS A 63 7.23 -16.92 -1.22
CA CYS A 63 6.39 -17.09 -0.03
C CYS A 63 5.89 -18.54 0.11
N PRO A 64 5.88 -19.09 1.33
CA PRO A 64 5.51 -20.50 1.56
C PRO A 64 4.10 -20.83 1.07
N GLY A 65 4.03 -21.71 0.05
CA GLY A 65 2.80 -22.19 -0.57
C GLY A 65 1.72 -21.15 -0.73
N LEU A 66 2.06 -19.98 -1.22
CA LEU A 66 1.09 -18.92 -1.27
C LEU A 66 0.49 -18.76 -2.67
N GLY A 67 1.32 -18.63 -3.66
CA GLY A 67 0.79 -18.56 -4.97
C GLY A 67 1.74 -17.93 -5.93
N PRO A 68 2.12 -18.58 -7.00
CA PRO A 68 2.94 -17.94 -8.02
C PRO A 68 2.11 -16.87 -8.76
N GLN A 69 0.80 -17.12 -8.90
CA GLN A 69 -0.05 -16.20 -9.59
C GLN A 69 -0.25 -14.94 -8.76
N LYS A 70 -0.21 -15.09 -7.43
CA LYS A 70 -0.35 -13.90 -6.57
C LYS A 70 0.82 -12.97 -6.78
N ALA A 71 2.00 -13.52 -6.97
CA ALA A 71 3.19 -12.76 -7.25
C ALA A 71 3.02 -11.95 -8.54
N ARG A 72 2.38 -12.57 -9.52
CA ARG A 72 2.11 -11.90 -10.80
C ARG A 72 1.14 -10.75 -10.57
N ARG A 73 0.01 -11.06 -9.96
CA ARG A 73 -1.06 -10.10 -9.72
C ARG A 73 -0.62 -8.95 -8.81
N LEU A 74 0.09 -9.27 -7.75
CA LEU A 74 0.66 -8.27 -6.85
C LEU A 74 1.55 -7.32 -7.62
N PHE A 75 2.48 -7.87 -8.40
CA PHE A 75 3.43 -7.04 -9.15
C PHE A 75 2.67 -6.18 -10.17
N ASP A 76 1.61 -6.76 -10.74
CA ASP A 76 0.79 -6.08 -11.73
C ASP A 76 0.17 -4.86 -11.12
N VAL A 77 -0.53 -5.04 -10.00
CA VAL A 77 -1.23 -3.94 -9.34
C VAL A 77 -0.26 -2.93 -8.75
N LEU A 78 0.90 -3.38 -8.34
CA LEU A 78 1.89 -2.50 -7.76
C LEU A 78 2.47 -1.55 -8.80
N HIS A 79 2.52 -1.99 -10.05
CA HIS A 79 3.13 -1.18 -11.09
C HIS A 79 2.11 -0.61 -12.06
N GLU A 80 0.90 -1.05 -11.96
CA GLU A 80 -0.17 -0.54 -12.76
C GLU A 80 -0.62 0.78 -12.23
N PRO A 81 -0.76 1.76 -13.12
CA PRO A 81 -1.23 3.06 -12.72
C PRO A 81 -2.68 2.99 -12.26
N PHE A 82 -3.05 3.89 -11.34
CA PHE A 82 -4.42 3.90 -10.84
C PHE A 82 -5.36 4.26 -11.99
N LEU A 83 -4.89 5.11 -12.88
CA LEU A 83 -5.66 5.57 -14.04
C LEU A 83 -5.57 4.58 -15.17
N LYS A 84 -4.83 3.48 -14.97
CA LYS A 84 -4.57 2.44 -15.99
C LYS A 84 -3.60 2.95 -17.07
N VAL A 85 -3.86 4.14 -17.50
CA VAL A 85 -3.10 4.83 -18.47
C VAL A 85 -1.97 5.57 -17.77
N PRO A 86 -0.88 5.88 -18.48
CA PRO A 86 0.21 6.67 -17.94
C PRO A 86 -0.26 8.06 -17.54
N GLY A 87 0.41 8.65 -16.59
CA GLY A 87 0.08 10.00 -16.20
C GLY A 87 0.68 10.97 -17.19
N GLY A 88 1.72 10.51 -17.88
CA GLY A 88 2.43 11.31 -18.86
C GLY A 88 1.73 11.42 -20.19
N LEU A 89 0.46 11.69 -20.13
CA LEU A 89 -0.34 11.92 -21.31
C LEU A 89 -0.20 13.37 -21.70
N GLU A 90 0.05 14.19 -20.69
CA GLU A 90 0.22 15.59 -20.87
C GLU A 90 1.70 15.91 -20.92
N HIS A 91 2.01 17.20 -21.14
CA HIS A 91 3.40 17.72 -21.28
C HIS A 91 3.97 17.34 -22.63
N HIS A 92 3.83 16.08 -22.97
CA HIS A 92 4.06 15.59 -24.28
C HIS A 92 2.69 15.51 -24.91
N HIS A 93 2.26 16.60 -25.47
CA HIS A 93 0.95 16.66 -26.04
C HIS A 93 0.98 16.07 -27.41
N HIS A 94 0.52 14.84 -27.47
CA HIS A 94 0.51 14.02 -28.66
C HIS A 94 -0.26 14.70 -29.80
N HIS A 95 -1.43 15.28 -29.45
CA HIS A 95 -2.35 15.93 -30.38
C HIS A 95 -3.05 14.88 -31.25
N HIS A 96 -4.37 14.92 -31.23
CA HIS A 96 -5.30 13.98 -31.91
C HIS A 96 -5.57 12.79 -31.00
N MET B 1 -4.57 12.42 -30.25
CA MET B 1 -4.70 11.48 -29.17
C MET B 1 -4.24 12.20 -27.94
N ASP B 2 -5.15 12.87 -27.34
CA ASP B 2 -4.86 13.68 -26.19
C ASP B 2 -5.60 13.12 -25.02
N SER B 3 -6.87 13.17 -25.14
CA SER B 3 -7.83 12.81 -24.13
C SER B 3 -9.19 12.98 -24.73
N GLU B 4 -9.25 13.82 -25.78
CA GLU B 4 -10.46 14.06 -26.57
C GLU B 4 -11.62 14.50 -25.69
N THR B 5 -11.29 15.34 -24.69
CA THR B 5 -12.22 15.91 -23.70
C THR B 5 -13.00 14.82 -22.90
N LEU B 6 -12.52 13.60 -22.96
CA LEU B 6 -13.12 12.51 -22.22
C LEU B 6 -12.37 12.37 -20.92
N PRO B 7 -13.07 12.43 -19.78
CA PRO B 7 -12.45 12.30 -18.46
C PRO B 7 -11.82 10.93 -18.26
N GLU B 8 -10.88 10.83 -17.34
CA GLU B 8 -10.18 9.58 -17.09
C GLU B 8 -11.05 8.59 -16.34
N SER B 9 -12.21 9.00 -15.92
CA SER B 9 -13.13 8.22 -15.11
C SER B 9 -13.52 6.87 -15.74
N GLU B 10 -13.42 6.78 -17.05
CA GLU B 10 -13.71 5.55 -17.78
C GLU B 10 -12.57 4.55 -17.58
N LYS B 11 -11.40 5.06 -17.30
CA LYS B 11 -10.19 4.29 -17.29
C LYS B 11 -9.47 4.38 -15.95
N TYR B 12 -9.78 3.46 -15.09
CA TYR B 12 -9.11 3.32 -13.82
C TYR B 12 -8.95 1.85 -13.49
N ASN B 13 -7.80 1.50 -12.96
CA ASN B 13 -7.51 0.11 -12.56
C ASN B 13 -7.89 -0.09 -11.11
N PRO B 14 -8.90 -0.95 -10.84
CA PRO B 14 -9.40 -1.21 -9.49
C PRO B 14 -8.31 -1.69 -8.54
N GLY B 15 -7.54 -2.69 -8.97
CA GLY B 15 -6.51 -3.31 -8.15
C GLY B 15 -5.58 -2.31 -7.47
N PRO B 16 -4.79 -1.56 -8.23
CA PRO B 16 -3.87 -0.59 -7.66
C PRO B 16 -4.56 0.58 -6.95
N GLN B 17 -5.73 1.00 -7.45
CA GLN B 17 -6.40 2.14 -6.83
C GLN B 17 -6.87 1.71 -5.45
N ASP B 18 -7.37 0.50 -5.37
CA ASP B 18 -7.87 -0.04 -4.13
C ASP B 18 -6.76 -0.23 -3.15
N PHE B 19 -5.62 -0.69 -3.65
CA PHE B 19 -4.43 -0.93 -2.84
C PHE B 19 -4.11 0.34 -2.04
N LEU B 20 -4.13 1.47 -2.74
CA LEU B 20 -3.86 2.79 -2.16
C LEU B 20 -5.04 3.27 -1.29
N LEU B 21 -6.23 3.04 -1.76
CA LEU B 21 -7.42 3.48 -1.06
C LEU B 21 -7.64 2.83 0.30
N LYS B 22 -6.96 1.74 0.54
CA LYS B 22 -7.04 1.03 1.80
C LYS B 22 -5.91 1.49 2.75
N MET B 23 -4.98 2.27 2.23
CA MET B 23 -3.79 2.68 2.98
C MET B 23 -4.17 3.76 4.03
N PRO B 24 -3.48 3.80 5.19
CA PRO B 24 -3.76 4.78 6.26
C PRO B 24 -3.33 6.18 5.85
N GLY B 25 -4.02 7.18 6.37
CA GLY B 25 -3.76 8.56 6.00
C GLY B 25 -4.44 8.92 4.69
N VAL B 26 -4.86 7.90 3.96
CA VAL B 26 -5.43 8.11 2.67
C VAL B 26 -6.92 8.33 2.74
N ASN B 27 -7.22 9.56 2.90
CA ASN B 27 -8.56 10.10 2.80
C ASN B 27 -8.78 10.50 1.34
N ALA B 28 -10.01 10.75 0.93
CA ALA B 28 -10.37 10.90 -0.51
C ALA B 28 -9.58 12.00 -1.20
N LYS B 29 -9.44 13.10 -0.50
CA LYS B 29 -8.64 14.25 -0.92
C LYS B 29 -7.21 13.84 -1.34
N ASN B 30 -6.63 12.93 -0.57
CA ASN B 30 -5.27 12.44 -0.79
C ASN B 30 -5.24 11.45 -1.89
N CYS B 31 -6.27 10.60 -1.96
CA CYS B 31 -6.38 9.59 -3.03
C CYS B 31 -6.26 10.28 -4.38
N ARG B 32 -6.97 11.38 -4.51
CA ARG B 32 -7.05 12.11 -5.74
C ARG B 32 -5.69 12.76 -6.07
N SER B 33 -5.08 13.41 -5.08
CA SER B 33 -3.80 14.06 -5.28
C SER B 33 -2.73 13.01 -5.63
N LEU B 34 -2.84 11.88 -4.99
CA LEU B 34 -1.92 10.80 -5.14
C LEU B 34 -2.01 10.23 -6.54
N MET B 35 -3.21 10.03 -7.03
CA MET B 35 -3.40 9.46 -8.37
C MET B 35 -3.08 10.48 -9.47
N HIS B 36 -3.09 11.73 -9.11
CA HIS B 36 -2.80 12.79 -10.06
C HIS B 36 -1.32 13.13 -10.14
N HIS B 37 -0.60 12.91 -9.08
CA HIS B 37 0.85 13.16 -9.10
C HIS B 37 1.62 11.86 -9.23
N VAL B 38 1.09 10.82 -8.68
CA VAL B 38 1.72 9.52 -8.66
C VAL B 38 1.00 8.53 -9.56
N LYS B 39 1.78 7.74 -10.28
CA LYS B 39 1.26 6.74 -11.17
C LYS B 39 0.65 5.55 -10.41
N ASN B 40 1.43 4.98 -9.50
CA ASN B 40 1.05 3.76 -8.81
C ASN B 40 1.64 3.72 -7.41
N ILE B 41 1.19 2.75 -6.62
CA ILE B 41 1.67 2.57 -5.26
C ILE B 41 3.20 2.33 -5.21
N ALA B 42 3.77 1.77 -6.28
CA ALA B 42 5.21 1.55 -6.36
C ALA B 42 5.96 2.88 -6.31
N GLU B 43 5.54 3.82 -7.15
CA GLU B 43 6.15 5.16 -7.21
C GLU B 43 5.94 5.85 -5.87
N LEU B 44 4.78 5.60 -5.28
CA LEU B 44 4.41 6.10 -3.97
C LEU B 44 5.36 5.61 -2.89
N ALA B 45 5.59 4.32 -2.86
CA ALA B 45 6.43 3.74 -1.84
C ALA B 45 7.90 4.08 -2.08
N ALA B 46 8.20 4.46 -3.31
CA ALA B 46 9.53 4.88 -3.69
C ALA B 46 9.70 6.37 -3.44
N LEU B 47 8.63 7.03 -3.06
CA LEU B 47 8.66 8.44 -2.74
C LEU B 47 9.31 8.69 -1.43
N SER B 48 10.04 9.75 -1.38
CA SER B 48 10.61 10.20 -0.16
C SER B 48 9.52 10.96 0.57
N GLN B 49 9.67 11.14 1.88
CA GLN B 49 8.64 11.79 2.67
C GLN B 49 8.29 13.15 2.13
N ASP B 50 9.28 13.95 1.85
CA ASP B 50 9.07 15.33 1.38
C ASP B 50 8.24 15.38 0.11
N GLU B 51 8.37 14.34 -0.70
CA GLU B 51 7.64 14.24 -1.94
C GLU B 51 6.17 13.98 -1.66
N LEU B 52 5.91 12.95 -0.88
CA LEU B 52 4.54 12.60 -0.56
C LEU B 52 3.85 13.66 0.29
N THR B 53 4.61 14.31 1.16
CA THR B 53 4.13 15.41 1.95
C THR B 53 3.69 16.58 1.04
N SER B 54 4.40 16.77 -0.06
CA SER B 54 4.09 17.81 -1.00
C SER B 54 2.83 17.43 -1.81
N ILE B 55 2.78 16.19 -2.25
CA ILE B 55 1.67 15.68 -3.04
C ILE B 55 0.36 15.66 -2.24
N LEU B 56 0.41 15.12 -1.04
CA LEU B 56 -0.77 14.99 -0.19
C LEU B 56 -1.19 16.33 0.38
N GLY B 57 -0.22 17.11 0.80
CA GLY B 57 -0.50 18.41 1.39
C GLY B 57 -0.45 18.34 2.90
N ASN B 58 -1.16 17.37 3.44
CA ASN B 58 -1.23 17.16 4.87
C ASN B 58 0.02 16.48 5.39
N ALA B 59 0.70 17.16 6.28
CA ALA B 59 1.92 16.65 6.90
C ALA B 59 1.67 15.34 7.64
N ALA B 60 0.57 15.27 8.39
CA ALA B 60 0.24 14.07 9.14
C ALA B 60 -0.04 12.93 8.23
N ASN B 61 -0.88 13.16 7.23
CA ASN B 61 -1.31 12.08 6.30
C ASN B 61 -0.09 11.47 5.64
N ALA B 62 0.86 12.33 5.33
CA ALA B 62 2.13 11.94 4.78
C ALA B 62 2.84 11.01 5.74
N LYS B 63 2.77 11.36 7.00
CA LYS B 63 3.33 10.59 8.07
C LYS B 63 2.72 9.20 8.15
N GLN B 64 1.42 9.14 8.04
CA GLN B 64 0.69 7.89 8.14
C GLN B 64 1.00 6.98 6.99
N LEU B 65 1.07 7.54 5.79
CA LEU B 65 1.46 6.76 4.63
C LEU B 65 2.88 6.31 4.74
N TYR B 66 3.77 7.27 4.83
CA TYR B 66 5.19 7.04 4.86
C TYR B 66 5.58 6.02 5.94
N ASP B 67 5.11 6.23 7.16
CA ASP B 67 5.45 5.37 8.28
C ASP B 67 4.95 3.97 8.04
N PHE B 68 3.68 3.83 7.64
CA PHE B 68 3.05 2.55 7.41
C PHE B 68 3.76 1.73 6.37
N ILE B 69 4.02 2.37 5.24
CA ILE B 69 4.67 1.72 4.13
C ILE B 69 6.01 1.15 4.57
N HIS B 70 6.65 1.90 5.43
CA HIS B 70 7.99 1.58 5.88
C HIS B 70 7.99 0.91 7.26
N THR B 71 6.88 0.30 7.65
CA THR B 71 6.84 -0.34 8.94
C THR B 71 6.11 -1.68 8.89
N SER B 72 6.06 -2.33 10.03
CA SER B 72 5.40 -3.57 10.19
C SER B 72 4.51 -3.48 11.39
N PHE B 73 3.50 -4.32 11.44
CA PHE B 73 2.60 -4.37 12.58
C PHE B 73 3.31 -5.03 13.74
N ALA B 74 4.22 -5.92 13.41
CA ALA B 74 4.92 -6.72 14.38
C ALA B 74 6.10 -6.01 14.99
N GLU B 75 6.43 -4.87 14.47
CA GLU B 75 7.56 -4.17 15.01
C GLU B 75 7.12 -3.30 16.18
N VAL B 76 5.83 -2.97 16.20
CA VAL B 76 5.29 -2.11 17.24
C VAL B 76 4.94 -2.93 18.47
N VAL B 77 4.55 -4.16 18.22
CA VAL B 77 4.12 -5.08 19.28
C VAL B 77 5.26 -5.37 20.25
N SER B 78 5.01 -5.09 21.50
CA SER B 78 5.94 -5.41 22.54
C SER B 78 5.68 -6.86 22.97
N LYS B 79 4.45 -7.29 22.75
CA LYS B 79 4.06 -8.66 22.94
C LYS B 79 3.93 -9.30 21.57
N GLY B 80 4.96 -9.98 21.15
CA GLY B 80 4.98 -10.57 19.84
C GLY B 80 4.30 -11.90 19.80
N LYS B 81 2.98 -11.89 19.83
CA LYS B 81 2.22 -13.13 19.80
C LYS B 81 1.87 -13.56 18.38
N GLY B 82 2.08 -12.67 17.43
CA GLY B 82 1.72 -12.97 16.07
C GLY B 82 2.81 -12.61 15.10
N LYS B 83 3.98 -13.17 15.31
CA LYS B 83 5.12 -12.94 14.46
C LYS B 83 5.71 -14.27 14.05
N LYS B 84 6.14 -14.35 12.84
CA LYS B 84 6.81 -15.50 12.36
C LYS B 84 7.97 -15.01 11.53
N ARG A 1 10.42 8.77 30.13
CA ARG A 1 10.17 9.15 31.50
C ARG A 1 9.02 8.34 32.03
N ILE A 2 9.05 8.10 33.33
CA ILE A 2 7.97 7.40 33.98
C ILE A 2 6.95 8.44 34.45
N ARG A 3 6.12 8.07 35.42
CA ARG A 3 5.07 8.95 35.94
C ARG A 3 4.07 9.27 34.83
N ARG A 4 3.46 8.23 34.35
CA ARG A 4 2.47 8.32 33.32
C ARG A 4 1.08 8.10 33.91
N ARG A 5 1.06 7.47 35.10
CA ARG A 5 -0.17 7.17 35.90
C ARG A 5 -1.00 6.02 35.33
N TYR A 6 -0.60 5.49 34.19
CA TYR A 6 -1.36 4.43 33.55
C TYR A 6 -0.51 3.72 32.53
N ASN A 7 0.14 4.51 31.69
CA ASN A 7 0.98 4.06 30.58
C ASN A 7 0.19 3.84 29.34
N MET A 8 0.37 4.73 28.41
CA MET A 8 -0.31 4.69 27.14
C MET A 8 0.49 3.87 26.14
N ALA A 9 1.62 3.35 26.61
CA ALA A 9 2.55 2.58 25.79
C ALA A 9 1.86 1.37 25.14
N ASP A 10 1.38 0.47 25.96
CA ASP A 10 0.71 -0.76 25.49
C ASP A 10 -0.66 -0.46 24.89
N LEU A 11 -1.21 0.68 25.26
CA LEU A 11 -2.50 1.14 24.75
C LEU A 11 -2.33 1.54 23.28
N LEU A 12 -1.34 2.36 23.04
CA LEU A 12 -1.04 2.82 21.72
C LEU A 12 -0.54 1.66 20.89
N MET A 13 0.26 0.78 21.51
CA MET A 13 0.76 -0.45 20.87
C MET A 13 -0.38 -1.21 20.24
N GLU A 14 -1.44 -1.43 21.05
CA GLU A 14 -2.63 -2.14 20.61
C GLU A 14 -3.19 -1.53 19.34
N LYS A 15 -3.40 -0.22 19.35
CA LYS A 15 -3.97 0.44 18.16
C LYS A 15 -3.00 0.50 16.98
N LEU A 16 -1.70 0.58 17.28
CA LEU A 16 -0.67 0.60 16.23
C LEU A 16 -0.72 -0.68 15.44
N GLU A 17 -0.47 -1.79 16.11
CA GLU A 17 -0.42 -3.10 15.46
C GLU A 17 -1.75 -3.44 14.79
N GLN A 18 -2.83 -3.09 15.46
CA GLN A 18 -4.17 -3.39 14.99
C GLN A 18 -4.48 -2.71 13.67
N ASP A 19 -4.21 -1.42 13.57
CA ASP A 19 -4.49 -0.72 12.33
C ASP A 19 -3.52 -1.17 11.25
N LEU A 20 -2.26 -1.36 11.66
CA LEU A 20 -1.18 -1.82 10.77
C LEU A 20 -1.53 -3.11 10.09
N VAL A 21 -1.88 -4.10 10.88
CA VAL A 21 -2.18 -5.40 10.35
C VAL A 21 -3.42 -5.37 9.46
N SER A 22 -4.38 -4.51 9.78
CA SER A 22 -5.56 -4.42 8.98
C SER A 22 -5.21 -3.82 7.61
N ARG A 23 -4.41 -2.73 7.62
CA ARG A 23 -4.03 -2.04 6.39
C ARG A 23 -3.28 -2.94 5.46
N VAL A 24 -2.23 -3.57 5.98
CA VAL A 24 -1.37 -4.41 5.17
C VAL A 24 -2.13 -5.57 4.56
N THR A 25 -2.93 -6.22 5.37
CA THR A 25 -3.73 -7.33 4.91
C THR A 25 -4.68 -6.86 3.78
N GLU A 26 -5.41 -5.78 4.02
CA GLU A 26 -6.36 -5.25 3.04
C GLU A 26 -5.69 -4.83 1.76
N CYS A 27 -4.57 -4.12 1.88
CA CYS A 27 -3.84 -3.63 0.74
C CYS A 27 -3.47 -4.73 -0.24
N LEU A 28 -2.98 -5.86 0.26
CA LEU A 28 -2.59 -6.95 -0.64
C LEU A 28 -3.86 -7.63 -1.17
N THR A 29 -4.87 -7.62 -0.34
CA THR A 29 -6.18 -8.24 -0.57
C THR A 29 -7.00 -7.52 -1.66
N THR A 30 -6.58 -6.34 -2.03
CA THR A 30 -7.29 -5.54 -3.02
C THR A 30 -7.28 -6.18 -4.39
N VAL A 31 -6.32 -7.05 -4.60
CA VAL A 31 -6.24 -7.81 -5.80
C VAL A 31 -7.29 -8.90 -5.72
N LYS A 32 -8.15 -8.97 -6.71
CA LYS A 32 -9.24 -9.95 -6.79
C LYS A 32 -8.77 -11.41 -6.62
N SER A 33 -7.53 -11.68 -6.96
CA SER A 33 -6.98 -13.00 -6.83
C SER A 33 -6.50 -13.27 -5.38
N VAL A 34 -6.29 -12.23 -4.61
CA VAL A 34 -5.78 -12.35 -3.25
C VAL A 34 -6.93 -12.43 -2.23
N ASN A 35 -6.75 -13.27 -1.25
CA ASN A 35 -7.73 -13.52 -0.20
C ASN A 35 -7.10 -13.11 1.13
N LYS A 36 -7.85 -13.12 2.23
CA LYS A 36 -7.30 -12.67 3.53
C LYS A 36 -6.23 -13.63 4.09
N THR A 37 -6.49 -14.94 4.01
CA THR A 37 -5.49 -15.90 4.47
C THR A 37 -4.27 -15.89 3.53
N ASP A 38 -4.52 -15.46 2.31
CA ASP A 38 -3.54 -15.39 1.26
C ASP A 38 -2.60 -14.22 1.57
N SER A 39 -3.18 -13.05 1.77
CA SER A 39 -2.45 -11.85 2.08
C SER A 39 -1.72 -11.97 3.43
N GLN A 40 -2.34 -12.60 4.44
CA GLN A 40 -1.68 -12.76 5.74
C GLN A 40 -0.43 -13.66 5.59
N THR A 41 -0.46 -14.56 4.61
CA THR A 41 0.70 -15.37 4.32
C THR A 41 1.83 -14.45 3.78
N LEU A 42 1.46 -13.43 3.04
CA LEU A 42 2.42 -12.43 2.62
C LEU A 42 2.89 -11.60 3.83
N LEU A 43 2.05 -11.53 4.84
CA LEU A 43 2.37 -10.85 6.08
C LEU A 43 3.41 -11.62 6.89
N THR A 44 3.40 -12.93 6.81
CA THR A 44 4.39 -13.69 7.54
C THR A 44 5.75 -13.68 6.79
N THR A 45 5.71 -13.56 5.47
CA THR A 45 6.94 -13.52 4.71
C THR A 45 7.56 -12.11 4.67
N PHE A 46 6.76 -11.06 4.39
CA PHE A 46 7.36 -9.73 4.29
C PHE A 46 6.88 -8.77 5.40
N GLY A 47 5.68 -9.02 5.89
CA GLY A 47 5.05 -8.25 7.00
C GLY A 47 5.02 -6.71 6.88
N SER A 48 5.38 -6.19 5.73
CA SER A 48 5.43 -4.78 5.49
C SER A 48 5.04 -4.53 4.05
N LEU A 49 4.65 -3.30 3.74
CA LEU A 49 4.32 -2.93 2.39
C LEU A 49 5.59 -2.73 1.58
N GLU A 50 6.55 -2.02 2.16
CA GLU A 50 7.82 -1.77 1.53
C GLU A 50 8.44 -3.05 1.04
N GLN A 51 8.49 -4.00 1.92
CA GLN A 51 9.05 -5.31 1.64
C GLN A 51 8.27 -6.06 0.55
N LEU A 52 7.02 -5.72 0.36
CA LEU A 52 6.20 -6.36 -0.66
C LEU A 52 6.54 -5.76 -2.02
N ILE A 53 6.47 -4.45 -2.10
CA ILE A 53 6.67 -3.72 -3.36
C ILE A 53 8.14 -3.75 -3.80
N ALA A 54 9.06 -3.78 -2.83
CA ALA A 54 10.48 -3.84 -3.13
C ALA A 54 10.87 -5.25 -3.56
N ALA A 55 9.96 -6.18 -3.38
CA ALA A 55 10.15 -7.53 -3.78
C ALA A 55 9.53 -7.72 -5.17
N SER A 56 10.02 -8.65 -5.93
CA SER A 56 9.50 -8.89 -7.24
C SER A 56 8.53 -10.06 -7.18
N ARG A 57 7.98 -10.43 -8.32
CA ARG A 57 7.05 -11.58 -8.46
C ARG A 57 7.68 -12.81 -7.87
N GLU A 58 8.91 -13.04 -8.23
CA GLU A 58 9.68 -14.19 -7.78
C GLU A 58 9.89 -14.18 -6.27
N ASP A 59 10.00 -13.01 -5.70
CA ASP A 59 10.15 -12.86 -4.25
C ASP A 59 8.80 -13.10 -3.59
N LEU A 60 7.77 -12.57 -4.20
CA LEU A 60 6.39 -12.75 -3.75
C LEU A 60 5.93 -14.20 -3.91
N ALA A 61 6.53 -14.93 -4.84
CA ALA A 61 6.25 -16.35 -5.08
C ALA A 61 7.14 -17.23 -4.21
N LEU A 62 8.18 -16.63 -3.67
CA LEU A 62 9.15 -17.27 -2.78
C LEU A 62 8.49 -17.57 -1.43
N CYS A 63 7.42 -16.85 -1.18
CA CYS A 63 6.53 -17.02 -0.02
C CYS A 63 6.29 -18.51 0.30
N PRO A 64 6.21 -18.89 1.58
CA PRO A 64 5.99 -20.28 1.93
C PRO A 64 4.58 -20.76 1.54
N GLY A 65 4.55 -21.71 0.60
CA GLY A 65 3.34 -22.35 0.12
C GLY A 65 2.13 -21.45 -0.06
N LEU A 66 2.28 -20.35 -0.80
CA LEU A 66 1.12 -19.50 -0.96
C LEU A 66 0.66 -19.41 -2.40
N GLY A 67 1.55 -19.08 -3.31
CA GLY A 67 1.10 -18.98 -4.67
C GLY A 67 2.03 -18.19 -5.55
N PRO A 68 2.39 -18.68 -6.71
CA PRO A 68 3.20 -17.91 -7.63
C PRO A 68 2.38 -16.92 -8.51
N GLN A 69 1.14 -17.28 -8.79
CA GLN A 69 0.28 -16.47 -9.62
C GLN A 69 -0.23 -15.29 -8.89
N LYS A 70 -0.29 -15.40 -7.58
CA LYS A 70 -0.75 -14.29 -6.80
C LYS A 70 0.27 -13.17 -6.91
N ALA A 71 1.53 -13.57 -6.86
CA ALA A 71 2.66 -12.69 -7.03
C ALA A 71 2.57 -11.95 -8.36
N ARG A 72 2.17 -12.68 -9.39
CA ARG A 72 1.97 -12.09 -10.72
C ARG A 72 0.94 -10.98 -10.69
N ARG A 73 -0.21 -11.26 -10.06
CA ARG A 73 -1.29 -10.29 -9.97
C ARG A 73 -0.88 -9.10 -9.11
N LEU A 74 -0.18 -9.38 -8.04
CA LEU A 74 0.34 -8.38 -7.15
C LEU A 74 1.30 -7.44 -7.85
N PHE A 75 2.28 -8.00 -8.56
CA PHE A 75 3.27 -7.20 -9.29
C PHE A 75 2.54 -6.29 -10.28
N ASP A 76 1.47 -6.82 -10.90
CA ASP A 76 0.69 -6.07 -11.87
C ASP A 76 0.12 -4.84 -11.24
N VAL A 77 -0.60 -5.00 -10.12
CA VAL A 77 -1.26 -3.87 -9.47
C VAL A 77 -0.25 -2.91 -8.84
N LEU A 78 0.90 -3.41 -8.47
CA LEU A 78 1.93 -2.58 -7.88
C LEU A 78 2.53 -1.64 -8.92
N HIS A 79 2.52 -2.08 -10.16
CA HIS A 79 3.10 -1.31 -11.25
C HIS A 79 2.03 -0.75 -12.16
N GLU A 80 0.79 -0.93 -11.78
CA GLU A 80 -0.33 -0.42 -12.53
C GLU A 80 -0.74 0.92 -12.03
N PRO A 81 -0.95 1.86 -12.94
CA PRO A 81 -1.41 3.16 -12.58
C PRO A 81 -2.84 3.09 -12.10
N PHE A 82 -3.19 3.94 -11.14
CA PHE A 82 -4.54 3.95 -10.60
C PHE A 82 -5.51 4.36 -11.69
N LEU A 83 -5.01 5.24 -12.54
CA LEU A 83 -5.76 5.82 -13.62
C LEU A 83 -5.77 4.91 -14.85
N LYS A 84 -5.22 3.69 -14.71
CA LYS A 84 -5.12 2.67 -15.79
C LYS A 84 -4.04 3.07 -16.82
N VAL A 85 -3.99 4.32 -17.09
CA VAL A 85 -3.10 4.93 -18.01
C VAL A 85 -1.96 5.58 -17.22
N PRO A 86 -0.70 5.33 -17.62
CA PRO A 86 0.45 6.01 -17.04
C PRO A 86 0.39 7.51 -17.27
N GLY A 87 1.07 8.25 -16.42
CA GLY A 87 1.13 9.68 -16.58
C GLY A 87 2.31 10.05 -17.42
N GLY A 88 2.38 9.39 -18.54
CA GLY A 88 3.45 9.51 -19.47
C GLY A 88 3.88 8.13 -19.83
N LEU A 89 3.23 7.59 -20.82
CA LEU A 89 3.39 6.19 -21.17
C LEU A 89 4.74 5.94 -21.79
N GLU A 90 5.15 6.81 -22.67
CA GLU A 90 6.43 6.70 -23.28
C GLU A 90 7.39 7.59 -22.58
N HIS A 91 8.66 7.30 -22.73
CA HIS A 91 9.71 8.10 -22.15
C HIS A 91 9.79 9.41 -22.94
N HIS A 92 9.33 9.34 -24.19
CA HIS A 92 9.23 10.47 -25.08
C HIS A 92 8.33 11.54 -24.46
N HIS A 93 7.10 11.13 -24.13
CA HIS A 93 6.08 12.00 -23.51
C HIS A 93 5.86 13.27 -24.34
N HIS A 94 5.08 13.16 -25.37
CA HIS A 94 4.79 14.30 -26.20
C HIS A 94 3.75 15.17 -25.52
N HIS A 95 4.02 16.45 -25.48
CA HIS A 95 3.16 17.40 -24.74
C HIS A 95 1.78 17.57 -25.36
N HIS A 96 1.64 17.28 -26.64
CA HIS A 96 0.33 17.29 -27.24
C HIS A 96 -0.35 15.97 -26.95
N MET B 1 -1.09 15.96 -25.89
CA MET B 1 -1.80 14.80 -25.44
C MET B 1 -3.18 15.23 -24.99
N ASP B 2 -4.18 14.41 -25.21
CA ASP B 2 -5.53 14.70 -24.79
C ASP B 2 -6.14 13.49 -24.15
N SER B 3 -7.27 13.69 -23.53
CA SER B 3 -8.03 12.62 -22.95
C SER B 3 -9.38 12.55 -23.70
N GLU B 4 -9.44 13.32 -24.80
CA GLU B 4 -10.62 13.41 -25.68
C GLU B 4 -11.86 13.84 -24.94
N THR B 5 -11.68 14.71 -23.95
CA THR B 5 -12.74 15.30 -23.10
C THR B 5 -13.64 14.20 -22.45
N LEU B 6 -13.10 13.01 -22.35
CA LEU B 6 -13.76 11.88 -21.74
C LEU B 6 -13.41 11.85 -20.28
N PRO B 7 -14.34 11.44 -19.42
CA PRO B 7 -14.08 11.34 -17.99
C PRO B 7 -13.01 10.32 -17.67
N GLU B 8 -12.25 10.57 -16.64
CA GLU B 8 -11.21 9.67 -16.24
C GLU B 8 -11.77 8.46 -15.54
N SER B 9 -13.02 8.54 -15.17
CA SER B 9 -13.72 7.50 -14.45
C SER B 9 -13.79 6.17 -15.22
N GLU B 10 -13.57 6.22 -16.53
CA GLU B 10 -13.60 5.02 -17.35
C GLU B 10 -12.25 4.32 -17.25
N LYS B 11 -11.24 5.05 -16.81
CA LYS B 11 -9.92 4.55 -16.76
C LYS B 11 -9.39 4.51 -15.34
N TYR B 12 -9.75 3.49 -14.64
CA TYR B 12 -9.25 3.24 -13.32
C TYR B 12 -9.02 1.78 -13.13
N ASN B 13 -7.96 1.44 -12.47
CA ASN B 13 -7.68 0.06 -12.18
C ASN B 13 -8.04 -0.21 -10.74
N PRO B 14 -9.05 -1.08 -10.51
CA PRO B 14 -9.58 -1.36 -9.17
C PRO B 14 -8.54 -1.89 -8.20
N GLY B 15 -7.66 -2.76 -8.67
CA GLY B 15 -6.63 -3.34 -7.82
C GLY B 15 -5.72 -2.28 -7.19
N PRO B 16 -4.89 -1.58 -7.98
CA PRO B 16 -3.96 -0.60 -7.45
C PRO B 16 -4.63 0.60 -6.82
N GLN B 17 -5.81 0.99 -7.31
CA GLN B 17 -6.47 2.15 -6.75
C GLN B 17 -6.87 1.81 -5.33
N ASP B 18 -7.38 0.60 -5.14
CA ASP B 18 -7.89 0.18 -3.87
C ASP B 18 -6.73 0.01 -2.93
N PHE B 19 -5.60 -0.48 -3.48
CA PHE B 19 -4.35 -0.66 -2.73
C PHE B 19 -3.97 0.68 -2.07
N LEU B 20 -4.08 1.76 -2.83
CA LEU B 20 -3.80 3.11 -2.34
C LEU B 20 -4.94 3.63 -1.44
N LEU B 21 -6.16 3.30 -1.76
CA LEU B 21 -7.30 3.75 -0.98
C LEU B 21 -7.36 3.15 0.42
N LYS B 22 -6.69 2.04 0.60
CA LYS B 22 -6.65 1.34 1.87
C LYS B 22 -5.56 1.90 2.78
N MET B 23 -4.73 2.77 2.25
CA MET B 23 -3.57 3.28 2.97
C MET B 23 -4.02 4.16 4.12
N PRO B 24 -3.37 4.07 5.29
CA PRO B 24 -3.75 4.86 6.45
C PRO B 24 -3.45 6.34 6.24
N GLY B 25 -4.43 7.16 6.56
CA GLY B 25 -4.27 8.57 6.46
C GLY B 25 -4.73 9.11 5.13
N VAL B 26 -5.01 8.23 4.20
CA VAL B 26 -5.40 8.66 2.89
C VAL B 26 -6.92 8.86 2.83
N ASN B 27 -7.32 9.84 2.08
CA ASN B 27 -8.71 10.15 1.85
C ASN B 27 -8.87 10.31 0.35
N ALA B 28 -10.09 10.43 -0.14
CA ALA B 28 -10.37 10.50 -1.58
C ALA B 28 -9.69 11.69 -2.26
N LYS B 29 -9.41 12.72 -1.48
CA LYS B 29 -8.82 13.93 -1.98
C LYS B 29 -7.33 13.68 -2.17
N ASN B 30 -6.75 13.12 -1.13
CA ASN B 30 -5.37 12.71 -1.09
C ASN B 30 -5.08 11.68 -2.16
N CYS B 31 -5.98 10.71 -2.33
CA CYS B 31 -5.86 9.71 -3.39
C CYS B 31 -5.87 10.37 -4.77
N ARG B 32 -6.67 11.42 -4.94
CA ARG B 32 -6.78 12.10 -6.21
C ARG B 32 -5.48 12.86 -6.51
N SER B 33 -4.92 13.45 -5.48
CA SER B 33 -3.66 14.18 -5.61
C SER B 33 -2.54 13.16 -5.91
N LEU B 34 -2.63 12.04 -5.24
CA LEU B 34 -1.66 11.00 -5.33
C LEU B 34 -1.66 10.43 -6.73
N MET B 35 -2.84 10.16 -7.28
CA MET B 35 -2.95 9.60 -8.64
C MET B 35 -2.55 10.63 -9.71
N HIS B 36 -2.61 11.91 -9.36
CA HIS B 36 -2.22 12.97 -10.27
C HIS B 36 -0.72 13.10 -10.37
N HIS B 37 -0.06 12.98 -9.26
CA HIS B 37 1.39 13.15 -9.21
C HIS B 37 2.10 11.81 -9.32
N VAL B 38 1.48 10.81 -8.78
CA VAL B 38 2.01 9.47 -8.72
C VAL B 38 1.17 8.49 -9.52
N LYS B 39 1.84 7.83 -10.44
CA LYS B 39 1.27 6.81 -11.29
C LYS B 39 0.72 5.61 -10.48
N ASN B 40 1.55 5.05 -9.64
CA ASN B 40 1.22 3.81 -8.93
C ASN B 40 1.86 3.78 -7.56
N ILE B 41 1.33 2.92 -6.68
CA ILE B 41 1.83 2.77 -5.31
C ILE B 41 3.35 2.52 -5.25
N ALA B 42 3.92 1.93 -6.31
CA ALA B 42 5.38 1.70 -6.40
C ALA B 42 6.15 3.01 -6.28
N GLU B 43 5.73 4.04 -7.06
CA GLU B 43 6.39 5.35 -7.04
C GLU B 43 6.24 5.93 -5.65
N LEU B 44 5.03 5.79 -5.13
CA LEU B 44 4.64 6.26 -3.81
C LEU B 44 5.56 5.71 -2.73
N ALA B 45 5.77 4.41 -2.74
CA ALA B 45 6.55 3.78 -1.72
C ALA B 45 8.04 4.10 -1.89
N ALA B 46 8.43 4.43 -3.11
CA ALA B 46 9.81 4.78 -3.41
C ALA B 46 10.05 6.26 -3.08
N LEU B 47 9.00 6.96 -2.78
CA LEU B 47 9.09 8.35 -2.41
C LEU B 47 9.49 8.52 -0.98
N SER B 48 10.06 9.64 -0.71
CA SER B 48 10.39 10.00 0.61
C SER B 48 9.23 10.79 1.21
N GLN B 49 9.22 11.01 2.53
CA GLN B 49 8.11 11.69 3.17
C GLN B 49 7.88 13.07 2.57
N ASP B 50 8.93 13.83 2.36
CA ASP B 50 8.83 15.19 1.81
C ASP B 50 8.07 15.21 0.48
N GLU B 51 8.35 14.22 -0.34
CA GLU B 51 7.71 14.08 -1.64
C GLU B 51 6.21 13.86 -1.51
N LEU B 52 5.82 12.86 -0.75
CA LEU B 52 4.42 12.54 -0.57
C LEU B 52 3.68 13.62 0.22
N THR B 53 4.39 14.29 1.10
CA THR B 53 3.87 15.39 1.87
C THR B 53 3.52 16.58 0.95
N SER B 54 4.36 16.81 -0.05
CA SER B 54 4.14 17.88 -1.01
C SER B 54 2.93 17.54 -1.90
N ILE B 55 2.71 16.25 -2.13
CA ILE B 55 1.60 15.78 -2.94
C ILE B 55 0.27 15.86 -2.16
N LEU B 56 0.26 15.26 -0.99
CA LEU B 56 -0.94 15.21 -0.16
C LEU B 56 -1.29 16.57 0.42
N GLY B 57 -0.27 17.30 0.82
CA GLY B 57 -0.50 18.59 1.41
C GLY B 57 -0.43 18.53 2.90
N ASN B 58 -1.18 17.62 3.47
CA ASN B 58 -1.22 17.44 4.90
C ASN B 58 -0.09 16.57 5.37
N ALA B 59 0.77 17.13 6.17
CA ALA B 59 1.92 16.45 6.74
C ALA B 59 1.49 15.32 7.66
N ALA B 60 0.37 15.50 8.34
CA ALA B 60 -0.17 14.45 9.22
C ALA B 60 -0.55 13.23 8.41
N ASN B 61 -1.34 13.47 7.35
CA ASN B 61 -1.78 12.41 6.41
C ASN B 61 -0.58 11.71 5.83
N ALA B 62 0.38 12.52 5.45
CA ALA B 62 1.61 12.05 4.87
C ALA B 62 2.38 11.19 5.83
N LYS B 63 2.39 11.59 7.08
CA LYS B 63 3.03 10.84 8.14
C LYS B 63 2.40 9.48 8.29
N GLN B 64 1.07 9.46 8.29
CA GLN B 64 0.31 8.21 8.49
C GLN B 64 0.70 7.21 7.40
N LEU B 65 0.61 7.69 6.18
CA LEU B 65 0.84 6.92 4.99
C LEU B 65 2.31 6.46 4.94
N TYR B 66 3.23 7.43 5.05
CA TYR B 66 4.68 7.18 5.03
C TYR B 66 5.09 6.13 6.06
N ASP B 67 4.61 6.34 7.29
CA ASP B 67 4.97 5.48 8.43
C ASP B 67 4.65 4.06 8.14
N PHE B 68 3.45 3.84 7.60
CA PHE B 68 2.95 2.53 7.29
C PHE B 68 3.81 1.81 6.27
N ILE B 69 4.14 2.49 5.20
CA ILE B 69 4.91 1.91 4.12
C ILE B 69 6.23 1.42 4.65
N HIS B 70 6.77 2.16 5.57
CA HIS B 70 8.09 1.92 6.09
C HIS B 70 8.07 1.23 7.45
N THR B 71 6.98 0.60 7.78
CA THR B 71 6.87 -0.05 9.05
C THR B 71 6.26 -1.44 8.84
N SER B 72 6.31 -2.25 9.85
CA SER B 72 5.78 -3.58 9.82
C SER B 72 4.79 -3.74 10.98
N PHE B 73 3.86 -4.65 10.87
CA PHE B 73 2.96 -4.90 12.00
C PHE B 73 3.69 -5.82 12.98
N ALA B 74 4.59 -6.63 12.40
CA ALA B 74 5.36 -7.63 13.11
C ALA B 74 6.28 -7.00 14.13
N GLU B 75 6.72 -5.80 13.83
CA GLU B 75 7.64 -5.11 14.70
C GLU B 75 6.90 -4.58 15.93
N VAL B 76 5.60 -4.30 15.76
CA VAL B 76 4.80 -3.80 16.86
C VAL B 76 4.31 -4.96 17.71
N VAL B 77 3.99 -6.08 17.05
CA VAL B 77 3.58 -7.29 17.78
C VAL B 77 4.82 -8.01 18.36
N SER B 78 5.52 -7.29 19.18
CA SER B 78 6.75 -7.71 19.80
C SER B 78 6.49 -8.82 20.82
N LYS B 79 5.43 -8.67 21.57
CA LYS B 79 5.08 -9.61 22.62
C LYS B 79 3.58 -9.71 22.72
N GLY B 80 2.97 -8.64 23.12
CA GLY B 80 1.58 -8.59 23.31
C GLY B 80 1.28 -8.07 24.68
N LYS B 81 0.05 -7.88 24.99
CA LYS B 81 -0.33 -7.42 26.28
C LYS B 81 -1.12 -8.51 26.97
N GLY B 82 -0.52 -9.09 27.97
CA GLY B 82 -1.16 -10.16 28.67
C GLY B 82 -0.66 -11.48 28.17
N LYS B 83 -1.55 -12.29 27.65
CA LYS B 83 -1.19 -13.59 27.16
C LYS B 83 -2.03 -13.95 25.95
N LYS B 84 -1.47 -14.76 25.08
CA LYS B 84 -2.14 -15.22 23.89
C LYS B 84 -1.30 -16.35 23.30
N ARG A 1 3.00 -12.68 27.13
CA ARG A 1 3.24 -12.13 28.46
C ARG A 1 2.17 -12.61 29.41
N ILE A 2 2.62 -13.42 30.37
CA ILE A 2 1.78 -14.12 31.34
C ILE A 2 0.82 -13.19 32.06
N ARG A 3 1.31 -12.07 32.51
CA ARG A 3 0.47 -11.10 33.17
C ARG A 3 0.46 -9.83 32.35
N ARG A 4 -0.61 -9.11 32.41
CA ARG A 4 -0.74 -7.86 31.72
C ARG A 4 -0.66 -6.74 32.72
N ARG A 5 -0.34 -5.58 32.24
CA ARG A 5 -0.22 -4.42 33.09
C ARG A 5 -1.13 -3.34 32.53
N TYR A 6 -1.44 -2.38 33.34
CA TYR A 6 -2.32 -1.33 32.91
C TYR A 6 -1.52 -0.08 32.62
N ASN A 7 -1.10 0.03 31.40
CA ASN A 7 -0.28 1.13 30.94
C ASN A 7 -0.79 1.54 29.56
N MET A 8 -0.70 2.82 29.23
CA MET A 8 -1.26 3.31 27.97
C MET A 8 -0.45 2.86 26.76
N ALA A 9 0.85 2.63 26.94
CA ALA A 9 1.71 2.24 25.83
C ALA A 9 1.28 0.89 25.29
N ASP A 10 0.86 0.01 26.19
CA ASP A 10 0.37 -1.33 25.82
C ASP A 10 -0.93 -1.23 25.04
N LEU A 11 -1.74 -0.27 25.41
CA LEU A 11 -3.02 -0.05 24.80
C LEU A 11 -2.81 0.50 23.39
N LEU A 12 -2.01 1.55 23.29
CA LEU A 12 -1.72 2.17 21.99
C LEU A 12 -0.96 1.21 21.08
N MET A 13 -0.09 0.39 21.67
CA MET A 13 0.69 -0.59 20.92
C MET A 13 -0.26 -1.54 20.20
N GLU A 14 -1.25 -2.06 20.96
CA GLU A 14 -2.25 -2.96 20.44
C GLU A 14 -3.02 -2.32 19.27
N LYS A 15 -3.28 -1.05 19.39
CA LYS A 15 -3.99 -0.32 18.36
C LYS A 15 -3.13 -0.06 17.13
N LEU A 16 -1.86 0.26 17.35
CA LEU A 16 -0.92 0.47 16.27
C LEU A 16 -0.79 -0.78 15.42
N GLU A 17 -0.48 -1.90 16.07
CA GLU A 17 -0.35 -3.17 15.37
C GLU A 17 -1.65 -3.56 14.69
N GLN A 18 -2.78 -3.30 15.36
CA GLN A 18 -4.12 -3.63 14.85
C GLN A 18 -4.39 -2.91 13.55
N ASP A 19 -4.13 -1.61 13.52
CA ASP A 19 -4.36 -0.83 12.30
C ASP A 19 -3.45 -1.32 11.23
N LEU A 20 -2.17 -1.45 11.57
CA LEU A 20 -1.15 -1.93 10.64
C LEU A 20 -1.51 -3.23 9.98
N VAL A 21 -1.79 -4.23 10.77
CA VAL A 21 -2.08 -5.54 10.26
C VAL A 21 -3.36 -5.54 9.39
N SER A 22 -4.35 -4.77 9.79
CA SER A 22 -5.57 -4.70 9.03
C SER A 22 -5.29 -3.98 7.71
N ARG A 23 -4.52 -2.90 7.76
CA ARG A 23 -4.18 -2.11 6.59
C ARG A 23 -3.40 -2.96 5.60
N VAL A 24 -2.32 -3.60 6.07
CA VAL A 24 -1.46 -4.40 5.19
C VAL A 24 -2.28 -5.50 4.54
N THR A 25 -3.04 -6.26 5.34
CA THR A 25 -3.86 -7.34 4.83
C THR A 25 -4.86 -6.83 3.77
N GLU A 26 -5.55 -5.71 4.05
CA GLU A 26 -6.49 -5.16 3.09
C GLU A 26 -5.79 -4.76 1.80
N CYS A 27 -4.66 -4.10 1.93
CA CYS A 27 -3.91 -3.63 0.80
C CYS A 27 -3.53 -4.76 -0.14
N LEU A 28 -3.09 -5.89 0.38
CA LEU A 28 -2.63 -6.97 -0.49
C LEU A 28 -3.84 -7.71 -1.08
N THR A 29 -4.94 -7.71 -0.35
CA THR A 29 -6.12 -8.45 -0.74
C THR A 29 -7.02 -7.61 -1.66
N THR A 30 -6.56 -6.41 -2.01
CA THR A 30 -7.26 -5.58 -2.96
C THR A 30 -7.26 -6.24 -4.35
N VAL A 31 -6.28 -7.10 -4.57
CA VAL A 31 -6.17 -7.82 -5.82
C VAL A 31 -7.23 -8.89 -5.85
N LYS A 32 -7.98 -8.93 -6.94
CA LYS A 32 -9.10 -9.88 -7.10
C LYS A 32 -8.67 -11.35 -6.97
N SER A 33 -7.41 -11.63 -7.21
CA SER A 33 -6.90 -12.96 -7.14
C SER A 33 -6.40 -13.31 -5.72
N VAL A 34 -6.19 -12.30 -4.90
CA VAL A 34 -5.63 -12.48 -3.57
C VAL A 34 -6.77 -12.47 -2.54
N ASN A 35 -6.66 -13.34 -1.56
CA ASN A 35 -7.66 -13.47 -0.51
C ASN A 35 -7.05 -13.01 0.82
N LYS A 36 -7.83 -13.00 1.87
CA LYS A 36 -7.38 -12.55 3.17
C LYS A 36 -6.29 -13.47 3.75
N THR A 37 -6.54 -14.80 3.74
CA THR A 37 -5.55 -15.77 4.19
C THR A 37 -4.27 -15.66 3.35
N ASP A 38 -4.48 -15.30 2.11
CA ASP A 38 -3.44 -15.21 1.13
C ASP A 38 -2.56 -14.01 1.51
N SER A 39 -3.21 -12.89 1.77
CA SER A 39 -2.56 -11.66 2.18
C SER A 39 -1.79 -11.84 3.49
N GLN A 40 -2.41 -12.46 4.51
CA GLN A 40 -1.74 -12.65 5.80
C GLN A 40 -0.48 -13.52 5.64
N THR A 41 -0.50 -14.39 4.64
CA THR A 41 0.65 -15.19 4.31
C THR A 41 1.80 -14.26 3.86
N LEU A 42 1.46 -13.22 3.10
CA LEU A 42 2.44 -12.19 2.72
C LEU A 42 2.88 -11.39 3.96
N LEU A 43 1.99 -11.28 4.92
CA LEU A 43 2.28 -10.60 6.16
C LEU A 43 3.24 -11.40 7.03
N THR A 44 3.14 -12.71 7.00
CA THR A 44 4.00 -13.52 7.81
C THR A 44 5.39 -13.70 7.14
N THR A 45 5.48 -13.41 5.85
CA THR A 45 6.76 -13.44 5.19
C THR A 45 7.47 -12.07 5.25
N PHE A 46 6.80 -10.97 4.86
CA PHE A 46 7.49 -9.66 4.87
C PHE A 46 6.91 -8.70 5.91
N GLY A 47 5.63 -8.88 6.21
CA GLY A 47 4.91 -8.07 7.23
C GLY A 47 4.92 -6.56 7.03
N SER A 48 5.36 -6.10 5.89
CA SER A 48 5.55 -4.70 5.66
C SER A 48 5.22 -4.40 4.20
N LEU A 49 4.95 -3.13 3.87
CA LEU A 49 4.59 -2.82 2.50
C LEU A 49 5.83 -2.57 1.62
N GLU A 50 6.83 -1.85 2.13
CA GLU A 50 8.06 -1.64 1.34
C GLU A 50 8.71 -2.93 0.96
N GLN A 51 8.77 -3.84 1.88
CA GLN A 51 9.30 -5.19 1.64
C GLN A 51 8.46 -5.95 0.63
N LEU A 52 7.18 -5.57 0.48
CA LEU A 52 6.28 -6.24 -0.46
C LEU A 52 6.59 -5.74 -1.86
N ILE A 53 6.58 -4.43 -2.00
CA ILE A 53 6.77 -3.79 -3.29
C ILE A 53 8.22 -3.91 -3.77
N ALA A 54 9.16 -3.92 -2.84
CA ALA A 54 10.55 -4.08 -3.19
C ALA A 54 10.89 -5.54 -3.42
N ALA A 55 9.93 -6.40 -3.16
CA ALA A 55 10.09 -7.80 -3.41
C ALA A 55 9.84 -8.06 -4.88
N SER A 56 10.44 -9.07 -5.38
CA SER A 56 10.22 -9.43 -6.73
C SER A 56 9.09 -10.43 -6.76
N ARG A 57 8.57 -10.69 -7.94
CA ARG A 57 7.58 -11.73 -8.16
C ARG A 57 8.14 -13.09 -7.71
N GLU A 58 9.45 -13.22 -7.78
CA GLU A 58 10.12 -14.42 -7.31
C GLU A 58 10.00 -14.51 -5.80
N ASP A 59 10.16 -13.38 -5.16
CA ASP A 59 10.05 -13.27 -3.68
C ASP A 59 8.63 -13.49 -3.24
N LEU A 60 7.70 -12.88 -3.95
CA LEU A 60 6.30 -13.01 -3.64
C LEU A 60 5.83 -14.47 -3.85
N ALA A 61 6.49 -15.18 -4.76
CA ALA A 61 6.19 -16.58 -5.00
C ALA A 61 6.96 -17.48 -4.03
N LEU A 62 8.03 -16.92 -3.47
CA LEU A 62 8.86 -17.59 -2.49
C LEU A 62 8.11 -17.74 -1.19
N CYS A 63 7.21 -16.79 -0.96
CA CYS A 63 6.26 -16.80 0.15
C CYS A 63 5.66 -18.22 0.25
N PRO A 64 5.69 -18.82 1.46
CA PRO A 64 5.38 -20.25 1.66
C PRO A 64 4.02 -20.67 1.12
N GLY A 65 4.06 -21.55 0.10
CA GLY A 65 2.86 -22.12 -0.54
C GLY A 65 1.79 -21.10 -0.83
N LEU A 66 2.19 -19.92 -1.24
CA LEU A 66 1.23 -18.87 -1.38
C LEU A 66 0.70 -18.72 -2.80
N GLY A 67 1.56 -18.62 -3.78
CA GLY A 67 1.06 -18.50 -5.10
C GLY A 67 2.06 -17.93 -6.08
N PRO A 68 2.44 -18.62 -7.13
CA PRO A 68 3.30 -18.02 -8.14
C PRO A 68 2.52 -16.95 -8.94
N GLN A 69 1.26 -17.23 -9.24
CA GLN A 69 0.44 -16.31 -9.99
C GLN A 69 0.00 -15.15 -9.15
N LYS A 70 -0.01 -15.36 -7.84
CA LYS A 70 -0.36 -14.30 -6.91
C LYS A 70 0.70 -13.22 -6.99
N ALA A 71 1.94 -13.66 -7.02
CA ALA A 71 3.09 -12.82 -7.16
C ALA A 71 2.97 -11.98 -8.41
N ARG A 72 2.55 -12.63 -9.49
CA ARG A 72 2.38 -11.98 -10.77
C ARG A 72 1.32 -10.86 -10.69
N ARG A 73 0.16 -11.19 -10.11
CA ARG A 73 -0.93 -10.23 -9.94
C ARG A 73 -0.53 -9.07 -9.01
N LEU A 74 0.07 -9.41 -7.88
CA LEU A 74 0.54 -8.44 -6.89
C LEU A 74 1.48 -7.44 -7.50
N PHE A 75 2.54 -7.93 -8.15
CA PHE A 75 3.54 -7.06 -8.73
C PHE A 75 2.92 -6.18 -9.81
N ASP A 76 1.93 -6.74 -10.48
CA ASP A 76 1.21 -6.03 -11.53
C ASP A 76 0.49 -4.85 -10.93
N VAL A 77 -0.34 -5.08 -9.90
CA VAL A 77 -1.10 -3.97 -9.30
C VAL A 77 -0.19 -2.95 -8.63
N LEU A 78 0.98 -3.40 -8.20
CA LEU A 78 1.94 -2.51 -7.59
C LEU A 78 2.50 -1.53 -8.61
N HIS A 79 2.62 -1.97 -9.85
CA HIS A 79 3.19 -1.12 -10.89
C HIS A 79 2.15 -0.67 -11.90
N GLU A 80 0.92 -1.00 -11.65
CA GLU A 80 -0.18 -0.58 -12.47
C GLU A 80 -0.70 0.76 -12.01
N PRO A 81 -0.92 1.68 -12.95
CA PRO A 81 -1.43 2.99 -12.63
C PRO A 81 -2.86 2.91 -12.16
N PHE A 82 -3.25 3.80 -11.26
CA PHE A 82 -4.59 3.80 -10.70
C PHE A 82 -5.62 4.05 -11.79
N LEU A 83 -5.25 4.82 -12.79
CA LEU A 83 -6.13 5.18 -13.90
C LEU A 83 -6.10 4.11 -14.99
N LYS A 84 -5.45 2.98 -14.73
CA LYS A 84 -5.36 1.84 -15.68
C LYS A 84 -4.45 2.17 -16.91
N VAL A 85 -4.37 3.42 -17.26
CA VAL A 85 -3.62 3.88 -18.40
C VAL A 85 -2.13 4.10 -18.06
N PRO A 86 -1.23 3.30 -18.67
CA PRO A 86 0.20 3.43 -18.45
C PRO A 86 0.76 4.70 -19.09
N GLY A 87 1.69 5.31 -18.43
CA GLY A 87 2.27 6.54 -18.90
C GLY A 87 3.55 6.27 -19.67
N GLY A 88 3.53 5.19 -20.40
CA GLY A 88 4.66 4.78 -21.20
C GLY A 88 4.20 4.23 -22.50
N LEU A 89 3.20 4.85 -23.03
CA LEU A 89 2.61 4.44 -24.28
C LEU A 89 3.06 5.34 -25.40
N GLU A 90 3.10 6.63 -25.10
CA GLU A 90 3.34 7.67 -26.08
C GLU A 90 4.67 7.56 -26.79
N HIS A 91 5.72 8.16 -26.21
CA HIS A 91 7.09 8.24 -26.82
C HIS A 91 7.05 9.17 -28.04
N HIS A 92 6.24 8.81 -28.98
CA HIS A 92 5.98 9.58 -30.17
C HIS A 92 4.53 10.05 -30.05
N HIS A 93 3.93 10.50 -31.12
CA HIS A 93 2.56 10.90 -31.03
C HIS A 93 1.66 9.67 -31.13
N HIS A 94 1.18 9.22 -29.99
CA HIS A 94 0.27 8.12 -29.92
C HIS A 94 -1.11 8.64 -30.30
N HIS A 95 -1.67 8.07 -31.33
CA HIS A 95 -2.92 8.57 -31.89
C HIS A 95 -4.13 8.05 -31.13
N HIS A 96 -4.63 8.87 -30.28
CA HIS A 96 -5.87 8.61 -29.56
C HIS A 96 -6.94 9.55 -30.10
N MET B 1 -6.46 10.68 -30.60
CA MET B 1 -7.25 11.77 -31.08
C MET B 1 -7.96 12.46 -29.96
N ASP B 2 -7.25 13.39 -29.33
CA ASP B 2 -7.73 14.24 -28.23
C ASP B 2 -7.93 13.45 -26.96
N SER B 3 -8.55 14.08 -25.98
CA SER B 3 -8.85 13.46 -24.72
C SER B 3 -10.21 12.76 -24.82
N GLU B 4 -10.93 13.07 -25.92
CA GLU B 4 -12.25 12.58 -26.19
C GLU B 4 -13.26 13.11 -25.18
N THR B 5 -14.48 12.64 -25.22
CA THR B 5 -15.45 13.09 -24.26
C THR B 5 -15.39 12.16 -23.04
N LEU B 6 -14.39 11.30 -23.03
CA LEU B 6 -14.22 10.32 -22.00
C LEU B 6 -13.44 10.92 -20.85
N PRO B 7 -14.04 10.96 -19.65
CA PRO B 7 -13.36 11.43 -18.48
C PRO B 7 -12.49 10.32 -17.90
N GLU B 8 -11.36 10.67 -17.34
CA GLU B 8 -10.43 9.66 -16.81
C GLU B 8 -11.05 8.84 -15.69
N SER B 9 -12.02 9.41 -15.01
CA SER B 9 -12.69 8.76 -13.87
C SER B 9 -13.41 7.44 -14.27
N GLU B 10 -13.67 7.20 -15.55
CA GLU B 10 -14.29 5.95 -15.93
C GLU B 10 -13.21 4.89 -16.16
N LYS B 11 -12.01 5.33 -16.43
CA LYS B 11 -10.90 4.45 -16.67
C LYS B 11 -10.00 4.40 -15.46
N TYR B 12 -10.32 3.52 -14.56
CA TYR B 12 -9.55 3.30 -13.37
C TYR B 12 -9.40 1.81 -13.14
N ASN B 13 -8.32 1.44 -12.50
CA ASN B 13 -8.00 0.05 -12.27
C ASN B 13 -8.28 -0.27 -10.81
N PRO B 14 -9.24 -1.16 -10.56
CA PRO B 14 -9.73 -1.50 -9.20
C PRO B 14 -8.65 -2.01 -8.25
N GLY B 15 -7.72 -2.80 -8.77
CA GLY B 15 -6.66 -3.38 -7.95
C GLY B 15 -5.77 -2.33 -7.30
N PRO B 16 -4.95 -1.62 -8.09
CA PRO B 16 -4.00 -0.66 -7.54
C PRO B 16 -4.65 0.55 -6.91
N GLN B 17 -5.83 0.93 -7.40
CA GLN B 17 -6.50 2.09 -6.84
C GLN B 17 -6.88 1.77 -5.42
N ASP B 18 -7.34 0.54 -5.21
CA ASP B 18 -7.82 0.16 -3.92
C ASP B 18 -6.67 0.00 -2.98
N PHE B 19 -5.54 -0.50 -3.52
CA PHE B 19 -4.29 -0.66 -2.76
C PHE B 19 -3.92 0.68 -2.09
N LEU B 20 -4.05 1.77 -2.86
CA LEU B 20 -3.80 3.12 -2.35
C LEU B 20 -4.94 3.59 -1.43
N LEU B 21 -6.15 3.28 -1.79
CA LEU B 21 -7.29 3.69 -1.03
C LEU B 21 -7.39 3.05 0.35
N LYS B 22 -6.71 1.95 0.52
CA LYS B 22 -6.68 1.24 1.77
C LYS B 22 -5.59 1.78 2.69
N MET B 23 -4.71 2.59 2.12
CA MET B 23 -3.56 3.15 2.84
C MET B 23 -4.05 4.11 3.94
N PRO B 24 -3.44 4.04 5.13
CA PRO B 24 -3.85 4.86 6.28
C PRO B 24 -3.60 6.34 6.08
N GLY B 25 -4.59 7.14 6.42
CA GLY B 25 -4.48 8.58 6.32
C GLY B 25 -4.89 9.08 4.96
N VAL B 26 -4.94 8.20 3.99
CA VAL B 26 -5.25 8.56 2.64
C VAL B 26 -6.74 8.68 2.43
N ASN B 27 -7.19 9.89 2.53
CA ASN B 27 -8.56 10.26 2.27
C ASN B 27 -8.69 10.63 0.80
N ALA B 28 -9.91 10.69 0.29
CA ALA B 28 -10.19 10.88 -1.17
C ALA B 28 -9.42 12.03 -1.81
N LYS B 29 -9.27 13.12 -1.07
CA LYS B 29 -8.54 14.32 -1.53
C LYS B 29 -7.09 13.93 -1.89
N ASN B 30 -6.52 13.14 -1.01
CA ASN B 30 -5.15 12.66 -1.11
C ASN B 30 -5.03 11.61 -2.18
N CYS B 31 -6.06 10.76 -2.28
CA CYS B 31 -6.11 9.75 -3.31
C CYS B 31 -6.00 10.44 -4.67
N ARG B 32 -6.79 11.50 -4.85
CA ARG B 32 -6.79 12.29 -6.07
C ARG B 32 -5.42 12.89 -6.34
N SER B 33 -4.82 13.50 -5.34
CA SER B 33 -3.51 14.10 -5.48
C SER B 33 -2.47 13.05 -5.92
N LEU B 34 -2.49 11.90 -5.28
CA LEU B 34 -1.57 10.84 -5.61
C LEU B 34 -1.80 10.26 -6.98
N MET B 35 -3.03 10.13 -7.40
CA MET B 35 -3.31 9.58 -8.74
C MET B 35 -3.13 10.62 -9.84
N HIS B 36 -2.95 11.86 -9.43
CA HIS B 36 -2.71 12.94 -10.35
C HIS B 36 -1.22 13.17 -10.55
N HIS B 37 -0.46 13.06 -9.48
CA HIS B 37 0.99 13.29 -9.56
C HIS B 37 1.76 11.98 -9.72
N VAL B 38 1.23 10.95 -9.15
CA VAL B 38 1.86 9.65 -9.10
C VAL B 38 1.11 8.63 -9.98
N LYS B 39 1.87 7.72 -10.57
CA LYS B 39 1.33 6.69 -11.41
C LYS B 39 0.68 5.57 -10.57
N ASN B 40 1.44 5.04 -9.62
CA ASN B 40 1.02 3.87 -8.85
C ASN B 40 1.63 3.89 -7.45
N ILE B 41 1.23 2.93 -6.64
CA ILE B 41 1.71 2.78 -5.28
C ILE B 41 3.24 2.54 -5.23
N ALA B 42 3.80 1.96 -6.29
CA ALA B 42 5.24 1.70 -6.37
C ALA B 42 6.03 3.00 -6.38
N GLU B 43 5.55 3.99 -7.11
CA GLU B 43 6.18 5.33 -7.17
C GLU B 43 6.11 5.94 -5.79
N LEU B 44 4.92 5.89 -5.24
CA LEU B 44 4.60 6.35 -3.91
C LEU B 44 5.54 5.76 -2.86
N ALA B 45 5.65 4.48 -2.86
CA ALA B 45 6.47 3.80 -1.88
C ALA B 45 7.97 4.04 -2.09
N ALA B 46 8.34 4.44 -3.30
CA ALA B 46 9.73 4.71 -3.62
C ALA B 46 10.06 6.17 -3.38
N LEU B 47 9.05 6.98 -3.13
CA LEU B 47 9.27 8.37 -2.88
C LEU B 47 9.34 8.65 -1.38
N SER B 48 9.97 9.73 -1.04
CA SER B 48 10.25 10.06 0.32
C SER B 48 9.06 10.75 0.98
N GLN B 49 9.12 10.92 2.31
CA GLN B 49 8.04 11.58 3.02
C GLN B 49 7.88 12.99 2.53
N ASP B 50 8.97 13.68 2.37
CA ASP B 50 8.95 15.06 1.88
C ASP B 50 8.28 15.16 0.52
N GLU B 51 8.42 14.13 -0.28
CA GLU B 51 7.80 14.09 -1.59
C GLU B 51 6.29 13.90 -1.48
N LEU B 52 5.86 12.86 -0.74
CA LEU B 52 4.42 12.60 -0.55
C LEU B 52 3.72 13.71 0.20
N THR B 53 4.43 14.34 1.10
CA THR B 53 3.92 15.44 1.87
C THR B 53 3.60 16.63 0.94
N SER B 54 4.47 16.91 -0.02
CA SER B 54 4.26 17.96 -0.99
C SER B 54 3.05 17.65 -1.90
N ILE B 55 2.85 16.37 -2.18
CA ILE B 55 1.73 15.93 -3.01
C ILE B 55 0.40 16.01 -2.24
N LEU B 56 0.37 15.43 -1.07
CA LEU B 56 -0.84 15.36 -0.26
C LEU B 56 -1.21 16.70 0.31
N GLY B 57 -0.22 17.45 0.73
CA GLY B 57 -0.45 18.74 1.33
C GLY B 57 -0.44 18.63 2.84
N ASN B 58 -1.11 17.62 3.34
CA ASN B 58 -1.20 17.38 4.74
C ASN B 58 -0.06 16.55 5.25
N ALA B 59 0.63 17.09 6.21
CA ALA B 59 1.76 16.46 6.83
C ALA B 59 1.32 15.28 7.68
N ALA B 60 0.19 15.44 8.38
CA ALA B 60 -0.36 14.37 9.21
C ALA B 60 -0.71 13.18 8.38
N ASN B 61 -1.45 13.42 7.30
CA ASN B 61 -1.85 12.38 6.35
C ASN B 61 -0.64 11.69 5.79
N ALA B 62 0.34 12.51 5.45
CA ALA B 62 1.58 12.07 4.86
C ALA B 62 2.34 11.17 5.81
N LYS B 63 2.29 11.49 7.07
CA LYS B 63 2.97 10.75 8.07
C LYS B 63 2.42 9.32 8.19
N GLN B 64 1.11 9.22 8.18
CA GLN B 64 0.43 7.94 8.38
C GLN B 64 0.77 7.02 7.24
N LEU B 65 0.74 7.59 6.06
CA LEU B 65 1.04 6.92 4.83
C LEU B 65 2.52 6.44 4.87
N TYR B 66 3.43 7.40 5.06
CA TYR B 66 4.88 7.16 5.07
C TYR B 66 5.30 6.09 6.06
N ASP B 67 4.91 6.27 7.33
CA ASP B 67 5.28 5.34 8.39
C ASP B 67 4.82 3.96 8.08
N PHE B 68 3.59 3.85 7.62
CA PHE B 68 2.96 2.58 7.29
C PHE B 68 3.73 1.79 6.27
N ILE B 69 4.11 2.45 5.20
CA ILE B 69 4.82 1.81 4.12
C ILE B 69 6.09 1.21 4.66
N HIS B 70 6.71 1.97 5.53
CA HIS B 70 8.04 1.63 6.01
C HIS B 70 8.03 0.87 7.33
N THR B 71 6.87 0.45 7.76
CA THR B 71 6.79 -0.19 9.02
C THR B 71 6.20 -1.59 8.89
N SER B 72 6.53 -2.41 9.82
CA SER B 72 6.05 -3.74 9.89
C SER B 72 5.00 -3.79 10.99
N PHE B 73 3.99 -4.61 10.83
CA PHE B 73 3.04 -4.78 11.93
C PHE B 73 3.72 -5.64 12.99
N ALA B 74 4.63 -6.48 12.51
CA ALA B 74 5.35 -7.46 13.30
C ALA B 74 6.41 -6.82 14.17
N GLU B 75 6.72 -5.58 13.91
CA GLU B 75 7.70 -4.90 14.74
C GLU B 75 6.98 -4.27 15.94
N VAL B 76 5.69 -4.00 15.74
CA VAL B 76 4.88 -3.36 16.75
C VAL B 76 4.32 -4.38 17.73
N VAL B 77 3.95 -5.56 17.21
CA VAL B 77 3.37 -6.63 18.02
C VAL B 77 4.23 -6.94 19.24
N SER B 78 3.58 -6.97 20.37
CA SER B 78 4.22 -7.19 21.61
C SER B 78 4.75 -8.63 21.75
N LYS B 79 6.06 -8.74 21.74
CA LYS B 79 6.73 -10.02 21.88
C LYS B 79 7.09 -10.21 23.35
N GLY B 80 7.16 -11.43 23.77
CA GLY B 80 7.49 -11.71 25.14
C GLY B 80 6.42 -12.54 25.76
N LYS B 81 6.80 -13.60 26.39
CA LYS B 81 5.86 -14.54 26.90
C LYS B 81 6.11 -14.89 28.36
N GLY B 82 7.20 -15.57 28.62
CA GLY B 82 7.47 -16.10 29.93
C GLY B 82 8.11 -15.11 30.86
N LYS B 83 8.88 -15.60 31.78
CA LYS B 83 9.55 -14.76 32.74
C LYS B 83 11.03 -14.74 32.45
N LYS B 84 11.70 -13.81 33.03
CA LYS B 84 13.12 -13.67 32.91
C LYS B 84 13.69 -13.58 34.32
N ARG A 1 -8.99 7.27 40.49
CA ARG A 1 -9.25 6.46 39.32
C ARG A 1 -8.14 5.43 39.15
N ILE A 2 -8.41 4.19 39.51
CA ILE A 2 -7.46 3.11 39.36
C ILE A 2 -8.08 1.99 38.55
N ARG A 3 -9.10 1.33 39.14
CA ARG A 3 -9.79 0.17 38.57
C ARG A 3 -8.80 -1.01 38.38
N ARG A 4 -8.16 -1.06 37.24
CA ARG A 4 -7.14 -2.09 36.97
C ARG A 4 -5.85 -1.44 36.54
N ARG A 5 -5.86 -0.11 36.57
CA ARG A 5 -4.76 0.75 36.15
C ARG A 5 -4.55 0.63 34.65
N TYR A 6 -3.80 -0.38 34.24
CA TYR A 6 -3.46 -0.66 32.84
C TYR A 6 -2.64 0.50 32.20
N ASN A 7 -1.45 0.18 31.76
CA ASN A 7 -0.59 1.19 31.15
C ASN A 7 -1.03 1.46 29.72
N MET A 8 -0.57 2.55 29.17
CA MET A 8 -0.92 2.90 27.81
C MET A 8 0.05 2.23 26.84
N ALA A 9 1.16 1.73 27.38
CA ALA A 9 2.22 1.10 26.59
C ALA A 9 1.73 -0.15 25.86
N ASP A 10 0.96 -0.98 26.56
CA ASP A 10 0.39 -2.18 25.96
C ASP A 10 -0.60 -1.79 24.89
N LEU A 11 -1.40 -0.78 25.19
CA LEU A 11 -2.43 -0.28 24.30
C LEU A 11 -1.80 0.23 23.01
N LEU A 12 -0.67 0.94 23.14
CA LEU A 12 0.05 1.44 22.00
C LEU A 12 0.46 0.30 21.08
N MET A 13 1.14 -0.69 21.64
CA MET A 13 1.60 -1.84 20.86
C MET A 13 0.43 -2.58 20.23
N GLU A 14 -0.57 -2.86 21.06
CA GLU A 14 -1.76 -3.59 20.65
C GLU A 14 -2.46 -2.88 19.48
N LYS A 15 -2.70 -1.60 19.62
CA LYS A 15 -3.42 -0.86 18.60
C LYS A 15 -2.56 -0.50 17.40
N LEU A 16 -1.25 -0.42 17.58
CA LEU A 16 -0.37 -0.16 16.45
C LEU A 16 -0.37 -1.37 15.53
N GLU A 17 -0.20 -2.56 16.09
CA GLU A 17 -0.18 -3.76 15.27
C GLU A 17 -1.57 -4.02 14.67
N GLN A 18 -2.61 -3.69 15.45
CA GLN A 18 -4.01 -3.79 15.02
C GLN A 18 -4.24 -3.06 13.70
N ASP A 19 -3.92 -1.78 13.68
CA ASP A 19 -4.14 -0.96 12.51
C ASP A 19 -3.19 -1.34 11.40
N LEU A 20 -1.95 -1.62 11.76
CA LEU A 20 -0.94 -2.03 10.79
C LEU A 20 -1.35 -3.27 10.03
N VAL A 21 -1.67 -4.34 10.76
CA VAL A 21 -2.03 -5.59 10.11
C VAL A 21 -3.28 -5.42 9.27
N SER A 22 -4.28 -4.72 9.80
CA SER A 22 -5.54 -4.53 9.12
C SER A 22 -5.30 -3.80 7.79
N ARG A 23 -4.57 -2.69 7.84
CA ARG A 23 -4.30 -1.89 6.68
C ARG A 23 -3.49 -2.65 5.65
N VAL A 24 -2.43 -3.33 6.10
CA VAL A 24 -1.58 -4.09 5.19
C VAL A 24 -2.38 -5.21 4.52
N THR A 25 -3.19 -5.94 5.30
CA THR A 25 -3.97 -7.06 4.77
C THR A 25 -4.87 -6.56 3.63
N GLU A 26 -5.63 -5.50 3.90
CA GLU A 26 -6.52 -4.89 2.92
C GLU A 26 -5.79 -4.52 1.65
N CYS A 27 -4.64 -3.88 1.80
CA CYS A 27 -3.85 -3.44 0.67
C CYS A 27 -3.50 -4.60 -0.24
N LEU A 28 -3.06 -5.72 0.32
CA LEU A 28 -2.66 -6.86 -0.51
C LEU A 28 -3.93 -7.54 -1.06
N THR A 29 -4.98 -7.46 -0.28
CA THR A 29 -6.30 -8.03 -0.56
C THR A 29 -7.04 -7.29 -1.71
N THR A 30 -6.55 -6.14 -2.10
CA THR A 30 -7.21 -5.37 -3.15
C THR A 30 -7.17 -6.09 -4.51
N VAL A 31 -6.24 -6.99 -4.65
CA VAL A 31 -6.14 -7.79 -5.81
C VAL A 31 -7.25 -8.83 -5.72
N LYS A 32 -8.09 -8.89 -6.72
CA LYS A 32 -9.24 -9.77 -6.74
C LYS A 32 -8.87 -11.24 -6.52
N SER A 33 -7.75 -11.63 -7.05
CA SER A 33 -7.28 -12.98 -6.94
C SER A 33 -6.71 -13.26 -5.53
N VAL A 34 -6.35 -12.22 -4.80
CA VAL A 34 -5.73 -12.37 -3.50
C VAL A 34 -6.78 -12.43 -2.39
N ASN A 35 -6.83 -13.55 -1.71
CA ASN A 35 -7.76 -13.78 -0.62
C ASN A 35 -7.18 -13.27 0.69
N LYS A 36 -7.98 -13.29 1.71
CA LYS A 36 -7.59 -12.91 3.03
C LYS A 36 -6.46 -13.82 3.57
N THR A 37 -6.39 -15.06 3.06
CA THR A 37 -5.38 -16.00 3.54
C THR A 37 -4.09 -15.75 2.77
N ASP A 38 -4.25 -15.19 1.60
CA ASP A 38 -3.14 -14.87 0.76
C ASP A 38 -2.38 -13.74 1.38
N SER A 39 -3.09 -12.65 1.66
CA SER A 39 -2.53 -11.48 2.30
C SER A 39 -1.88 -11.86 3.63
N GLN A 40 -2.55 -12.72 4.40
CA GLN A 40 -2.06 -13.18 5.68
C GLN A 40 -0.67 -13.81 5.53
N THR A 41 -0.48 -14.56 4.47
CA THR A 41 0.77 -15.21 4.26
C THR A 41 1.88 -14.20 3.87
N LEU A 42 1.52 -13.18 3.07
CA LEU A 42 2.47 -12.11 2.74
C LEU A 42 2.86 -11.33 4.01
N LEU A 43 1.95 -11.30 4.94
CA LEU A 43 2.14 -10.64 6.20
C LEU A 43 3.10 -11.38 7.09
N THR A 44 3.05 -12.67 7.07
CA THR A 44 3.94 -13.41 7.91
C THR A 44 5.34 -13.54 7.26
N THR A 45 5.43 -13.31 5.95
CA THR A 45 6.72 -13.35 5.30
C THR A 45 7.44 -11.99 5.31
N PHE A 46 6.73 -10.89 4.98
CA PHE A 46 7.40 -9.58 4.96
C PHE A 46 6.86 -8.64 6.03
N GLY A 47 5.61 -8.85 6.43
CA GLY A 47 4.92 -8.06 7.47
C GLY A 47 4.82 -6.56 7.22
N SER A 48 5.16 -6.12 6.03
CA SER A 48 5.23 -4.72 5.72
C SER A 48 4.84 -4.51 4.27
N LEU A 49 4.48 -3.28 3.93
CA LEU A 49 4.13 -2.97 2.57
C LEU A 49 5.39 -2.64 1.77
N GLU A 50 6.36 -1.93 2.40
CA GLU A 50 7.59 -1.55 1.70
C GLU A 50 8.33 -2.77 1.20
N GLN A 51 8.33 -3.81 2.01
CA GLN A 51 9.01 -5.04 1.69
C GLN A 51 8.27 -5.82 0.62
N LEU A 52 6.96 -5.59 0.51
CA LEU A 52 6.13 -6.25 -0.49
C LEU A 52 6.46 -5.68 -1.86
N ILE A 53 6.44 -4.36 -1.93
CA ILE A 53 6.70 -3.65 -3.16
C ILE A 53 8.19 -3.73 -3.55
N ALA A 54 9.06 -3.86 -2.55
CA ALA A 54 10.49 -4.01 -2.78
C ALA A 54 10.81 -5.44 -3.19
N ALA A 55 9.84 -6.30 -3.07
CA ALA A 55 10.00 -7.67 -3.42
C ALA A 55 9.59 -7.86 -4.85
N SER A 56 10.08 -8.88 -5.45
CA SER A 56 9.76 -9.19 -6.80
C SER A 56 8.69 -10.30 -6.79
N ARG A 57 8.13 -10.60 -7.96
CA ARG A 57 7.16 -11.71 -8.13
C ARG A 57 7.76 -12.98 -7.55
N GLU A 58 9.01 -13.20 -7.86
CA GLU A 58 9.76 -14.34 -7.39
C GLU A 58 9.85 -14.41 -5.84
N ASP A 59 9.86 -13.25 -5.19
CA ASP A 59 9.89 -13.18 -3.70
C ASP A 59 8.50 -13.46 -3.17
N LEU A 60 7.54 -12.91 -3.84
CA LEU A 60 6.14 -13.11 -3.51
C LEU A 60 5.73 -14.59 -3.73
N ALA A 61 6.40 -15.26 -4.64
CA ALA A 61 6.19 -16.68 -4.88
C ALA A 61 7.09 -17.53 -3.96
N LEU A 62 8.12 -16.89 -3.44
CA LEU A 62 9.05 -17.47 -2.47
C LEU A 62 8.33 -17.64 -1.15
N CYS A 63 7.40 -16.74 -0.92
CA CYS A 63 6.49 -16.76 0.22
C CYS A 63 5.91 -18.19 0.37
N PRO A 64 5.88 -18.75 1.61
CA PRO A 64 5.55 -20.15 1.83
C PRO A 64 4.16 -20.53 1.30
N GLY A 65 4.18 -21.43 0.29
CA GLY A 65 2.99 -21.96 -0.37
C GLY A 65 1.93 -20.92 -0.65
N LEU A 66 2.31 -19.77 -1.18
CA LEU A 66 1.33 -18.74 -1.32
C LEU A 66 0.73 -18.67 -2.72
N GLY A 67 1.53 -18.56 -3.74
CA GLY A 67 0.96 -18.50 -5.06
C GLY A 67 1.90 -17.91 -6.07
N PRO A 68 2.29 -18.63 -7.12
CA PRO A 68 3.12 -18.04 -8.16
C PRO A 68 2.33 -16.98 -8.97
N GLN A 69 1.07 -17.29 -9.25
CA GLN A 69 0.21 -16.38 -9.98
C GLN A 69 -0.25 -15.25 -9.12
N LYS A 70 -0.28 -15.47 -7.83
CA LYS A 70 -0.67 -14.43 -6.91
C LYS A 70 0.38 -13.34 -6.95
N ALA A 71 1.63 -13.77 -7.02
CA ALA A 71 2.77 -12.91 -7.12
C ALA A 71 2.69 -12.08 -8.40
N ARG A 72 2.23 -12.72 -9.47
CA ARG A 72 2.05 -12.04 -10.74
C ARG A 72 1.03 -10.92 -10.61
N ARG A 73 -0.18 -11.26 -10.13
CA ARG A 73 -1.25 -10.30 -9.91
C ARG A 73 -0.81 -9.15 -8.99
N LEU A 74 -0.13 -9.49 -7.90
CA LEU A 74 0.40 -8.50 -6.98
C LEU A 74 1.38 -7.56 -7.65
N PHE A 75 2.35 -8.10 -8.38
CA PHE A 75 3.35 -7.28 -9.05
C PHE A 75 2.67 -6.34 -10.05
N ASP A 76 1.65 -6.89 -10.71
CA ASP A 76 0.88 -6.17 -11.70
C ASP A 76 0.26 -4.93 -11.11
N VAL A 77 -0.47 -5.10 -10.00
CA VAL A 77 -1.13 -3.97 -9.38
C VAL A 77 -0.13 -2.99 -8.78
N LEU A 78 1.03 -3.48 -8.41
CA LEU A 78 2.06 -2.64 -7.85
C LEU A 78 2.66 -1.70 -8.92
N HIS A 79 2.65 -2.14 -10.19
CA HIS A 79 3.27 -1.35 -11.24
C HIS A 79 2.26 -0.74 -12.21
N GLU A 80 1.02 -1.11 -12.07
CA GLU A 80 -0.06 -0.58 -12.86
C GLU A 80 -0.57 0.73 -12.30
N PRO A 81 -0.91 1.67 -13.17
CA PRO A 81 -1.38 2.96 -12.74
C PRO A 81 -2.80 2.86 -12.22
N PHE A 82 -3.15 3.76 -11.31
CA PHE A 82 -4.48 3.76 -10.73
C PHE A 82 -5.50 4.09 -11.82
N LEU A 83 -5.08 4.96 -12.72
CA LEU A 83 -5.92 5.51 -13.77
C LEU A 83 -6.09 4.56 -14.96
N LYS A 84 -5.55 3.32 -14.87
CA LYS A 84 -5.69 2.27 -15.93
C LYS A 84 -4.80 2.59 -17.17
N VAL A 85 -4.69 3.85 -17.46
CA VAL A 85 -3.94 4.38 -18.57
C VAL A 85 -2.50 4.64 -18.13
N PRO A 86 -1.50 4.24 -18.93
CA PRO A 86 -0.10 4.42 -18.58
C PRO A 86 0.30 5.88 -18.53
N GLY A 87 0.26 6.42 -17.34
CA GLY A 87 0.71 7.78 -17.12
C GLY A 87 2.21 7.85 -17.13
N GLY A 88 2.77 7.57 -18.28
CA GLY A 88 4.18 7.63 -18.47
C GLY A 88 4.56 7.25 -19.87
N LEU A 89 3.72 7.62 -20.81
CA LEU A 89 3.98 7.38 -22.22
C LEU A 89 5.15 8.26 -22.64
N GLU A 90 4.94 9.52 -22.49
CA GLU A 90 5.97 10.51 -22.59
C GLU A 90 5.90 11.27 -21.29
N HIS A 91 6.96 11.92 -20.92
CA HIS A 91 6.98 12.62 -19.64
C HIS A 91 6.20 13.90 -19.71
N HIS A 92 6.51 14.71 -20.66
CA HIS A 92 5.83 15.96 -20.83
C HIS A 92 4.88 15.90 -22.02
N HIS A 93 3.75 16.58 -21.87
CA HIS A 93 2.66 16.63 -22.87
C HIS A 93 1.87 15.33 -22.96
N HIS A 94 2.45 14.32 -23.57
CA HIS A 94 1.73 13.07 -23.81
C HIS A 94 1.92 12.08 -22.65
N HIS A 95 1.39 12.44 -21.52
CA HIS A 95 1.40 11.57 -20.34
C HIS A 95 -0.02 11.06 -20.07
N HIS A 96 -0.83 11.28 -21.07
CA HIS A 96 -2.20 10.88 -21.14
C HIS A 96 -2.43 10.82 -22.63
N MET B 1 -3.43 10.15 -23.12
CA MET B 1 -3.55 9.95 -24.56
C MET B 1 -4.36 11.06 -25.24
N ASP B 2 -4.79 12.03 -24.44
CA ASP B 2 -5.61 13.15 -24.90
C ASP B 2 -5.92 14.06 -23.70
N SER B 3 -6.81 15.00 -23.88
CA SER B 3 -7.25 15.85 -22.79
C SER B 3 -8.74 16.11 -22.95
N GLU B 4 -9.45 15.10 -23.47
CA GLU B 4 -10.87 15.20 -23.77
C GLU B 4 -11.74 15.34 -22.53
N THR B 5 -13.02 15.55 -22.74
CA THR B 5 -13.97 15.80 -21.67
C THR B 5 -14.58 14.47 -21.18
N LEU B 6 -13.82 13.41 -21.36
CA LEU B 6 -14.24 12.10 -20.97
C LEU B 6 -13.82 11.88 -19.52
N PRO B 7 -14.68 11.28 -18.70
CA PRO B 7 -14.42 11.06 -17.28
C PRO B 7 -13.37 9.95 -17.05
N GLU B 8 -12.57 10.08 -16.00
CA GLU B 8 -11.60 9.05 -15.69
C GLU B 8 -12.29 7.87 -15.04
N SER B 9 -13.45 8.11 -14.48
CA SER B 9 -14.20 7.11 -13.71
C SER B 9 -14.39 5.75 -14.44
N GLU B 10 -14.38 5.76 -15.75
CA GLU B 10 -14.54 4.57 -16.56
C GLU B 10 -13.18 3.90 -16.87
N LYS B 11 -12.11 4.52 -16.44
CA LYS B 11 -10.78 4.04 -16.67
C LYS B 11 -9.97 4.09 -15.37
N TYR B 12 -10.16 3.09 -14.57
CA TYR B 12 -9.42 2.92 -13.35
C TYR B 12 -9.13 1.47 -13.16
N ASN B 13 -8.00 1.18 -12.60
CA ASN B 13 -7.67 -0.18 -12.30
C ASN B 13 -8.06 -0.47 -10.87
N PRO B 14 -9.02 -1.40 -10.66
CA PRO B 14 -9.58 -1.69 -9.34
C PRO B 14 -8.52 -2.14 -8.34
N GLY B 15 -7.63 -3.02 -8.77
CA GLY B 15 -6.58 -3.52 -7.89
C GLY B 15 -5.68 -2.42 -7.33
N PRO B 16 -4.85 -1.77 -8.16
CA PRO B 16 -3.88 -0.79 -7.69
C PRO B 16 -4.50 0.46 -7.06
N GLN B 17 -5.67 0.89 -7.55
CA GLN B 17 -6.25 2.09 -7.00
C GLN B 17 -6.69 1.79 -5.57
N ASP B 18 -7.26 0.60 -5.39
CA ASP B 18 -7.80 0.22 -4.11
C ASP B 18 -6.67 0.01 -3.14
N PHE B 19 -5.55 -0.50 -3.67
CA PHE B 19 -4.31 -0.72 -2.89
C PHE B 19 -3.96 0.58 -2.17
N LEU B 20 -3.99 1.68 -2.93
CA LEU B 20 -3.74 3.01 -2.38
C LEU B 20 -4.91 3.50 -1.51
N LEU B 21 -6.12 3.29 -1.96
CA LEU B 21 -7.31 3.70 -1.22
C LEU B 21 -7.41 3.08 0.17
N LYS B 22 -6.78 1.95 0.35
CA LYS B 22 -6.78 1.24 1.61
C LYS B 22 -5.67 1.74 2.54
N MET B 23 -4.76 2.53 2.00
CA MET B 23 -3.60 3.00 2.75
C MET B 23 -4.06 4.05 3.78
N PRO B 24 -3.56 3.97 5.02
CA PRO B 24 -4.00 4.87 6.11
C PRO B 24 -3.53 6.30 5.90
N GLY B 25 -4.38 7.23 6.27
CA GLY B 25 -4.08 8.64 6.10
C GLY B 25 -4.49 9.14 4.75
N VAL B 26 -4.59 8.23 3.81
CA VAL B 26 -4.94 8.57 2.47
C VAL B 26 -6.44 8.65 2.33
N ASN B 27 -6.95 9.82 2.49
CA ASN B 27 -8.34 10.11 2.27
C ASN B 27 -8.55 10.43 0.80
N ALA B 28 -9.81 10.46 0.35
CA ALA B 28 -10.15 10.63 -1.11
C ALA B 28 -9.37 11.78 -1.78
N LYS B 29 -9.28 12.90 -1.09
CA LYS B 29 -8.57 14.10 -1.57
C LYS B 29 -7.10 13.76 -1.88
N ASN B 30 -6.53 12.93 -1.04
CA ASN B 30 -5.14 12.53 -1.12
C ASN B 30 -4.96 11.47 -2.17
N CYS B 31 -5.99 10.63 -2.34
CA CYS B 31 -5.99 9.64 -3.40
C CYS B 31 -5.90 10.38 -4.74
N ARG B 32 -6.65 11.47 -4.83
CA ARG B 32 -6.66 12.31 -6.02
C ARG B 32 -5.27 12.93 -6.23
N SER B 33 -4.69 13.49 -5.17
CA SER B 33 -3.36 14.08 -5.23
C SER B 33 -2.35 13.05 -5.74
N LEU B 34 -2.42 11.88 -5.18
CA LEU B 34 -1.55 10.81 -5.53
C LEU B 34 -1.74 10.32 -6.93
N MET B 35 -2.96 10.20 -7.40
CA MET B 35 -3.19 9.72 -8.77
C MET B 35 -2.82 10.81 -9.80
N HIS B 36 -2.71 12.03 -9.32
CA HIS B 36 -2.34 13.15 -10.14
C HIS B 36 -0.83 13.27 -10.28
N HIS B 37 -0.11 13.01 -9.21
CA HIS B 37 1.35 13.14 -9.23
C HIS B 37 2.04 11.80 -9.38
N VAL B 38 1.42 10.78 -8.89
CA VAL B 38 1.97 9.45 -8.85
C VAL B 38 1.22 8.49 -9.78
N LYS B 39 1.97 7.61 -10.40
CA LYS B 39 1.41 6.65 -11.33
C LYS B 39 0.79 5.47 -10.55
N ASN B 40 1.58 4.88 -9.67
CA ASN B 40 1.21 3.69 -8.95
C ASN B 40 1.80 3.72 -7.54
N ILE B 41 1.38 2.78 -6.73
CA ILE B 41 1.87 2.64 -5.36
C ILE B 41 3.40 2.45 -5.31
N ALA B 42 3.99 1.90 -6.36
CA ALA B 42 5.44 1.73 -6.44
C ALA B 42 6.18 3.07 -6.42
N GLU B 43 5.74 4.02 -7.28
CA GLU B 43 6.34 5.38 -7.33
C GLU B 43 6.19 6.02 -5.97
N LEU B 44 5.01 5.83 -5.41
CA LEU B 44 4.63 6.30 -4.09
C LEU B 44 5.59 5.78 -3.02
N ALA B 45 5.75 4.50 -2.98
CA ALA B 45 6.57 3.89 -1.96
C ALA B 45 8.06 4.16 -2.19
N ALA B 46 8.42 4.58 -3.39
CA ALA B 46 9.80 4.89 -3.71
C ALA B 46 10.09 6.36 -3.45
N LEU B 47 9.06 7.15 -3.22
CA LEU B 47 9.26 8.56 -3.02
C LEU B 47 9.46 8.94 -1.55
N SER B 48 10.04 10.09 -1.32
CA SER B 48 10.44 10.52 0.00
C SER B 48 9.31 11.27 0.75
N GLN B 49 9.50 11.48 2.07
CA GLN B 49 8.45 12.06 2.90
C GLN B 49 8.08 13.48 2.56
N ASP B 50 9.03 14.36 2.32
CA ASP B 50 8.67 15.77 2.10
C ASP B 50 7.99 15.89 0.77
N GLU B 51 8.38 15.01 -0.10
CA GLU B 51 7.86 14.88 -1.38
C GLU B 51 6.39 14.41 -1.33
N LEU B 52 6.09 13.33 -0.59
CA LEU B 52 4.70 12.89 -0.42
C LEU B 52 3.88 13.90 0.36
N THR B 53 4.51 14.58 1.29
CA THR B 53 3.88 15.60 2.07
C THR B 53 3.46 16.78 1.17
N SER B 54 4.29 17.08 0.18
CA SER B 54 3.99 18.12 -0.77
C SER B 54 2.83 17.68 -1.72
N ILE B 55 2.78 16.39 -2.05
CA ILE B 55 1.72 15.85 -2.88
C ILE B 55 0.39 15.86 -2.13
N LEU B 56 0.38 15.25 -0.96
CA LEU B 56 -0.82 15.11 -0.13
C LEU B 56 -1.29 16.46 0.41
N GLY B 57 -0.38 17.24 0.92
CA GLY B 57 -0.72 18.54 1.43
C GLY B 57 -0.82 18.56 2.95
N ASN B 58 -1.24 17.45 3.53
CA ASN B 58 -1.40 17.39 4.97
C ASN B 58 -0.27 16.58 5.56
N ALA B 59 0.49 17.18 6.46
CA ALA B 59 1.66 16.54 7.05
C ALA B 59 1.28 15.29 7.85
N ALA B 60 0.19 15.36 8.61
CA ALA B 60 -0.30 14.22 9.38
C ALA B 60 -0.61 13.04 8.48
N ASN B 61 -1.40 13.31 7.43
CA ASN B 61 -1.77 12.31 6.40
C ASN B 61 -0.54 11.67 5.84
N ALA B 62 0.40 12.53 5.49
CA ALA B 62 1.66 12.14 4.91
C ALA B 62 2.45 11.26 5.85
N LYS B 63 2.45 11.61 7.12
CA LYS B 63 3.13 10.82 8.12
C LYS B 63 2.50 9.44 8.25
N GLN B 64 1.17 9.38 8.26
CA GLN B 64 0.46 8.12 8.43
C GLN B 64 0.85 7.17 7.32
N LEU B 65 0.82 7.71 6.12
CA LEU B 65 1.13 7.04 4.92
C LEU B 65 2.60 6.59 4.92
N TYR B 66 3.51 7.56 5.09
CA TYR B 66 4.95 7.32 5.06
C TYR B 66 5.39 6.27 6.06
N ASP B 67 4.99 6.45 7.32
CA ASP B 67 5.35 5.52 8.39
C ASP B 67 4.82 4.15 8.10
N PHE B 68 3.56 4.08 7.65
CA PHE B 68 2.90 2.82 7.34
C PHE B 68 3.66 2.01 6.31
N ILE B 69 4.07 2.66 5.25
CA ILE B 69 4.82 2.02 4.18
C ILE B 69 6.11 1.46 4.76
N HIS B 70 6.68 2.21 5.68
CA HIS B 70 7.98 1.90 6.25
C HIS B 70 7.86 1.20 7.60
N THR B 71 6.76 0.57 7.87
CA THR B 71 6.61 -0.11 9.11
C THR B 71 6.02 -1.51 8.89
N SER B 72 6.23 -2.35 9.86
CA SER B 72 5.75 -3.68 9.84
C SER B 72 4.87 -3.91 11.07
N PHE B 73 3.86 -4.71 10.97
CA PHE B 73 3.04 -5.02 12.14
C PHE B 73 3.87 -5.93 13.09
N ALA B 74 4.74 -6.72 12.46
CA ALA B 74 5.59 -7.68 13.15
C ALA B 74 6.69 -7.01 13.94
N GLU B 75 6.99 -5.76 13.63
CA GLU B 75 8.03 -5.05 14.36
C GLU B 75 7.45 -4.53 15.67
N VAL B 76 6.14 -4.32 15.67
CA VAL B 76 5.45 -3.77 16.83
C VAL B 76 5.27 -4.86 17.86
N VAL B 77 4.84 -6.02 17.39
CA VAL B 77 4.72 -7.19 18.25
C VAL B 77 6.11 -7.72 18.59
N SER B 78 7.07 -7.33 17.76
CA SER B 78 8.46 -7.66 17.89
C SER B 78 8.68 -9.16 18.01
N LYS B 79 8.45 -9.86 16.92
CA LYS B 79 8.65 -11.28 16.93
C LYS B 79 9.89 -11.61 16.13
N GLY B 80 11.00 -11.68 16.81
CA GLY B 80 12.22 -12.04 16.15
C GLY B 80 12.47 -13.50 16.31
N LYS B 81 12.73 -13.90 17.52
CA LYS B 81 12.96 -15.26 17.85
C LYS B 81 11.69 -15.83 18.48
N GLY B 82 11.48 -17.12 18.30
CA GLY B 82 10.35 -17.75 18.92
C GLY B 82 10.20 -19.16 18.44
N LYS B 83 9.40 -19.94 19.13
CA LYS B 83 9.26 -21.35 18.79
C LYS B 83 7.80 -21.64 18.42
N LYS B 84 7.06 -20.61 18.18
CA LYS B 84 5.69 -20.72 17.81
C LYS B 84 5.28 -19.42 17.14
N ARG A 1 0.30 -13.41 31.06
CA ARG A 1 -0.56 -12.24 31.27
C ARG A 1 -1.63 -12.57 32.28
N ILE A 2 -1.72 -11.77 33.31
CA ILE A 2 -2.76 -11.94 34.31
C ILE A 2 -3.97 -11.14 33.86
N ARG A 3 -3.66 -9.91 33.44
CA ARG A 3 -4.62 -8.94 32.94
C ARG A 3 -5.60 -8.48 34.03
N ARG A 4 -5.26 -7.38 34.66
CA ARG A 4 -6.12 -6.77 35.63
C ARG A 4 -5.88 -5.28 35.60
N ARG A 5 -4.63 -4.88 35.65
CA ARG A 5 -4.28 -3.48 35.52
C ARG A 5 -4.40 -3.07 34.06
N TYR A 6 -4.54 -1.81 33.81
CA TYR A 6 -4.70 -1.36 32.47
C TYR A 6 -3.42 -0.71 32.00
N ASN A 7 -2.65 -1.45 31.26
CA ASN A 7 -1.44 -0.91 30.73
C ASN A 7 -1.75 -0.25 29.42
N MET A 8 -1.87 1.06 29.46
CA MET A 8 -2.20 1.84 28.27
C MET A 8 -1.15 1.67 27.17
N ALA A 9 0.07 1.36 27.58
CA ALA A 9 1.15 1.09 26.65
C ALA A 9 0.81 -0.17 25.83
N ASP A 10 0.15 -1.11 26.48
CA ASP A 10 -0.27 -2.34 25.83
C ASP A 10 -1.42 -2.07 24.89
N LEU A 11 -2.34 -1.20 25.31
CA LEU A 11 -3.46 -0.81 24.47
C LEU A 11 -2.99 -0.06 23.24
N LEU A 12 -1.93 0.74 23.40
CA LEU A 12 -1.33 1.44 22.28
C LEU A 12 -0.74 0.45 21.30
N MET A 13 0.03 -0.51 21.83
CA MET A 13 0.62 -1.55 20.98
C MET A 13 -0.48 -2.32 20.25
N GLU A 14 -1.53 -2.64 21.00
CA GLU A 14 -2.70 -3.34 20.51
C GLU A 14 -3.30 -2.60 19.32
N LYS A 15 -3.52 -1.32 19.50
CA LYS A 15 -4.13 -0.48 18.47
C LYS A 15 -3.21 -0.22 17.30
N LEU A 16 -1.93 -0.10 17.57
CA LEU A 16 -0.94 0.09 16.51
C LEU A 16 -0.88 -1.11 15.62
N GLU A 17 -0.67 -2.30 16.20
CA GLU A 17 -0.58 -3.51 15.40
C GLU A 17 -1.89 -3.75 14.67
N GLN A 18 -3.00 -3.47 15.35
CA GLN A 18 -4.34 -3.67 14.83
C GLN A 18 -4.52 -2.95 13.51
N ASP A 19 -4.25 -1.66 13.52
CA ASP A 19 -4.47 -0.85 12.35
C ASP A 19 -3.45 -1.20 11.28
N LEU A 20 -2.18 -1.34 11.70
CA LEU A 20 -1.08 -1.71 10.81
C LEU A 20 -1.39 -2.96 10.01
N VAL A 21 -1.71 -4.03 10.70
CA VAL A 21 -1.95 -5.28 10.06
C VAL A 21 -3.17 -5.21 9.15
N SER A 22 -4.21 -4.54 9.61
CA SER A 22 -5.43 -4.44 8.85
C SER A 22 -5.20 -3.75 7.50
N ARG A 23 -4.43 -2.66 7.50
CA ARG A 23 -4.17 -1.94 6.26
C ARG A 23 -3.35 -2.77 5.32
N VAL A 24 -2.26 -3.37 5.86
CA VAL A 24 -1.40 -4.21 5.05
C VAL A 24 -2.22 -5.37 4.45
N THR A 25 -3.02 -6.04 5.29
CA THR A 25 -3.84 -7.16 4.82
C THR A 25 -4.79 -6.69 3.70
N GLU A 26 -5.49 -5.55 3.93
CA GLU A 26 -6.41 -5.01 2.93
C GLU A 26 -5.69 -4.71 1.63
N CYS A 27 -4.56 -4.04 1.73
CA CYS A 27 -3.78 -3.65 0.59
C CYS A 27 -3.40 -4.85 -0.28
N LEU A 28 -2.95 -5.93 0.32
CA LEU A 28 -2.52 -7.09 -0.47
C LEU A 28 -3.74 -7.80 -1.06
N THR A 29 -4.83 -7.75 -0.32
CA THR A 29 -6.04 -8.47 -0.69
C THR A 29 -6.95 -7.62 -1.61
N THR A 30 -6.45 -6.45 -2.02
CA THR A 30 -7.16 -5.62 -3.00
C THR A 30 -7.20 -6.36 -4.35
N VAL A 31 -6.22 -7.20 -4.52
CA VAL A 31 -6.12 -8.03 -5.67
C VAL A 31 -7.12 -9.16 -5.47
N LYS A 32 -7.99 -9.36 -6.43
CA LYS A 32 -9.03 -10.39 -6.31
C LYS A 32 -8.50 -11.82 -6.42
N SER A 33 -7.22 -11.93 -6.60
CA SER A 33 -6.53 -13.18 -6.59
C SER A 33 -6.08 -13.47 -5.14
N VAL A 34 -5.90 -12.41 -4.38
CA VAL A 34 -5.40 -12.51 -3.03
C VAL A 34 -6.56 -12.42 -2.03
N ASN A 35 -6.69 -13.41 -1.20
CA ASN A 35 -7.76 -13.49 -0.20
C ASN A 35 -7.15 -13.24 1.20
N LYS A 36 -7.95 -13.38 2.26
CA LYS A 36 -7.50 -13.16 3.62
C LYS A 36 -6.33 -14.06 4.04
N THR A 37 -6.46 -15.36 3.92
CA THR A 37 -5.38 -16.27 4.32
C THR A 37 -4.17 -16.09 3.37
N ASP A 38 -4.45 -15.61 2.21
CA ASP A 38 -3.47 -15.44 1.16
C ASP A 38 -2.58 -14.22 1.53
N SER A 39 -3.22 -13.08 1.77
CA SER A 39 -2.54 -11.86 2.21
C SER A 39 -1.85 -12.08 3.57
N GLN A 40 -2.50 -12.87 4.42
CA GLN A 40 -1.97 -13.27 5.70
C GLN A 40 -0.59 -13.93 5.54
N THR A 41 -0.46 -14.74 4.51
CA THR A 41 0.77 -15.43 4.24
C THR A 41 1.87 -14.42 3.85
N LEU A 42 1.50 -13.40 3.10
CA LEU A 42 2.45 -12.34 2.77
C LEU A 42 2.86 -11.55 4.03
N LEU A 43 2.00 -11.54 4.99
CA LEU A 43 2.22 -10.85 6.24
C LEU A 43 3.17 -11.60 7.13
N THR A 44 3.18 -12.90 7.05
CA THR A 44 4.10 -13.66 7.85
C THR A 44 5.48 -13.68 7.19
N THR A 45 5.53 -13.49 5.86
CA THR A 45 6.78 -13.49 5.18
C THR A 45 7.44 -12.09 5.17
N PHE A 46 6.70 -11.03 4.83
CA PHE A 46 7.34 -9.70 4.78
C PHE A 46 6.77 -8.73 5.84
N GLY A 47 5.53 -8.95 6.24
CA GLY A 47 4.82 -8.16 7.28
C GLY A 47 4.82 -6.62 7.13
N SER A 48 5.27 -6.14 6.00
CA SER A 48 5.44 -4.73 5.80
C SER A 48 5.17 -4.39 4.34
N LEU A 49 4.90 -3.13 4.05
CA LEU A 49 4.61 -2.71 2.70
C LEU A 49 5.88 -2.53 1.88
N GLU A 50 6.89 -1.84 2.43
CA GLU A 50 8.16 -1.61 1.70
C GLU A 50 8.75 -2.92 1.24
N GLN A 51 8.63 -3.92 2.09
CA GLN A 51 9.15 -5.23 1.84
C GLN A 51 8.38 -5.94 0.73
N LEU A 52 7.10 -5.60 0.58
CA LEU A 52 6.22 -6.24 -0.40
C LEU A 52 6.49 -5.65 -1.78
N ILE A 53 6.58 -4.33 -1.84
CA ILE A 53 6.77 -3.63 -3.09
C ILE A 53 8.22 -3.79 -3.58
N ALA A 54 9.15 -3.93 -2.64
CA ALA A 54 10.56 -4.17 -3.00
C ALA A 54 10.72 -5.64 -3.43
N ALA A 55 9.75 -6.45 -3.05
CA ALA A 55 9.74 -7.84 -3.38
C ALA A 55 9.35 -7.97 -4.83
N SER A 56 9.95 -8.88 -5.49
CA SER A 56 9.65 -9.09 -6.85
C SER A 56 8.70 -10.29 -6.96
N ARG A 57 8.20 -10.59 -8.17
CA ARG A 57 7.30 -11.73 -8.39
C ARG A 57 7.89 -13.03 -7.84
N GLU A 58 9.19 -13.17 -7.94
CA GLU A 58 9.89 -14.32 -7.39
C GLU A 58 9.82 -14.39 -5.86
N ASP A 59 9.84 -13.24 -5.20
CA ASP A 59 9.77 -13.18 -3.72
C ASP A 59 8.36 -13.45 -3.28
N LEU A 60 7.44 -12.91 -4.04
CA LEU A 60 6.03 -13.07 -3.77
C LEU A 60 5.61 -14.54 -4.04
N ALA A 61 6.30 -15.20 -4.96
CA ALA A 61 6.05 -16.62 -5.21
C ALA A 61 6.82 -17.49 -4.22
N LEU A 62 7.85 -16.91 -3.62
CA LEU A 62 8.70 -17.56 -2.63
C LEU A 62 7.94 -17.75 -1.34
N CYS A 63 7.00 -16.84 -1.10
CA CYS A 63 6.09 -16.89 0.04
C CYS A 63 5.56 -18.31 0.23
N PRO A 64 5.51 -18.81 1.49
CA PRO A 64 5.21 -20.22 1.77
C PRO A 64 3.92 -20.70 1.11
N GLY A 65 4.09 -21.66 0.16
CA GLY A 65 3.02 -22.26 -0.64
C GLY A 65 1.86 -21.34 -0.94
N LEU A 66 2.15 -20.15 -1.39
CA LEU A 66 1.11 -19.16 -1.47
C LEU A 66 0.54 -19.00 -2.86
N GLY A 67 1.36 -18.78 -3.84
CA GLY A 67 0.80 -18.58 -5.14
C GLY A 67 1.72 -17.89 -6.09
N PRO A 68 2.20 -18.53 -7.12
CA PRO A 68 3.01 -17.86 -8.13
C PRO A 68 2.14 -16.88 -8.97
N GLN A 69 0.85 -17.21 -9.14
CA GLN A 69 -0.04 -16.38 -9.94
C GLN A 69 -0.34 -15.11 -9.16
N LYS A 70 -0.41 -15.25 -7.84
CA LYS A 70 -0.67 -14.10 -6.98
C LYS A 70 0.46 -13.12 -7.08
N ALA A 71 1.68 -13.64 -7.12
CA ALA A 71 2.87 -12.84 -7.30
C ALA A 71 2.77 -12.01 -8.57
N ARG A 72 2.24 -12.62 -9.62
CA ARG A 72 2.07 -11.94 -10.89
C ARG A 72 1.05 -10.80 -10.73
N ARG A 73 -0.07 -11.11 -10.09
CA ARG A 73 -1.16 -10.15 -9.89
C ARG A 73 -0.75 -8.98 -8.98
N LEU A 74 -0.07 -9.31 -7.91
CA LEU A 74 0.44 -8.33 -6.95
C LEU A 74 1.37 -7.36 -7.61
N PHE A 75 2.34 -7.87 -8.34
CA PHE A 75 3.32 -7.03 -9.00
C PHE A 75 2.61 -6.14 -10.03
N ASP A 76 1.54 -6.65 -10.60
CA ASP A 76 0.77 -5.93 -11.57
C ASP A 76 0.11 -4.73 -10.91
N VAL A 77 -0.62 -4.95 -9.82
CA VAL A 77 -1.28 -3.84 -9.13
C VAL A 77 -0.27 -2.86 -8.53
N LEU A 78 0.91 -3.35 -8.21
CA LEU A 78 1.95 -2.50 -7.65
C LEU A 78 2.52 -1.56 -8.72
N HIS A 79 2.49 -1.98 -9.98
CA HIS A 79 3.11 -1.17 -11.05
C HIS A 79 2.12 -0.74 -12.12
N GLU A 80 0.88 -0.95 -11.88
CA GLU A 80 -0.17 -0.48 -12.76
C GLU A 80 -0.64 0.86 -12.27
N PRO A 81 -0.83 1.82 -13.16
CA PRO A 81 -1.30 3.13 -12.81
C PRO A 81 -2.76 3.08 -12.33
N PHE A 82 -3.14 4.02 -11.48
CA PHE A 82 -4.50 4.01 -10.94
C PHE A 82 -5.46 4.40 -12.04
N LEU A 83 -4.97 5.17 -12.99
CA LEU A 83 -5.76 5.60 -14.14
C LEU A 83 -5.83 4.47 -15.19
N LYS A 84 -5.17 3.34 -14.87
CA LYS A 84 -5.08 2.13 -15.73
C LYS A 84 -4.14 2.36 -16.92
N VAL A 85 -4.21 3.53 -17.48
CA VAL A 85 -3.50 3.90 -18.66
C VAL A 85 -2.09 4.46 -18.37
N PRO A 86 -1.05 3.82 -18.91
CA PRO A 86 0.29 4.32 -18.86
C PRO A 86 0.50 5.40 -19.89
N GLY A 87 1.14 6.48 -19.48
CA GLY A 87 1.40 7.59 -20.35
C GLY A 87 2.53 7.31 -21.30
N GLY A 88 2.34 6.31 -22.12
CA GLY A 88 3.29 6.01 -23.17
C GLY A 88 3.00 4.72 -23.89
N LEU A 89 1.85 4.65 -24.54
CA LEU A 89 1.47 3.47 -25.31
C LEU A 89 1.39 3.74 -26.79
N GLU A 90 0.50 4.63 -27.18
CA GLU A 90 0.27 4.88 -28.58
C GLU A 90 0.88 6.19 -29.01
N HIS A 91 1.37 6.18 -30.24
CA HIS A 91 1.98 7.32 -30.96
C HIS A 91 3.32 7.79 -30.40
N HIS A 92 3.55 7.54 -29.11
CA HIS A 92 4.79 7.85 -28.37
C HIS A 92 4.95 9.36 -28.11
N HIS A 93 4.63 10.16 -29.10
CA HIS A 93 4.76 11.63 -29.03
C HIS A 93 3.64 12.25 -28.19
N HIS A 94 2.78 11.40 -27.60
CA HIS A 94 1.61 11.86 -26.83
C HIS A 94 0.69 12.66 -27.74
N HIS A 95 -0.13 13.55 -27.16
CA HIS A 95 -1.04 14.45 -27.91
C HIS A 95 -2.26 13.71 -28.47
N HIS A 96 -2.08 12.48 -28.90
CA HIS A 96 -3.19 11.67 -29.35
C HIS A 96 -3.88 11.08 -28.11
N MET B 1 -4.74 11.87 -27.55
CA MET B 1 -5.46 11.55 -26.35
C MET B 1 -6.90 11.92 -26.57
N ASP B 2 -7.75 11.65 -25.59
CA ASP B 2 -9.19 11.94 -25.68
C ASP B 2 -9.41 13.36 -26.06
N SER B 3 -9.83 13.54 -27.26
CA SER B 3 -10.15 14.83 -27.78
C SER B 3 -11.64 14.84 -28.08
N GLU B 4 -12.24 13.73 -27.71
CA GLU B 4 -13.63 13.47 -27.94
C GLU B 4 -14.44 13.73 -26.66
N THR B 5 -14.00 14.74 -25.86
CA THR B 5 -14.66 15.19 -24.59
C THR B 5 -14.95 14.00 -23.61
N LEU B 6 -14.17 12.95 -23.73
CA LEU B 6 -14.33 11.76 -22.92
C LEU B 6 -13.58 11.90 -21.61
N PRO B 7 -14.29 11.85 -20.47
CA PRO B 7 -13.66 11.89 -19.16
C PRO B 7 -12.95 10.57 -18.85
N GLU B 8 -11.94 10.64 -18.03
CA GLU B 8 -11.12 9.47 -17.69
C GLU B 8 -11.83 8.52 -16.71
N SER B 9 -13.02 8.88 -16.27
CA SER B 9 -13.77 8.10 -15.25
C SER B 9 -14.03 6.63 -15.68
N GLU B 10 -14.03 6.36 -16.96
CA GLU B 10 -14.22 5.00 -17.43
C GLU B 10 -12.93 4.19 -17.31
N LYS B 11 -11.82 4.87 -17.22
CA LYS B 11 -10.54 4.24 -17.21
C LYS B 11 -9.77 4.47 -15.94
N TYR B 12 -10.09 3.64 -14.98
CA TYR B 12 -9.43 3.60 -13.71
C TYR B 12 -9.26 2.16 -13.33
N ASN B 13 -8.12 1.82 -12.84
CA ASN B 13 -7.82 0.44 -12.54
C ASN B 13 -8.12 0.19 -11.07
N PRO B 14 -9.12 -0.68 -10.79
CA PRO B 14 -9.59 -0.94 -9.41
C PRO B 14 -8.52 -1.49 -8.49
N GLY B 15 -7.69 -2.41 -9.01
CA GLY B 15 -6.67 -3.08 -8.21
C GLY B 15 -5.70 -2.12 -7.53
N PRO B 16 -4.87 -1.40 -8.28
CA PRO B 16 -3.89 -0.50 -7.70
C PRO B 16 -4.51 0.67 -6.96
N GLN B 17 -5.68 1.14 -7.42
CA GLN B 17 -6.29 2.28 -6.77
C GLN B 17 -6.76 1.86 -5.42
N ASP B 18 -7.28 0.63 -5.31
CA ASP B 18 -7.81 0.14 -4.06
C ASP B 18 -6.67 -0.01 -3.08
N PHE B 19 -5.51 -0.47 -3.59
CA PHE B 19 -4.28 -0.65 -2.80
C PHE B 19 -3.93 0.69 -2.12
N LEU B 20 -4.04 1.77 -2.88
CA LEU B 20 -3.77 3.12 -2.40
C LEU B 20 -4.92 3.63 -1.50
N LEU B 21 -6.12 3.24 -1.80
CA LEU B 21 -7.27 3.63 -1.00
C LEU B 21 -7.34 2.92 0.34
N LYS B 22 -6.61 1.86 0.47
CA LYS B 22 -6.56 1.08 1.70
C LYS B 22 -5.43 1.55 2.60
N MET B 23 -4.69 2.53 2.11
CA MET B 23 -3.55 3.08 2.82
C MET B 23 -4.05 3.99 3.96
N PRO B 24 -3.38 3.98 5.11
CA PRO B 24 -3.82 4.76 6.27
C PRO B 24 -3.61 6.26 6.09
N GLY B 25 -4.60 7.03 6.50
CA GLY B 25 -4.52 8.47 6.42
C GLY B 25 -4.95 9.02 5.07
N VAL B 26 -5.08 8.16 4.10
CA VAL B 26 -5.38 8.58 2.76
C VAL B 26 -6.89 8.72 2.51
N ASN B 27 -7.35 9.94 2.59
CA ASN B 27 -8.72 10.30 2.25
C ASN B 27 -8.83 10.50 0.74
N ALA B 28 -10.05 10.62 0.20
CA ALA B 28 -10.29 10.62 -1.28
C ALA B 28 -9.55 11.74 -1.96
N LYS B 29 -9.48 12.84 -1.27
CA LYS B 29 -8.78 14.05 -1.72
C LYS B 29 -7.31 13.71 -1.99
N ASN B 30 -6.73 12.98 -1.06
CA ASN B 30 -5.34 12.53 -1.12
C ASN B 30 -5.16 11.49 -2.20
N CYS B 31 -6.14 10.58 -2.29
CA CYS B 31 -6.13 9.53 -3.33
C CYS B 31 -6.06 10.18 -4.71
N ARG B 32 -6.86 11.22 -4.89
CA ARG B 32 -6.90 11.96 -6.14
C ARG B 32 -5.59 12.66 -6.42
N SER B 33 -5.01 13.32 -5.43
CA SER B 33 -3.74 14.02 -5.61
C SER B 33 -2.65 13.00 -5.96
N LEU B 34 -2.74 11.86 -5.32
CA LEU B 34 -1.79 10.82 -5.46
C LEU B 34 -1.87 10.23 -6.87
N MET B 35 -3.06 9.98 -7.35
CA MET B 35 -3.22 9.41 -8.71
C MET B 35 -3.01 10.43 -9.81
N HIS B 36 -3.02 11.69 -9.43
CA HIS B 36 -2.77 12.75 -10.38
C HIS B 36 -1.28 13.04 -10.54
N HIS B 37 -0.54 12.93 -9.46
CA HIS B 37 0.90 13.17 -9.52
C HIS B 37 1.70 11.87 -9.63
N VAL B 38 1.16 10.82 -9.06
CA VAL B 38 1.81 9.53 -9.01
C VAL B 38 1.11 8.49 -9.89
N LYS B 39 1.92 7.69 -10.57
CA LYS B 39 1.45 6.63 -11.46
C LYS B 39 0.85 5.47 -10.64
N ASN B 40 1.62 4.98 -9.71
CA ASN B 40 1.29 3.74 -9.01
C ASN B 40 1.89 3.75 -7.64
N ILE B 41 1.37 2.91 -6.74
CA ILE B 41 1.82 2.82 -5.35
C ILE B 41 3.35 2.63 -5.22
N ALA B 42 3.97 2.00 -6.23
CA ALA B 42 5.42 1.83 -6.26
C ALA B 42 6.16 3.17 -6.12
N GLU B 43 5.67 4.19 -6.82
CA GLU B 43 6.27 5.53 -6.79
C GLU B 43 6.13 6.07 -5.39
N LEU B 44 4.92 5.90 -4.87
CA LEU B 44 4.54 6.36 -3.52
C LEU B 44 5.46 5.81 -2.43
N ALA B 45 5.87 4.57 -2.58
CA ALA B 45 6.71 3.95 -1.58
C ALA B 45 8.16 4.30 -1.79
N ALA B 46 8.50 4.75 -2.98
CA ALA B 46 9.86 5.15 -3.29
C ALA B 46 10.07 6.63 -2.97
N LEU B 47 8.99 7.33 -2.75
CA LEU B 47 9.02 8.76 -2.47
C LEU B 47 9.56 9.07 -1.11
N SER B 48 10.20 10.20 -0.99
CA SER B 48 10.67 10.64 0.26
C SER B 48 9.52 11.34 0.98
N GLN B 49 9.70 11.61 2.25
CA GLN B 49 8.66 12.16 3.09
C GLN B 49 8.20 13.51 2.57
N ASP B 50 9.14 14.35 2.20
CA ASP B 50 8.82 15.69 1.72
C ASP B 50 8.05 15.65 0.42
N GLU B 51 8.22 14.57 -0.31
CA GLU B 51 7.59 14.43 -1.62
C GLU B 51 6.15 14.02 -1.47
N LEU B 52 5.92 13.00 -0.67
CA LEU B 52 4.57 12.53 -0.41
C LEU B 52 3.75 13.60 0.32
N THR B 53 4.44 14.39 1.13
CA THR B 53 3.84 15.52 1.82
C THR B 53 3.38 16.58 0.81
N SER B 54 4.19 16.85 -0.19
CA SER B 54 3.88 17.85 -1.21
C SER B 54 2.63 17.45 -1.99
N ILE B 55 2.52 16.18 -2.28
CA ILE B 55 1.41 15.67 -3.06
C ILE B 55 0.12 15.67 -2.24
N LEU B 56 0.20 15.22 -1.02
CA LEU B 56 -0.97 15.12 -0.16
C LEU B 56 -1.38 16.47 0.41
N GLY B 57 -0.42 17.24 0.85
CA GLY B 57 -0.72 18.55 1.40
C GLY B 57 -0.87 18.52 2.91
N ASN B 58 -1.22 17.37 3.45
CA ASN B 58 -1.44 17.23 4.88
C ASN B 58 -0.29 16.45 5.49
N ALA B 59 0.38 17.06 6.44
CA ALA B 59 1.56 16.47 7.07
C ALA B 59 1.25 15.17 7.81
N ALA B 60 0.15 15.15 8.53
CA ALA B 60 -0.27 13.97 9.29
C ALA B 60 -0.53 12.80 8.35
N ASN B 61 -1.24 13.09 7.28
CA ASN B 61 -1.58 12.12 6.23
C ASN B 61 -0.32 11.54 5.63
N ALA B 62 0.61 12.44 5.36
CA ALA B 62 1.90 12.10 4.81
C ALA B 62 2.67 11.22 5.75
N LYS B 63 2.60 11.57 7.02
CA LYS B 63 3.24 10.83 8.05
C LYS B 63 2.68 9.43 8.14
N GLN B 64 1.35 9.33 8.04
CA GLN B 64 0.67 8.05 8.15
C GLN B 64 1.19 7.11 7.09
N LEU B 65 1.36 7.63 5.87
CA LEU B 65 1.91 6.85 4.79
C LEU B 65 3.34 6.50 5.05
N TYR B 66 4.16 7.52 5.17
CA TYR B 66 5.60 7.39 5.32
C TYR B 66 5.99 6.34 6.35
N ASP B 67 5.48 6.50 7.55
CA ASP B 67 5.77 5.61 8.64
C ASP B 67 5.24 4.20 8.36
N PHE B 68 4.01 4.11 7.88
CA PHE B 68 3.35 2.82 7.58
C PHE B 68 4.11 2.03 6.53
N ILE B 69 4.42 2.70 5.44
CA ILE B 69 5.12 2.12 4.31
C ILE B 69 6.45 1.54 4.78
N HIS B 70 7.07 2.23 5.71
CA HIS B 70 8.38 1.83 6.19
C HIS B 70 8.31 1.11 7.55
N THR B 71 7.18 0.56 7.89
CA THR B 71 7.08 -0.12 9.15
C THR B 71 6.36 -1.47 8.97
N SER B 72 6.58 -2.35 9.91
CA SER B 72 5.97 -3.65 9.93
C SER B 72 5.01 -3.72 11.09
N PHE B 73 3.96 -4.50 10.96
CA PHE B 73 3.05 -4.68 12.08
C PHE B 73 3.74 -5.56 13.11
N ALA B 74 4.64 -6.39 12.64
CA ALA B 74 5.30 -7.36 13.45
C ALA B 74 6.48 -6.75 14.19
N GLU B 75 6.86 -5.55 13.83
CA GLU B 75 7.97 -4.92 14.52
C GLU B 75 7.44 -4.17 15.74
N VAL B 76 6.17 -3.81 15.71
CA VAL B 76 5.59 -3.03 16.80
C VAL B 76 5.14 -3.95 17.92
N VAL B 77 4.84 -5.16 17.55
CA VAL B 77 4.38 -6.16 18.49
C VAL B 77 5.51 -6.66 19.39
N SER B 78 5.17 -6.85 20.63
CA SER B 78 6.04 -7.48 21.59
C SER B 78 5.26 -8.59 22.28
N LYS B 79 4.08 -8.83 21.76
CA LYS B 79 3.20 -9.87 22.21
C LYS B 79 2.80 -10.63 20.97
N GLY B 80 2.77 -11.93 21.05
CA GLY B 80 2.51 -12.74 19.89
C GLY B 80 3.81 -13.05 19.18
N LYS B 81 4.52 -12.01 18.87
CA LYS B 81 5.82 -12.07 18.27
C LYS B 81 6.62 -10.89 18.81
N GLY B 82 7.92 -11.00 18.81
CA GLY B 82 8.73 -9.91 19.23
C GLY B 82 10.17 -10.14 18.86
N LYS B 83 11.00 -9.20 19.16
CA LYS B 83 12.42 -9.29 18.87
C LYS B 83 13.08 -10.06 20.00
N LYS B 84 13.94 -10.96 19.65
CA LYS B 84 14.61 -11.78 20.61
C LYS B 84 16.10 -11.77 20.36
N ARG A 1 11.50 8.88 29.54
CA ARG A 1 10.23 8.26 29.96
C ARG A 1 10.48 6.86 30.55
N ILE A 2 11.62 6.68 31.24
CA ILE A 2 11.96 5.38 31.82
C ILE A 2 11.31 5.20 33.20
N ARG A 3 10.43 6.14 33.54
CA ARG A 3 9.65 6.12 34.79
C ARG A 3 8.65 4.95 34.78
N ARG A 4 8.39 4.41 33.58
CA ARG A 4 7.51 3.28 33.35
C ARG A 4 6.04 3.65 33.50
N ARG A 5 5.32 3.50 32.43
CA ARG A 5 3.92 3.81 32.41
C ARG A 5 3.17 2.61 31.83
N TYR A 6 3.20 1.53 32.55
CA TYR A 6 2.59 0.31 32.10
C TYR A 6 1.12 0.27 32.42
N ASN A 7 0.35 0.80 31.52
CA ASN A 7 -1.09 0.78 31.61
C ASN A 7 -1.68 0.90 30.23
N MET A 8 -1.72 2.12 29.72
CA MET A 8 -2.29 2.39 28.41
C MET A 8 -1.27 2.11 27.33
N ALA A 9 -0.02 1.90 27.74
CA ALA A 9 1.08 1.59 26.83
C ALA A 9 0.76 0.34 26.01
N ASP A 10 0.27 -0.68 26.70
CA ASP A 10 -0.13 -1.94 26.05
C ASP A 10 -1.24 -1.72 25.09
N LEU A 11 -2.20 -0.90 25.49
CA LEU A 11 -3.35 -0.59 24.66
C LEU A 11 -2.94 0.16 23.41
N LEU A 12 -1.99 1.09 23.56
CA LEU A 12 -1.48 1.86 22.42
C LEU A 12 -0.82 0.94 21.41
N MET A 13 -0.02 0.01 21.92
CA MET A 13 0.67 -0.97 21.07
C MET A 13 -0.34 -1.88 20.40
N GLU A 14 -1.30 -2.35 21.20
CA GLU A 14 -2.35 -3.26 20.79
C GLU A 14 -3.18 -2.66 19.64
N LYS A 15 -3.46 -1.39 19.74
CA LYS A 15 -4.25 -0.74 18.73
C LYS A 15 -3.40 -0.37 17.53
N LEU A 16 -2.12 -0.08 17.77
CA LEU A 16 -1.20 0.22 16.69
C LEU A 16 -1.04 -0.99 15.79
N GLU A 17 -0.81 -2.14 16.41
CA GLU A 17 -0.66 -3.38 15.68
C GLU A 17 -1.94 -3.75 14.95
N GLN A 18 -3.10 -3.50 15.61
CA GLN A 18 -4.42 -3.82 15.05
C GLN A 18 -4.60 -3.19 13.69
N ASP A 19 -4.40 -1.89 13.64
CA ASP A 19 -4.58 -1.14 12.41
C ASP A 19 -3.52 -1.52 11.40
N LEU A 20 -2.27 -1.60 11.86
CA LEU A 20 -1.14 -1.96 10.98
C LEU A 20 -1.39 -3.24 10.22
N VAL A 21 -1.69 -4.29 10.93
CA VAL A 21 -1.89 -5.57 10.30
C VAL A 21 -3.09 -5.56 9.36
N SER A 22 -4.20 -5.01 9.83
CA SER A 22 -5.42 -5.01 9.06
C SER A 22 -5.26 -4.18 7.78
N ARG A 23 -4.61 -3.01 7.90
CA ARG A 23 -4.36 -2.15 6.76
C ARG A 23 -3.52 -2.85 5.71
N VAL A 24 -2.43 -3.46 6.13
CA VAL A 24 -1.56 -4.16 5.18
C VAL A 24 -2.33 -5.33 4.55
N THR A 25 -3.11 -6.05 5.37
CA THR A 25 -3.92 -7.17 4.88
C THR A 25 -4.84 -6.70 3.74
N GLU A 26 -5.53 -5.57 3.98
CA GLU A 26 -6.42 -4.95 3.01
C GLU A 26 -5.70 -4.68 1.71
N CYS A 27 -4.58 -4.01 1.83
CA CYS A 27 -3.80 -3.59 0.69
C CYS A 27 -3.45 -4.75 -0.21
N LEU A 28 -2.97 -5.84 0.36
CA LEU A 28 -2.50 -6.96 -0.47
C LEU A 28 -3.70 -7.73 -1.04
N THR A 29 -4.82 -7.67 -0.32
CA THR A 29 -5.98 -8.45 -0.70
C THR A 29 -6.90 -7.68 -1.66
N THR A 30 -6.49 -6.49 -2.06
CA THR A 30 -7.22 -5.71 -3.06
C THR A 30 -7.17 -6.43 -4.42
N VAL A 31 -6.18 -7.29 -4.57
CA VAL A 31 -6.04 -8.08 -5.76
C VAL A 31 -7.09 -9.18 -5.71
N LYS A 32 -7.89 -9.28 -6.75
CA LYS A 32 -8.97 -10.26 -6.87
C LYS A 32 -8.49 -11.71 -6.64
N SER A 33 -7.24 -11.97 -6.94
CA SER A 33 -6.67 -13.27 -6.80
C SER A 33 -6.22 -13.51 -5.34
N VAL A 34 -5.89 -12.44 -4.64
CA VAL A 34 -5.36 -12.55 -3.28
C VAL A 34 -6.47 -12.44 -2.24
N ASN A 35 -6.68 -13.51 -1.53
CA ASN A 35 -7.71 -13.59 -0.49
C ASN A 35 -7.15 -13.03 0.83
N LYS A 36 -7.96 -12.89 1.85
CA LYS A 36 -7.51 -12.30 3.09
C LYS A 36 -6.45 -13.17 3.81
N THR A 37 -6.67 -14.46 3.90
CA THR A 37 -5.69 -15.35 4.53
C THR A 37 -4.45 -15.51 3.60
N ASP A 38 -4.67 -15.24 2.35
CA ASP A 38 -3.67 -15.32 1.31
C ASP A 38 -2.72 -14.13 1.54
N SER A 39 -3.34 -12.97 1.74
CA SER A 39 -2.67 -11.72 2.12
C SER A 39 -1.91 -11.94 3.46
N GLN A 40 -2.53 -12.67 4.39
CA GLN A 40 -1.93 -13.02 5.65
C GLN A 40 -0.62 -13.79 5.44
N THR A 41 -0.56 -14.57 4.40
CA THR A 41 0.63 -15.32 4.15
C THR A 41 1.77 -14.37 3.70
N LEU A 42 1.40 -13.35 2.91
CA LEU A 42 2.36 -12.30 2.55
C LEU A 42 2.79 -11.50 3.80
N LEU A 43 1.92 -11.46 4.76
CA LEU A 43 2.17 -10.80 6.00
C LEU A 43 3.11 -11.55 6.90
N THR A 44 3.07 -12.87 6.85
CA THR A 44 3.96 -13.63 7.68
C THR A 44 5.36 -13.71 7.03
N THR A 45 5.43 -13.42 5.73
CA THR A 45 6.70 -13.42 5.07
C THR A 45 7.37 -12.01 5.09
N PHE A 46 6.61 -10.94 4.80
CA PHE A 46 7.25 -9.63 4.76
C PHE A 46 6.75 -8.70 5.86
N GLY A 47 5.52 -8.92 6.30
CA GLY A 47 4.87 -8.12 7.37
C GLY A 47 4.89 -6.60 7.19
N SER A 48 5.20 -6.14 5.99
CA SER A 48 5.39 -4.75 5.70
C SER A 48 4.92 -4.46 4.30
N LEU A 49 4.66 -3.20 4.01
CA LEU A 49 4.30 -2.81 2.68
C LEU A 49 5.54 -2.62 1.82
N GLU A 50 6.56 -1.92 2.35
CA GLU A 50 7.79 -1.68 1.58
C GLU A 50 8.42 -2.99 1.16
N GLN A 51 8.41 -3.95 2.07
CA GLN A 51 8.96 -5.27 1.80
C GLN A 51 8.18 -6.03 0.73
N LEU A 52 6.91 -5.69 0.54
CA LEU A 52 6.08 -6.35 -0.46
C LEU A 52 6.43 -5.78 -1.82
N ILE A 53 6.36 -4.47 -1.90
CA ILE A 53 6.59 -3.75 -3.15
C ILE A 53 8.05 -3.85 -3.60
N ALA A 54 8.97 -3.91 -2.65
CA ALA A 54 10.38 -4.03 -2.97
C ALA A 54 10.74 -5.46 -3.33
N ALA A 55 9.81 -6.36 -3.12
CA ALA A 55 10.00 -7.73 -3.46
C ALA A 55 9.61 -7.91 -4.91
N SER A 56 10.31 -8.76 -5.59
CA SER A 56 10.01 -9.03 -6.96
C SER A 56 8.99 -10.17 -6.98
N ARG A 57 8.38 -10.41 -8.13
CA ARG A 57 7.43 -11.51 -8.32
C ARG A 57 8.03 -12.83 -7.85
N GLU A 58 9.31 -13.00 -8.06
CA GLU A 58 9.99 -14.23 -7.68
C GLU A 58 10.02 -14.36 -6.15
N ASP A 59 10.23 -13.22 -5.49
CA ASP A 59 10.26 -13.14 -4.02
C ASP A 59 8.85 -13.36 -3.46
N LEU A 60 7.88 -12.84 -4.17
CA LEU A 60 6.48 -12.99 -3.79
C LEU A 60 6.00 -14.44 -4.03
N ALA A 61 6.64 -15.13 -4.97
CA ALA A 61 6.32 -16.53 -5.27
C ALA A 61 7.15 -17.46 -4.38
N LEU A 62 8.14 -16.89 -3.73
CA LEU A 62 9.01 -17.58 -2.80
C LEU A 62 8.29 -17.85 -1.49
N CYS A 63 7.39 -16.94 -1.16
CA CYS A 63 6.55 -16.99 0.05
C CYS A 63 6.00 -18.40 0.26
N PRO A 64 5.98 -18.89 1.53
CA PRO A 64 5.67 -20.30 1.80
C PRO A 64 4.33 -20.75 1.26
N GLY A 65 4.40 -21.68 0.27
CA GLY A 65 3.25 -22.29 -0.40
C GLY A 65 2.10 -21.34 -0.59
N LEU A 66 2.34 -20.21 -1.21
CA LEU A 66 1.31 -19.23 -1.27
C LEU A 66 0.74 -19.06 -2.67
N GLY A 67 1.56 -18.83 -3.64
CA GLY A 67 1.02 -18.66 -4.95
C GLY A 67 1.95 -17.96 -5.88
N PRO A 68 2.41 -18.60 -6.93
CA PRO A 68 3.27 -17.93 -7.89
C PRO A 68 2.49 -16.93 -8.77
N GLN A 69 1.20 -17.21 -8.99
CA GLN A 69 0.40 -16.33 -9.82
C GLN A 69 0.00 -15.13 -9.00
N LYS A 70 -0.03 -15.31 -7.69
CA LYS A 70 -0.35 -14.24 -6.77
C LYS A 70 0.71 -13.19 -6.85
N ALA A 71 1.95 -13.65 -6.93
CA ALA A 71 3.10 -12.82 -7.13
C ALA A 71 2.97 -11.99 -8.39
N ARG A 72 2.52 -12.64 -9.47
CA ARG A 72 2.33 -11.96 -10.74
C ARG A 72 1.29 -10.85 -10.60
N ARG A 73 0.13 -11.21 -10.05
CA ARG A 73 -0.97 -10.28 -9.84
C ARG A 73 -0.61 -9.13 -8.89
N LEU A 74 0.10 -9.44 -7.81
CA LEU A 74 0.57 -8.43 -6.88
C LEU A 74 1.45 -7.42 -7.58
N PHE A 75 2.43 -7.91 -8.32
CA PHE A 75 3.37 -7.05 -9.02
C PHE A 75 2.63 -6.17 -10.02
N ASP A 76 1.61 -6.76 -10.64
CA ASP A 76 0.81 -6.08 -11.64
C ASP A 76 0.15 -4.86 -11.03
N VAL A 77 -0.56 -5.05 -9.93
CA VAL A 77 -1.26 -3.94 -9.30
C VAL A 77 -0.30 -2.95 -8.67
N LEU A 78 0.89 -3.41 -8.29
CA LEU A 78 1.88 -2.53 -7.71
C LEU A 78 2.44 -1.56 -8.75
N HIS A 79 2.45 -1.97 -10.01
CA HIS A 79 3.03 -1.13 -11.05
C HIS A 79 2.00 -0.54 -11.96
N GLU A 80 0.81 -1.00 -11.88
CA GLU A 80 -0.26 -0.48 -12.64
C GLU A 80 -0.77 0.80 -12.00
N PRO A 81 -0.99 1.83 -12.81
CA PRO A 81 -1.47 3.10 -12.34
C PRO A 81 -2.93 3.00 -11.94
N PHE A 82 -3.39 3.96 -11.21
CA PHE A 82 -4.75 3.94 -10.74
C PHE A 82 -5.65 4.33 -11.89
N LEU A 83 -5.18 5.26 -12.70
CA LEU A 83 -5.93 5.79 -13.84
C LEU A 83 -5.79 4.88 -15.07
N LYS A 84 -5.19 3.68 -14.89
CA LYS A 84 -4.95 2.68 -15.98
C LYS A 84 -3.84 3.14 -16.96
N VAL A 85 -3.85 4.40 -17.27
CA VAL A 85 -2.90 5.02 -18.16
C VAL A 85 -1.59 5.30 -17.39
N PRO A 86 -0.49 4.64 -17.79
CA PRO A 86 0.79 4.76 -17.10
C PRO A 86 1.58 5.97 -17.48
N GLY A 87 1.08 6.71 -18.45
CA GLY A 87 1.75 7.92 -18.91
C GLY A 87 2.90 7.61 -19.85
N GLY A 88 3.79 6.74 -19.41
CA GLY A 88 4.93 6.41 -20.21
C GLY A 88 5.57 5.09 -19.84
N LEU A 89 5.06 4.02 -20.39
CA LEU A 89 5.72 2.74 -20.31
C LEU A 89 6.43 2.56 -21.61
N GLU A 90 5.64 2.57 -22.64
CA GLU A 90 6.12 2.50 -23.97
C GLU A 90 5.98 3.84 -24.62
N HIS A 91 6.44 3.92 -25.83
CA HIS A 91 6.41 5.15 -26.64
C HIS A 91 7.22 6.27 -25.97
N HIS A 92 7.11 7.45 -26.49
CA HIS A 92 7.72 8.60 -25.91
C HIS A 92 6.59 9.52 -25.43
N HIS A 93 6.90 10.75 -25.10
CA HIS A 93 5.90 11.72 -24.65
C HIS A 93 4.93 12.07 -25.79
N HIS A 94 3.80 11.38 -25.84
CA HIS A 94 2.78 11.60 -26.87
C HIS A 94 1.38 11.47 -26.28
N HIS A 95 1.20 10.48 -25.43
CA HIS A 95 -0.09 10.17 -24.83
C HIS A 95 -0.34 10.98 -23.56
N HIS A 96 0.35 12.10 -23.47
CA HIS A 96 0.16 13.04 -22.36
C HIS A 96 -1.07 13.88 -22.66
N MET B 1 -1.39 13.96 -23.94
CA MET B 1 -2.54 14.66 -24.44
C MET B 1 -3.61 13.62 -24.68
N ASP B 2 -4.73 13.74 -24.02
CA ASP B 2 -5.78 12.75 -24.15
C ASP B 2 -6.75 13.16 -25.24
N SER B 3 -7.29 12.20 -25.94
CA SER B 3 -8.19 12.47 -27.04
C SER B 3 -9.54 12.96 -26.53
N GLU B 4 -9.91 12.55 -25.34
CA GLU B 4 -11.20 12.87 -24.84
C GLU B 4 -11.16 14.09 -23.96
N THR B 5 -12.31 14.63 -23.72
CA THR B 5 -12.50 15.77 -22.84
C THR B 5 -13.38 15.31 -21.69
N LEU B 6 -13.51 14.01 -21.60
CA LEU B 6 -14.39 13.34 -20.67
C LEU B 6 -13.62 13.01 -19.42
N PRO B 7 -14.33 12.87 -18.29
CA PRO B 7 -13.71 12.53 -17.02
C PRO B 7 -13.00 11.18 -17.08
N GLU B 8 -11.95 11.07 -16.33
CA GLU B 8 -11.06 9.93 -16.32
C GLU B 8 -11.65 8.74 -15.59
N SER B 9 -12.77 8.94 -14.96
CA SER B 9 -13.46 7.96 -14.15
C SER B 9 -13.79 6.63 -14.89
N GLU B 10 -13.75 6.63 -16.20
CA GLU B 10 -13.99 5.41 -16.96
C GLU B 10 -12.69 4.61 -17.15
N LYS B 11 -11.57 5.26 -16.89
CA LYS B 11 -10.30 4.63 -17.05
C LYS B 11 -9.59 4.51 -15.70
N TYR B 12 -9.91 3.46 -14.99
CA TYR B 12 -9.31 3.18 -13.70
C TYR B 12 -9.07 1.70 -13.55
N ASN B 13 -8.12 1.37 -12.73
CA ASN B 13 -7.82 -0.01 -12.40
C ASN B 13 -8.22 -0.24 -10.96
N PRO B 14 -9.22 -1.10 -10.71
CA PRO B 14 -9.77 -1.32 -9.36
C PRO B 14 -8.77 -1.95 -8.40
N GLY B 15 -7.85 -2.75 -8.92
CA GLY B 15 -6.85 -3.40 -8.09
C GLY B 15 -5.93 -2.38 -7.41
N PRO B 16 -5.07 -1.70 -8.17
CA PRO B 16 -4.12 -0.75 -7.61
C PRO B 16 -4.78 0.46 -6.95
N GLN B 17 -5.96 0.86 -7.45
CA GLN B 17 -6.62 2.01 -6.88
C GLN B 17 -7.04 1.67 -5.47
N ASP B 18 -7.47 0.43 -5.27
CA ASP B 18 -7.99 0.03 -3.99
C ASP B 18 -6.85 -0.15 -3.04
N PHE B 19 -5.71 -0.61 -3.58
CA PHE B 19 -4.48 -0.81 -2.81
C PHE B 19 -4.14 0.48 -2.05
N LEU B 20 -4.18 1.60 -2.77
CA LEU B 20 -3.92 2.93 -2.20
C LEU B 20 -5.09 3.39 -1.32
N LEU B 21 -6.29 3.09 -1.73
CA LEU B 21 -7.47 3.48 -0.97
C LEU B 21 -7.61 2.77 0.37
N LYS B 22 -6.87 1.71 0.54
CA LYS B 22 -6.88 0.95 1.76
C LYS B 22 -5.74 1.42 2.68
N MET B 23 -4.93 2.32 2.19
CA MET B 23 -3.78 2.82 2.94
C MET B 23 -4.25 3.87 3.96
N PRO B 24 -3.66 3.91 5.16
CA PRO B 24 -4.09 4.83 6.23
C PRO B 24 -3.72 6.29 5.92
N GLY B 25 -4.58 7.20 6.32
CA GLY B 25 -4.35 8.61 6.08
C GLY B 25 -4.91 9.07 4.76
N VAL B 26 -5.13 8.13 3.87
CA VAL B 26 -5.58 8.44 2.53
C VAL B 26 -7.09 8.65 2.47
N ASN B 27 -7.47 9.90 2.40
CA ASN B 27 -8.84 10.30 2.13
C ASN B 27 -8.92 10.72 0.66
N ALA B 28 -10.13 10.84 0.11
CA ALA B 28 -10.36 11.13 -1.34
C ALA B 28 -9.56 12.33 -1.89
N LYS B 29 -9.29 13.28 -1.03
CA LYS B 29 -8.55 14.49 -1.38
C LYS B 29 -7.12 14.10 -1.74
N ASN B 30 -6.64 13.15 -0.99
CA ASN B 30 -5.30 12.63 -1.11
C ASN B 30 -5.25 11.60 -2.20
N CYS B 31 -6.36 10.85 -2.38
CA CYS B 31 -6.44 9.86 -3.46
C CYS B 31 -6.25 10.57 -4.80
N ARG B 32 -6.97 11.67 -4.98
CA ARG B 32 -6.84 12.46 -6.18
C ARG B 32 -5.43 13.01 -6.35
N SER B 33 -4.90 13.66 -5.34
CA SER B 33 -3.55 14.21 -5.42
C SER B 33 -2.52 13.11 -5.72
N LEU B 34 -2.72 11.96 -5.15
CA LEU B 34 -1.84 10.84 -5.29
C LEU B 34 -1.85 10.35 -6.72
N MET B 35 -3.03 10.14 -7.27
CA MET B 35 -3.15 9.59 -8.63
C MET B 35 -2.82 10.63 -9.69
N HIS B 36 -2.85 11.88 -9.32
CA HIS B 36 -2.56 12.96 -10.25
C HIS B 36 -1.09 13.36 -10.25
N HIS B 37 -0.37 12.95 -9.24
CA HIS B 37 1.08 13.21 -9.18
C HIS B 37 1.84 11.91 -9.35
N VAL B 38 1.34 10.89 -8.75
CA VAL B 38 1.96 9.60 -8.70
C VAL B 38 1.30 8.63 -9.67
N LYS B 39 2.11 7.79 -10.29
CA LYS B 39 1.61 6.81 -11.20
C LYS B 39 0.91 5.67 -10.43
N ASN B 40 1.62 5.07 -9.48
CA ASN B 40 1.13 3.90 -8.76
C ASN B 40 1.68 3.86 -7.34
N ILE B 41 1.21 2.90 -6.57
CA ILE B 41 1.66 2.69 -5.19
C ILE B 41 3.18 2.41 -5.11
N ALA B 42 3.76 1.85 -6.17
CA ALA B 42 5.20 1.58 -6.22
C ALA B 42 5.97 2.89 -6.19
N GLU B 43 5.56 3.83 -7.03
CA GLU B 43 6.16 5.16 -7.09
C GLU B 43 6.03 5.85 -5.75
N LEU B 44 4.85 5.74 -5.20
CA LEU B 44 4.48 6.24 -3.89
C LEU B 44 5.43 5.72 -2.81
N ALA B 45 5.63 4.44 -2.79
CA ALA B 45 6.42 3.83 -1.77
C ALA B 45 7.92 4.09 -1.99
N ALA B 46 8.28 4.34 -3.24
CA ALA B 46 9.65 4.57 -3.60
C ALA B 46 10.04 6.04 -3.43
N LEU B 47 9.06 6.90 -3.24
CA LEU B 47 9.36 8.30 -3.10
C LEU B 47 9.53 8.70 -1.64
N SER B 48 10.28 9.74 -1.42
CA SER B 48 10.64 10.19 -0.09
C SER B 48 9.49 10.95 0.56
N GLN B 49 9.62 11.23 1.84
CA GLN B 49 8.59 11.87 2.60
C GLN B 49 8.25 13.25 2.08
N ASP B 50 9.25 14.04 1.74
CA ASP B 50 8.97 15.40 1.23
C ASP B 50 8.13 15.34 -0.03
N GLU B 51 8.39 14.36 -0.85
CA GLU B 51 7.64 14.15 -2.09
C GLU B 51 6.16 13.91 -1.77
N LEU B 52 5.88 12.90 -0.96
CA LEU B 52 4.49 12.58 -0.58
C LEU B 52 3.82 13.71 0.20
N THR B 53 4.60 14.43 0.98
CA THR B 53 4.13 15.54 1.75
C THR B 53 3.67 16.68 0.83
N SER B 54 4.41 16.95 -0.23
CA SER B 54 4.07 17.98 -1.19
C SER B 54 2.84 17.59 -2.02
N ILE B 55 2.65 16.30 -2.19
CA ILE B 55 1.51 15.77 -2.91
C ILE B 55 0.25 15.90 -2.05
N LEU B 56 0.31 15.37 -0.85
CA LEU B 56 -0.82 15.32 0.05
C LEU B 56 -1.14 16.68 0.63
N GLY B 57 -0.13 17.40 1.08
CA GLY B 57 -0.33 18.71 1.66
C GLY B 57 -0.35 18.67 3.16
N ASN B 58 -0.99 17.66 3.70
CA ASN B 58 -1.10 17.51 5.14
C ASN B 58 0.04 16.68 5.67
N ALA B 59 0.79 17.26 6.59
CA ALA B 59 1.94 16.60 7.20
C ALA B 59 1.54 15.33 7.94
N ALA B 60 0.36 15.35 8.57
CA ALA B 60 -0.16 14.20 9.30
C ALA B 60 -0.43 13.07 8.34
N ASN B 61 -1.14 13.37 7.26
CA ASN B 61 -1.48 12.38 6.23
C ASN B 61 -0.22 11.77 5.65
N ALA B 62 0.77 12.64 5.44
CA ALA B 62 2.06 12.23 4.91
C ALA B 62 2.76 11.30 5.88
N LYS B 63 2.70 11.64 7.15
CA LYS B 63 3.26 10.83 8.21
C LYS B 63 2.62 9.45 8.24
N GLN B 64 1.30 9.41 8.06
CA GLN B 64 0.55 8.16 8.11
C GLN B 64 1.09 7.20 7.07
N LEU B 65 1.19 7.69 5.84
CA LEU B 65 1.70 6.88 4.75
C LEU B 65 3.14 6.52 4.94
N TYR B 66 3.99 7.53 5.03
CA TYR B 66 5.44 7.36 5.15
C TYR B 66 5.82 6.30 6.20
N ASP B 67 5.25 6.45 7.37
CA ASP B 67 5.50 5.53 8.47
C ASP B 67 5.00 4.14 8.14
N PHE B 68 3.75 4.05 7.72
CA PHE B 68 3.08 2.78 7.42
C PHE B 68 3.80 1.99 6.34
N ILE B 69 4.09 2.66 5.25
CA ILE B 69 4.75 2.07 4.11
C ILE B 69 6.10 1.51 4.53
N HIS B 70 6.76 2.22 5.42
CA HIS B 70 8.10 1.84 5.84
C HIS B 70 8.14 1.15 7.20
N THR B 71 7.01 0.67 7.65
CA THR B 71 6.97 -0.01 8.91
C THR B 71 6.43 -1.41 8.71
N SER B 72 6.40 -2.17 9.77
CA SER B 72 5.91 -3.52 9.74
C SER B 72 5.00 -3.69 10.93
N PHE B 73 4.00 -4.55 10.84
CA PHE B 73 3.12 -4.78 11.98
C PHE B 73 3.87 -5.64 12.99
N ALA B 74 4.83 -6.42 12.46
CA ALA B 74 5.66 -7.34 13.23
C ALA B 74 6.35 -6.65 14.39
N GLU B 75 6.74 -5.42 14.15
CA GLU B 75 7.43 -4.58 15.12
C GLU B 75 6.60 -4.42 16.34
N VAL B 76 5.36 -4.16 16.09
CA VAL B 76 4.48 -3.80 17.11
C VAL B 76 3.90 -5.05 17.80
N VAL B 77 3.64 -6.10 17.01
CA VAL B 77 3.12 -7.39 17.54
C VAL B 77 4.23 -8.25 18.13
N SER B 78 5.26 -7.62 18.57
CA SER B 78 6.42 -8.27 19.11
C SER B 78 6.14 -9.01 20.43
N LYS B 79 5.84 -10.30 20.25
CA LYS B 79 5.58 -11.28 21.31
C LYS B 79 4.57 -10.83 22.37
N GLY B 80 3.35 -11.26 22.20
CA GLY B 80 2.32 -10.97 23.17
C GLY B 80 2.44 -11.85 24.40
N LYS B 81 3.50 -11.68 25.14
CA LYS B 81 3.72 -12.43 26.34
C LYS B 81 2.85 -11.85 27.44
N GLY B 82 1.80 -12.56 27.74
CA GLY B 82 0.86 -12.11 28.72
C GLY B 82 -0.51 -12.23 28.15
N LYS B 83 -0.60 -11.89 26.91
CA LYS B 83 -1.83 -11.93 26.16
C LYS B 83 -1.99 -13.29 25.53
N LYS B 84 -2.36 -14.25 26.33
CA LYS B 84 -2.57 -15.60 25.90
C LYS B 84 -3.94 -16.04 26.35
N ARG A 1 -11.43 9.81 25.69
CA ARG A 1 -10.85 10.99 26.31
C ARG A 1 -9.36 11.03 26.10
N ILE A 2 -8.82 12.23 25.85
CA ILE A 2 -7.41 12.39 25.55
C ILE A 2 -6.54 12.01 26.73
N ARG A 3 -7.01 12.30 27.93
CA ARG A 3 -6.29 11.89 29.11
C ARG A 3 -6.95 10.65 29.68
N ARG A 4 -6.21 9.58 29.76
CA ARG A 4 -6.70 8.34 30.29
C ARG A 4 -6.11 8.07 31.66
N ARG A 5 -5.10 8.89 32.02
CA ARG A 5 -4.35 8.79 33.27
C ARG A 5 -3.48 7.54 33.22
N TYR A 6 -3.05 7.25 32.05
CA TYR A 6 -2.20 6.15 31.83
C TYR A 6 -1.28 6.49 30.68
N ASN A 7 -0.12 5.88 30.67
CA ASN A 7 0.88 6.07 29.62
C ASN A 7 0.30 5.73 28.28
N MET A 8 0.58 6.52 27.26
CA MET A 8 0.00 6.31 25.93
C MET A 8 0.56 5.08 25.21
N ALA A 9 1.59 4.47 25.79
CA ALA A 9 2.27 3.31 25.22
C ALA A 9 1.30 2.21 24.76
N ASP A 10 0.35 1.86 25.60
CA ASP A 10 -0.60 0.77 25.31
C ASP A 10 -1.48 1.13 24.12
N LEU A 11 -1.95 2.35 24.09
CA LEU A 11 -2.85 2.84 23.08
C LEU A 11 -2.12 3.04 21.75
N LEU A 12 -0.90 3.53 21.85
CA LEU A 12 -0.06 3.77 20.70
C LEU A 12 0.25 2.45 20.02
N MET A 13 0.80 1.53 20.81
CA MET A 13 1.16 0.20 20.34
C MET A 13 -0.06 -0.51 19.72
N GLU A 14 -1.18 -0.45 20.41
CA GLU A 14 -2.41 -1.09 19.98
C GLU A 14 -2.90 -0.56 18.65
N LYS A 15 -3.14 0.74 18.56
CA LYS A 15 -3.64 1.31 17.32
C LYS A 15 -2.65 1.22 16.18
N LEU A 16 -1.37 1.17 16.50
CA LEU A 16 -0.39 0.99 15.47
C LEU A 16 -0.41 -0.42 14.92
N GLU A 17 -0.23 -1.43 15.79
CA GLU A 17 -0.12 -2.81 15.29
C GLU A 17 -1.42 -3.34 14.71
N GLN A 18 -2.54 -2.81 15.20
CA GLN A 18 -3.83 -3.21 14.72
C GLN A 18 -4.11 -2.58 13.36
N ASP A 19 -3.76 -1.32 13.20
CA ASP A 19 -4.02 -0.62 11.94
C ASP A 19 -3.07 -1.14 10.89
N LEU A 20 -1.81 -1.28 11.27
CA LEU A 20 -0.76 -1.79 10.41
C LEU A 20 -1.13 -3.13 9.78
N VAL A 21 -1.47 -4.10 10.61
CA VAL A 21 -1.80 -5.41 10.09
C VAL A 21 -3.05 -5.34 9.22
N SER A 22 -4.04 -4.56 9.66
CA SER A 22 -5.29 -4.46 8.96
C SER A 22 -5.07 -3.92 7.56
N ARG A 23 -4.43 -2.76 7.48
CA ARG A 23 -4.28 -2.07 6.22
C ARG A 23 -3.41 -2.86 5.28
N VAL A 24 -2.34 -3.48 5.80
CA VAL A 24 -1.49 -4.30 4.93
C VAL A 24 -2.29 -5.48 4.38
N THR A 25 -3.06 -6.17 5.25
CA THR A 25 -3.87 -7.31 4.81
C THR A 25 -4.84 -6.86 3.71
N GLU A 26 -5.52 -5.75 3.98
CA GLU A 26 -6.49 -5.16 3.07
C GLU A 26 -5.86 -4.86 1.72
N CYS A 27 -4.70 -4.21 1.75
CA CYS A 27 -4.03 -3.80 0.55
C CYS A 27 -3.67 -4.99 -0.33
N LEU A 28 -3.20 -6.07 0.27
CA LEU A 28 -2.76 -7.20 -0.52
C LEU A 28 -3.98 -7.93 -1.09
N THR A 29 -5.06 -7.91 -0.34
CA THR A 29 -6.25 -8.66 -0.71
C THR A 29 -7.18 -7.85 -1.63
N THR A 30 -6.77 -6.62 -1.97
CA THR A 30 -7.52 -5.82 -2.94
C THR A 30 -7.44 -6.48 -4.32
N VAL A 31 -6.43 -7.28 -4.50
CA VAL A 31 -6.15 -7.92 -5.74
C VAL A 31 -7.13 -9.06 -5.95
N LYS A 32 -7.68 -9.10 -7.15
CA LYS A 32 -8.66 -10.10 -7.62
C LYS A 32 -8.16 -11.57 -7.55
N SER A 33 -6.95 -11.75 -7.10
CA SER A 33 -6.34 -13.06 -7.04
C SER A 33 -5.86 -13.35 -5.61
N VAL A 34 -5.91 -12.35 -4.74
CA VAL A 34 -5.41 -12.52 -3.37
C VAL A 34 -6.57 -12.58 -2.38
N ASN A 35 -6.47 -13.50 -1.46
CA ASN A 35 -7.51 -13.79 -0.47
C ASN A 35 -7.06 -13.31 0.94
N LYS A 36 -7.91 -13.47 1.95
CA LYS A 36 -7.62 -13.00 3.30
C LYS A 36 -6.43 -13.71 3.94
N THR A 37 -6.47 -15.04 4.01
CA THR A 37 -5.37 -15.80 4.61
C THR A 37 -4.16 -15.82 3.66
N ASP A 38 -4.44 -15.54 2.42
CA ASP A 38 -3.47 -15.51 1.36
C ASP A 38 -2.59 -14.26 1.59
N SER A 39 -3.25 -13.15 1.85
CA SER A 39 -2.62 -11.90 2.25
C SER A 39 -1.85 -12.12 3.58
N GLN A 40 -2.45 -12.89 4.49
CA GLN A 40 -1.83 -13.24 5.76
C GLN A 40 -0.49 -13.96 5.53
N THR A 41 -0.42 -14.73 4.46
CA THR A 41 0.78 -15.45 4.17
C THR A 41 1.88 -14.47 3.74
N LEU A 42 1.51 -13.46 2.98
CA LEU A 42 2.45 -12.39 2.63
C LEU A 42 2.86 -11.60 3.89
N LEU A 43 1.94 -11.50 4.81
CA LEU A 43 2.17 -10.83 6.06
C LEU A 43 3.13 -11.56 6.96
N THR A 44 3.03 -12.87 7.00
CA THR A 44 3.95 -13.63 7.83
C THR A 44 5.37 -13.63 7.21
N THR A 45 5.44 -13.59 5.88
CA THR A 45 6.73 -13.61 5.23
C THR A 45 7.41 -12.21 5.22
N PHE A 46 6.69 -11.14 4.87
CA PHE A 46 7.35 -9.85 4.78
C PHE A 46 6.86 -8.85 5.84
N GLY A 47 5.61 -9.02 6.30
CA GLY A 47 5.00 -8.20 7.37
C GLY A 47 5.04 -6.70 7.20
N SER A 48 5.34 -6.23 6.03
CA SER A 48 5.61 -4.84 5.82
C SER A 48 5.13 -4.45 4.44
N LEU A 49 4.79 -3.19 4.25
CA LEU A 49 4.41 -2.74 2.92
C LEU A 49 5.63 -2.62 2.04
N GLU A 50 6.68 -1.94 2.53
CA GLU A 50 7.91 -1.75 1.77
C GLU A 50 8.47 -3.06 1.22
N GLN A 51 8.41 -4.10 2.02
CA GLN A 51 8.92 -5.41 1.63
C GLN A 51 8.06 -6.06 0.56
N LEU A 52 6.80 -5.68 0.48
CA LEU A 52 5.88 -6.18 -0.54
C LEU A 52 6.17 -5.49 -1.86
N ILE A 53 6.27 -4.18 -1.80
CA ILE A 53 6.48 -3.38 -2.99
C ILE A 53 7.91 -3.55 -3.54
N ALA A 54 8.86 -3.81 -2.66
CA ALA A 54 10.23 -4.04 -3.07
C ALA A 54 10.46 -5.49 -3.43
N ALA A 55 9.42 -6.29 -3.39
CA ALA A 55 9.50 -7.67 -3.74
C ALA A 55 9.09 -7.83 -5.19
N SER A 56 9.79 -8.68 -5.90
CA SER A 56 9.47 -8.90 -7.27
C SER A 56 8.48 -10.08 -7.38
N ARG A 57 8.09 -10.42 -8.61
CA ARG A 57 7.17 -11.55 -8.89
C ARG A 57 7.74 -12.81 -8.19
N GLU A 58 9.01 -13.02 -8.36
CA GLU A 58 9.71 -14.14 -7.78
C GLU A 58 9.80 -14.08 -6.24
N ASP A 59 9.89 -12.89 -5.69
CA ASP A 59 9.94 -12.73 -4.22
C ASP A 59 8.59 -12.99 -3.63
N LEU A 60 7.58 -12.54 -4.31
CA LEU A 60 6.22 -12.72 -3.87
C LEU A 60 5.80 -14.19 -4.04
N ALA A 61 6.39 -14.86 -5.01
CA ALA A 61 6.14 -16.28 -5.24
C ALA A 61 6.99 -17.14 -4.32
N LEU A 62 7.99 -16.50 -3.72
CA LEU A 62 8.90 -17.14 -2.78
C LEU A 62 8.16 -17.45 -1.51
N CYS A 63 7.19 -16.59 -1.20
CA CYS A 63 6.29 -16.72 -0.06
C CYS A 63 5.83 -18.19 0.06
N PRO A 64 5.97 -18.78 1.26
CA PRO A 64 5.81 -20.23 1.46
C PRO A 64 4.47 -20.79 0.96
N GLY A 65 4.58 -21.66 -0.07
CA GLY A 65 3.45 -22.33 -0.70
C GLY A 65 2.25 -21.45 -0.90
N LEU A 66 2.47 -20.23 -1.32
CA LEU A 66 1.38 -19.29 -1.37
C LEU A 66 0.76 -19.15 -2.75
N GLY A 67 1.52 -18.90 -3.77
CA GLY A 67 0.90 -18.77 -5.05
C GLY A 67 1.77 -18.06 -6.04
N PRO A 68 2.06 -18.64 -7.18
CA PRO A 68 2.82 -17.94 -8.20
C PRO A 68 1.95 -16.85 -8.88
N GLN A 69 0.66 -17.14 -9.06
CA GLN A 69 -0.28 -16.20 -9.68
C GLN A 69 -0.53 -15.01 -8.79
N LYS A 70 -0.44 -15.22 -7.50
CA LYS A 70 -0.61 -14.15 -6.53
C LYS A 70 0.48 -13.12 -6.76
N ALA A 71 1.71 -13.60 -6.87
CA ALA A 71 2.87 -12.79 -7.11
C ALA A 71 2.73 -12.01 -8.40
N ARG A 72 2.21 -12.69 -9.41
CA ARG A 72 1.97 -12.09 -10.70
C ARG A 72 1.05 -10.89 -10.54
N ARG A 73 -0.09 -11.10 -9.90
CA ARG A 73 -1.07 -10.04 -9.76
C ARG A 73 -0.65 -8.96 -8.78
N LEU A 74 0.03 -9.33 -7.72
CA LEU A 74 0.56 -8.36 -6.78
C LEU A 74 1.49 -7.37 -7.46
N PHE A 75 2.46 -7.88 -8.20
CA PHE A 75 3.42 -7.04 -8.92
C PHE A 75 2.67 -6.14 -9.92
N ASP A 76 1.61 -6.71 -10.49
CA ASP A 76 0.78 -6.00 -11.46
C ASP A 76 0.12 -4.80 -10.82
N VAL A 77 -0.56 -5.01 -9.71
CA VAL A 77 -1.26 -3.90 -9.04
C VAL A 77 -0.29 -2.91 -8.43
N LEU A 78 0.90 -3.36 -8.12
CA LEU A 78 1.90 -2.50 -7.55
C LEU A 78 2.48 -1.57 -8.61
N HIS A 79 2.48 -1.99 -9.87
CA HIS A 79 3.10 -1.21 -10.94
C HIS A 79 2.09 -0.60 -11.90
N GLU A 80 0.88 -1.08 -11.85
CA GLU A 80 -0.18 -0.55 -12.65
C GLU A 80 -0.65 0.77 -12.08
N PRO A 81 -0.85 1.76 -12.94
CA PRO A 81 -1.34 3.03 -12.51
C PRO A 81 -2.81 2.91 -12.13
N PHE A 82 -3.25 3.75 -11.20
CA PHE A 82 -4.61 3.67 -10.66
C PHE A 82 -5.64 3.92 -11.76
N LEU A 83 -5.29 4.82 -12.64
CA LEU A 83 -6.17 5.26 -13.71
C LEU A 83 -6.01 4.36 -14.94
N LYS A 84 -5.20 3.27 -14.79
CA LYS A 84 -4.77 2.32 -15.87
C LYS A 84 -3.79 3.00 -16.81
N VAL A 85 -4.17 4.17 -17.20
CA VAL A 85 -3.51 4.95 -18.16
C VAL A 85 -2.29 5.67 -17.57
N PRO A 86 -1.11 5.39 -18.09
CA PRO A 86 0.07 6.12 -17.73
C PRO A 86 0.12 7.45 -18.46
N GLY A 87 0.66 8.45 -17.82
CA GLY A 87 0.83 9.73 -18.44
C GLY A 87 1.92 9.68 -19.50
N GLY A 88 2.78 8.70 -19.36
CA GLY A 88 3.83 8.47 -20.31
C GLY A 88 3.69 7.14 -21.00
N LEU A 89 2.85 7.08 -22.01
CA LEU A 89 2.66 5.88 -22.81
C LEU A 89 3.73 5.73 -23.87
N GLU A 90 3.55 6.42 -24.99
CA GLU A 90 4.49 6.37 -26.08
C GLU A 90 5.54 7.42 -25.85
N HIS A 91 5.08 8.56 -25.43
CA HIS A 91 5.91 9.67 -25.08
C HIS A 91 5.97 9.73 -23.59
N HIS A 92 7.16 9.75 -23.02
CA HIS A 92 7.27 9.90 -21.59
C HIS A 92 7.25 11.38 -21.26
N HIS A 93 6.09 11.94 -21.43
CA HIS A 93 5.86 13.34 -21.27
C HIS A 93 4.44 13.54 -20.80
N HIS A 94 4.31 13.98 -19.57
CA HIS A 94 3.02 14.24 -19.00
C HIS A 94 2.52 15.57 -19.54
N HIS A 95 1.65 15.50 -20.51
CA HIS A 95 1.16 16.69 -21.17
C HIS A 95 -0.35 16.81 -21.01
N HIS A 96 -1.04 15.87 -21.57
CA HIS A 96 -2.48 15.83 -21.52
C HIS A 96 -2.87 14.39 -21.51
N MET B 1 -3.72 14.01 -20.60
CA MET B 1 -4.21 12.65 -20.57
C MET B 1 -5.26 12.52 -21.66
N ASP B 2 -5.95 13.60 -21.88
CA ASP B 2 -6.88 13.78 -22.97
C ASP B 2 -7.08 15.27 -23.06
N SER B 3 -7.65 15.71 -24.11
CA SER B 3 -7.93 17.12 -24.27
C SER B 3 -9.38 17.29 -24.66
N GLU B 4 -10.17 16.26 -24.44
CA GLU B 4 -11.50 16.26 -24.94
C GLU B 4 -12.48 16.57 -23.87
N THR B 5 -12.65 15.64 -23.03
CA THR B 5 -13.62 15.67 -21.93
C THR B 5 -13.71 14.26 -21.29
N LEU B 6 -12.72 13.41 -21.58
CA LEU B 6 -12.78 12.01 -21.19
C LEU B 6 -12.65 11.86 -19.68
N PRO B 7 -13.68 11.32 -19.01
CA PRO B 7 -13.67 11.16 -17.56
C PRO B 7 -12.70 10.06 -17.14
N GLU B 8 -12.02 10.25 -16.02
CA GLU B 8 -11.12 9.22 -15.56
C GLU B 8 -11.91 8.09 -14.99
N SER B 9 -13.15 8.37 -14.61
CA SER B 9 -14.02 7.41 -13.96
C SER B 9 -14.28 6.13 -14.81
N GLU B 10 -14.00 6.18 -16.12
CA GLU B 10 -14.15 4.98 -16.95
C GLU B 10 -12.87 4.13 -16.86
N LYS B 11 -11.81 4.74 -16.39
CA LYS B 11 -10.51 4.16 -16.41
C LYS B 11 -9.87 4.12 -15.02
N TYR B 12 -10.21 3.13 -14.29
CA TYR B 12 -9.60 2.88 -13.02
C TYR B 12 -9.42 1.41 -12.84
N ASN B 13 -8.26 1.02 -12.44
CA ASN B 13 -7.99 -0.35 -12.13
C ASN B 13 -8.34 -0.56 -10.67
N PRO B 14 -9.37 -1.39 -10.39
CA PRO B 14 -9.86 -1.61 -9.03
C PRO B 14 -8.81 -2.18 -8.10
N GLY B 15 -7.88 -2.95 -8.64
CA GLY B 15 -6.82 -3.52 -7.83
C GLY B 15 -5.90 -2.46 -7.23
N PRO B 16 -5.07 -1.80 -8.04
CA PRO B 16 -4.12 -0.80 -7.55
C PRO B 16 -4.79 0.42 -6.93
N GLN B 17 -5.98 0.80 -7.41
CA GLN B 17 -6.63 1.95 -6.82
C GLN B 17 -7.02 1.59 -5.41
N ASP B 18 -7.48 0.36 -5.22
CA ASP B 18 -7.98 -0.03 -3.95
C ASP B 18 -6.84 -0.17 -3.00
N PHE B 19 -5.70 -0.64 -3.53
CA PHE B 19 -4.48 -0.81 -2.78
C PHE B 19 -4.13 0.53 -2.11
N LEU B 20 -4.20 1.61 -2.89
CA LEU B 20 -3.94 2.95 -2.39
C LEU B 20 -5.09 3.44 -1.48
N LEU B 21 -6.30 3.10 -1.83
CA LEU B 21 -7.45 3.53 -1.06
C LEU B 21 -7.59 2.84 0.29
N LYS B 22 -6.88 1.76 0.48
CA LYS B 22 -6.89 1.03 1.74
C LYS B 22 -5.73 1.48 2.63
N MET B 23 -4.91 2.36 2.09
CA MET B 23 -3.74 2.90 2.78
C MET B 23 -4.18 3.96 3.78
N PRO B 24 -3.57 4.01 4.97
CA PRO B 24 -3.97 4.95 6.01
C PRO B 24 -3.51 6.39 5.70
N GLY B 25 -4.43 7.32 5.84
CA GLY B 25 -4.14 8.71 5.60
C GLY B 25 -4.63 9.16 4.24
N VAL B 26 -4.99 8.20 3.42
CA VAL B 26 -5.43 8.48 2.07
C VAL B 26 -6.94 8.69 2.01
N ASN B 27 -7.33 9.91 1.80
CA ASN B 27 -8.74 10.26 1.62
C ASN B 27 -8.87 10.66 0.17
N ALA B 28 -10.08 10.82 -0.34
CA ALA B 28 -10.33 11.16 -1.79
C ALA B 28 -9.47 12.31 -2.32
N LYS B 29 -9.15 13.25 -1.46
CA LYS B 29 -8.34 14.42 -1.81
C LYS B 29 -6.93 13.92 -2.13
N ASN B 30 -6.42 13.15 -1.20
CA ASN B 30 -5.10 12.58 -1.27
C ASN B 30 -5.00 11.54 -2.37
N CYS B 31 -6.11 10.82 -2.60
CA CYS B 31 -6.18 9.86 -3.71
C CYS B 31 -5.92 10.60 -5.01
N ARG B 32 -6.62 11.72 -5.21
CA ARG B 32 -6.46 12.55 -6.39
C ARG B 32 -5.06 13.09 -6.53
N SER B 33 -4.53 13.69 -5.49
CA SER B 33 -3.17 14.21 -5.50
C SER B 33 -2.17 13.12 -5.90
N LEU B 34 -2.32 11.95 -5.31
CA LEU B 34 -1.45 10.84 -5.59
C LEU B 34 -1.59 10.33 -7.00
N MET B 35 -2.79 10.21 -7.51
CA MET B 35 -2.96 9.67 -8.87
C MET B 35 -2.62 10.71 -9.94
N HIS B 36 -2.49 11.95 -9.52
CA HIS B 36 -2.10 13.01 -10.43
C HIS B 36 -0.59 13.23 -10.43
N HIS B 37 0.04 13.05 -9.28
CA HIS B 37 1.51 13.24 -9.18
C HIS B 37 2.24 11.92 -9.36
N VAL B 38 1.64 10.88 -8.88
CA VAL B 38 2.22 9.56 -8.81
C VAL B 38 1.52 8.59 -9.78
N LYS B 39 2.28 7.66 -10.33
CA LYS B 39 1.73 6.67 -11.25
C LYS B 39 0.99 5.56 -10.48
N ASN B 40 1.68 4.96 -9.52
CA ASN B 40 1.18 3.80 -8.80
C ASN B 40 1.69 3.81 -7.35
N ILE B 41 1.21 2.87 -6.55
CA ILE B 41 1.63 2.73 -5.16
C ILE B 41 3.14 2.48 -5.04
N ALA B 42 3.75 1.89 -6.08
CA ALA B 42 5.19 1.66 -6.10
C ALA B 42 5.96 2.97 -6.03
N GLU B 43 5.58 3.92 -6.88
CA GLU B 43 6.20 5.26 -6.89
C GLU B 43 6.00 5.91 -5.53
N LEU B 44 4.80 5.75 -5.01
CA LEU B 44 4.42 6.25 -3.70
C LEU B 44 5.34 5.73 -2.61
N ALA B 45 5.49 4.43 -2.56
CA ALA B 45 6.30 3.81 -1.54
C ALA B 45 7.79 4.07 -1.75
N ALA B 46 8.15 4.45 -2.96
CA ALA B 46 9.53 4.76 -3.29
C ALA B 46 9.84 6.20 -2.92
N LEU B 47 8.80 6.94 -2.60
CA LEU B 47 8.93 8.32 -2.20
C LEU B 47 9.37 8.47 -0.78
N SER B 48 10.07 9.53 -0.54
CA SER B 48 10.49 9.89 0.76
C SER B 48 9.41 10.79 1.38
N GLN B 49 9.47 11.05 2.71
CA GLN B 49 8.40 11.79 3.37
C GLN B 49 8.12 13.15 2.76
N ASP B 50 9.15 13.94 2.56
CA ASP B 50 8.99 15.32 2.06
C ASP B 50 8.28 15.34 0.72
N GLU B 51 8.53 14.32 -0.08
CA GLU B 51 7.92 14.18 -1.38
C GLU B 51 6.43 13.92 -1.24
N LEU B 52 6.07 12.86 -0.52
CA LEU B 52 4.66 12.50 -0.33
C LEU B 52 3.89 13.59 0.41
N THR B 53 4.56 14.25 1.34
CA THR B 53 4.00 15.32 2.12
C THR B 53 3.59 16.50 1.23
N SER B 54 4.41 16.79 0.24
CA SER B 54 4.15 17.88 -0.66
C SER B 54 3.00 17.56 -1.62
N ILE B 55 2.90 16.31 -2.01
CA ILE B 55 1.85 15.84 -2.89
C ILE B 55 0.51 15.88 -2.16
N LEU B 56 0.50 15.35 -0.97
CA LEU B 56 -0.71 15.28 -0.17
C LEU B 56 -1.11 16.64 0.37
N GLY B 57 -0.14 17.39 0.83
CA GLY B 57 -0.40 18.71 1.37
C GLY B 57 -0.69 18.66 2.86
N ASN B 58 -0.90 17.47 3.37
CA ASN B 58 -1.22 17.26 4.76
C ASN B 58 -0.14 16.48 5.46
N ALA B 59 0.47 17.12 6.43
CA ALA B 59 1.53 16.54 7.26
C ALA B 59 1.06 15.28 7.98
N ALA B 60 -0.14 15.33 8.54
CA ALA B 60 -0.71 14.20 9.27
C ALA B 60 -0.90 13.01 8.38
N ASN B 61 -1.55 13.25 7.26
CA ASN B 61 -1.82 12.22 6.25
C ASN B 61 -0.54 11.62 5.76
N ALA B 62 0.42 12.49 5.49
CA ALA B 62 1.72 12.11 5.02
C ALA B 62 2.44 11.27 6.05
N LYS B 63 2.30 11.64 7.31
CA LYS B 63 2.88 10.88 8.38
C LYS B 63 2.27 9.48 8.44
N GLN B 64 0.94 9.39 8.27
CA GLN B 64 0.24 8.12 8.38
C GLN B 64 0.78 7.17 7.34
N LEU B 65 0.92 7.68 6.13
CA LEU B 65 1.48 6.93 5.03
C LEU B 65 2.92 6.61 5.26
N TYR B 66 3.74 7.64 5.45
CA TYR B 66 5.18 7.50 5.62
C TYR B 66 5.53 6.44 6.64
N ASP B 67 4.97 6.56 7.84
CA ASP B 67 5.24 5.60 8.89
C ASP B 67 4.88 4.20 8.47
N PHE B 68 3.66 4.04 7.97
CA PHE B 68 3.10 2.74 7.56
C PHE B 68 3.92 2.08 6.46
N ILE B 69 4.21 2.84 5.43
CA ILE B 69 4.97 2.38 4.28
C ILE B 69 6.35 1.88 4.71
N HIS B 70 6.90 2.54 5.71
CA HIS B 70 8.25 2.26 6.16
C HIS B 70 8.26 1.46 7.46
N THR B 71 7.18 0.76 7.74
CA THR B 71 7.09 0.04 8.98
C THR B 71 6.50 -1.38 8.77
N SER B 72 6.68 -2.22 9.77
CA SER B 72 6.13 -3.55 9.81
C SER B 72 5.09 -3.61 10.92
N PHE B 73 4.06 -4.42 10.77
CA PHE B 73 3.15 -4.60 11.88
C PHE B 73 3.85 -5.46 12.94
N ALA B 74 4.71 -6.35 12.44
CA ALA B 74 5.43 -7.31 13.26
C ALA B 74 6.41 -6.64 14.21
N GLU B 75 6.88 -5.48 13.83
CA GLU B 75 7.82 -4.76 14.66
C GLU B 75 7.09 -4.15 15.86
N VAL B 76 5.82 -3.80 15.63
CA VAL B 76 5.01 -3.15 16.64
C VAL B 76 4.37 -4.16 17.56
N VAL B 77 3.86 -5.27 16.98
CA VAL B 77 3.15 -6.34 17.72
C VAL B 77 3.95 -6.85 18.92
N SER B 78 5.27 -6.78 18.79
CA SER B 78 6.20 -7.20 19.80
C SER B 78 6.00 -8.66 20.17
N LYS B 79 6.34 -9.52 19.25
CA LYS B 79 6.22 -10.94 19.41
C LYS B 79 7.50 -11.59 19.00
N GLY B 80 7.97 -12.49 19.82
CA GLY B 80 9.18 -13.21 19.52
C GLY B 80 10.35 -12.77 20.36
N LYS B 81 10.25 -11.58 20.92
CA LYS B 81 11.33 -11.01 21.71
C LYS B 81 11.25 -11.52 23.15
N GLY B 82 10.04 -11.71 23.60
CA GLY B 82 9.81 -12.08 24.96
C GLY B 82 9.09 -10.95 25.65
N LYS B 83 8.97 -11.02 26.94
CA LYS B 83 8.26 -9.97 27.66
C LYS B 83 9.25 -9.12 28.47
N LYS B 84 9.56 -7.96 27.94
CA LYS B 84 10.43 -7.01 28.56
C LYS B 84 10.19 -5.68 27.92
N ARG A 1 7.59 -8.92 42.11
CA ARG A 1 7.52 -7.72 42.95
C ARG A 1 6.97 -6.53 42.18
N ILE A 2 7.74 -6.02 41.24
CA ILE A 2 7.34 -4.86 40.48
C ILE A 2 7.08 -5.24 39.04
N ARG A 3 5.98 -4.80 38.52
CA ARG A 3 5.63 -5.08 37.14
C ARG A 3 5.88 -3.85 36.30
N ARG A 4 6.18 -4.07 35.05
CA ARG A 4 6.41 -2.98 34.13
C ARG A 4 5.44 -3.05 32.96
N ARG A 5 4.87 -4.21 32.71
CA ARG A 5 3.96 -4.34 31.60
C ARG A 5 2.56 -3.84 31.92
N TYR A 6 2.42 -2.55 32.03
CA TYR A 6 1.13 -1.90 32.19
C TYR A 6 1.27 -0.45 31.75
N ASN A 7 2.24 -0.22 30.89
CA ASN A 7 2.44 1.10 30.33
C ASN A 7 1.46 1.28 29.21
N MET A 8 1.01 2.50 29.00
CA MET A 8 0.02 2.78 27.94
C MET A 8 0.62 2.46 26.57
N ALA A 9 1.94 2.47 26.50
CA ALA A 9 2.69 2.18 25.30
C ALA A 9 2.45 0.74 24.86
N ASP A 10 2.18 -0.14 25.81
CA ASP A 10 1.95 -1.55 25.52
C ASP A 10 0.59 -1.72 24.85
N LEU A 11 -0.39 -0.99 25.36
CA LEU A 11 -1.74 -1.01 24.80
C LEU A 11 -1.71 -0.35 23.44
N LEU A 12 -0.94 0.73 23.34
CA LEU A 12 -0.75 1.46 22.10
C LEU A 12 -0.14 0.53 21.05
N MET A 13 0.88 -0.22 21.48
CA MET A 13 1.58 -1.19 20.64
C MET A 13 0.61 -2.18 20.01
N GLU A 14 -0.34 -2.69 20.82
CA GLU A 14 -1.33 -3.63 20.31
C GLU A 14 -2.20 -2.97 19.26
N LYS A 15 -2.52 -1.72 19.46
CA LYS A 15 -3.41 -1.05 18.54
C LYS A 15 -2.71 -0.66 17.26
N LEU A 16 -1.41 -0.38 17.34
CA LEU A 16 -0.62 -0.14 16.16
C LEU A 16 -0.58 -1.37 15.29
N GLU A 17 -0.18 -2.51 15.87
CA GLU A 17 -0.10 -3.75 15.10
C GLU A 17 -1.49 -4.17 14.59
N GLN A 18 -2.51 -3.91 15.40
CA GLN A 18 -3.89 -4.26 15.09
C GLN A 18 -4.32 -3.58 13.79
N ASP A 19 -4.13 -2.28 13.74
CA ASP A 19 -4.56 -1.52 12.58
C ASP A 19 -3.62 -1.77 11.42
N LEU A 20 -2.31 -1.84 11.72
CA LEU A 20 -1.29 -2.13 10.72
C LEU A 20 -1.56 -3.40 9.98
N VAL A 21 -1.78 -4.49 10.71
CA VAL A 21 -2.02 -5.77 10.08
C VAL A 21 -3.27 -5.71 9.23
N SER A 22 -4.34 -5.10 9.75
CA SER A 22 -5.58 -5.02 9.02
C SER A 22 -5.43 -4.27 7.68
N ARG A 23 -4.68 -3.15 7.69
CA ARG A 23 -4.53 -2.36 6.47
C ARG A 23 -3.69 -3.09 5.47
N VAL A 24 -2.57 -3.68 5.92
CA VAL A 24 -1.70 -4.39 5.00
C VAL A 24 -2.45 -5.59 4.41
N THR A 25 -3.21 -6.32 5.26
CA THR A 25 -4.00 -7.46 4.79
C THR A 25 -4.95 -7.01 3.67
N GLU A 26 -5.72 -5.95 3.96
CA GLU A 26 -6.66 -5.38 3.01
C GLU A 26 -5.98 -4.92 1.73
N CYS A 27 -4.80 -4.27 1.86
CA CYS A 27 -4.07 -3.80 0.71
C CYS A 27 -3.67 -4.96 -0.19
N LEU A 28 -3.22 -6.06 0.37
CA LEU A 28 -2.82 -7.20 -0.46
C LEU A 28 -4.08 -7.81 -1.09
N THR A 29 -5.13 -7.80 -0.31
CA THR A 29 -6.45 -8.34 -0.64
C THR A 29 -7.16 -7.54 -1.78
N THR A 30 -6.65 -6.38 -2.11
CA THR A 30 -7.25 -5.59 -3.18
C THR A 30 -7.10 -6.29 -4.55
N VAL A 31 -6.13 -7.18 -4.65
CA VAL A 31 -5.94 -7.95 -5.84
C VAL A 31 -7.03 -9.01 -5.90
N LYS A 32 -7.72 -9.09 -7.03
CA LYS A 32 -8.84 -10.03 -7.23
C LYS A 32 -8.47 -11.50 -6.89
N SER A 33 -7.22 -11.85 -7.02
CA SER A 33 -6.79 -13.20 -6.74
C SER A 33 -6.32 -13.39 -5.28
N VAL A 34 -6.13 -12.31 -4.56
CA VAL A 34 -5.58 -12.42 -3.23
C VAL A 34 -6.69 -12.38 -2.17
N ASN A 35 -6.80 -13.47 -1.46
CA ASN A 35 -7.82 -13.66 -0.42
C ASN A 35 -7.21 -13.30 0.94
N LYS A 36 -7.96 -13.40 2.04
CA LYS A 36 -7.43 -13.01 3.34
C LYS A 36 -6.30 -13.92 3.82
N THR A 37 -6.50 -15.22 3.70
CA THR A 37 -5.49 -16.20 4.09
C THR A 37 -4.23 -16.05 3.20
N ASP A 38 -4.46 -15.54 2.03
CA ASP A 38 -3.44 -15.34 1.02
C ASP A 38 -2.56 -14.18 1.52
N SER A 39 -3.21 -13.06 1.81
CA SER A 39 -2.57 -11.89 2.37
C SER A 39 -1.82 -12.19 3.67
N GLN A 40 -2.44 -12.96 4.58
CA GLN A 40 -1.80 -13.23 5.87
C GLN A 40 -0.50 -14.02 5.69
N THR A 41 -0.45 -14.84 4.64
CA THR A 41 0.75 -15.58 4.33
C THR A 41 1.88 -14.59 3.93
N LEU A 42 1.52 -13.57 3.19
CA LEU A 42 2.47 -12.53 2.83
C LEU A 42 2.86 -11.68 4.04
N LEU A 43 1.97 -11.62 4.99
CA LEU A 43 2.19 -10.90 6.21
C LEU A 43 3.10 -11.63 7.17
N THR A 44 3.04 -12.93 7.18
CA THR A 44 3.92 -13.67 8.03
C THR A 44 5.35 -13.65 7.44
N THR A 45 5.46 -13.58 6.12
CA THR A 45 6.74 -13.55 5.49
C THR A 45 7.39 -12.15 5.54
N PHE A 46 6.69 -11.09 5.12
CA PHE A 46 7.35 -9.78 5.10
C PHE A 46 6.76 -8.80 6.12
N GLY A 47 5.49 -9.01 6.45
CA GLY A 47 4.77 -8.19 7.45
C GLY A 47 4.79 -6.67 7.22
N SER A 48 5.08 -6.25 6.02
CA SER A 48 5.27 -4.87 5.70
C SER A 48 4.77 -4.61 4.31
N LEU A 49 4.43 -3.37 4.02
CA LEU A 49 4.00 -3.03 2.69
C LEU A 49 5.24 -2.69 1.84
N GLU A 50 6.23 -2.02 2.45
CA GLU A 50 7.49 -1.71 1.77
C GLU A 50 8.14 -2.98 1.26
N GLN A 51 8.25 -3.95 2.13
CA GLN A 51 8.86 -5.22 1.80
C GLN A 51 8.04 -5.97 0.74
N LEU A 52 6.77 -5.66 0.69
CA LEU A 52 5.85 -6.28 -0.24
C LEU A 52 6.02 -5.67 -1.64
N ILE A 53 6.06 -4.35 -1.72
CA ILE A 53 6.24 -3.66 -2.99
C ILE A 53 7.68 -3.83 -3.49
N ALA A 54 8.62 -3.92 -2.56
CA ALA A 54 10.02 -4.14 -2.91
C ALA A 54 10.25 -5.61 -3.28
N ALA A 55 9.22 -6.40 -3.16
CA ALA A 55 9.28 -7.77 -3.51
C ALA A 55 8.89 -7.94 -4.97
N SER A 56 9.64 -8.70 -5.69
CA SER A 56 9.35 -8.93 -7.06
C SER A 56 8.54 -10.22 -7.19
N ARG A 57 8.18 -10.59 -8.41
CA ARG A 57 7.41 -11.81 -8.67
C ARG A 57 8.04 -13.07 -8.05
N GLU A 58 9.36 -13.13 -8.00
CA GLU A 58 10.02 -14.29 -7.39
C GLU A 58 9.92 -14.25 -5.86
N ASP A 59 9.91 -13.05 -5.30
CA ASP A 59 9.88 -12.88 -3.84
C ASP A 59 8.49 -13.17 -3.32
N LEU A 60 7.51 -12.77 -4.08
CA LEU A 60 6.12 -13.00 -3.74
C LEU A 60 5.75 -14.47 -3.98
N ALA A 61 6.48 -15.12 -4.88
CA ALA A 61 6.29 -16.55 -5.11
C ALA A 61 7.12 -17.37 -4.14
N LEU A 62 8.06 -16.70 -3.49
CA LEU A 62 8.94 -17.28 -2.49
C LEU A 62 8.18 -17.52 -1.19
N CYS A 63 7.20 -16.65 -0.96
CA CYS A 63 6.30 -16.74 0.19
C CYS A 63 5.84 -18.20 0.39
N PRO A 64 5.97 -18.73 1.63
CA PRO A 64 5.79 -20.17 1.89
C PRO A 64 4.45 -20.72 1.42
N GLY A 65 4.55 -21.63 0.44
CA GLY A 65 3.41 -22.30 -0.16
C GLY A 65 2.24 -21.39 -0.44
N LEU A 66 2.45 -20.33 -1.16
CA LEU A 66 1.38 -19.40 -1.34
C LEU A 66 0.91 -19.31 -2.79
N GLY A 67 1.80 -19.07 -3.71
CA GLY A 67 1.34 -18.98 -5.06
C GLY A 67 2.27 -18.24 -5.97
N PRO A 68 2.59 -18.75 -7.14
CA PRO A 68 3.38 -17.99 -8.10
C PRO A 68 2.49 -16.98 -8.86
N GLN A 69 1.23 -17.35 -9.07
CA GLN A 69 0.30 -16.52 -9.80
C GLN A 69 -0.11 -15.35 -9.04
N LYS A 70 -0.12 -15.49 -7.74
CA LYS A 70 -0.51 -14.41 -6.90
C LYS A 70 0.51 -13.29 -7.03
N ALA A 71 1.78 -13.70 -7.07
CA ALA A 71 2.91 -12.82 -7.26
C ALA A 71 2.76 -12.03 -8.56
N ARG A 72 2.31 -12.72 -9.59
CA ARG A 72 2.12 -12.09 -10.91
C ARG A 72 1.07 -10.98 -10.78
N ARG A 73 -0.06 -11.31 -10.17
CA ARG A 73 -1.18 -10.39 -10.02
C ARG A 73 -0.80 -9.19 -9.12
N LEU A 74 -0.09 -9.48 -8.04
CA LEU A 74 0.39 -8.48 -7.10
C LEU A 74 1.30 -7.48 -7.76
N PHE A 75 2.30 -8.00 -8.46
CA PHE A 75 3.30 -7.16 -9.13
C PHE A 75 2.59 -6.22 -10.12
N ASP A 76 1.50 -6.71 -10.72
CA ASP A 76 0.72 -5.94 -11.67
C ASP A 76 0.12 -4.73 -10.99
N VAL A 77 -0.60 -4.95 -9.89
CA VAL A 77 -1.27 -3.85 -9.19
C VAL A 77 -0.25 -2.89 -8.60
N LEU A 78 0.93 -3.38 -8.31
CA LEU A 78 1.97 -2.55 -7.76
C LEU A 78 2.57 -1.62 -8.82
N HIS A 79 2.56 -2.03 -10.09
CA HIS A 79 3.19 -1.23 -11.14
C HIS A 79 2.19 -0.54 -12.04
N GLU A 80 0.96 -0.95 -11.99
CA GLU A 80 -0.10 -0.37 -12.76
C GLU A 80 -0.53 0.94 -12.15
N PRO A 81 -0.82 1.94 -12.99
CA PRO A 81 -1.29 3.20 -12.51
C PRO A 81 -2.72 3.08 -12.01
N PHE A 82 -3.12 4.00 -11.18
CA PHE A 82 -4.45 3.97 -10.61
C PHE A 82 -5.43 4.35 -11.67
N LEU A 83 -5.02 5.31 -12.49
CA LEU A 83 -5.86 5.84 -13.56
C LEU A 83 -5.82 4.91 -14.78
N LYS A 84 -5.08 3.79 -14.66
CA LYS A 84 -4.91 2.76 -15.72
C LYS A 84 -4.05 3.29 -16.90
N VAL A 85 -4.13 4.56 -17.13
CA VAL A 85 -3.43 5.24 -18.19
C VAL A 85 -2.11 5.85 -17.66
N PRO A 86 -0.96 5.41 -18.19
CA PRO A 86 0.34 5.99 -17.86
C PRO A 86 0.68 7.14 -18.82
N GLY A 87 1.91 7.63 -18.72
CA GLY A 87 2.40 8.63 -19.65
C GLY A 87 2.87 7.97 -20.94
N GLY A 88 2.05 7.07 -21.41
CA GLY A 88 2.30 6.30 -22.58
C GLY A 88 1.33 5.16 -22.60
N LEU A 89 1.74 4.04 -23.16
CA LEU A 89 0.97 2.80 -23.22
C LEU A 89 -0.34 2.89 -24.03
N GLU A 90 -1.32 3.63 -23.51
CA GLU A 90 -2.63 3.78 -24.16
C GLU A 90 -2.46 4.41 -25.53
N HIS A 91 -1.77 5.53 -25.54
CA HIS A 91 -1.43 6.28 -26.75
C HIS A 91 -0.65 7.52 -26.36
N HIS A 92 -1.20 8.24 -25.38
CA HIS A 92 -0.65 9.48 -24.83
C HIS A 92 -0.66 10.60 -25.88
N HIS A 93 0.25 10.51 -26.84
CA HIS A 93 0.41 11.48 -27.93
C HIS A 93 0.55 12.92 -27.43
N HIS A 94 -0.52 13.71 -27.55
CA HIS A 94 -0.52 15.11 -27.17
C HIS A 94 -1.94 15.62 -27.33
N HIS A 95 -2.48 15.39 -28.50
CA HIS A 95 -3.84 15.75 -28.82
C HIS A 95 -4.77 14.66 -28.35
N HIS A 96 -6.02 14.74 -28.71
CA HIS A 96 -6.99 13.75 -28.31
C HIS A 96 -8.02 13.56 -29.41
N MET B 1 -8.40 12.34 -29.63
CA MET B 1 -9.48 12.04 -30.53
C MET B 1 -10.74 12.00 -29.69
N ASP B 2 -10.56 11.65 -28.43
CA ASP B 2 -11.63 11.51 -27.46
C ASP B 2 -12.31 12.83 -27.19
N SER B 3 -13.51 12.96 -27.67
CA SER B 3 -14.32 14.12 -27.48
C SER B 3 -15.50 13.71 -26.59
N GLU B 4 -15.21 12.76 -25.72
CA GLU B 4 -16.18 12.14 -24.86
C GLU B 4 -16.63 13.06 -23.74
N THR B 5 -17.71 12.67 -23.12
CA THR B 5 -18.29 13.39 -22.00
C THR B 5 -17.99 12.60 -20.72
N LEU B 6 -17.07 11.69 -20.81
CA LEU B 6 -16.75 10.84 -19.71
C LEU B 6 -15.57 11.37 -18.93
N PRO B 7 -15.70 11.41 -17.59
CA PRO B 7 -14.60 11.77 -16.69
C PRO B 7 -13.64 10.59 -16.57
N GLU B 8 -12.44 10.83 -16.04
CA GLU B 8 -11.39 9.78 -15.87
C GLU B 8 -11.87 8.53 -15.13
N SER B 9 -13.06 8.60 -14.52
CA SER B 9 -13.72 7.46 -13.88
C SER B 9 -13.85 6.28 -14.89
N GLU B 10 -13.74 6.60 -16.18
CA GLU B 10 -13.79 5.65 -17.27
C GLU B 10 -12.54 4.73 -17.28
N LYS B 11 -11.47 5.18 -16.64
CA LYS B 11 -10.21 4.50 -16.70
C LYS B 11 -9.55 4.44 -15.35
N TYR B 12 -9.76 3.37 -14.66
CA TYR B 12 -9.13 3.12 -13.40
C TYR B 12 -8.79 1.67 -13.27
N ASN B 13 -7.71 1.39 -12.61
CA ASN B 13 -7.35 0.03 -12.30
C ASN B 13 -7.75 -0.22 -10.86
N PRO B 14 -8.70 -1.15 -10.64
CA PRO B 14 -9.26 -1.41 -9.30
C PRO B 14 -8.22 -1.85 -8.29
N GLY B 15 -7.36 -2.76 -8.68
CA GLY B 15 -6.33 -3.29 -7.80
C GLY B 15 -5.44 -2.19 -7.19
N PRO B 16 -4.63 -1.50 -8.00
CA PRO B 16 -3.74 -0.48 -7.48
C PRO B 16 -4.45 0.69 -6.81
N GLN B 17 -5.62 1.09 -7.34
CA GLN B 17 -6.32 2.23 -6.76
C GLN B 17 -6.74 1.86 -5.37
N ASP B 18 -7.22 0.63 -5.23
CA ASP B 18 -7.76 0.17 -3.99
C ASP B 18 -6.63 -0.02 -3.01
N PHE B 19 -5.50 -0.53 -3.51
CA PHE B 19 -4.28 -0.75 -2.72
C PHE B 19 -3.88 0.56 -1.99
N LEU B 20 -4.02 1.67 -2.70
CA LEU B 20 -3.75 3.01 -2.17
C LEU B 20 -4.92 3.49 -1.31
N LEU B 21 -6.12 3.23 -1.73
CA LEU B 21 -7.31 3.67 -1.02
C LEU B 21 -7.49 3.01 0.34
N LYS B 22 -6.74 1.96 0.60
CA LYS B 22 -6.77 1.25 1.87
C LYS B 22 -5.66 1.77 2.81
N MET B 23 -4.91 2.79 2.37
CA MET B 23 -3.79 3.33 3.16
C MET B 23 -4.30 4.18 4.33
N PRO B 24 -3.59 4.20 5.45
CA PRO B 24 -3.90 5.08 6.57
C PRO B 24 -3.44 6.50 6.29
N GLY B 25 -4.26 7.46 6.65
CA GLY B 25 -3.91 8.84 6.45
C GLY B 25 -4.42 9.37 5.14
N VAL B 26 -4.86 8.49 4.27
CA VAL B 26 -5.32 8.90 2.97
C VAL B 26 -6.81 9.26 3.05
N ASN B 27 -7.17 10.27 2.32
CA ASN B 27 -8.55 10.72 2.19
C ASN B 27 -8.81 10.85 0.70
N ALA B 28 -10.01 11.20 0.30
CA ALA B 28 -10.37 11.28 -1.13
C ALA B 28 -9.51 12.31 -1.86
N LYS B 29 -9.21 13.37 -1.17
CA LYS B 29 -8.43 14.49 -1.68
C LYS B 29 -7.02 14.00 -1.97
N ASN B 30 -6.48 13.34 -0.98
CA ASN B 30 -5.14 12.77 -0.99
C ASN B 30 -5.02 11.65 -2.00
N CYS B 31 -6.08 10.86 -2.15
CA CYS B 31 -6.13 9.81 -3.18
C CYS B 31 -6.00 10.45 -4.54
N ARG B 32 -6.76 11.54 -4.74
CA ARG B 32 -6.71 12.30 -5.96
C ARG B 32 -5.31 12.85 -6.22
N SER B 33 -4.72 13.47 -5.23
CA SER B 33 -3.38 14.01 -5.34
C SER B 33 -2.39 12.94 -5.78
N LEU B 34 -2.45 11.79 -5.13
CA LEU B 34 -1.57 10.70 -5.45
C LEU B 34 -1.79 10.13 -6.82
N MET B 35 -3.03 10.01 -7.24
CA MET B 35 -3.29 9.43 -8.56
C MET B 35 -3.06 10.44 -9.67
N HIS B 36 -3.10 11.69 -9.34
CA HIS B 36 -2.91 12.72 -10.33
C HIS B 36 -1.45 13.13 -10.46
N HIS B 37 -0.68 12.96 -9.40
CA HIS B 37 0.76 13.30 -9.44
C HIS B 37 1.62 12.05 -9.58
N VAL B 38 1.17 10.96 -9.02
CA VAL B 38 1.90 9.70 -9.00
C VAL B 38 1.21 8.64 -9.86
N LYS B 39 2.00 7.77 -10.45
CA LYS B 39 1.49 6.71 -11.27
C LYS B 39 0.88 5.59 -10.41
N ASN B 40 1.67 5.07 -9.48
CA ASN B 40 1.28 3.89 -8.71
C ASN B 40 1.83 3.91 -7.30
N ILE B 41 1.42 2.93 -6.50
CA ILE B 41 1.87 2.77 -5.13
C ILE B 41 3.41 2.55 -5.06
N ALA B 42 3.98 1.99 -6.14
CA ALA B 42 5.42 1.75 -6.22
C ALA B 42 6.20 3.07 -6.16
N GLU B 43 5.78 4.05 -6.97
CA GLU B 43 6.39 5.37 -6.96
C GLU B 43 6.21 6.00 -5.60
N LEU B 44 4.98 5.86 -5.09
CA LEU B 44 4.59 6.35 -3.76
C LEU B 44 5.54 5.87 -2.67
N ALA B 45 5.75 4.58 -2.63
CA ALA B 45 6.58 3.98 -1.61
C ALA B 45 8.06 4.34 -1.79
N ALA B 46 8.43 4.69 -3.01
CA ALA B 46 9.79 5.07 -3.32
C ALA B 46 9.98 6.57 -3.10
N LEU B 47 8.91 7.25 -2.78
CA LEU B 47 8.95 8.66 -2.51
C LEU B 47 9.48 8.96 -1.15
N SER B 48 9.95 10.14 -1.00
CA SER B 48 10.41 10.60 0.23
C SER B 48 9.27 11.32 0.92
N GLN B 49 9.35 11.44 2.24
CA GLN B 49 8.33 12.10 3.07
C GLN B 49 7.98 13.45 2.47
N ASP B 50 9.00 14.21 2.13
CA ASP B 50 8.87 15.55 1.54
C ASP B 50 7.99 15.52 0.28
N GLU B 51 8.34 14.63 -0.63
CA GLU B 51 7.69 14.51 -1.91
C GLU B 51 6.22 14.18 -1.73
N LEU B 52 5.96 13.13 -0.97
CA LEU B 52 4.60 12.70 -0.72
C LEU B 52 3.82 13.74 0.11
N THR B 53 4.52 14.50 0.92
CA THR B 53 3.92 15.55 1.70
C THR B 53 3.38 16.67 0.77
N SER B 54 4.22 17.13 -0.13
CA SER B 54 3.86 18.18 -1.07
C SER B 54 2.75 17.71 -2.03
N ILE B 55 2.74 16.43 -2.33
CA ILE B 55 1.70 15.87 -3.18
C ILE B 55 0.37 15.82 -2.44
N LEU B 56 0.38 15.25 -1.24
CA LEU B 56 -0.82 15.11 -0.42
C LEU B 56 -1.37 16.45 0.04
N GLY B 57 -0.48 17.34 0.43
CA GLY B 57 -0.90 18.66 0.86
C GLY B 57 -1.18 18.70 2.35
N ASN B 58 -0.86 17.61 3.02
CA ASN B 58 -0.99 17.52 4.44
C ASN B 58 0.14 16.72 5.02
N ALA B 59 0.92 17.35 5.84
CA ALA B 59 2.09 16.76 6.46
C ALA B 59 1.75 15.57 7.36
N ALA B 60 0.69 15.71 8.15
CA ALA B 60 0.23 14.66 9.06
C ALA B 60 -0.18 13.42 8.29
N ASN B 61 -1.04 13.63 7.30
CA ASN B 61 -1.52 12.58 6.37
C ASN B 61 -0.35 11.85 5.78
N ALA B 62 0.58 12.65 5.28
CA ALA B 62 1.78 12.18 4.66
C ALA B 62 2.59 11.33 5.60
N LYS B 63 2.68 11.79 6.83
CA LYS B 63 3.41 11.08 7.86
C LYS B 63 2.80 9.71 8.12
N GLN B 64 1.48 9.67 8.24
CA GLN B 64 0.77 8.44 8.58
C GLN B 64 1.01 7.40 7.49
N LEU B 65 0.84 7.83 6.26
CA LEU B 65 0.96 7.00 5.09
C LEU B 65 2.41 6.53 4.93
N TYR B 66 3.34 7.47 4.96
CA TYR B 66 4.79 7.20 4.85
C TYR B 66 5.25 6.18 5.88
N ASP B 67 4.87 6.42 7.14
CA ASP B 67 5.30 5.58 8.27
C ASP B 67 4.87 4.16 8.05
N PHE B 68 3.61 4.02 7.66
CA PHE B 68 2.95 2.74 7.45
C PHE B 68 3.66 1.91 6.40
N ILE B 69 3.93 2.51 5.27
CA ILE B 69 4.60 1.82 4.17
C ILE B 69 5.92 1.30 4.63
N HIS B 70 6.61 2.13 5.38
CA HIS B 70 7.97 1.87 5.76
C HIS B 70 8.05 1.18 7.11
N THR B 71 6.95 0.69 7.59
CA THR B 71 6.93 0.01 8.83
C THR B 71 6.28 -1.37 8.63
N SER B 72 6.20 -2.14 9.68
CA SER B 72 5.68 -3.47 9.63
C SER B 72 4.86 -3.69 10.89
N PHE B 73 3.79 -4.45 10.81
CA PHE B 73 3.01 -4.74 12.02
C PHE B 73 3.85 -5.63 12.93
N ALA B 74 4.68 -6.45 12.30
CA ALA B 74 5.51 -7.41 12.99
C ALA B 74 6.76 -6.76 13.57
N GLU B 75 7.08 -5.56 13.15
CA GLU B 75 8.23 -4.89 13.73
C GLU B 75 7.76 -4.14 14.97
N VAL B 76 6.46 -3.86 14.99
CA VAL B 76 5.82 -3.18 16.10
C VAL B 76 5.65 -4.13 17.27
N VAL B 77 5.48 -5.42 16.96
CA VAL B 77 5.35 -6.45 18.02
C VAL B 77 6.72 -6.74 18.65
N SER B 78 7.73 -6.25 17.99
CA SER B 78 9.09 -6.30 18.42
C SER B 78 9.40 -4.91 19.01
N LYS B 79 10.66 -4.53 19.09
CA LYS B 79 10.98 -3.18 19.53
C LYS B 79 10.70 -2.24 18.37
N GLY B 80 11.27 -2.57 17.27
CA GLY B 80 11.19 -1.81 16.07
C GLY B 80 12.30 -2.24 15.20
N LYS B 81 12.10 -3.40 14.58
CA LYS B 81 13.12 -4.11 13.78
C LYS B 81 14.13 -4.79 14.71
N GLY B 82 14.34 -6.07 14.48
CA GLY B 82 15.29 -6.81 15.28
C GLY B 82 16.70 -6.39 14.99
N LYS B 83 17.19 -5.42 15.73
CA LYS B 83 18.53 -4.94 15.54
C LYS B 83 19.26 -4.75 16.86
N LYS B 84 20.21 -5.61 17.07
CA LYS B 84 21.14 -5.58 18.16
C LYS B 84 22.27 -6.49 17.78
N ARG A 1 10.13 -5.34 41.60
CA ARG A 1 9.24 -4.24 41.35
C ARG A 1 7.94 -4.79 40.79
N ILE A 2 6.82 -4.41 41.38
CA ILE A 2 5.52 -4.79 40.84
C ILE A 2 5.35 -4.15 39.47
N ARG A 3 4.95 -4.93 38.53
CA ARG A 3 4.74 -4.44 37.19
C ARG A 3 3.39 -3.74 37.16
N ARG A 4 3.34 -2.57 36.57
CA ARG A 4 2.10 -1.85 36.47
C ARG A 4 1.23 -2.55 35.48
N ARG A 5 0.16 -3.11 35.95
CA ARG A 5 -0.67 -3.93 35.13
C ARG A 5 -1.65 -3.08 34.37
N TYR A 6 -1.52 -3.15 33.07
CA TYR A 6 -2.39 -2.51 32.12
C TYR A 6 -2.29 -0.99 32.16
N ASN A 7 -1.50 -0.49 31.26
CA ASN A 7 -1.29 0.93 31.10
C ASN A 7 -1.79 1.35 29.74
N MET A 8 -1.67 2.63 29.41
CA MET A 8 -2.11 3.09 28.10
C MET A 8 -1.17 2.60 27.00
N ALA A 9 0.04 2.19 27.39
CA ALA A 9 1.01 1.62 26.45
C ALA A 9 0.46 0.33 25.86
N ASP A 10 -0.22 -0.46 26.70
CA ASP A 10 -0.84 -1.72 26.28
C ASP A 10 -1.86 -1.46 25.21
N LEU A 11 -2.69 -0.47 25.49
CA LEU A 11 -3.76 -0.05 24.59
C LEU A 11 -3.16 0.41 23.26
N LEU A 12 -2.17 1.29 23.35
CA LEU A 12 -1.51 1.85 22.18
C LEU A 12 -0.88 0.74 21.35
N MET A 13 -0.14 -0.15 22.00
CA MET A 13 0.52 -1.27 21.33
C MET A 13 -0.50 -2.13 20.58
N GLU A 14 -1.52 -2.56 21.31
CA GLU A 14 -2.53 -3.47 20.79
C GLU A 14 -3.28 -2.84 19.60
N LYS A 15 -3.60 -1.57 19.68
CA LYS A 15 -4.32 -0.93 18.60
C LYS A 15 -3.41 -0.44 17.49
N LEU A 16 -2.12 -0.33 17.76
CA LEU A 16 -1.17 0.07 16.74
C LEU A 16 -0.99 -1.08 15.79
N GLU A 17 -0.74 -2.26 16.36
CA GLU A 17 -0.59 -3.47 15.58
C GLU A 17 -1.89 -3.79 14.85
N GLN A 18 -3.02 -3.56 15.55
CA GLN A 18 -4.38 -3.82 15.06
C GLN A 18 -4.59 -3.14 13.72
N ASP A 19 -4.31 -1.85 13.68
CA ASP A 19 -4.50 -1.08 12.46
C ASP A 19 -3.52 -1.52 11.41
N LEU A 20 -2.24 -1.60 11.80
CA LEU A 20 -1.14 -1.99 10.90
C LEU A 20 -1.40 -3.29 10.17
N VAL A 21 -1.68 -4.32 10.93
CA VAL A 21 -1.89 -5.63 10.37
C VAL A 21 -3.10 -5.64 9.45
N SER A 22 -4.14 -4.93 9.84
CA SER A 22 -5.34 -4.89 9.06
C SER A 22 -5.08 -4.14 7.74
N ARG A 23 -4.37 -3.01 7.81
CA ARG A 23 -4.05 -2.20 6.63
C ARG A 23 -3.27 -3.01 5.63
N VAL A 24 -2.17 -3.63 6.09
CA VAL A 24 -1.31 -4.41 5.20
C VAL A 24 -2.13 -5.51 4.53
N THR A 25 -2.94 -6.22 5.33
CA THR A 25 -3.76 -7.29 4.82
C THR A 25 -4.74 -6.76 3.73
N GLU A 26 -5.46 -5.67 4.06
CA GLU A 26 -6.43 -5.08 3.14
C GLU A 26 -5.79 -4.72 1.80
N CYS A 27 -4.64 -4.07 1.87
CA CYS A 27 -3.96 -3.63 0.70
C CYS A 27 -3.56 -4.78 -0.21
N LEU A 28 -3.15 -5.89 0.37
CA LEU A 28 -2.68 -7.01 -0.45
C LEU A 28 -3.88 -7.73 -1.04
N THR A 29 -4.96 -7.73 -0.31
CA THR A 29 -6.15 -8.46 -0.70
C THR A 29 -7.07 -7.62 -1.58
N THR A 30 -6.61 -6.44 -1.95
CA THR A 30 -7.32 -5.65 -2.95
C THR A 30 -7.28 -6.37 -4.29
N VAL A 31 -6.29 -7.22 -4.45
CA VAL A 31 -6.16 -8.02 -5.61
C VAL A 31 -7.18 -9.14 -5.52
N LYS A 32 -8.05 -9.22 -6.50
CA LYS A 32 -9.15 -10.19 -6.54
C LYS A 32 -8.66 -11.66 -6.65
N SER A 33 -7.39 -11.82 -6.83
CA SER A 33 -6.78 -13.12 -6.90
C SER A 33 -6.23 -13.50 -5.51
N VAL A 34 -6.05 -12.49 -4.67
CA VAL A 34 -5.46 -12.66 -3.36
C VAL A 34 -6.52 -12.61 -2.26
N ASN A 35 -6.65 -13.69 -1.54
CA ASN A 35 -7.59 -13.81 -0.42
C ASN A 35 -6.93 -13.22 0.81
N LYS A 36 -7.71 -12.97 1.84
CA LYS A 36 -7.17 -12.51 3.11
C LYS A 36 -6.14 -13.51 3.68
N THR A 37 -6.31 -14.80 3.36
CA THR A 37 -5.42 -15.82 3.90
C THR A 37 -4.08 -15.71 3.17
N ASP A 38 -4.19 -15.32 1.92
CA ASP A 38 -3.06 -15.13 1.08
C ASP A 38 -2.30 -13.93 1.58
N SER A 39 -3.03 -12.86 1.82
CA SER A 39 -2.48 -11.62 2.30
C SER A 39 -1.70 -11.81 3.59
N GLN A 40 -2.30 -12.45 4.59
CA GLN A 40 -1.61 -12.64 5.87
C GLN A 40 -0.35 -13.49 5.70
N THR A 41 -0.36 -14.36 4.71
CA THR A 41 0.81 -15.14 4.39
C THR A 41 1.95 -14.18 3.89
N LEU A 42 1.57 -13.15 3.15
CA LEU A 42 2.53 -12.12 2.73
C LEU A 42 2.96 -11.29 3.94
N LEU A 43 2.07 -11.18 4.92
CA LEU A 43 2.36 -10.47 6.14
C LEU A 43 3.36 -11.24 7.00
N THR A 44 3.30 -12.55 6.99
CA THR A 44 4.22 -13.30 7.80
C THR A 44 5.60 -13.43 7.12
N THR A 45 5.65 -13.28 5.81
CA THR A 45 6.91 -13.31 5.12
C THR A 45 7.61 -11.92 5.15
N PHE A 46 6.90 -10.83 4.81
CA PHE A 46 7.59 -9.52 4.75
C PHE A 46 7.09 -8.55 5.83
N GLY A 47 5.85 -8.74 6.26
CA GLY A 47 5.19 -7.94 7.32
C GLY A 47 5.16 -6.43 7.13
N SER A 48 5.53 -5.95 5.97
CA SER A 48 5.56 -4.55 5.68
C SER A 48 5.19 -4.35 4.23
N LEU A 49 4.72 -3.16 3.88
CA LEU A 49 4.32 -2.90 2.53
C LEU A 49 5.55 -2.56 1.68
N GLU A 50 6.53 -1.84 2.25
CA GLU A 50 7.78 -1.51 1.51
C GLU A 50 8.45 -2.78 0.98
N GLN A 51 8.44 -3.80 1.80
CA GLN A 51 9.06 -5.07 1.48
C GLN A 51 8.25 -5.83 0.45
N LEU A 52 6.97 -5.53 0.40
CA LEU A 52 6.04 -6.17 -0.51
C LEU A 52 6.22 -5.55 -1.89
N ILE A 53 6.21 -4.24 -1.93
CA ILE A 53 6.34 -3.51 -3.17
C ILE A 53 7.75 -3.69 -3.76
N ALA A 54 8.74 -3.81 -2.89
CA ALA A 54 10.12 -4.01 -3.32
C ALA A 54 10.38 -5.48 -3.66
N ALA A 55 9.36 -6.29 -3.58
CA ALA A 55 9.45 -7.68 -3.89
C ALA A 55 9.07 -7.92 -5.35
N SER A 56 9.73 -8.83 -5.98
CA SER A 56 9.45 -9.18 -7.34
C SER A 56 8.58 -10.44 -7.32
N ARG A 57 8.17 -10.95 -8.49
CA ARG A 57 7.37 -12.17 -8.53
C ARG A 57 8.10 -13.31 -7.84
N GLU A 58 9.41 -13.36 -8.02
CA GLU A 58 10.23 -14.40 -7.41
C GLU A 58 10.12 -14.36 -5.87
N ASP A 59 10.06 -13.16 -5.32
CA ASP A 59 10.02 -12.97 -3.87
C ASP A 59 8.63 -13.24 -3.37
N LEU A 60 7.66 -12.84 -4.14
CA LEU A 60 6.26 -13.04 -3.79
C LEU A 60 5.89 -14.53 -3.89
N ALA A 61 6.48 -15.22 -4.85
CA ALA A 61 6.25 -16.64 -5.03
C ALA A 61 7.18 -17.47 -4.14
N LEU A 62 8.16 -16.79 -3.51
CA LEU A 62 9.06 -17.41 -2.56
C LEU A 62 8.30 -17.71 -1.34
N CYS A 63 7.36 -16.84 -1.07
CA CYS A 63 6.52 -16.87 0.08
C CYS A 63 5.94 -18.30 0.26
N PRO A 64 5.95 -18.85 1.49
CA PRO A 64 5.60 -20.26 1.73
C PRO A 64 4.17 -20.62 1.28
N GLY A 65 4.09 -21.53 0.30
CA GLY A 65 2.85 -22.06 -0.26
C GLY A 65 1.78 -21.02 -0.52
N LEU A 66 2.16 -19.89 -1.10
CA LEU A 66 1.21 -18.82 -1.24
C LEU A 66 0.64 -18.72 -2.67
N GLY A 67 1.47 -18.64 -3.67
CA GLY A 67 0.90 -18.61 -4.99
C GLY A 67 1.81 -18.03 -6.04
N PRO A 68 2.06 -18.70 -7.15
CA PRO A 68 2.81 -18.10 -8.23
C PRO A 68 1.95 -17.04 -8.99
N GLN A 69 0.65 -17.31 -9.14
CA GLN A 69 -0.24 -16.39 -9.88
C GLN A 69 -0.48 -15.16 -9.03
N LYS A 70 -0.46 -15.38 -7.71
CA LYS A 70 -0.65 -14.31 -6.72
C LYS A 70 0.45 -13.27 -6.91
N ALA A 71 1.67 -13.77 -7.04
CA ALA A 71 2.85 -12.98 -7.27
C ALA A 71 2.71 -12.14 -8.53
N ARG A 72 2.13 -12.74 -9.57
CA ARG A 72 1.93 -12.02 -10.84
C ARG A 72 0.99 -10.84 -10.60
N ARG A 73 -0.20 -11.14 -10.09
CA ARG A 73 -1.23 -10.16 -9.79
C ARG A 73 -0.76 -9.07 -8.84
N LEU A 74 -0.03 -9.44 -7.81
CA LEU A 74 0.53 -8.47 -6.89
C LEU A 74 1.44 -7.48 -7.59
N PHE A 75 2.43 -8.01 -8.30
CA PHE A 75 3.40 -7.18 -9.02
C PHE A 75 2.68 -6.29 -10.05
N ASP A 76 1.66 -6.88 -10.66
CA ASP A 76 0.84 -6.25 -11.68
C ASP A 76 0.21 -4.99 -11.13
N VAL A 77 -0.49 -5.14 -10.00
CA VAL A 77 -1.20 -4.01 -9.41
C VAL A 77 -0.24 -3.00 -8.82
N LEU A 78 0.92 -3.47 -8.38
CA LEU A 78 1.93 -2.61 -7.82
C LEU A 78 2.47 -1.63 -8.86
N HIS A 79 2.48 -2.04 -10.12
CA HIS A 79 3.04 -1.21 -11.17
C HIS A 79 1.98 -0.64 -12.10
N GLU A 80 0.78 -1.05 -11.92
CA GLU A 80 -0.30 -0.56 -12.71
C GLU A 80 -0.74 0.79 -12.23
N PRO A 81 -0.92 1.76 -13.14
CA PRO A 81 -1.37 3.07 -12.77
C PRO A 81 -2.83 3.00 -12.32
N PHE A 82 -3.21 3.85 -11.39
CA PHE A 82 -4.57 3.83 -10.87
C PHE A 82 -5.55 4.16 -11.98
N LEU A 83 -5.14 5.06 -12.85
CA LEU A 83 -5.96 5.48 -13.97
C LEU A 83 -5.79 4.57 -15.17
N LYS A 84 -5.09 3.43 -15.02
CA LYS A 84 -4.90 2.42 -16.11
C LYS A 84 -3.94 2.93 -17.23
N VAL A 85 -3.98 4.20 -17.47
CA VAL A 85 -3.28 4.85 -18.54
C VAL A 85 -1.85 5.22 -18.13
N PRO A 86 -0.86 4.86 -18.95
CA PRO A 86 0.51 5.27 -18.72
C PRO A 86 0.70 6.74 -19.04
N GLY A 87 1.66 7.36 -18.36
CA GLY A 87 1.91 8.76 -18.48
C GLY A 87 2.36 9.15 -19.86
N GLY A 88 3.02 8.24 -20.54
CA GLY A 88 3.45 8.56 -21.86
C GLY A 88 4.08 7.41 -22.58
N LEU A 89 3.27 6.63 -23.24
CA LEU A 89 3.81 5.62 -24.11
C LEU A 89 3.76 6.11 -25.54
N GLU A 90 2.85 7.01 -25.82
CA GLU A 90 2.65 7.50 -27.16
C GLU A 90 2.68 9.04 -27.31
N HIS A 91 1.76 9.73 -26.69
CA HIS A 91 1.67 11.18 -26.84
C HIS A 91 2.32 11.90 -25.65
N HIS A 92 2.27 11.26 -24.49
CA HIS A 92 2.77 11.83 -23.20
C HIS A 92 1.78 12.85 -22.64
N HIS A 93 1.09 12.44 -21.60
CA HIS A 93 0.06 13.23 -20.97
C HIS A 93 0.45 13.55 -19.52
N HIS A 94 1.54 12.90 -19.08
CA HIS A 94 2.04 13.02 -17.70
C HIS A 94 2.37 14.47 -17.34
N HIS A 95 1.57 15.05 -16.45
CA HIS A 95 1.72 16.43 -15.97
C HIS A 95 1.67 17.43 -17.12
N HIS A 96 0.96 17.04 -18.15
CA HIS A 96 0.73 17.84 -19.33
C HIS A 96 -0.79 18.04 -19.42
N MET B 1 -1.44 17.86 -18.26
CA MET B 1 -2.91 17.89 -18.09
C MET B 1 -3.53 16.69 -18.80
N ASP B 2 -3.59 16.79 -20.11
CA ASP B 2 -4.04 15.78 -21.06
C ASP B 2 -4.23 16.54 -22.34
N SER B 3 -4.40 15.87 -23.43
CA SER B 3 -4.61 16.53 -24.67
C SER B 3 -5.93 16.08 -25.29
N GLU B 4 -6.52 15.07 -24.71
CA GLU B 4 -7.72 14.48 -25.17
C GLU B 4 -8.88 14.86 -24.25
N THR B 5 -10.05 14.34 -24.52
CA THR B 5 -11.22 14.70 -23.75
C THR B 5 -11.86 13.44 -23.11
N LEU B 6 -11.05 12.42 -22.92
CA LEU B 6 -11.53 11.18 -22.37
C LEU B 6 -11.70 11.28 -20.86
N PRO B 7 -12.90 10.97 -20.36
CA PRO B 7 -13.17 11.00 -18.92
C PRO B 7 -12.32 9.97 -18.20
N GLU B 8 -11.90 10.27 -16.98
CA GLU B 8 -11.05 9.36 -16.25
C GLU B 8 -11.82 8.11 -15.87
N SER B 9 -13.11 8.24 -15.78
CA SER B 9 -14.00 7.16 -15.40
C SER B 9 -13.83 5.88 -16.27
N GLU B 10 -13.34 6.02 -17.52
CA GLU B 10 -13.15 4.86 -18.39
C GLU B 10 -11.77 4.26 -18.17
N LYS B 11 -10.94 5.00 -17.49
CA LYS B 11 -9.59 4.64 -17.31
C LYS B 11 -9.23 4.52 -15.83
N TYR B 12 -9.58 3.41 -15.27
CA TYR B 12 -9.17 3.08 -13.92
C TYR B 12 -8.88 1.60 -13.79
N ASN B 13 -7.95 1.30 -12.95
CA ASN B 13 -7.63 -0.06 -12.59
C ASN B 13 -8.03 -0.26 -11.15
N PRO B 14 -9.02 -1.13 -10.88
CA PRO B 14 -9.58 -1.32 -9.54
C PRO B 14 -8.56 -1.85 -8.53
N GLY B 15 -7.65 -2.70 -8.98
CA GLY B 15 -6.66 -3.30 -8.11
C GLY B 15 -5.73 -2.27 -7.45
N PRO B 16 -4.87 -1.60 -8.23
CA PRO B 16 -3.90 -0.65 -7.68
C PRO B 16 -4.51 0.54 -6.99
N GLN B 17 -5.67 1.01 -7.48
CA GLN B 17 -6.32 2.14 -6.85
C GLN B 17 -6.72 1.72 -5.47
N ASP B 18 -7.22 0.51 -5.34
CA ASP B 18 -7.75 0.05 -4.10
C ASP B 18 -6.62 -0.16 -3.13
N PHE B 19 -5.48 -0.67 -3.64
CA PHE B 19 -4.25 -0.90 -2.85
C PHE B 19 -3.86 0.40 -2.09
N LEU B 20 -3.95 1.51 -2.81
CA LEU B 20 -3.67 2.83 -2.26
C LEU B 20 -4.84 3.34 -1.41
N LEU B 21 -6.02 3.08 -1.84
CA LEU B 21 -7.23 3.55 -1.17
C LEU B 21 -7.39 2.98 0.23
N LYS B 22 -6.74 1.88 0.46
CA LYS B 22 -6.82 1.18 1.73
C LYS B 22 -5.73 1.65 2.70
N MET B 23 -4.93 2.65 2.29
CA MET B 23 -3.84 3.18 3.12
C MET B 23 -4.42 3.98 4.29
N PRO B 24 -3.72 4.04 5.43
CA PRO B 24 -4.14 4.85 6.56
C PRO B 24 -3.75 6.33 6.38
N GLY B 25 -4.63 7.22 6.76
CA GLY B 25 -4.35 8.65 6.64
C GLY B 25 -4.73 9.22 5.30
N VAL B 26 -5.14 8.36 4.40
CA VAL B 26 -5.53 8.79 3.09
C VAL B 26 -6.98 9.29 3.14
N ASN B 27 -7.26 10.32 2.36
CA ASN B 27 -8.60 10.91 2.31
C ASN B 27 -8.91 10.97 0.85
N ALA B 28 -10.12 11.36 0.50
CA ALA B 28 -10.52 11.52 -0.90
C ALA B 28 -9.60 12.53 -1.57
N LYS B 29 -9.25 13.52 -0.78
CA LYS B 29 -8.31 14.57 -1.12
C LYS B 29 -7.01 13.95 -1.59
N ASN B 30 -6.44 13.18 -0.69
CA ASN B 30 -5.12 12.58 -0.82
C ASN B 30 -5.09 11.48 -1.89
N CYS B 31 -6.18 10.70 -2.02
CA CYS B 31 -6.26 9.67 -3.08
C CYS B 31 -6.14 10.34 -4.44
N ARG B 32 -6.82 11.48 -4.58
CA ARG B 32 -6.80 12.25 -5.78
C ARG B 32 -5.41 12.82 -6.03
N SER B 33 -4.80 13.42 -5.01
CA SER B 33 -3.47 13.99 -5.12
C SER B 33 -2.47 12.92 -5.60
N LEU B 34 -2.60 11.74 -5.02
CA LEU B 34 -1.73 10.63 -5.31
C LEU B 34 -1.87 10.22 -6.76
N MET B 35 -3.10 10.07 -7.24
CA MET B 35 -3.31 9.61 -8.61
C MET B 35 -3.06 10.71 -9.65
N HIS B 36 -3.02 11.94 -9.20
CA HIS B 36 -2.74 13.06 -10.08
C HIS B 36 -1.25 13.26 -10.26
N HIS B 37 -0.49 13.03 -9.21
CA HIS B 37 0.96 13.22 -9.28
C HIS B 37 1.67 11.90 -9.56
N VAL B 38 1.19 10.86 -8.95
CA VAL B 38 1.82 9.56 -8.97
C VAL B 38 1.09 8.56 -9.88
N LYS B 39 1.87 7.72 -10.57
CA LYS B 39 1.37 6.68 -11.43
C LYS B 39 0.73 5.53 -10.62
N ASN B 40 1.49 4.99 -9.69
CA ASN B 40 1.10 3.79 -8.94
C ASN B 40 1.70 3.76 -7.55
N ILE B 41 1.31 2.77 -6.78
CA ILE B 41 1.82 2.56 -5.44
C ILE B 41 3.35 2.33 -5.42
N ALA B 42 3.89 1.80 -6.51
CA ALA B 42 5.34 1.57 -6.62
C ALA B 42 6.11 2.89 -6.54
N GLU B 43 5.68 3.88 -7.32
CA GLU B 43 6.28 5.23 -7.33
C GLU B 43 6.18 5.79 -5.93
N LEU B 44 4.99 5.66 -5.38
CA LEU B 44 4.63 6.08 -4.05
C LEU B 44 5.59 5.53 -3.00
N ALA B 45 5.81 4.26 -3.04
CA ALA B 45 6.63 3.65 -2.05
C ALA B 45 8.13 3.85 -2.33
N ALA B 46 8.42 4.36 -3.51
CA ALA B 46 9.80 4.65 -3.90
C ALA B 46 10.10 6.12 -3.70
N LEU B 47 9.11 6.88 -3.32
CA LEU B 47 9.32 8.28 -3.07
C LEU B 47 9.47 8.54 -1.57
N SER B 48 10.15 9.61 -1.24
CA SER B 48 10.47 9.92 0.12
C SER B 48 9.35 10.74 0.77
N GLN B 49 9.49 11.02 2.07
CA GLN B 49 8.47 11.70 2.82
C GLN B 49 8.17 13.09 2.31
N ASP B 50 9.19 13.85 1.97
CA ASP B 50 8.98 15.22 1.48
C ASP B 50 8.12 15.23 0.22
N GLU B 51 8.33 14.23 -0.62
CA GLU B 51 7.57 14.06 -1.85
C GLU B 51 6.10 13.84 -1.53
N LEU B 52 5.81 12.84 -0.73
CA LEU B 52 4.43 12.52 -0.37
C LEU B 52 3.78 13.62 0.46
N THR B 53 4.57 14.32 1.24
CA THR B 53 4.09 15.42 2.02
C THR B 53 3.66 16.58 1.10
N SER B 54 4.41 16.80 0.02
CA SER B 54 4.09 17.81 -0.96
C SER B 54 2.81 17.42 -1.72
N ILE B 55 2.74 16.16 -2.12
CA ILE B 55 1.62 15.62 -2.87
C ILE B 55 0.32 15.65 -2.04
N LEU B 56 0.39 15.09 -0.84
CA LEU B 56 -0.77 15.02 0.06
C LEU B 56 -1.18 16.39 0.56
N GLY B 57 -0.21 17.20 0.92
CA GLY B 57 -0.50 18.55 1.34
C GLY B 57 -0.69 18.68 2.84
N ASN B 58 -0.81 17.57 3.53
CA ASN B 58 -0.98 17.61 4.98
C ASN B 58 0.09 16.75 5.63
N ALA B 59 0.81 17.32 6.57
CA ALA B 59 1.94 16.63 7.22
C ALA B 59 1.49 15.40 8.02
N ALA B 60 0.40 15.54 8.78
CA ALA B 60 -0.12 14.42 9.58
C ALA B 60 -0.49 13.25 8.70
N ASN B 61 -1.17 13.56 7.61
CA ASN B 61 -1.61 12.59 6.61
C ASN B 61 -0.41 11.88 6.06
N ALA B 62 0.59 12.67 5.71
CA ALA B 62 1.83 12.19 5.16
C ALA B 62 2.55 11.29 6.14
N LYS B 63 2.53 11.66 7.40
CA LYS B 63 3.10 10.85 8.47
C LYS B 63 2.43 9.49 8.55
N GLN B 64 1.10 9.46 8.48
CA GLN B 64 0.35 8.21 8.63
C GLN B 64 0.72 7.26 7.49
N LEU B 65 0.62 7.81 6.30
CA LEU B 65 0.87 7.14 5.07
C LEU B 65 2.33 6.66 4.99
N TYR B 66 3.26 7.58 5.17
CA TYR B 66 4.70 7.33 5.09
C TYR B 66 5.13 6.27 6.08
N ASP B 67 4.73 6.44 7.33
CA ASP B 67 5.15 5.56 8.40
C ASP B 67 4.70 4.16 8.13
N PHE B 68 3.45 4.02 7.71
CA PHE B 68 2.85 2.74 7.41
C PHE B 68 3.62 1.97 6.35
N ILE B 69 3.89 2.61 5.24
CA ILE B 69 4.58 1.99 4.13
C ILE B 69 5.95 1.50 4.57
N HIS B 70 6.53 2.25 5.47
CA HIS B 70 7.88 2.00 5.92
C HIS B 70 7.91 1.34 7.29
N THR B 71 6.83 0.70 7.68
CA THR B 71 6.79 0.06 8.96
C THR B 71 6.17 -1.35 8.82
N SER B 72 6.42 -2.17 9.80
CA SER B 72 5.90 -3.49 9.85
C SER B 72 4.92 -3.61 11.02
N PHE B 73 3.99 -4.53 10.95
CA PHE B 73 3.06 -4.73 12.05
C PHE B 73 3.77 -5.54 13.15
N ALA B 74 4.77 -6.29 12.75
CA ALA B 74 5.49 -7.15 13.65
C ALA B 74 6.50 -6.39 14.47
N GLU B 75 6.89 -5.22 14.01
CA GLU B 75 7.89 -4.48 14.73
C GLU B 75 7.27 -3.82 15.95
N VAL B 76 5.99 -3.52 15.86
CA VAL B 76 5.29 -2.88 16.96
C VAL B 76 4.88 -3.89 18.00
N VAL B 77 4.71 -5.12 17.57
CA VAL B 77 4.43 -6.18 18.50
C VAL B 77 5.74 -6.59 19.18
N SER B 78 6.82 -6.63 18.37
CA SER B 78 8.18 -7.05 18.75
C SER B 78 8.23 -8.47 19.36
N LYS B 79 7.66 -8.60 20.53
CA LYS B 79 7.58 -9.84 21.22
C LYS B 79 6.40 -10.61 20.63
N GLY B 80 6.68 -11.74 20.03
CA GLY B 80 5.66 -12.53 19.36
C GLY B 80 4.64 -13.12 20.30
N LYS B 81 4.97 -13.20 21.55
CA LYS B 81 4.05 -13.70 22.52
C LYS B 81 4.05 -12.82 23.75
N GLY B 82 2.93 -12.22 24.05
CA GLY B 82 2.79 -11.45 25.24
C GLY B 82 2.46 -12.35 26.42
N LYS B 83 1.83 -11.82 27.42
CA LYS B 83 1.47 -12.61 28.55
C LYS B 83 0.00 -12.96 28.47
N LYS B 84 -0.24 -14.06 27.79
CA LYS B 84 -1.55 -14.57 27.53
C LYS B 84 -1.54 -16.03 27.93
#